data_5W0W
#
_entry.id   5W0W
#
_cell.length_a   150.983
_cell.length_b   150.983
_cell.length_c   285.498
_cell.angle_alpha   90.00
_cell.angle_beta   90.00
_cell.angle_gamma   120.00
#
_symmetry.space_group_name_H-M   'P 32'
#
loop_
_entity.id
_entity.type
_entity.pdbx_description
1 polymer 'Serine/threonine-protein phosphatase 2A 65 kDa regulatory subunit A alpha isoform'
2 polymer 'TIP41-like protein'
3 polymer 'Serine/threonine-protein phosphatase 2A catalytic subunit alpha isoform'
4 non-polymer 'MANGANESE (II) ION'
#
loop_
_entity_poly.entity_id
_entity_poly.type
_entity_poly.pdbx_seq_one_letter_code
_entity_poly.pdbx_strand_id
1 'polypeptide(L)'
;GSH(MSE)SLYPIAVLIDELRNEDVQLRLNSIKKLSTIALALGVERTRSELLPFLTDTIYDEDEVLLALAEQLGTFTTLV
GGPEYVHCLLPPLESLATVEETVVRDKAVESLRAISHEHSPSDLEAHFVPLVKRLAGGDWFTSRTSACGLFSVCYPRVSS
AVKAELRQYFRNLCSDDTP(MSE)VRRAAASKLGEFAKVLELDNVKSEIIP(MSE)FSNLASDEQDSVRLLAVEACVNIA
QLLPQEDLEALV(MSE)PTLRQAAEDKSWRVRY(MSE)VADKFTELQKAVGPEITKTDLVPAFQNL(MSE)KDCEAEVRA
AASHKVKEFCENLSADCRENVI(MSE)SQILPCIKELVSDANQHVKSALASVI(MSE)GLSPILGKDNTIEHLLPLFLAQ
LKDECPEVRLNIISNLDCVNEVIGIRQLSQSLLPAIVELAEDAKWRVRLAIIEY(MSE)PLLAGQLGVEFFDEKLNSLC
(MSE)AWLVDHVYAIREAATSNLKKLVEKFGKEWAHATIIPKVLA(MSE)SGDPNYLHR(MSE)TTLFCINVLSEVCGQD
ITTKH(MSE)LPTVLR(MSE)AGDPVANVRFNVAKSLQKIGPILDNSTLQSEVKPILEKLTQDQDVDVKYFAQEALTVLS
LA
;
A,D,G,J
2 'polypeptide(L)'
;GSMDFSFGPWKLTASKTHIMKSADVEKLADELHMPSLPEMMFGDNVLRIQHGSGFGIEFNATDALRCVNNYQGMLKVACA
EEWQESRTEGEHSKEVIKPYDWTYTTDYKGTLLGESLKLKVVPTTDHIDTEKLKAREQIKFFEEVLLFEDELHDHGVSSL
SVKIRVMPSSFFLLLRFFLRIDGVLIRMNDTRLYHEADKTYMLREYTSRESKIANLMHVPPSLFTEPNEISQYLPIKEAV
CEKLVFPERID
;
B,E,H,K
3 'polypeptide(L)'
;GSMDEKVFTKELDQWIEQLNECKQLSESQVKSLCEKAKEILTKESNVQEVRCPVTVCGDVHGQFHDLMELFRIGGKSPDT
NYLFMGDYVDRGYYSVETVTLLVALKVRYRERITILRGNHESRQITQVYGFYDECLRKYGNANVWKYFTDLFDYLPLTAL
VDGQIFCLHGGLSPSIDTLDHIRALDRLQEVPHEGPMCDLLWSDPDDRGGWGISPRGAGYTFGQDISETFNHANGLTLVS
RAHQLVMEGYNWCHDRNVVTIFSAPNYCYRCGNQAAIMELDDTLKYSFLQFDPAPRRGEPHVTRRTPDYFL
;
C,F,I,L
#
# COMPACT_ATOMS: atom_id res chain seq x y z
N SER A 5 16.94 -47.84 34.46
CA SER A 5 15.87 -47.47 33.54
C SER A 5 16.40 -47.43 32.11
N LEU A 6 15.65 -46.81 31.21
CA LEU A 6 15.97 -46.82 29.79
C LEU A 6 16.08 -45.40 29.25
N TYR A 7 15.70 -45.20 27.99
CA TYR A 7 15.95 -43.95 27.29
C TYR A 7 15.25 -42.78 28.00
N PRO A 8 15.66 -41.52 27.67
CA PRO A 8 15.33 -40.35 28.51
C PRO A 8 14.03 -40.33 29.28
N ILE A 9 12.89 -40.62 28.63
CA ILE A 9 11.59 -40.48 29.30
C ILE A 9 11.59 -41.20 30.65
N ALA A 10 12.17 -42.40 30.68
CA ALA A 10 12.21 -43.16 31.94
C ALA A 10 13.11 -42.49 32.95
N VAL A 11 14.30 -42.03 32.54
CA VAL A 11 15.21 -41.39 33.48
C VAL A 11 14.64 -40.07 33.99
N LEU A 12 13.70 -39.47 33.25
CA LEU A 12 13.03 -38.28 33.75
C LEU A 12 11.96 -38.62 34.77
N ILE A 13 11.30 -39.78 34.62
CA ILE A 13 10.31 -40.20 35.60
C ILE A 13 10.98 -40.72 36.86
N ASP A 14 12.19 -41.29 36.73
CA ASP A 14 12.94 -41.69 37.91
C ASP A 14 13.20 -40.51 38.85
N GLU A 15 13.22 -39.29 38.30
CA GLU A 15 13.37 -38.10 39.13
C GLU A 15 12.04 -37.59 39.65
N LEU A 16 10.94 -38.02 39.04
CA LEU A 16 9.61 -37.63 39.49
C LEU A 16 9.26 -38.32 40.82
N ARG A 17 9.86 -39.49 41.10
CA ARG A 17 9.72 -40.21 42.36
C ARG A 17 10.75 -39.78 43.40
N ASN A 18 11.30 -38.57 43.29
CA ASN A 18 12.29 -38.09 44.22
C ASN A 18 11.61 -37.38 45.40
N GLU A 19 12.41 -37.08 46.42
CA GLU A 19 11.90 -36.63 47.71
C GLU A 19 11.07 -35.35 47.64
N ASP A 20 11.70 -34.21 47.38
CA ASP A 20 11.05 -32.92 47.50
C ASP A 20 10.84 -32.27 46.13
N VAL A 21 10.39 -31.02 46.15
CA VAL A 21 9.96 -30.35 44.92
C VAL A 21 11.16 -29.92 44.08
N GLN A 22 12.02 -29.05 44.63
CA GLN A 22 13.14 -28.49 43.88
C GLN A 22 13.96 -29.59 43.23
N LEU A 23 14.29 -30.64 43.97
CA LEU A 23 14.99 -31.79 43.40
C LEU A 23 14.21 -32.38 42.24
N ARG A 24 12.90 -32.52 42.40
CA ARG A 24 12.04 -33.03 41.33
C ARG A 24 11.81 -31.98 40.25
N LEU A 25 11.43 -30.76 40.67
CA LEU A 25 11.12 -29.69 39.72
C LEU A 25 12.30 -29.40 38.80
N ASN A 26 13.52 -29.51 39.33
CA ASN A 26 14.70 -29.16 38.53
C ASN A 26 14.76 -29.94 37.23
N SER A 27 14.30 -31.20 37.26
CA SER A 27 14.33 -32.02 36.05
C SER A 27 13.28 -31.56 35.05
N ILE A 28 12.13 -31.09 35.52
CA ILE A 28 11.10 -30.63 34.59
C ILE A 28 11.56 -29.36 33.88
N LYS A 29 12.45 -28.58 34.52
CA LYS A 29 13.04 -27.44 33.83
C LYS A 29 14.05 -27.90 32.79
N LYS A 30 14.50 -29.14 32.86
CA LYS A 30 15.35 -29.74 31.83
C LYS A 30 14.53 -30.39 30.73
N LEU A 31 13.19 -30.40 30.85
CA LEU A 31 12.34 -30.95 29.81
C LEU A 31 12.58 -30.30 28.46
N SER A 32 13.03 -29.05 28.44
CA SER A 32 13.43 -28.44 27.18
C SER A 32 14.80 -28.96 26.74
N THR A 33 15.77 -28.95 27.65
CA THR A 33 17.11 -29.42 27.31
C THR A 33 17.12 -30.90 26.94
N ILE A 34 16.16 -31.67 27.43
CA ILE A 34 16.09 -33.08 27.03
C ILE A 34 15.69 -33.19 25.57
N ALA A 35 14.90 -32.23 25.06
CA ALA A 35 14.39 -32.30 23.70
C ALA A 35 15.40 -31.83 22.66
N LEU A 36 16.47 -31.15 23.06
CA LEU A 36 17.58 -30.92 22.14
C LEU A 36 18.28 -32.22 21.79
N ALA A 37 18.64 -33.01 22.81
CA ALA A 37 19.27 -34.30 22.55
C ALA A 37 18.36 -35.20 21.73
N LEU A 38 17.07 -35.23 22.08
CA LEU A 38 16.10 -35.96 21.28
C LEU A 38 15.98 -35.32 19.90
N GLY A 39 15.87 -36.17 18.88
CA GLY A 39 15.60 -35.67 17.54
C GLY A 39 14.34 -34.84 17.50
N VAL A 40 14.25 -34.01 16.46
CA VAL A 40 13.09 -33.12 16.31
C VAL A 40 11.80 -33.91 16.38
N GLU A 41 11.75 -35.04 15.66
CA GLU A 41 10.56 -35.89 15.69
C GLU A 41 10.43 -36.63 17.02
N ARG A 42 11.56 -37.04 17.60
CA ARG A 42 11.52 -37.74 18.89
C ARG A 42 10.79 -36.91 19.94
N THR A 43 10.93 -35.59 19.86
CA THR A 43 10.20 -34.71 20.76
C THR A 43 8.69 -34.83 20.55
N ARG A 44 8.26 -35.02 19.30
CA ARG A 44 6.86 -35.23 18.98
C ARG A 44 6.45 -36.68 19.12
N SER A 45 7.22 -37.60 18.52
CA SER A 45 6.84 -39.00 18.49
C SER A 45 6.79 -39.60 19.90
N GLU A 46 7.85 -39.39 20.67
CA GLU A 46 8.01 -40.08 21.95
C GLU A 46 7.74 -39.19 23.15
N LEU A 47 8.24 -37.96 23.14
CA LEU A 47 8.17 -37.11 24.33
C LEU A 47 6.74 -36.63 24.59
N LEU A 48 6.19 -35.85 23.66
CA LEU A 48 4.88 -35.21 23.86
C LEU A 48 3.78 -36.14 24.34
N PRO A 49 3.57 -37.33 23.77
CA PRO A 49 2.46 -38.18 24.25
C PRO A 49 2.58 -38.53 25.73
N PHE A 50 3.80 -38.54 26.26
CA PHE A 50 3.97 -38.80 27.69
C PHE A 50 3.48 -37.61 28.52
N LEU A 51 3.53 -36.41 27.96
CA LEU A 51 3.16 -35.20 28.68
C LEU A 51 1.68 -34.87 28.57
N THR A 52 0.87 -35.78 28.02
CA THR A 52 -0.58 -35.60 27.95
C THR A 52 -1.34 -36.48 28.93
N ASP A 53 -0.89 -37.71 29.14
CA ASP A 53 -1.38 -38.48 30.28
C ASP A 53 -0.84 -37.81 31.54
N THR A 54 -1.59 -36.87 32.08
CA THR A 54 -1.06 -35.94 33.07
C THR A 54 -0.65 -36.65 34.35
N ILE A 55 0.01 -35.88 35.22
CA ILE A 55 0.64 -36.38 36.42
C ILE A 55 0.18 -35.55 37.61
N TYR A 56 -0.46 -36.20 38.58
CA TYR A 56 -0.87 -35.52 39.80
C TYR A 56 0.37 -35.11 40.58
N ASP A 57 0.61 -33.82 40.70
CA ASP A 57 1.86 -33.35 41.29
C ASP A 57 1.69 -31.89 41.69
N GLU A 58 2.63 -31.40 42.50
CA GLU A 58 2.58 -30.05 43.06
C GLU A 58 2.43 -28.98 41.99
N ASP A 59 1.97 -27.80 42.40
CA ASP A 59 1.75 -26.71 41.45
C ASP A 59 3.03 -26.23 40.81
N GLU A 60 4.11 -26.14 41.60
CA GLU A 60 5.34 -25.55 41.11
C GLU A 60 5.86 -26.27 39.87
N VAL A 61 5.63 -27.58 39.77
CA VAL A 61 6.13 -28.34 38.62
C VAL A 61 5.21 -28.15 37.42
N LEU A 62 3.91 -28.43 37.59
CA LEU A 62 2.95 -28.27 36.50
C LEU A 62 2.99 -26.85 35.92
N LEU A 63 3.29 -25.86 36.75
CA LEU A 63 3.47 -24.50 36.26
C LEU A 63 4.68 -24.41 35.35
N ALA A 64 5.83 -24.89 35.83
CA ALA A 64 7.03 -24.92 34.99
C ALA A 64 6.84 -25.78 33.76
N LEU A 65 5.97 -26.80 33.85
CA LEU A 65 5.62 -27.59 32.69
C LEU A 65 4.88 -26.75 31.65
N ALA A 66 3.88 -25.97 32.10
CA ALA A 66 3.10 -25.16 31.18
C ALA A 66 3.97 -24.10 30.51
N GLU A 67 4.83 -23.43 31.29
CA GLU A 67 5.75 -22.46 30.74
C GLU A 67 6.61 -23.09 29.65
N GLN A 68 7.06 -24.34 29.87
CA GLN A 68 7.88 -25.02 28.88
C GLN A 68 7.14 -25.20 27.56
N LEU A 69 5.85 -25.51 27.63
CA LEU A 69 5.08 -25.74 26.41
C LEU A 69 4.95 -24.47 25.58
N GLY A 70 4.80 -23.32 26.23
CA GLY A 70 4.68 -22.06 25.53
C GLY A 70 5.94 -21.60 24.81
N THR A 71 7.04 -22.32 24.95
CA THR A 71 8.31 -21.99 24.30
C THR A 71 8.89 -23.19 23.57
N PHE A 72 8.04 -24.10 23.11
CA PHE A 72 8.46 -25.39 22.58
C PHE A 72 8.28 -25.53 21.08
N THR A 73 7.83 -24.48 20.39
CA THR A 73 7.54 -24.57 18.96
C THR A 73 8.76 -25.05 18.18
N THR A 74 9.93 -24.45 18.44
CA THR A 74 11.12 -24.80 17.69
C THR A 74 11.55 -26.25 17.92
N LEU A 75 11.11 -26.86 19.03
CA LEU A 75 11.56 -28.22 19.32
C LEU A 75 10.79 -29.25 18.51
N VAL A 76 9.52 -28.99 18.21
CA VAL A 76 8.72 -29.98 17.47
C VAL A 76 9.07 -29.98 15.98
N GLY A 77 9.61 -28.89 15.46
CA GLY A 77 9.92 -28.81 14.04
C GLY A 77 9.58 -27.46 13.46
N GLY A 78 8.99 -26.60 14.27
CA GLY A 78 8.61 -25.28 13.84
C GLY A 78 7.10 -25.09 13.88
N PRO A 79 6.63 -23.89 13.52
CA PRO A 79 5.19 -23.64 13.50
C PRO A 79 4.41 -24.55 12.57
N GLU A 80 5.09 -25.23 11.64
CA GLU A 80 4.42 -26.18 10.77
C GLU A 80 3.84 -27.36 11.54
N TYR A 81 4.32 -27.61 12.77
CA TYR A 81 3.82 -28.68 13.61
C TYR A 81 3.34 -28.16 14.96
N VAL A 82 2.94 -26.89 15.05
CA VAL A 82 2.56 -26.31 16.34
C VAL A 82 1.36 -27.02 16.92
N HIS A 83 0.52 -27.62 16.07
CA HIS A 83 -0.69 -28.30 16.53
C HIS A 83 -0.39 -29.42 17.51
N CYS A 84 0.86 -29.91 17.54
CA CYS A 84 1.21 -31.02 18.43
C CYS A 84 1.28 -30.60 19.88
N LEU A 85 1.44 -29.31 20.16
CA LEU A 85 1.50 -28.80 21.52
C LEU A 85 0.12 -28.64 22.15
N LEU A 86 -0.95 -28.78 21.39
CA LEU A 86 -2.28 -28.51 21.92
C LEU A 86 -2.77 -29.59 22.89
N PRO A 87 -2.62 -30.89 22.59
CA PRO A 87 -3.11 -31.91 23.55
C PRO A 87 -2.49 -31.79 24.93
N PRO A 88 -1.14 -31.74 25.05
CA PRO A 88 -0.57 -31.65 26.41
C PRO A 88 -0.91 -30.37 27.14
N LEU A 89 -1.45 -29.36 26.45
CA LEU A 89 -1.85 -28.12 27.08
C LEU A 89 -3.32 -28.15 27.53
N GLU A 90 -4.19 -28.76 26.73
CA GLU A 90 -5.60 -28.87 27.11
C GLU A 90 -5.76 -29.55 28.45
N SER A 91 -4.96 -30.58 28.72
CA SER A 91 -5.04 -31.27 29.99
C SER A 91 -4.60 -30.37 31.14
N LEU A 92 -3.54 -29.59 30.93
CA LEU A 92 -3.11 -28.65 31.95
C LEU A 92 -4.05 -27.45 32.06
N ALA A 93 -4.87 -27.22 31.03
CA ALA A 93 -5.94 -26.23 31.10
C ALA A 93 -7.20 -26.78 31.76
N THR A 94 -7.08 -27.90 32.48
CA THR A 94 -8.22 -28.51 33.15
C THR A 94 -7.89 -29.07 34.53
N VAL A 95 -6.66 -28.92 35.01
CA VAL A 95 -6.29 -29.45 36.32
C VAL A 95 -7.02 -28.68 37.41
N GLU A 96 -7.30 -29.36 38.53
CA GLU A 96 -8.12 -28.78 39.59
C GLU A 96 -7.53 -27.47 40.11
N GLU A 97 -6.20 -27.40 40.21
CA GLU A 97 -5.57 -26.20 40.74
C GLU A 97 -5.68 -25.04 39.76
N THR A 98 -6.14 -23.89 40.26
CA THR A 98 -6.49 -22.78 39.37
C THR A 98 -5.27 -22.23 38.65
N VAL A 99 -4.18 -21.99 39.38
CA VAL A 99 -3.03 -21.30 38.78
C VAL A 99 -2.40 -22.14 37.68
N VAL A 100 -2.39 -23.46 37.83
CA VAL A 100 -1.88 -24.33 36.79
C VAL A 100 -2.73 -24.19 35.53
N ARG A 101 -4.00 -23.84 35.70
CA ARG A 101 -4.90 -23.72 34.56
C ARG A 101 -4.65 -22.43 33.78
N ASP A 102 -4.55 -21.30 34.49
CA ASP A 102 -4.33 -20.03 33.80
C ASP A 102 -2.97 -19.99 33.10
N LYS A 103 -1.94 -20.54 33.74
CA LYS A 103 -0.62 -20.60 33.12
C LYS A 103 -0.68 -21.40 31.81
N ALA A 104 -1.35 -22.54 31.83
CA ALA A 104 -1.54 -23.31 30.61
C ALA A 104 -2.36 -22.52 29.59
N VAL A 105 -3.40 -21.82 30.05
CA VAL A 105 -4.19 -20.98 29.16
C VAL A 105 -3.32 -19.94 28.50
N GLU A 106 -2.52 -19.23 29.30
CA GLU A 106 -1.62 -18.22 28.75
C GLU A 106 -0.67 -18.85 27.73
N SER A 107 -0.16 -20.04 28.01
CA SER A 107 0.65 -20.76 27.04
C SER A 107 -0.15 -21.10 25.79
N LEU A 108 -1.45 -21.35 25.94
CA LEU A 108 -2.28 -21.62 24.78
C LEU A 108 -2.49 -20.34 23.96
N ARG A 109 -2.73 -19.23 24.64
CA ARG A 109 -2.86 -17.94 23.95
C ARG A 109 -1.58 -17.59 23.20
N ALA A 110 -0.44 -18.10 23.66
CA ALA A 110 0.84 -17.80 23.01
C ALA A 110 0.97 -18.54 21.70
N ILE A 111 0.89 -19.88 21.75
CA ILE A 111 1.09 -20.69 20.54
C ILE A 111 0.02 -20.48 19.50
N SER A 112 -1.04 -19.75 19.83
CA SER A 112 -2.07 -19.45 18.84
C SER A 112 -1.51 -18.59 17.71
N HIS A 113 -0.70 -17.58 18.05
CA HIS A 113 -0.09 -16.74 17.02
C HIS A 113 0.84 -17.56 16.14
N GLU A 114 1.47 -18.59 16.68
CA GLU A 114 2.36 -19.45 15.92
C GLU A 114 1.62 -20.36 14.94
N HIS A 115 0.30 -20.47 15.07
CA HIS A 115 -0.47 -21.32 14.19
C HIS A 115 -0.62 -20.68 12.81
N SER A 116 -0.65 -21.52 11.79
CA SER A 116 -1.01 -21.05 10.46
C SER A 116 -2.52 -20.77 10.42
N PRO A 117 -2.95 -19.81 9.59
CA PRO A 117 -4.39 -19.52 9.51
C PRO A 117 -5.24 -20.74 9.21
N SER A 118 -4.71 -21.71 8.46
CA SER A 118 -5.43 -22.95 8.23
C SER A 118 -5.39 -23.86 9.47
N ASP A 119 -4.19 -24.04 10.04
CA ASP A 119 -4.07 -24.85 11.26
C ASP A 119 -4.82 -24.21 12.41
N LEU A 120 -4.92 -22.89 12.43
CA LEU A 120 -5.63 -22.20 13.51
C LEU A 120 -7.10 -22.60 13.54
N GLU A 121 -7.76 -22.59 12.38
CA GLU A 121 -9.18 -22.89 12.32
C GLU A 121 -9.48 -24.37 12.55
N ALA A 122 -8.51 -25.25 12.33
CA ALA A 122 -8.75 -26.69 12.42
C ALA A 122 -8.35 -27.31 13.75
N HIS A 123 -7.48 -26.66 14.52
CA HIS A 123 -6.97 -27.23 15.76
C HIS A 123 -7.25 -26.37 16.98
N PHE A 124 -6.99 -25.06 16.90
CA PHE A 124 -7.08 -24.21 18.08
C PHE A 124 -8.51 -23.73 18.32
N VAL A 125 -9.20 -23.30 17.27
CA VAL A 125 -10.60 -22.90 17.43
C VAL A 125 -11.46 -24.03 17.94
N PRO A 126 -11.37 -25.27 17.41
CA PRO A 126 -12.09 -26.38 18.06
C PRO A 126 -11.66 -26.60 19.51
N LEU A 127 -10.39 -26.35 19.83
CA LEU A 127 -9.92 -26.49 21.20
C LEU A 127 -10.68 -25.57 22.15
N VAL A 128 -11.12 -24.41 21.67
CA VAL A 128 -11.94 -23.53 22.49
C VAL A 128 -13.31 -24.14 22.74
N LYS A 129 -13.85 -24.87 21.76
CA LYS A 129 -15.15 -25.49 21.92
C LYS A 129 -15.11 -26.60 22.97
N ARG A 130 -14.15 -27.51 22.85
CA ARG A 130 -14.03 -28.61 23.81
C ARG A 130 -13.83 -28.10 25.23
N LEU A 131 -13.20 -26.93 25.39
CA LEU A 131 -13.04 -26.36 26.72
C LEU A 131 -14.32 -25.67 27.17
N ALA A 132 -15.01 -24.97 26.27
CA ALA A 132 -16.26 -24.30 26.64
C ALA A 132 -17.37 -25.32 26.87
N GLY A 133 -17.64 -26.17 25.88
CA GLY A 133 -18.66 -27.19 26.00
C GLY A 133 -18.29 -28.39 26.85
N GLY A 134 -17.09 -28.41 27.41
CA GLY A 134 -16.68 -29.53 28.23
C GLY A 134 -17.49 -29.62 29.51
N ASP A 135 -17.60 -30.86 30.02
CA ASP A 135 -18.38 -31.09 31.23
C ASP A 135 -17.70 -30.50 32.45
N TRP A 136 -16.41 -30.80 32.63
CA TRP A 136 -15.66 -30.27 33.77
C TRP A 136 -15.67 -28.75 33.73
N PHE A 137 -16.27 -28.14 34.77
CA PHE A 137 -16.41 -26.69 34.80
C PHE A 137 -15.06 -25.97 34.77
N THR A 138 -13.97 -26.68 35.07
CA THR A 138 -12.64 -26.07 35.02
C THR A 138 -12.29 -25.65 33.60
N SER A 139 -12.44 -26.57 32.64
CA SER A 139 -12.22 -26.23 31.24
C SER A 139 -13.08 -25.06 30.81
N ARG A 140 -14.33 -25.03 31.29
CA ARG A 140 -15.24 -23.94 30.96
C ARG A 140 -14.66 -22.59 31.39
N THR A 141 -13.93 -22.57 32.51
CA THR A 141 -13.23 -21.35 32.92
C THR A 141 -12.08 -21.04 31.96
N SER A 142 -11.31 -22.05 31.58
CA SER A 142 -10.18 -21.84 30.69
C SER A 142 -10.60 -21.28 29.34
N ALA A 143 -11.73 -21.77 28.81
CA ALA A 143 -12.18 -21.34 27.49
C ALA A 143 -12.32 -19.83 27.40
N CYS A 144 -12.81 -19.19 28.47
CA CYS A 144 -13.08 -17.76 28.43
C CYS A 144 -11.85 -16.92 28.13
N GLY A 145 -10.65 -17.50 28.23
CA GLY A 145 -9.43 -16.76 28.01
C GLY A 145 -8.83 -16.90 26.63
N LEU A 146 -9.33 -17.86 25.85
CA LEU A 146 -8.79 -18.12 24.52
C LEU A 146 -9.58 -17.44 23.40
N PHE A 147 -10.70 -16.80 23.72
CA PHE A 147 -11.51 -16.19 22.66
C PHE A 147 -10.82 -14.98 22.05
N SER A 148 -10.17 -14.16 22.88
CA SER A 148 -9.65 -12.87 22.43
C SER A 148 -8.49 -13.01 21.44
N VAL A 149 -7.82 -14.16 21.40
CA VAL A 149 -6.67 -14.34 20.52
C VAL A 149 -7.05 -14.86 19.14
N CYS A 150 -8.25 -15.41 18.98
CA CYS A 150 -8.64 -16.09 17.75
C CYS A 150 -9.74 -15.38 16.98
N TYR A 151 -10.71 -14.78 17.65
CA TYR A 151 -11.89 -14.21 16.98
C TYR A 151 -11.57 -13.36 15.74
N PRO A 152 -10.58 -12.46 15.74
CA PRO A 152 -10.28 -11.73 14.50
C PRO A 152 -9.51 -12.54 13.48
N ARG A 153 -8.86 -13.61 13.91
CA ARG A 153 -7.99 -14.40 13.03
C ARG A 153 -8.76 -15.46 12.26
N VAL A 154 -10.09 -15.42 12.28
CA VAL A 154 -10.90 -16.48 11.69
C VAL A 154 -11.84 -15.88 10.64
N SER A 155 -12.66 -16.74 10.03
CA SER A 155 -13.57 -16.30 8.99
C SER A 155 -14.79 -15.61 9.60
N SER A 156 -15.48 -14.82 8.77
CA SER A 156 -16.61 -14.04 9.25
C SER A 156 -17.72 -14.91 9.81
N ALA A 157 -17.90 -16.12 9.28
CA ALA A 157 -19.00 -16.97 9.72
C ALA A 157 -18.69 -17.64 11.05
N VAL A 158 -17.52 -18.28 11.17
CA VAL A 158 -17.16 -18.94 12.42
C VAL A 158 -17.06 -17.94 13.56
N LYS A 159 -16.87 -16.65 13.26
CA LYS A 159 -16.96 -15.62 14.29
C LYS A 159 -18.31 -15.68 15.01
N ALA A 160 -19.38 -15.98 14.26
CA ALA A 160 -20.70 -16.07 14.89
C ALA A 160 -20.78 -17.23 15.87
N GLU A 161 -20.19 -18.37 15.53
CA GLU A 161 -20.17 -19.51 16.44
C GLU A 161 -19.52 -19.14 17.76
N LEU A 162 -18.38 -18.45 17.71
CA LEU A 162 -17.69 -18.08 18.93
C LEU A 162 -18.52 -17.10 19.77
N ARG A 163 -19.19 -16.15 19.12
CA ARG A 163 -19.98 -15.18 19.86
C ARG A 163 -21.15 -15.85 20.56
N GLN A 164 -21.83 -16.78 19.88
CA GLN A 164 -22.88 -17.56 20.52
C GLN A 164 -22.29 -18.44 21.63
N TYR A 165 -21.09 -18.97 21.41
CA TYR A 165 -20.40 -19.73 22.44
C TYR A 165 -20.11 -18.87 23.66
N PHE A 166 -19.37 -17.77 23.46
CA PHE A 166 -19.04 -16.86 24.56
C PHE A 166 -20.30 -16.35 25.25
N ARG A 167 -21.41 -16.23 24.51
CA ARG A 167 -22.65 -15.78 25.12
C ARG A 167 -23.25 -16.87 26.01
N ASN A 168 -23.22 -18.13 25.55
CA ASN A 168 -23.68 -19.24 26.37
C ASN A 168 -22.83 -19.43 27.62
N LEU A 169 -21.66 -18.81 27.68
CA LEU A 169 -20.80 -18.87 28.85
C LEU A 169 -21.19 -17.82 29.90
N CYS A 170 -21.59 -16.63 29.47
CA CYS A 170 -22.06 -15.62 30.40
C CYS A 170 -23.38 -16.00 31.04
N SER A 171 -24.11 -16.97 30.48
CA SER A 171 -25.36 -17.46 31.03
C SER A 171 -25.27 -18.89 31.50
N ASP A 172 -24.06 -19.35 31.84
CA ASP A 172 -23.86 -20.71 32.30
C ASP A 172 -24.35 -20.87 33.73
N ASP A 173 -24.82 -22.07 34.05
CA ASP A 173 -25.44 -22.33 35.35
C ASP A 173 -24.46 -22.09 36.49
N THR A 174 -23.22 -22.57 36.35
CA THR A 174 -22.22 -22.39 37.38
C THR A 174 -21.90 -20.90 37.55
N PRO A 175 -21.77 -20.43 38.78
CA PRO A 175 -21.49 -19.00 38.98
C PRO A 175 -20.03 -18.65 38.71
N VAL A 177 -17.84 -19.76 36.32
CA VAL A 177 -17.56 -19.47 34.92
C VAL A 177 -18.14 -18.13 34.53
N ARG A 178 -19.28 -17.76 35.12
CA ARG A 178 -19.87 -16.45 34.85
C ARG A 178 -18.91 -15.33 35.26
N ARG A 179 -18.19 -15.53 36.37
CA ARG A 179 -17.16 -14.57 36.76
C ARG A 179 -16.05 -14.50 35.72
N ALA A 180 -15.51 -15.67 35.34
CA ALA A 180 -14.42 -15.69 34.36
C ALA A 180 -14.85 -15.05 33.04
N ALA A 181 -16.09 -15.30 32.62
CA ALA A 181 -16.60 -14.64 31.42
C ALA A 181 -16.68 -13.13 31.61
N ALA A 182 -17.10 -12.69 32.79
CA ALA A 182 -17.17 -11.25 33.06
C ALA A 182 -15.80 -10.61 33.13
N SER A 183 -14.80 -11.35 33.60
CA SER A 183 -13.44 -10.80 33.67
C SER A 183 -12.88 -10.55 32.27
N LYS A 184 -13.01 -11.52 31.38
CA LYS A 184 -12.51 -11.41 30.02
C LYS A 184 -13.49 -10.69 29.09
N LEU A 185 -14.54 -10.06 29.64
CA LEU A 185 -15.51 -9.35 28.81
C LEU A 185 -14.85 -8.22 28.03
N GLY A 186 -14.20 -7.30 28.75
CA GLY A 186 -13.56 -6.17 28.08
C GLY A 186 -12.55 -6.61 27.04
N GLU A 187 -11.83 -7.70 27.30
CA GLU A 187 -10.89 -8.22 26.33
C GLU A 187 -11.61 -8.72 25.08
N PHE A 188 -12.85 -9.17 25.22
CA PHE A 188 -13.64 -9.60 24.07
C PHE A 188 -14.25 -8.40 23.35
N ALA A 189 -14.90 -7.51 24.09
CA ALA A 189 -15.46 -6.30 23.46
C ALA A 189 -14.36 -5.52 22.75
N LYS A 190 -13.15 -5.51 23.30
CA LYS A 190 -12.03 -4.80 22.70
C LYS A 190 -11.61 -5.41 21.37
N VAL A 191 -11.98 -6.65 21.08
CA VAL A 191 -11.38 -7.37 19.97
C VAL A 191 -12.35 -7.56 18.81
N LEU A 192 -13.60 -7.09 18.94
CA LEU A 192 -14.62 -7.26 17.92
C LEU A 192 -14.69 -6.02 17.03
N GLU A 193 -15.68 -6.00 16.14
CA GLU A 193 -15.98 -4.82 15.34
C GLU A 193 -16.93 -3.90 16.10
N LEU A 194 -17.09 -2.69 15.57
CA LEU A 194 -17.79 -1.65 16.32
C LEU A 194 -19.28 -1.97 16.46
N ASP A 195 -19.95 -2.28 15.34
CA ASP A 195 -21.39 -2.46 15.38
C ASP A 195 -21.80 -3.75 16.09
N ASN A 196 -20.91 -4.74 16.17
CA ASN A 196 -21.28 -6.01 16.76
C ASN A 196 -21.23 -5.98 18.28
N VAL A 197 -20.39 -5.11 18.86
CA VAL A 197 -20.31 -5.01 20.31
C VAL A 197 -21.55 -4.30 20.86
N LYS A 198 -22.15 -3.41 20.06
CA LYS A 198 -23.33 -2.67 20.53
C LYS A 198 -24.53 -3.59 20.72
N SER A 199 -24.63 -4.65 19.92
CA SER A 199 -25.80 -5.53 19.95
C SER A 199 -25.54 -6.86 20.64
N GLU A 200 -24.30 -7.36 20.63
CA GLU A 200 -24.01 -8.67 21.20
C GLU A 200 -23.45 -8.60 22.61
N ILE A 201 -22.60 -7.63 22.91
CA ILE A 201 -21.90 -7.59 24.20
C ILE A 201 -22.72 -6.87 25.27
N ILE A 202 -23.32 -5.73 24.92
CA ILE A 202 -24.07 -4.95 25.91
C ILE A 202 -25.17 -5.77 26.58
N PRO A 203 -25.90 -6.66 25.88
CA PRO A 203 -26.80 -7.57 26.62
C PRO A 203 -26.07 -8.43 27.63
N PHE A 205 -23.36 -7.92 28.99
CA PHE A 205 -22.82 -7.02 30.00
C PHE A 205 -23.88 -6.65 31.04
N SER A 206 -25.12 -6.44 30.61
CA SER A 206 -26.15 -6.01 31.53
C SER A 206 -26.58 -7.13 32.47
N ASN A 207 -26.89 -8.30 31.91
CA ASN A 207 -27.35 -9.42 32.74
C ASN A 207 -26.31 -9.81 33.78
N LEU A 208 -25.03 -9.56 33.51
CA LEU A 208 -23.99 -9.90 34.47
C LEU A 208 -23.92 -8.90 35.61
N ALA A 209 -24.03 -7.61 35.31
CA ALA A 209 -24.00 -6.56 36.33
C ALA A 209 -25.27 -6.52 37.18
N SER A 210 -26.17 -7.48 37.00
CA SER A 210 -27.36 -7.65 37.82
C SER A 210 -27.51 -9.10 38.25
N ASP A 211 -26.39 -9.80 38.39
CA ASP A 211 -26.40 -11.24 38.66
C ASP A 211 -26.89 -11.51 40.09
N GLU A 212 -27.09 -12.79 40.38
CA GLU A 212 -27.54 -13.19 41.71
C GLU A 212 -26.41 -13.19 42.73
N GLN A 213 -25.20 -13.56 42.31
CA GLN A 213 -24.04 -13.60 43.18
C GLN A 213 -23.20 -12.35 42.99
N ASP A 214 -22.83 -11.71 44.10
CA ASP A 214 -22.14 -10.42 44.04
C ASP A 214 -20.80 -10.53 43.33
N SER A 215 -20.13 -11.69 43.42
CA SER A 215 -18.82 -11.84 42.80
C SER A 215 -18.87 -11.62 41.29
N VAL A 216 -20.02 -11.87 40.68
CA VAL A 216 -20.15 -11.61 39.24
C VAL A 216 -20.33 -10.13 38.97
N ARG A 217 -20.99 -9.41 39.88
CA ARG A 217 -21.37 -8.02 39.62
C ARG A 217 -20.13 -7.14 39.43
N LEU A 218 -19.26 -7.10 40.44
CA LEU A 218 -18.11 -6.21 40.36
C LEU A 218 -17.18 -6.58 39.22
N LEU A 219 -17.08 -7.88 38.90
CA LEU A 219 -16.19 -8.31 37.83
C LEU A 219 -16.66 -7.79 36.47
N ALA A 220 -17.97 -7.64 36.30
CA ALA A 220 -18.49 -7.05 35.08
C ALA A 220 -18.26 -5.55 35.03
N VAL A 221 -18.15 -4.91 36.20
CA VAL A 221 -18.01 -3.45 36.24
C VAL A 221 -16.67 -3.02 35.67
N GLU A 222 -15.57 -3.56 36.21
CA GLU A 222 -14.24 -3.18 35.75
C GLU A 222 -14.08 -3.37 34.24
N ALA A 223 -14.86 -4.25 33.63
CA ALA A 223 -14.85 -4.43 32.19
C ALA A 223 -15.68 -3.39 31.45
N CYS A 224 -16.47 -2.59 32.17
CA CYS A 224 -17.28 -1.57 31.51
C CYS A 224 -16.42 -0.49 30.87
N VAL A 225 -15.31 -0.13 31.53
CA VAL A 225 -14.41 0.88 30.98
C VAL A 225 -13.90 0.44 29.62
N ASN A 226 -13.46 -0.82 29.50
CA ASN A 226 -12.99 -1.34 28.24
C ASN A 226 -14.02 -1.23 27.14
N ILE A 227 -15.30 -1.14 27.49
CA ILE A 227 -16.36 -0.94 26.49
C ILE A 227 -16.47 0.53 26.12
N ALA A 228 -16.45 1.41 27.14
CA ALA A 228 -16.62 2.84 26.89
C ALA A 228 -15.48 3.42 26.08
N GLN A 229 -14.29 2.81 26.16
CA GLN A 229 -13.15 3.26 25.36
C GLN A 229 -13.39 3.11 23.86
N LEU A 230 -14.42 2.37 23.46
CA LEU A 230 -14.69 2.05 22.07
C LEU A 230 -15.86 2.78 21.47
N LEU A 231 -16.89 3.08 22.26
CA LEU A 231 -18.14 3.59 21.71
C LEU A 231 -18.06 5.10 21.48
N PRO A 232 -18.86 5.62 20.56
CA PRO A 232 -18.95 7.07 20.40
C PRO A 232 -19.71 7.69 21.56
N GLN A 233 -19.53 9.01 21.71
CA GLN A 233 -20.11 9.72 22.85
C GLN A 233 -21.63 9.59 22.88
N GLU A 234 -22.28 9.61 21.72
CA GLU A 234 -23.74 9.58 21.69
C GLU A 234 -24.28 8.30 22.31
N ASP A 235 -23.78 7.15 21.87
CA ASP A 235 -24.29 5.85 22.33
C ASP A 235 -23.83 5.51 23.74
N LEU A 236 -23.17 6.43 24.44
CA LEU A 236 -22.64 6.14 25.77
C LEU A 236 -23.74 6.17 26.82
N GLU A 237 -24.51 7.26 26.88
CA GLU A 237 -25.65 7.34 27.78
C GLU A 237 -26.73 6.33 27.43
N ALA A 238 -26.73 5.82 26.18
CA ALA A 238 -27.82 4.96 25.73
C ALA A 238 -27.66 3.51 26.17
N LEU A 239 -26.43 3.02 26.29
CA LEU A 239 -26.22 1.59 26.52
C LEU A 239 -25.37 1.30 27.75
N VAL A 240 -24.40 2.15 28.05
CA VAL A 240 -23.42 1.88 29.10
C VAL A 240 -23.94 2.36 30.45
N PRO A 242 -26.88 3.06 31.80
CA PRO A 242 -27.97 2.34 32.47
C PRO A 242 -27.51 1.31 33.49
N THR A 243 -26.61 0.42 33.09
CA THR A 243 -26.10 -0.58 34.03
C THR A 243 -25.11 0.04 35.01
N LEU A 244 -24.24 0.92 34.52
CA LEU A 244 -23.29 1.59 35.41
C LEU A 244 -24.01 2.41 36.47
N ARG A 245 -25.13 3.03 36.10
CA ARG A 245 -25.87 3.85 37.06
C ARG A 245 -26.43 3.00 38.19
N GLN A 246 -26.91 1.79 37.88
CA GLN A 246 -27.46 0.92 38.92
C GLN A 246 -26.36 0.25 39.73
N ALA A 247 -25.27 -0.14 39.07
CA ALA A 247 -24.19 -0.84 39.78
C ALA A 247 -23.63 -0.01 40.93
N ALA A 248 -23.67 1.33 40.79
CA ALA A 248 -23.22 2.20 41.86
C ALA A 248 -24.15 2.18 43.07
N GLU A 249 -25.29 1.49 42.98
CA GLU A 249 -26.22 1.37 44.08
C GLU A 249 -26.44 -0.08 44.51
N ASP A 250 -25.60 -1.00 44.03
CA ASP A 250 -25.74 -2.40 44.41
C ASP A 250 -25.58 -2.56 45.92
N LYS A 251 -26.46 -3.38 46.51
CA LYS A 251 -26.48 -3.55 47.95
C LYS A 251 -25.24 -4.25 48.49
N SER A 252 -24.35 -4.72 47.62
CA SER A 252 -23.07 -5.27 48.03
C SER A 252 -22.00 -4.21 47.78
N TRP A 253 -21.46 -3.65 48.86
CA TRP A 253 -20.46 -2.59 48.76
C TRP A 253 -19.28 -3.01 47.89
N ARG A 254 -19.03 -4.32 47.78
CA ARG A 254 -17.98 -4.82 46.90
C ARG A 254 -18.11 -4.26 45.49
N VAL A 255 -19.35 -4.03 45.04
CA VAL A 255 -19.56 -3.46 43.71
C VAL A 255 -19.33 -1.95 43.72
N ARG A 256 -20.00 -1.25 44.63
CA ARG A 256 -19.83 0.20 44.75
C ARG A 256 -18.38 0.58 45.04
N TYR A 257 -17.57 -0.37 45.52
CA TYR A 257 -16.15 -0.12 45.71
C TYR A 257 -15.42 -0.07 44.36
N VAL A 259 -16.44 0.68 41.29
CA VAL A 259 -16.65 1.94 40.57
C VAL A 259 -15.90 3.08 41.25
N ALA A 260 -15.75 3.02 42.58
CA ALA A 260 -15.04 4.07 43.28
C ALA A 260 -13.53 3.95 43.06
N ASP A 261 -13.00 2.73 43.14
CA ASP A 261 -11.59 2.50 42.85
C ASP A 261 -11.27 2.74 41.38
N LYS A 262 -12.29 2.78 40.52
CA LYS A 262 -12.12 3.03 39.09
C LYS A 262 -12.82 4.30 38.63
N PHE A 263 -13.27 5.15 39.57
CA PHE A 263 -14.03 6.33 39.20
C PHE A 263 -13.24 7.25 38.28
N THR A 264 -11.93 7.35 38.50
CA THR A 264 -11.10 8.19 37.66
C THR A 264 -10.93 7.59 36.27
N GLU A 265 -10.71 6.28 36.19
CA GLU A 265 -10.58 5.60 34.90
C GLU A 265 -11.86 5.66 34.08
N LEU A 266 -12.99 6.01 34.71
CA LEU A 266 -14.25 6.16 33.98
C LEU A 266 -14.28 7.50 33.23
N GLN A 267 -14.14 8.61 33.96
CA GLN A 267 -14.30 9.93 33.36
C GLN A 267 -13.35 10.13 32.19
N LYS A 268 -12.14 9.58 32.28
CA LYS A 268 -11.16 9.74 31.21
C LYS A 268 -11.57 8.98 29.94
N ALA A 269 -12.48 8.02 30.05
CA ALA A 269 -12.94 7.25 28.91
C ALA A 269 -14.37 7.56 28.50
N VAL A 270 -15.16 8.17 29.36
CA VAL A 270 -16.56 8.46 29.04
C VAL A 270 -16.72 9.88 28.48
N GLY A 271 -16.09 10.87 29.09
CA GLY A 271 -16.19 12.24 28.63
C GLY A 271 -16.52 13.21 29.74
N PRO A 272 -16.23 14.50 29.50
CA PRO A 272 -16.38 15.51 30.56
C PRO A 272 -17.84 15.89 30.83
N GLU A 273 -18.61 16.17 29.78
CA GLU A 273 -20.00 16.57 29.99
C GLU A 273 -20.81 15.45 30.64
N ILE A 274 -20.48 14.19 30.32
CA ILE A 274 -21.15 13.07 30.95
C ILE A 274 -20.67 12.88 32.38
N THR A 275 -19.50 13.42 32.72
CA THR A 275 -19.04 13.38 34.10
C THR A 275 -19.88 14.29 35.00
N LYS A 276 -20.35 15.42 34.47
CA LYS A 276 -21.22 16.29 35.24
C LYS A 276 -22.67 15.82 35.25
N THR A 277 -23.08 15.08 34.22
CA THR A 277 -24.46 14.63 34.12
C THR A 277 -24.74 13.43 35.02
N ASP A 278 -23.77 12.53 35.15
CA ASP A 278 -24.03 11.24 35.80
C ASP A 278 -22.96 10.85 36.81
N LEU A 279 -21.70 11.25 36.58
CA LEU A 279 -20.62 10.81 37.46
C LEU A 279 -20.60 11.62 38.75
N VAL A 280 -20.53 12.94 38.64
CA VAL A 280 -20.55 13.84 39.79
C VAL A 280 -21.77 13.58 40.66
N PRO A 281 -22.96 13.36 40.09
CA PRO A 281 -24.10 12.94 40.94
C PRO A 281 -23.80 11.72 41.80
N ALA A 282 -23.22 10.67 41.20
CA ALA A 282 -22.94 9.46 41.97
C ALA A 282 -21.83 9.69 42.98
N PHE A 283 -20.79 10.43 42.59
CA PHE A 283 -19.69 10.73 43.51
C PHE A 283 -20.19 11.36 44.79
N GLN A 284 -21.19 12.25 44.68
CA GLN A 284 -21.75 12.89 45.86
C GLN A 284 -22.22 11.86 46.89
N ASN A 285 -22.93 10.83 46.43
CA ASN A 285 -23.46 9.81 47.32
C ASN A 285 -22.47 8.71 47.65
N LEU A 286 -21.37 8.59 46.90
CA LEU A 286 -20.36 7.59 47.23
C LEU A 286 -19.46 8.03 48.38
N LYS A 288 -20.47 9.42 50.90
CA LYS A 288 -21.31 9.35 52.09
C LYS A 288 -22.24 8.14 52.00
N ASP A 289 -21.68 6.97 51.68
CA ASP A 289 -22.44 5.73 51.67
C ASP A 289 -22.15 4.93 52.94
N CYS A 290 -22.99 3.92 53.17
CA CYS A 290 -23.01 3.21 54.45
C CYS A 290 -21.66 2.61 54.82
N GLU A 291 -21.21 1.60 54.07
CA GLU A 291 -19.97 0.92 54.40
C GLU A 291 -18.78 1.86 54.23
N ALA A 292 -17.93 1.92 55.25
CA ALA A 292 -16.87 2.93 55.28
C ALA A 292 -15.79 2.68 54.23
N GLU A 293 -15.57 1.41 53.87
CA GLU A 293 -14.51 1.08 52.91
C GLU A 293 -14.74 1.77 51.57
N VAL A 294 -16.00 1.89 51.15
CA VAL A 294 -16.30 2.54 49.88
C VAL A 294 -15.88 4.01 49.90
N ARG A 295 -16.14 4.69 51.02
CA ARG A 295 -15.80 6.10 51.12
C ARG A 295 -14.30 6.32 51.00
N ALA A 296 -13.50 5.48 51.66
CA ALA A 296 -12.05 5.64 51.62
C ALA A 296 -11.52 5.50 50.20
N ALA A 297 -12.11 4.60 49.41
CA ALA A 297 -11.69 4.42 48.02
C ALA A 297 -11.95 5.68 47.21
N ALA A 298 -13.18 6.18 47.24
CA ALA A 298 -13.52 7.37 46.48
C ALA A 298 -12.80 8.61 47.01
N SER A 299 -12.59 8.67 48.33
CA SER A 299 -11.92 9.82 48.91
C SER A 299 -10.49 9.96 48.37
N HIS A 300 -9.81 8.84 48.15
CA HIS A 300 -8.47 8.88 47.56
C HIS A 300 -8.50 9.33 46.12
N LYS A 301 -9.66 9.27 45.46
CA LYS A 301 -9.79 9.63 44.06
C LYS A 301 -10.38 11.02 43.86
N VAL A 302 -10.34 11.87 44.89
CA VAL A 302 -10.88 13.21 44.73
C VAL A 302 -9.97 14.07 43.87
N LYS A 303 -8.67 13.76 43.85
CA LYS A 303 -7.72 14.60 43.13
C LYS A 303 -7.79 14.37 41.62
N GLU A 304 -7.55 13.14 41.19
CA GLU A 304 -7.61 12.82 39.77
C GLU A 304 -8.99 13.07 39.18
N PHE A 305 -10.02 13.15 40.02
CA PHE A 305 -11.36 13.48 39.53
C PHE A 305 -11.47 14.97 39.23
N CYS A 306 -10.97 15.81 40.14
CA CYS A 306 -11.06 17.25 39.94
C CYS A 306 -10.18 17.70 38.78
N GLU A 307 -9.00 17.10 38.63
CA GLU A 307 -8.05 17.54 37.61
C GLU A 307 -8.62 17.33 36.20
N ASN A 308 -9.19 16.14 35.95
CA ASN A 308 -9.64 15.83 34.60
C ASN A 308 -10.95 16.53 34.24
N LEU A 309 -11.58 17.23 35.18
CA LEU A 309 -12.77 18.00 34.85
C LEU A 309 -12.44 19.09 33.82
N SER A 310 -13.45 19.47 33.04
CA SER A 310 -13.26 20.46 32.00
C SER A 310 -12.90 21.81 32.61
N ALA A 311 -12.45 22.73 31.76
CA ALA A 311 -11.97 24.02 32.22
C ALA A 311 -13.07 25.03 32.47
N ASP A 312 -14.26 24.82 31.92
CA ASP A 312 -15.34 25.79 32.10
C ASP A 312 -15.95 25.74 33.49
N CYS A 313 -15.77 24.63 34.21
CA CYS A 313 -16.41 24.44 35.50
C CYS A 313 -15.47 23.95 36.58
N ARG A 314 -14.19 23.73 36.27
CA ARG A 314 -13.25 23.16 37.23
C ARG A 314 -13.35 23.86 38.58
N GLU A 315 -13.25 25.18 38.59
CA GLU A 315 -13.29 25.92 39.84
C GLU A 315 -14.69 26.01 40.43
N ASN A 316 -15.73 25.85 39.62
CA ASN A 316 -17.09 26.08 40.11
C ASN A 316 -17.65 24.84 40.81
N VAL A 317 -17.76 23.73 40.08
CA VAL A 317 -18.41 22.53 40.62
C VAL A 317 -17.63 21.92 41.79
N ILE A 318 -16.42 22.39 42.05
CA ILE A 318 -15.65 21.86 43.18
C ILE A 318 -16.08 22.52 44.49
N SER A 320 -19.09 23.82 45.13
CA SER A 320 -20.53 23.74 45.30
C SER A 320 -21.03 22.30 45.41
N GLN A 321 -20.44 21.38 44.65
CA GLN A 321 -20.87 19.99 44.64
C GLN A 321 -19.86 19.04 45.30
N ILE A 322 -18.65 19.50 45.59
CA ILE A 322 -17.58 18.65 46.08
C ILE A 322 -17.19 19.01 47.51
N LEU A 323 -17.03 20.32 47.79
CA LEU A 323 -16.56 20.73 49.12
C LEU A 323 -17.57 20.44 50.22
N PRO A 324 -18.89 20.72 50.07
CA PRO A 324 -19.82 20.45 51.17
C PRO A 324 -19.79 19.01 51.67
N CYS A 325 -19.34 18.10 50.82
CA CYS A 325 -19.18 16.71 51.23
C CYS A 325 -17.78 16.40 51.77
N ILE A 326 -16.79 17.25 51.47
CA ILE A 326 -15.44 17.01 51.96
C ILE A 326 -15.36 17.27 53.46
N LYS A 327 -15.91 18.39 53.91
CA LYS A 327 -15.80 18.75 55.32
C LYS A 327 -16.44 17.68 56.21
N GLU A 328 -17.59 17.15 55.79
CA GLU A 328 -18.24 16.11 56.58
C GLU A 328 -17.42 14.83 56.62
N LEU A 329 -16.59 14.60 55.60
CA LEU A 329 -15.70 13.43 55.61
C LEU A 329 -14.58 13.60 56.62
N VAL A 330 -13.96 14.78 56.65
CA VAL A 330 -12.86 15.02 57.58
C VAL A 330 -13.32 14.93 59.03
N SER A 331 -14.63 15.02 59.27
CA SER A 331 -15.17 15.04 60.62
C SER A 331 -15.82 13.73 61.04
N ASP A 332 -15.80 12.70 60.19
CA ASP A 332 -16.33 11.40 60.60
C ASP A 332 -15.23 10.61 61.32
N ALA A 333 -15.63 9.90 62.38
CA ALA A 333 -14.69 9.28 63.30
C ALA A 333 -13.91 8.12 62.68
N ASN A 334 -14.35 7.60 61.54
CA ASN A 334 -13.64 6.50 60.89
C ASN A 334 -12.21 6.90 60.57
N GLN A 335 -11.25 6.38 61.34
CA GLN A 335 -9.85 6.75 61.20
C GLN A 335 -9.24 6.29 59.88
N HIS A 336 -9.90 5.40 59.15
CA HIS A 336 -9.37 4.90 57.89
C HIS A 336 -9.72 5.80 56.72
N VAL A 337 -10.94 6.33 56.68
CA VAL A 337 -11.36 7.16 55.55
C VAL A 337 -10.56 8.46 55.52
N LYS A 338 -10.19 8.99 56.69
CA LYS A 338 -9.41 10.21 56.74
C LYS A 338 -7.96 10.00 56.35
N SER A 339 -7.46 8.77 56.51
CA SER A 339 -6.10 8.46 56.06
C SER A 339 -5.99 8.53 54.54
N ALA A 340 -7.06 8.19 53.82
CA ALA A 340 -7.03 8.26 52.36
C ALA A 340 -7.24 9.69 51.87
N LEU A 341 -8.08 10.46 52.56
CA LEU A 341 -8.28 11.85 52.17
C LEU A 341 -7.04 12.68 52.41
N ALA A 342 -6.34 12.43 53.52
CA ALA A 342 -5.18 13.24 53.89
C ALA A 342 -4.13 13.24 52.79
N SER A 343 -3.98 12.12 52.08
CA SER A 343 -2.92 11.99 51.09
C SER A 343 -3.16 12.81 49.84
N VAL A 344 -4.39 13.29 49.62
CA VAL A 344 -4.72 13.94 48.35
C VAL A 344 -5.46 15.26 48.52
N ILE A 345 -6.04 15.58 49.67
CA ILE A 345 -6.91 16.76 49.77
C ILE A 345 -6.16 18.04 49.45
N GLY A 347 -4.03 18.52 47.18
CA GLY A 347 -3.74 18.63 45.77
C GLY A 347 -4.78 19.45 45.02
N LEU A 348 -5.51 20.30 45.75
CA LEU A 348 -6.60 21.07 45.18
C LEU A 348 -6.28 22.55 45.01
N SER A 349 -5.43 23.12 45.85
CA SER A 349 -5.08 24.53 45.75
C SER A 349 -4.60 24.94 44.36
N PRO A 350 -3.68 24.23 43.69
CA PRO A 350 -3.31 24.65 42.33
C PRO A 350 -4.45 24.55 41.34
N ILE A 351 -5.41 23.66 41.57
CA ILE A 351 -6.56 23.56 40.67
C ILE A 351 -7.57 24.66 40.97
N LEU A 352 -7.70 25.06 42.23
CA LEU A 352 -8.72 26.04 42.63
C LEU A 352 -8.26 27.47 42.33
N GLY A 353 -7.16 27.89 42.93
CA GLY A 353 -6.71 29.25 42.88
C GLY A 353 -5.82 29.53 44.09
N LYS A 354 -5.67 30.82 44.41
CA LYS A 354 -4.87 31.22 45.57
C LYS A 354 -5.69 31.85 46.68
N ASP A 355 -6.55 32.82 46.34
CA ASP A 355 -7.36 33.45 47.38
C ASP A 355 -8.46 32.52 47.87
N ASN A 356 -9.03 31.71 46.96
CA ASN A 356 -10.12 30.82 47.35
C ASN A 356 -9.63 29.67 48.23
N THR A 357 -8.37 29.24 48.06
CA THR A 357 -7.91 28.10 48.84
C THR A 357 -7.50 28.51 50.26
N ILE A 358 -6.71 29.57 50.41
CA ILE A 358 -6.26 29.98 51.74
C ILE A 358 -7.43 30.38 52.61
N GLU A 359 -8.54 30.81 52.00
CA GLU A 359 -9.72 31.26 52.72
C GLU A 359 -10.79 30.17 52.86
N HIS A 360 -10.95 29.31 51.87
CA HIS A 360 -12.01 28.31 51.88
C HIS A 360 -11.50 26.87 51.91
N LEU A 361 -10.18 26.66 51.83
CA LEU A 361 -9.61 25.32 51.82
C LEU A 361 -8.64 25.07 52.95
N LEU A 362 -8.00 26.11 53.50
CA LEU A 362 -6.99 25.95 54.54
C LEU A 362 -7.59 25.62 55.92
N PRO A 363 -8.62 26.33 56.39
CA PRO A 363 -9.12 26.05 57.75
C PRO A 363 -9.52 24.59 57.95
N LEU A 364 -9.99 23.92 56.90
CA LEU A 364 -10.28 22.49 57.02
C LEU A 364 -9.00 21.67 57.06
N PHE A 365 -7.95 22.12 56.37
CA PHE A 365 -6.69 21.40 56.33
C PHE A 365 -6.10 21.22 57.73
N LEU A 366 -6.27 22.22 58.59
CA LEU A 366 -5.69 22.13 59.93
C LEU A 366 -6.30 21.00 60.74
N ALA A 367 -7.61 20.78 60.59
CA ALA A 367 -8.29 19.71 61.33
C ALA A 367 -7.61 18.37 61.12
N GLN A 368 -7.07 18.14 59.92
CA GLN A 368 -6.29 16.93 59.67
C GLN A 368 -4.94 17.01 60.36
N LEU A 369 -4.29 18.18 60.31
CA LEU A 369 -2.96 18.32 60.90
C LEU A 369 -2.97 18.16 62.41
N LYS A 370 -4.15 18.25 63.04
CA LYS A 370 -4.28 18.11 64.48
C LYS A 370 -5.16 16.93 64.88
N ASP A 371 -5.46 16.05 63.93
CA ASP A 371 -6.31 14.90 64.19
C ASP A 371 -5.67 13.96 65.21
N GLU A 372 -6.50 13.14 65.84
CA GLU A 372 -6.01 12.17 66.81
C GLU A 372 -5.17 11.09 66.13
N CYS A 373 -5.63 10.60 64.98
CA CYS A 373 -4.94 9.51 64.31
C CYS A 373 -3.56 9.96 63.85
N PRO A 374 -2.49 9.26 64.22
CA PRO A 374 -1.16 9.64 63.72
C PRO A 374 -0.97 9.38 62.24
N GLU A 375 -1.69 8.40 61.68
CA GLU A 375 -1.56 8.10 60.26
C GLU A 375 -2.16 9.18 59.37
N VAL A 376 -3.09 9.99 59.90
CA VAL A 376 -3.69 11.06 59.11
C VAL A 376 -2.68 12.19 58.90
N ARG A 377 -2.21 12.78 60.00
CA ARG A 377 -1.25 13.88 59.89
C ARG A 377 0.06 13.43 59.23
N LEU A 378 0.31 12.13 59.15
CA LEU A 378 1.51 11.65 58.47
C LEU A 378 1.35 11.78 56.95
N ASN A 379 0.17 11.45 56.42
CA ASN A 379 -0.07 11.55 54.99
C ASN A 379 -0.25 12.99 54.53
N ILE A 380 -0.76 13.86 55.40
CA ILE A 380 -0.92 15.27 55.07
C ILE A 380 0.43 15.92 54.79
N ILE A 381 1.50 15.41 55.42
CA ILE A 381 2.80 16.05 55.35
C ILE A 381 3.63 15.59 54.14
N SER A 382 3.27 14.48 53.52
CA SER A 382 4.03 13.99 52.37
C SER A 382 3.54 14.53 51.03
N ASN A 383 2.29 14.99 50.96
CA ASN A 383 1.70 15.44 49.70
C ASN A 383 1.35 16.92 49.76
N LEU A 384 2.25 17.73 50.30
CA LEU A 384 2.04 19.17 50.43
C LEU A 384 2.89 19.99 49.48
N ASP A 385 3.68 19.36 48.61
CA ASP A 385 4.46 20.12 47.63
C ASP A 385 3.56 20.83 46.64
N CYS A 386 2.41 20.23 46.31
CA CYS A 386 1.43 20.88 45.45
C CYS A 386 0.76 22.08 46.11
N VAL A 387 1.04 22.35 47.38
CA VAL A 387 0.49 23.48 48.08
C VAL A 387 1.47 24.65 48.14
N ASN A 388 2.76 24.35 48.30
CA ASN A 388 3.75 25.42 48.50
C ASN A 388 4.00 26.19 47.21
N GLU A 389 3.71 25.62 46.04
CA GLU A 389 3.91 26.31 44.79
C GLU A 389 2.75 27.25 44.43
N VAL A 390 1.74 27.35 45.29
CA VAL A 390 0.63 28.28 45.10
C VAL A 390 0.49 29.25 46.28
N ILE A 391 0.63 28.74 47.50
CA ILE A 391 0.60 29.58 48.69
C ILE A 391 1.93 29.43 49.42
N GLY A 392 2.36 30.50 50.06
CA GLY A 392 3.69 30.57 50.63
C GLY A 392 3.93 29.55 51.71
N ILE A 393 5.20 29.44 52.11
CA ILE A 393 5.60 28.44 53.09
C ILE A 393 5.23 28.90 54.50
N ARG A 394 5.60 30.14 54.87
CA ARG A 394 5.36 30.59 56.23
C ARG A 394 3.88 30.71 56.56
N GLN A 395 3.04 30.94 55.54
CA GLN A 395 1.60 31.00 55.78
C GLN A 395 1.06 29.71 56.38
N LEU A 396 1.72 28.57 56.11
CA LEU A 396 1.39 27.31 56.75
C LEU A 396 2.52 26.74 57.60
N SER A 397 3.74 27.27 57.49
CA SER A 397 4.86 26.71 58.24
C SER A 397 4.70 26.94 59.73
N GLN A 398 4.11 28.06 60.13
CA GLN A 398 3.97 28.36 61.55
C GLN A 398 2.91 27.51 62.24
N SER A 399 2.29 26.56 61.55
CA SER A 399 1.21 25.77 62.12
C SER A 399 1.60 24.33 62.42
N LEU A 400 2.36 23.68 61.53
CA LEU A 400 2.81 22.31 61.80
C LEU A 400 3.90 22.23 62.85
N LEU A 401 4.21 23.33 63.54
CA LEU A 401 5.24 23.34 64.57
C LEU A 401 5.04 22.21 65.57
N PRO A 402 3.89 22.11 66.26
CA PRO A 402 3.72 21.00 67.22
C PRO A 402 3.41 19.67 66.55
N ALA A 403 2.96 19.68 65.30
CA ALA A 403 2.64 18.43 64.62
C ALA A 403 3.89 17.58 64.42
N ILE A 404 5.01 18.20 64.05
CA ILE A 404 6.26 17.46 63.92
C ILE A 404 6.73 16.97 65.28
N VAL A 405 6.40 17.70 66.34
CA VAL A 405 6.87 17.33 67.68
C VAL A 405 6.17 16.06 68.16
N GLU A 406 4.84 16.05 68.13
CA GLU A 406 4.10 14.91 68.65
C GLU A 406 4.41 13.64 67.89
N LEU A 407 4.72 13.74 66.59
CA LEU A 407 5.14 12.57 65.83
C LEU A 407 6.58 12.20 66.14
N ALA A 408 7.48 13.19 66.23
CA ALA A 408 8.86 12.94 66.57
C ALA A 408 9.06 12.44 67.99
N GLU A 409 8.04 12.56 68.85
CA GLU A 409 8.16 12.16 70.26
C GLU A 409 6.99 11.30 70.70
N ASP A 410 6.29 10.65 69.76
CA ASP A 410 5.17 9.79 70.11
C ASP A 410 5.63 8.68 71.06
N ALA A 411 4.66 8.01 71.69
CA ALA A 411 4.98 6.98 72.66
C ALA A 411 5.37 5.66 72.00
N LYS A 412 4.83 5.37 70.81
CA LYS A 412 5.11 4.14 70.10
C LYS A 412 6.13 4.41 69.00
N TRP A 413 7.20 3.60 68.97
CA TRP A 413 8.35 3.90 68.14
C TRP A 413 8.05 3.78 66.65
N ARG A 414 7.03 3.01 66.26
CA ARG A 414 6.68 2.91 64.85
C ARG A 414 6.35 4.27 64.26
N VAL A 415 5.62 5.10 65.03
CA VAL A 415 5.28 6.45 64.56
C VAL A 415 6.55 7.28 64.39
N ARG A 416 7.44 7.24 65.39
CA ARG A 416 8.66 8.04 65.33
C ARG A 416 9.48 7.73 64.09
N LEU A 417 9.61 6.44 63.74
CA LEU A 417 10.35 6.08 62.54
C LEU A 417 9.68 6.66 61.29
N ALA A 418 8.34 6.56 61.23
CA ALA A 418 7.62 6.94 60.01
C ALA A 418 7.90 8.38 59.60
N ILE A 419 8.14 9.26 60.56
CA ILE A 419 8.37 10.66 60.22
C ILE A 419 9.83 10.94 59.90
N ILE A 420 10.76 10.15 60.45
CA ILE A 420 12.18 10.33 60.12
C ILE A 420 12.41 10.09 58.62
N GLU A 421 11.55 9.29 58.00
CA GLU A 421 11.68 9.08 56.55
C GLU A 421 11.24 10.31 55.78
N TYR A 422 10.29 11.08 56.31
CA TYR A 422 9.78 12.25 55.61
C TYR A 422 10.53 13.53 55.95
N PRO A 424 13.76 14.43 55.42
CA PRO A 424 14.56 15.00 54.31
C PRO A 424 13.71 15.69 53.26
N LEU A 425 12.59 15.07 52.85
CA LEU A 425 11.65 15.74 51.95
C LEU A 425 11.14 17.03 52.59
N LEU A 426 10.86 16.99 53.89
CA LEU A 426 10.37 18.17 54.58
C LEU A 426 11.48 19.19 54.80
N ALA A 427 12.72 18.73 54.97
CA ALA A 427 13.82 19.66 55.18
C ALA A 427 14.05 20.53 53.95
N GLY A 428 14.00 19.95 52.76
CA GLY A 428 14.23 20.69 51.53
C GLY A 428 13.13 21.68 51.18
N GLN A 429 12.02 21.68 51.92
CA GLN A 429 10.93 22.61 51.66
C GLN A 429 10.85 23.74 52.67
N LEU A 430 11.53 23.63 53.81
CA LEU A 430 11.63 24.72 54.78
C LEU A 430 13.00 25.38 54.79
N GLY A 431 13.94 24.88 53.99
CA GLY A 431 15.25 25.49 53.92
C GLY A 431 16.07 25.30 55.19
N VAL A 432 17.20 25.99 55.22
CA VAL A 432 18.14 25.88 56.34
C VAL A 432 17.71 26.78 57.49
N GLU A 433 17.30 28.01 57.19
CA GLU A 433 17.03 28.99 58.24
C GLU A 433 16.03 28.47 59.26
N PHE A 434 15.03 27.71 58.80
CA PHE A 434 14.07 27.12 59.72
C PHE A 434 14.72 26.02 60.56
N PHE A 435 15.32 25.03 59.89
CA PHE A 435 15.73 23.80 60.54
C PHE A 435 16.61 24.06 61.76
N ASP A 436 17.70 24.82 61.56
CA ASP A 436 18.65 25.04 62.64
C ASP A 436 17.99 25.65 63.87
N GLU A 437 16.92 26.41 63.69
CA GLU A 437 16.28 27.08 64.81
C GLU A 437 15.34 26.15 65.57
N LYS A 438 14.61 25.29 64.87
CA LYS A 438 13.60 24.46 65.49
C LYS A 438 13.83 22.97 65.28
N LEU A 439 14.03 22.52 64.04
CA LEU A 439 14.05 21.10 63.72
C LEU A 439 15.37 20.41 64.02
N ASN A 440 16.34 21.10 64.64
CA ASN A 440 17.58 20.45 64.98
C ASN A 440 17.54 19.78 66.36
N SER A 441 16.83 20.38 67.31
CA SER A 441 16.69 19.76 68.63
C SER A 441 15.93 18.44 68.54
N LEU A 442 15.02 18.32 67.57
CA LEU A 442 14.27 17.08 67.41
C LEU A 442 15.08 16.02 66.66
N CYS A 443 15.78 16.43 65.60
CA CYS A 443 16.52 15.47 64.79
C CYS A 443 17.75 14.94 65.52
N ALA A 445 17.94 14.68 68.93
CA ALA A 445 17.44 13.84 70.02
C ALA A 445 16.98 12.47 69.54
N TRP A 446 17.05 12.20 68.23
CA TRP A 446 16.68 10.90 67.71
C TRP A 446 17.83 9.90 67.79
N LEU A 447 19.07 10.37 67.80
CA LEU A 447 20.23 9.49 67.89
C LEU A 447 20.45 8.93 69.29
N VAL A 448 19.53 9.19 70.22
CA VAL A 448 19.64 8.69 71.59
C VAL A 448 18.36 7.98 71.97
N ASP A 449 17.48 7.77 70.99
CA ASP A 449 16.20 7.13 71.25
C ASP A 449 16.41 5.73 71.81
N HIS A 450 15.45 5.29 72.64
CA HIS A 450 15.58 4.01 73.32
C HIS A 450 15.72 2.86 72.32
N VAL A 451 15.00 2.94 71.21
CA VAL A 451 14.99 1.87 70.22
C VAL A 451 16.13 2.07 69.23
N TYR A 452 16.81 0.97 68.91
CA TYR A 452 17.92 1.04 67.96
C TYR A 452 17.43 1.35 66.54
N ALA A 453 16.18 1.01 66.25
CA ALA A 453 15.66 1.27 64.90
C ALA A 453 15.62 2.75 64.59
N ILE A 454 15.27 3.58 65.57
CA ILE A 454 15.27 5.03 65.35
C ILE A 454 16.69 5.55 65.24
N ARG A 455 17.57 5.13 66.15
CA ARG A 455 18.98 5.49 66.03
C ARG A 455 19.56 5.04 64.70
N GLU A 456 19.06 3.92 64.15
CA GLU A 456 19.47 3.49 62.83
C GLU A 456 18.98 4.45 61.76
N ALA A 457 17.69 4.79 61.79
CA ALA A 457 17.13 5.70 60.80
C ALA A 457 17.70 7.11 60.96
N ALA A 458 17.80 7.59 62.21
CA ALA A 458 18.33 8.92 62.45
C ALA A 458 19.75 9.06 61.91
N THR A 459 20.52 7.97 61.90
CA THR A 459 21.87 8.02 61.34
C THR A 459 21.82 8.24 59.83
N SER A 460 21.19 7.32 59.10
CA SER A 460 21.07 7.46 57.66
C SER A 460 20.24 8.67 57.26
N ASN A 461 19.44 9.22 58.20
CA ASN A 461 18.70 10.44 57.92
C ASN A 461 19.62 11.64 57.76
N LEU A 462 20.81 11.61 58.37
CA LEU A 462 21.74 12.72 58.26
C LEU A 462 22.44 12.76 56.92
N LYS A 463 22.58 11.60 56.25
CA LYS A 463 23.17 11.57 54.92
C LYS A 463 22.37 12.44 53.96
N LYS A 464 21.05 12.29 53.96
CA LYS A 464 20.21 13.07 53.07
C LYS A 464 20.04 14.51 53.54
N LEU A 465 20.07 14.74 54.86
CA LEU A 465 20.05 16.11 55.37
C LEU A 465 21.25 16.91 54.90
N VAL A 466 22.35 16.24 54.54
CA VAL A 466 23.51 16.92 53.97
C VAL A 466 23.39 17.04 52.45
N GLU A 467 22.94 15.97 51.79
CA GLU A 467 22.76 16.02 50.34
C GLU A 467 21.79 17.14 49.94
N LYS A 468 20.87 17.51 50.83
CA LYS A 468 19.91 18.55 50.51
C LYS A 468 20.47 19.94 50.81
N PHE A 469 21.22 20.08 51.90
CA PHE A 469 21.66 21.39 52.37
C PHE A 469 23.08 21.73 51.93
N GLY A 470 24.01 20.81 52.03
CA GLY A 470 25.38 21.04 51.59
C GLY A 470 26.38 20.42 52.53
N LYS A 471 27.61 20.25 52.03
CA LYS A 471 28.69 19.66 52.82
C LYS A 471 29.03 20.50 54.05
N GLU A 472 28.73 21.80 54.03
CA GLU A 472 29.12 22.67 55.13
C GLU A 472 28.12 22.64 56.28
N TRP A 473 26.85 22.37 55.98
CA TRP A 473 25.83 22.38 57.03
C TRP A 473 26.12 21.34 58.11
N ALA A 474 26.84 20.27 57.76
CA ALA A 474 27.26 19.31 58.77
C ALA A 474 28.33 19.91 59.69
N HIS A 475 29.28 20.65 59.10
CA HIS A 475 30.33 21.31 59.87
C HIS A 475 29.80 22.42 60.76
N ALA A 476 28.52 22.77 60.66
CA ALA A 476 27.95 23.88 61.40
C ALA A 476 26.99 23.46 62.50
N THR A 477 26.08 22.52 62.20
CA THR A 477 25.01 22.19 63.14
C THR A 477 24.96 20.72 63.52
N ILE A 478 25.62 19.83 62.78
CA ILE A 478 25.50 18.40 63.03
C ILE A 478 26.71 17.85 63.77
N ILE A 479 27.89 17.98 63.17
CA ILE A 479 29.08 17.25 63.61
C ILE A 479 29.54 17.70 65.00
N PRO A 480 29.53 18.98 65.35
CA PRO A 480 29.81 19.34 66.75
C PRO A 480 28.85 18.70 67.75
N LYS A 481 27.70 18.20 67.29
CA LYS A 481 26.75 17.50 68.17
C LYS A 481 26.96 15.99 68.16
N VAL A 482 27.20 15.41 66.98
CA VAL A 482 27.46 13.97 66.89
C VAL A 482 28.69 13.61 67.71
N LEU A 483 29.80 14.31 67.46
CA LEU A 483 31.04 14.04 68.20
C LEU A 483 30.87 14.23 69.70
N ALA A 484 29.85 14.97 70.13
CA ALA A 484 29.60 15.18 71.55
C ALA A 484 28.94 13.98 72.22
N SER A 486 30.13 10.88 72.02
CA SER A 486 31.17 9.90 72.32
C SER A 486 31.55 9.85 73.80
N GLY A 487 30.94 10.67 74.64
CA GLY A 487 31.19 10.63 76.07
C GLY A 487 29.99 10.11 76.84
N ASP A 488 28.95 9.73 76.12
CA ASP A 488 27.76 9.19 76.75
C ASP A 488 28.11 7.88 77.47
N PRO A 489 27.65 7.69 78.73
CA PRO A 489 27.93 6.43 79.43
C PRO A 489 27.43 5.21 78.68
N ASN A 490 26.13 5.15 78.37
CA ASN A 490 25.56 4.01 77.66
C ASN A 490 26.36 3.69 76.41
N TYR A 491 26.92 2.47 76.38
CA TYR A 491 27.77 2.07 75.26
C TYR A 491 27.01 1.99 73.95
N LEU A 492 25.69 1.98 73.97
CA LEU A 492 24.92 2.02 72.73
C LEU A 492 24.92 3.41 72.12
N HIS A 493 24.80 4.45 72.95
CA HIS A 493 24.87 5.81 72.45
C HIS A 493 26.29 6.19 72.07
N ARG A 494 27.29 5.53 72.67
CA ARG A 494 28.68 5.78 72.29
C ARG A 494 28.95 5.28 70.88
N THR A 496 26.83 4.97 68.47
CA THR A 496 26.04 5.69 67.47
C THR A 496 26.91 6.65 66.66
N THR A 497 27.83 7.33 67.34
CA THR A 497 28.76 8.23 66.64
C THR A 497 29.51 7.49 65.55
N LEU A 498 29.97 6.28 65.84
CA LEU A 498 30.75 5.52 64.88
C LEU A 498 29.93 5.15 63.65
N PHE A 499 28.65 4.89 63.80
CA PHE A 499 27.80 4.67 62.63
C PHE A 499 27.53 5.95 61.88
N CYS A 500 27.59 7.10 62.56
CA CYS A 500 27.42 8.38 61.88
C CYS A 500 28.63 8.70 61.02
N ILE A 501 29.83 8.59 61.60
CA ILE A 501 31.06 8.91 60.88
C ILE A 501 31.21 8.03 59.64
N ASN A 502 30.70 6.79 59.69
CA ASN A 502 30.69 5.95 58.50
C ASN A 502 29.83 6.57 57.39
N VAL A 503 28.63 7.02 57.75
CA VAL A 503 27.70 7.52 56.75
C VAL A 503 28.13 8.90 56.24
N LEU A 504 28.40 9.82 57.17
CA LEU A 504 28.72 11.19 56.78
C LEU A 504 29.94 11.25 55.86
N SER A 505 30.95 10.43 56.13
CA SER A 505 32.16 10.43 55.32
C SER A 505 31.84 10.29 53.84
N GLU A 506 30.91 9.39 53.51
CA GLU A 506 30.54 9.16 52.12
C GLU A 506 30.07 10.44 51.44
N VAL A 507 29.46 11.36 52.19
CA VAL A 507 28.86 12.55 51.60
C VAL A 507 29.28 13.79 52.38
N CYS A 508 30.47 13.77 52.97
CA CYS A 508 31.02 14.96 53.62
C CYS A 508 32.44 15.24 53.16
N GLY A 509 32.78 14.80 51.95
CA GLY A 509 34.08 15.08 51.38
C GLY A 509 35.21 14.48 52.20
N GLN A 510 36.40 15.02 51.98
CA GLN A 510 37.61 14.61 52.69
C GLN A 510 38.05 15.60 53.74
N ASP A 511 38.03 16.90 53.41
CA ASP A 511 38.52 17.94 54.31
C ASP A 511 37.80 17.94 55.66
N ILE A 512 36.60 17.37 55.73
CA ILE A 512 35.82 17.35 56.96
C ILE A 512 36.04 16.06 57.76
N THR A 513 36.05 14.92 57.07
CA THR A 513 36.27 13.65 57.75
C THR A 513 37.65 13.59 58.41
N THR A 514 38.60 14.38 57.94
CA THR A 514 39.94 14.40 58.49
C THR A 514 40.12 15.50 59.54
N LYS A 515 39.26 16.54 59.51
CA LYS A 515 39.40 17.66 60.42
C LYS A 515 38.76 17.40 61.78
N HIS A 516 37.51 16.92 61.79
CA HIS A 516 36.76 16.75 63.03
C HIS A 516 36.26 15.34 63.27
N LEU A 518 37.91 12.30 62.10
CA LEU A 518 38.99 11.31 62.27
C LEU A 518 39.56 11.31 63.68
N PRO A 519 39.97 12.43 64.28
CA PRO A 519 40.53 12.36 65.64
C PRO A 519 39.54 11.85 66.66
N THR A 520 38.23 12.00 66.41
CA THR A 520 37.24 11.49 67.34
C THR A 520 37.23 9.97 67.36
N VAL A 521 37.36 9.34 66.19
CA VAL A 521 37.39 7.87 66.12
C VAL A 521 38.59 7.34 66.89
N LEU A 522 39.78 7.83 66.57
CA LEU A 522 41.00 7.34 67.18
C LEU A 522 41.04 7.59 68.69
N ARG A 523 40.29 8.58 69.17
CA ARG A 523 40.21 8.80 70.61
C ARG A 523 39.46 7.68 71.31
N ALA A 525 39.43 4.59 70.72
CA ALA A 525 40.10 3.29 70.63
C ALA A 525 40.51 2.73 71.98
N GLY A 526 40.30 3.46 73.08
CA GLY A 526 40.66 2.97 74.39
C GLY A 526 39.47 2.77 75.30
N ASP A 527 38.29 2.60 74.72
CA ASP A 527 37.08 2.44 75.53
C ASP A 527 37.08 1.06 76.18
N PRO A 528 36.58 0.94 77.41
CA PRO A 528 36.59 -0.38 78.07
C PRO A 528 35.77 -1.42 77.32
N VAL A 529 34.51 -1.12 77.01
CA VAL A 529 33.68 -2.05 76.26
C VAL A 529 34.29 -2.31 74.90
N ALA A 530 34.40 -3.59 74.53
CA ALA A 530 34.97 -3.96 73.24
C ALA A 530 34.02 -3.70 72.07
N ASN A 531 32.72 -3.61 72.33
CA ASN A 531 31.76 -3.29 71.27
C ASN A 531 32.10 -1.99 70.57
N VAL A 532 32.71 -1.05 71.30
CA VAL A 532 33.19 0.18 70.68
C VAL A 532 34.46 -0.07 69.88
N ARG A 533 35.39 -0.84 70.45
CA ARG A 533 36.74 -0.93 69.89
C ARG A 533 36.75 -1.67 68.55
N PHE A 534 36.03 -2.79 68.44
CA PHE A 534 36.03 -3.49 67.16
C PHE A 534 35.24 -2.75 66.10
N ASN A 535 34.28 -1.91 66.51
CA ASN A 535 33.59 -1.08 65.53
C ASN A 535 34.46 0.09 65.10
N VAL A 536 35.37 0.54 65.96
CA VAL A 536 36.35 1.54 65.55
C VAL A 536 37.16 1.03 64.36
N ALA A 537 37.58 -0.23 64.42
CA ALA A 537 38.27 -0.84 63.29
C ALA A 537 37.36 -0.95 62.08
N LYS A 538 36.10 -1.34 62.29
CA LYS A 538 35.14 -1.38 61.19
C LYS A 538 34.96 -0.01 60.57
N SER A 539 34.67 1.00 61.40
CA SER A 539 34.49 2.35 60.90
C SER A 539 35.75 2.86 60.22
N LEU A 540 36.92 2.54 60.79
CA LEU A 540 38.17 3.08 60.27
C LEU A 540 38.45 2.56 58.85
N GLN A 541 38.16 1.28 58.61
CA GLN A 541 38.30 0.77 57.25
C GLN A 541 37.19 1.28 56.34
N LYS A 542 36.05 1.67 56.92
CA LYS A 542 34.95 2.20 56.13
C LYS A 542 35.32 3.56 55.55
N ILE A 543 35.78 4.48 56.41
CA ILE A 543 36.15 5.82 55.98
C ILE A 543 37.58 5.89 55.48
N GLY A 544 38.33 4.79 55.55
CA GLY A 544 39.73 4.75 55.18
C GLY A 544 40.03 5.18 53.75
N PRO A 545 39.46 4.47 52.76
CA PRO A 545 39.74 4.81 51.37
C PRO A 545 39.34 6.23 50.97
N ILE A 546 38.64 6.98 51.82
CA ILE A 546 38.22 8.33 51.47
C ILE A 546 39.37 9.31 51.63
N LEU A 547 40.07 9.23 52.76
CA LEU A 547 41.24 10.01 53.09
C LEU A 547 42.48 9.61 52.29
N ASP A 548 43.40 10.56 52.14
CA ASP A 548 44.61 10.34 51.36
C ASP A 548 45.53 9.34 52.06
N ASN A 549 46.65 9.03 51.41
CA ASN A 549 47.57 8.02 51.95
C ASN A 549 48.34 8.55 53.15
N SER A 550 48.73 9.83 53.13
CA SER A 550 49.56 10.39 54.19
C SER A 550 48.91 10.22 55.54
N THR A 551 47.58 10.36 55.59
CA THR A 551 46.81 10.23 56.82
C THR A 551 46.49 8.78 57.18
N LEU A 552 46.62 7.84 56.23
CA LEU A 552 46.52 6.42 56.58
C LEU A 552 47.77 5.93 57.29
N GLN A 553 48.95 6.27 56.77
CA GLN A 553 50.21 5.89 57.40
C GLN A 553 50.51 6.69 58.66
N SER A 554 49.71 7.72 58.96
CA SER A 554 50.04 8.66 60.04
C SER A 554 49.41 8.25 61.36
N GLU A 555 48.08 8.18 61.41
CA GLU A 555 47.37 8.02 62.67
C GLU A 555 46.46 6.80 62.74
N VAL A 556 46.00 6.27 61.61
CA VAL A 556 45.08 5.15 61.68
C VAL A 556 45.84 3.83 61.76
N LYS A 557 46.95 3.70 61.04
CA LYS A 557 47.74 2.47 61.09
C LYS A 557 48.31 2.18 62.47
N PRO A 558 48.90 3.15 63.19
CA PRO A 558 49.35 2.85 64.56
C PRO A 558 48.24 2.36 65.47
N ILE A 559 47.00 2.81 65.25
CA ILE A 559 45.88 2.32 66.05
C ILE A 559 45.54 0.89 65.68
N LEU A 560 45.41 0.61 64.38
CA LEU A 560 45.05 -0.73 63.94
C LEU A 560 46.06 -1.76 64.43
N GLU A 561 47.35 -1.39 64.41
CA GLU A 561 48.37 -2.26 65.00
C GLU A 561 48.19 -2.38 66.51
N LYS A 562 47.80 -1.28 67.16
CA LYS A 562 47.53 -1.32 68.59
C LYS A 562 46.29 -2.14 68.91
N LEU A 563 45.29 -2.13 68.03
CA LEU A 563 44.05 -2.84 68.29
C LEU A 563 44.17 -4.35 68.09
N THR A 564 45.19 -4.81 67.36
CA THR A 564 45.45 -6.24 67.26
C THR A 564 45.97 -6.84 68.56
N GLN A 565 46.22 -6.00 69.57
CA GLN A 565 46.70 -6.48 70.87
C GLN A 565 45.61 -6.44 71.93
N ASP A 566 44.42 -5.98 71.59
CA ASP A 566 43.28 -6.07 72.49
C ASP A 566 42.89 -7.53 72.69
N GLN A 567 42.97 -8.00 73.94
CA GLN A 567 42.80 -9.42 74.22
C GLN A 567 41.44 -9.94 73.73
N ASP A 568 40.46 -9.04 73.60
CA ASP A 568 39.18 -9.42 73.00
C ASP A 568 39.39 -9.98 71.61
N VAL A 569 39.01 -11.25 71.41
CA VAL A 569 39.29 -11.94 70.16
C VAL A 569 38.53 -11.31 68.99
N ASP A 570 37.44 -10.59 69.26
CA ASP A 570 36.62 -10.03 68.19
C ASP A 570 37.34 -8.86 67.50
N VAL A 571 37.91 -7.94 68.30
CA VAL A 571 38.61 -6.79 67.73
C VAL A 571 39.76 -7.24 66.85
N LYS A 572 40.47 -8.29 67.27
CA LYS A 572 41.68 -8.74 66.60
C LYS A 572 41.39 -9.10 65.16
N TYR A 573 40.37 -9.92 64.93
CA TYR A 573 39.99 -10.27 63.57
C TYR A 573 39.57 -9.02 62.79
N PHE A 574 38.79 -8.14 63.42
CA PHE A 574 38.39 -6.90 62.77
C PHE A 574 39.57 -5.95 62.58
N ALA A 575 40.41 -5.79 63.60
CA ALA A 575 41.59 -4.94 63.43
C ALA A 575 42.48 -5.46 62.32
N GLN A 576 42.87 -6.74 62.38
CA GLN A 576 43.63 -7.36 61.31
C GLN A 576 42.92 -7.23 59.97
N GLU A 577 41.62 -7.54 59.96
CA GLU A 577 40.84 -7.38 58.73
C GLU A 577 40.93 -5.96 58.18
N ALA A 578 40.85 -4.97 59.07
CA ALA A 578 40.75 -3.59 58.62
C ALA A 578 42.03 -3.07 57.97
N LEU A 579 43.16 -3.74 58.15
CA LEU A 579 44.33 -3.32 57.39
C LEU A 579 44.45 -4.07 56.08
N THR A 580 44.29 -5.39 56.11
CA THR A 580 44.35 -6.19 54.90
C THR A 580 43.32 -5.77 53.87
N VAL A 581 42.24 -5.10 54.31
CA VAL A 581 41.23 -4.62 53.37
C VAL A 581 41.80 -3.55 52.47
N LEU A 582 42.65 -2.66 53.00
CA LEU A 582 43.18 -1.54 52.23
C LEU A 582 44.71 -1.43 52.36
N SER A 583 45.42 -2.32 51.66
CA SER A 583 46.82 -2.12 51.29
C SER A 583 47.70 -1.67 52.45
N LEU A 584 47.54 -2.31 53.61
CA LEU A 584 48.41 -2.06 54.77
C LEU A 584 48.78 -3.40 55.41
N ALA A 585 49.82 -4.04 54.87
CA ALA A 585 50.38 -5.26 55.45
C ALA A 585 49.32 -6.33 55.69
N ASP B 4 -8.47 -46.58 42.07
CA ASP B 4 -8.82 -47.96 42.37
C ASP B 4 -7.59 -48.74 42.83
N PHE B 5 -7.41 -48.81 44.15
CA PHE B 5 -6.24 -49.43 44.75
C PHE B 5 -6.61 -50.80 45.34
N SER B 6 -5.59 -51.51 45.80
CA SER B 6 -5.79 -52.84 46.39
C SER B 6 -4.59 -53.17 47.24
N PHE B 7 -4.80 -53.35 48.55
CA PHE B 7 -3.74 -53.75 49.47
C PHE B 7 -4.32 -54.67 50.52
N GLY B 8 -3.67 -55.80 50.76
CA GLY B 8 -4.16 -56.79 51.68
C GLY B 8 -5.51 -57.33 51.26
N PRO B 9 -6.40 -57.55 52.22
CA PRO B 9 -7.76 -58.00 51.88
C PRO B 9 -8.69 -56.83 51.56
N TRP B 10 -8.11 -55.67 51.28
CA TRP B 10 -8.88 -54.46 51.07
C TRP B 10 -8.95 -54.09 49.58
N LYS B 11 -9.99 -53.32 49.24
CA LYS B 11 -10.19 -52.80 47.90
C LYS B 11 -10.49 -51.30 48.05
N LEU B 12 -9.46 -50.48 47.94
CA LEU B 12 -9.59 -49.03 48.10
C LEU B 12 -9.99 -48.46 46.75
N THR B 13 -11.28 -48.22 46.55
CA THR B 13 -11.80 -47.69 45.30
C THR B 13 -11.71 -46.17 45.31
N ALA B 14 -11.22 -45.60 44.22
CA ALA B 14 -11.07 -44.17 44.06
C ALA B 14 -11.97 -43.67 42.94
N SER B 15 -12.78 -42.65 43.23
CA SER B 15 -13.69 -42.07 42.26
C SER B 15 -13.75 -40.56 42.49
N LYS B 16 -13.40 -39.80 41.46
CA LYS B 16 -13.37 -38.34 41.55
C LYS B 16 -13.57 -37.76 40.17
N THR B 17 -14.61 -36.97 40.00
CA THR B 17 -14.97 -36.43 38.70
C THR B 17 -15.55 -35.02 38.90
N HIS B 18 -16.25 -34.52 37.89
CA HIS B 18 -16.76 -33.16 37.89
C HIS B 18 -18.01 -33.05 38.76
N ILE B 19 -18.59 -31.84 38.78
CA ILE B 19 -19.74 -31.51 39.62
C ILE B 19 -21.01 -32.07 39.01
N MET B 20 -22.10 -32.04 39.76
CA MET B 20 -23.39 -32.46 39.24
C MET B 20 -23.96 -31.38 38.31
N LYS B 21 -24.65 -31.83 37.26
CA LYS B 21 -25.24 -30.89 36.31
C LYS B 21 -26.33 -30.06 36.98
N SER B 22 -26.81 -29.05 36.24
CA SER B 22 -27.81 -28.14 36.79
C SER B 22 -29.14 -28.84 37.00
N ALA B 23 -29.56 -29.67 36.05
CA ALA B 23 -30.83 -30.36 36.18
C ALA B 23 -30.79 -31.41 37.29
N ASP B 24 -29.69 -32.17 37.37
CA ASP B 24 -29.54 -33.18 38.41
C ASP B 24 -29.48 -32.56 39.81
N VAL B 25 -29.29 -31.25 39.92
CA VAL B 25 -29.29 -30.60 41.23
C VAL B 25 -30.72 -30.53 41.77
N GLU B 26 -31.62 -29.90 41.01
CA GLU B 26 -32.99 -29.74 41.48
C GLU B 26 -33.68 -31.08 41.68
N LYS B 27 -33.31 -32.09 40.88
CA LYS B 27 -33.89 -33.41 41.04
C LYS B 27 -33.61 -33.97 42.42
N LEU B 28 -32.35 -33.93 42.85
CA LEU B 28 -32.01 -34.41 44.19
C LEU B 28 -32.33 -33.39 45.26
N ALA B 29 -32.26 -32.09 44.93
CA ALA B 29 -32.65 -31.06 45.89
C ALA B 29 -34.06 -31.28 46.41
N ASP B 30 -34.91 -31.93 45.61
CA ASP B 30 -36.23 -32.31 46.06
C ASP B 30 -36.26 -33.71 46.69
N GLU B 31 -35.36 -34.59 46.27
CA GLU B 31 -35.22 -35.89 46.93
C GLU B 31 -34.88 -35.72 48.40
N LEU B 32 -33.97 -34.80 48.71
CA LEU B 32 -33.64 -34.44 50.08
C LEU B 32 -34.51 -33.29 50.60
N HIS B 33 -35.42 -32.78 49.77
CA HIS B 33 -36.25 -31.62 50.14
C HIS B 33 -35.40 -30.45 50.56
N MET B 34 -34.26 -30.27 49.89
CA MET B 34 -33.36 -29.16 50.17
C MET B 34 -33.67 -28.01 49.25
N PRO B 35 -34.02 -26.83 49.77
CA PRO B 35 -34.30 -25.68 48.88
C PRO B 35 -33.14 -25.31 47.97
N SER B 36 -31.92 -25.74 48.29
CA SER B 36 -30.75 -25.47 47.46
C SER B 36 -29.61 -26.38 47.91
N LEU B 37 -28.87 -26.89 46.94
CA LEU B 37 -27.69 -27.71 47.16
C LEU B 37 -26.43 -26.86 47.04
N PRO B 38 -25.26 -27.40 47.41
CA PRO B 38 -24.03 -26.60 47.32
C PRO B 38 -23.79 -26.11 45.91
N GLU B 39 -23.02 -25.02 45.80
CA GLU B 39 -22.73 -24.43 44.50
C GLU B 39 -22.03 -25.44 43.59
N MET B 40 -21.08 -26.18 44.14
CA MET B 40 -20.40 -27.28 43.44
C MET B 40 -20.77 -28.56 44.17
N MET B 41 -21.66 -29.34 43.58
CA MET B 41 -22.09 -30.62 44.14
C MET B 41 -21.35 -31.73 43.41
N PHE B 42 -20.37 -32.33 44.08
CA PHE B 42 -19.60 -33.44 43.52
C PHE B 42 -20.34 -34.74 43.84
N GLY B 43 -21.41 -34.98 43.09
CA GLY B 43 -22.28 -36.11 43.32
C GLY B 43 -21.60 -37.46 43.19
N ASP B 44 -21.13 -37.79 42.00
CA ASP B 44 -20.51 -39.10 41.75
C ASP B 44 -19.10 -39.20 42.34
N ASN B 45 -18.59 -38.17 43.00
CA ASN B 45 -17.29 -38.23 43.66
C ASN B 45 -17.44 -39.02 44.96
N VAL B 46 -16.78 -40.17 45.05
CA VAL B 46 -16.89 -41.04 46.21
C VAL B 46 -15.55 -41.69 46.48
N LEU B 47 -15.24 -41.87 47.77
CA LEU B 47 -14.04 -42.58 48.20
C LEU B 47 -14.48 -43.69 49.16
N ARG B 48 -14.28 -44.94 48.74
CA ARG B 48 -14.77 -46.09 49.48
C ARG B 48 -13.65 -47.09 49.69
N ILE B 49 -13.77 -47.88 50.75
CA ILE B 49 -12.84 -48.96 51.03
C ILE B 49 -13.66 -50.20 51.43
N GLN B 50 -13.50 -51.28 50.69
CA GLN B 50 -14.23 -52.51 50.94
C GLN B 50 -13.30 -53.55 51.54
N HIS B 51 -13.89 -54.58 52.13
CA HIS B 51 -13.16 -55.68 52.71
C HIS B 51 -13.22 -56.90 51.80
N GLY B 52 -12.42 -57.91 52.14
CA GLY B 52 -12.50 -59.18 51.46
C GLY B 52 -13.69 -60.03 51.83
N SER B 53 -14.60 -59.49 52.64
CA SER B 53 -15.78 -60.22 53.10
C SER B 53 -17.09 -59.63 52.59
N GLY B 54 -17.15 -58.33 52.31
CA GLY B 54 -18.35 -57.73 51.75
C GLY B 54 -18.75 -56.41 52.38
N PHE B 55 -18.10 -56.03 53.48
CA PHE B 55 -18.46 -54.81 54.19
C PHE B 55 -17.37 -53.75 54.02
N GLY B 56 -17.77 -52.50 54.20
CA GLY B 56 -16.82 -51.40 54.07
C GLY B 56 -17.46 -50.09 54.50
N ILE B 57 -16.71 -49.01 54.32
CA ILE B 57 -17.20 -47.67 54.61
C ILE B 57 -17.11 -46.84 53.34
N GLU B 58 -18.06 -45.92 53.19
CA GLU B 58 -18.15 -45.06 52.01
C GLU B 58 -18.32 -43.62 52.45
N PHE B 59 -17.60 -42.73 51.78
CA PHE B 59 -17.67 -41.29 52.02
C PHE B 59 -18.17 -40.62 50.74
N ASN B 60 -19.38 -40.08 50.80
CA ASN B 60 -19.93 -39.33 49.67
C ASN B 60 -20.47 -37.99 50.13
N ALA B 61 -21.13 -37.26 49.22
CA ALA B 61 -21.83 -36.04 49.56
C ALA B 61 -23.32 -36.25 49.78
N THR B 62 -23.96 -37.07 48.93
CA THR B 62 -25.40 -37.30 49.05
C THR B 62 -25.79 -37.70 50.48
N ASP B 63 -25.07 -38.66 51.05
CA ASP B 63 -25.36 -39.06 52.43
C ASP B 63 -24.90 -37.99 53.41
N ALA B 64 -23.90 -37.19 53.03
CA ALA B 64 -23.45 -36.10 53.90
C ALA B 64 -24.50 -35.00 53.98
N LEU B 65 -25.19 -34.73 52.86
CA LEU B 65 -26.23 -33.70 52.87
C LEU B 65 -27.51 -34.17 53.54
N ARG B 66 -27.70 -35.48 53.75
CA ARG B 66 -28.83 -35.94 54.52
C ARG B 66 -28.72 -35.50 55.97
N CYS B 67 -27.52 -35.54 56.54
CA CYS B 67 -27.30 -35.18 57.93
C CYS B 67 -27.51 -33.70 58.20
N VAL B 68 -27.65 -32.87 57.17
CA VAL B 68 -27.98 -31.47 57.38
C VAL B 68 -29.36 -31.37 58.02
N ASN B 69 -29.43 -30.61 59.11
CA ASN B 69 -30.69 -30.48 59.84
C ASN B 69 -31.44 -29.23 59.36
N ASN B 70 -32.58 -28.96 60.00
CA ASN B 70 -33.43 -27.83 59.64
C ASN B 70 -32.68 -26.50 59.73
N ASP B 101 -31.13 -24.53 56.29
CA ASP B 101 -29.79 -24.06 56.57
C ASP B 101 -29.11 -23.61 55.27
N TRP B 102 -28.20 -22.64 55.38
CA TRP B 102 -27.50 -22.09 54.23
C TRP B 102 -25.99 -22.24 54.35
N THR B 103 -25.49 -23.00 55.34
CA THR B 103 -24.06 -23.25 55.49
C THR B 103 -23.67 -24.69 55.20
N TYR B 104 -24.65 -25.60 55.07
CA TYR B 104 -24.40 -27.00 54.75
C TYR B 104 -23.57 -27.70 55.84
N THR B 105 -23.79 -27.29 57.09
CA THR B 105 -23.10 -27.94 58.21
C THR B 105 -23.64 -29.35 58.40
N THR B 106 -22.74 -30.33 58.41
CA THR B 106 -23.13 -31.73 58.48
C THR B 106 -22.21 -32.49 59.42
N ASP B 107 -22.80 -33.37 60.24
CA ASP B 107 -22.06 -34.25 61.12
C ASP B 107 -21.75 -35.60 60.48
N TYR B 108 -21.71 -35.64 59.16
CA TYR B 108 -21.51 -36.91 58.45
C TYR B 108 -20.13 -37.47 58.76
N LYS B 109 -20.06 -38.79 58.93
CA LYS B 109 -18.83 -39.47 59.30
C LYS B 109 -18.71 -40.79 58.56
N GLY B 110 -19.16 -40.81 57.31
CA GLY B 110 -19.17 -42.04 56.54
C GLY B 110 -20.54 -42.69 56.57
N THR B 111 -20.79 -43.47 55.53
CA THR B 111 -22.02 -44.26 55.43
C THR B 111 -21.62 -45.74 55.41
N LEU B 112 -21.92 -46.40 56.52
CA LEU B 112 -21.77 -47.84 56.65
C LEU B 112 -22.33 -48.54 55.42
N LEU B 113 -21.49 -49.29 54.74
CA LEU B 113 -21.91 -50.04 53.56
C LEU B 113 -21.56 -51.50 53.78
N GLY B 114 -22.52 -52.38 53.50
CA GLY B 114 -22.31 -53.80 53.65
C GLY B 114 -23.17 -54.59 52.67
N GLU B 115 -23.22 -55.90 52.87
CA GLU B 115 -24.05 -56.80 52.09
C GLU B 115 -24.85 -57.69 53.02
N SER B 116 -25.62 -57.05 53.91
CA SER B 116 -26.37 -57.65 55.01
C SER B 116 -25.47 -58.15 56.13
N LEU B 117 -24.14 -58.05 55.98
CA LEU B 117 -23.22 -58.41 57.04
C LEU B 117 -22.17 -57.31 57.07
N LYS B 118 -22.15 -56.53 58.14
CA LYS B 118 -21.38 -55.30 58.16
C LYS B 118 -20.72 -55.11 59.53
N LEU B 119 -19.93 -54.05 59.62
CA LEU B 119 -19.27 -53.64 60.84
C LEU B 119 -20.22 -52.88 61.75
N LYS B 120 -19.98 -53.00 63.06
CA LYS B 120 -20.84 -52.39 64.07
C LYS B 120 -20.18 -51.13 64.64
N VAL B 121 -21.02 -50.29 65.26
CA VAL B 121 -20.59 -49.05 65.88
C VAL B 121 -20.76 -49.18 67.39
N VAL B 122 -19.78 -48.68 68.13
CA VAL B 122 -19.81 -48.75 69.59
C VAL B 122 -18.96 -47.62 70.19
N PRO B 123 -19.45 -46.91 71.20
CA PRO B 123 -18.61 -45.92 71.88
C PRO B 123 -17.45 -46.62 72.59
N THR B 124 -16.32 -45.92 72.69
CA THR B 124 -15.10 -46.51 73.22
C THR B 124 -14.33 -45.51 74.05
N THR B 125 -13.41 -46.04 74.85
CA THR B 125 -12.44 -45.26 75.61
C THR B 125 -11.10 -45.15 74.90
N ASP B 126 -10.64 -46.25 74.30
CA ASP B 126 -9.40 -46.23 73.52
C ASP B 126 -9.65 -45.53 72.20
N HIS B 127 -8.76 -44.61 71.84
CA HIS B 127 -8.91 -43.81 70.62
C HIS B 127 -7.57 -43.77 69.90
N ILE B 128 -7.48 -42.90 68.88
CA ILE B 128 -6.31 -42.89 68.02
C ILE B 128 -5.07 -42.45 68.81
N ASP B 129 -3.91 -42.90 68.35
CA ASP B 129 -2.62 -42.56 68.92
C ASP B 129 -1.82 -41.74 67.91
N THR B 130 -1.57 -40.47 68.24
CA THR B 130 -0.98 -39.56 67.27
C THR B 130 0.50 -39.87 67.02
N GLU B 131 1.22 -40.29 68.07
CA GLU B 131 2.66 -40.53 67.92
C GLU B 131 2.98 -41.61 66.91
N LYS B 132 2.01 -42.43 66.54
CA LYS B 132 2.24 -43.48 65.54
C LYS B 132 2.28 -42.90 64.13
N LEU B 133 1.23 -42.19 63.73
CA LEU B 133 1.13 -41.70 62.36
C LEU B 133 2.29 -40.77 62.02
N LYS B 134 2.73 -39.95 62.98
CA LYS B 134 3.81 -39.01 62.73
C LYS B 134 5.06 -39.70 62.23
N ALA B 135 5.25 -40.96 62.61
CA ALA B 135 6.41 -41.72 62.15
C ALA B 135 6.40 -41.83 60.63
N ARG B 136 7.55 -41.53 60.03
CA ARG B 136 7.68 -41.59 58.58
C ARG B 136 7.83 -43.04 58.14
N GLU B 137 6.90 -43.51 57.32
CA GLU B 137 6.95 -44.85 56.76
C GLU B 137 6.65 -44.76 55.27
N GLN B 138 6.89 -45.88 54.57
CA GLN B 138 6.63 -45.99 53.15
C GLN B 138 5.20 -45.57 52.82
N ILE B 139 5.04 -44.43 52.16
CA ILE B 139 3.71 -43.94 51.80
C ILE B 139 3.22 -44.74 50.60
N LYS B 140 2.19 -45.56 50.80
CA LYS B 140 1.75 -46.49 49.77
C LYS B 140 0.91 -45.81 48.71
N PHE B 141 -0.15 -45.12 49.12
CA PHE B 141 -1.09 -44.53 48.18
C PHE B 141 -1.83 -43.40 48.86
N PHE B 142 -2.32 -42.45 48.07
CA PHE B 142 -2.99 -41.27 48.59
C PHE B 142 -3.74 -40.59 47.46
N GLU B 143 -5.01 -40.26 47.69
CA GLU B 143 -5.80 -39.46 46.75
C GLU B 143 -6.77 -38.61 47.54
N GLU B 144 -6.71 -37.30 47.34
CA GLU B 144 -7.68 -36.38 47.93
C GLU B 144 -8.94 -36.36 47.09
N VAL B 145 -10.09 -36.51 47.74
CA VAL B 145 -11.38 -36.59 47.05
C VAL B 145 -12.29 -35.52 47.63
N LEU B 146 -12.71 -34.58 46.78
CA LEU B 146 -13.62 -33.52 47.21
C LEU B 146 -15.06 -34.00 47.12
N LEU B 147 -15.87 -33.57 48.08
CA LEU B 147 -17.29 -33.95 48.14
C LEU B 147 -18.23 -32.82 47.75
N PHE B 148 -17.99 -31.60 48.21
CA PHE B 148 -18.67 -30.43 47.68
C PHE B 148 -17.92 -29.18 48.15
N GLU B 149 -18.29 -28.05 47.57
CA GLU B 149 -17.76 -26.75 47.96
C GLU B 149 -18.76 -25.69 47.55
N ASP B 150 -18.88 -24.64 48.37
CA ASP B 150 -19.87 -23.60 48.15
C ASP B 150 -19.29 -22.25 48.58
N GLU B 151 -19.39 -21.25 47.70
CA GLU B 151 -18.81 -19.94 47.94
C GLU B 151 -19.65 -19.08 48.88
N LEU B 152 -20.87 -19.51 49.22
CA LEU B 152 -21.68 -18.88 50.27
C LEU B 152 -21.99 -17.41 49.94
N HIS B 153 -22.50 -17.18 48.73
CA HIS B 153 -22.87 -15.83 48.28
C HIS B 153 -21.76 -14.82 48.53
N ASP B 154 -20.51 -15.30 48.47
CA ASP B 154 -19.32 -14.52 48.77
C ASP B 154 -19.26 -14.05 50.22
N HIS B 155 -20.04 -14.68 51.09
CA HIS B 155 -19.99 -14.41 52.52
C HIS B 155 -19.11 -15.40 53.28
N GLY B 156 -18.58 -16.41 52.59
CA GLY B 156 -17.69 -17.38 53.22
C GLY B 156 -17.32 -18.55 52.35
N VAL B 157 -17.05 -19.69 52.96
CA VAL B 157 -16.75 -20.92 52.21
C VAL B 157 -17.17 -22.11 53.04
N SER B 158 -17.76 -23.10 52.38
CA SER B 158 -18.21 -24.34 53.03
C SER B 158 -17.76 -25.49 52.13
N SER B 159 -16.63 -26.10 52.47
CA SER B 159 -16.04 -27.16 51.68
C SER B 159 -16.05 -28.45 52.48
N LEU B 160 -16.55 -29.52 51.87
CA LEU B 160 -16.53 -30.85 52.48
C LEU B 160 -15.61 -31.70 51.62
N SER B 161 -14.46 -32.09 52.18
CA SER B 161 -13.47 -32.89 51.47
C SER B 161 -13.11 -34.10 52.32
N VAL B 162 -12.34 -35.00 51.72
CA VAL B 162 -11.87 -36.19 52.42
C VAL B 162 -10.64 -36.73 51.70
N LYS B 163 -9.60 -37.07 52.47
CA LYS B 163 -8.38 -37.62 51.94
C LYS B 163 -7.93 -38.80 52.79
N ILE B 164 -7.10 -39.66 52.19
CA ILE B 164 -6.71 -40.92 52.83
C ILE B 164 -5.35 -41.35 52.30
N ARG B 165 -4.47 -41.75 53.20
CA ARG B 165 -3.18 -42.33 52.83
C ARG B 165 -3.15 -43.79 53.29
N VAL B 166 -2.09 -44.49 52.90
CA VAL B 166 -1.90 -45.90 53.25
C VAL B 166 -0.44 -46.10 53.65
N MET B 167 -0.22 -46.91 54.67
CA MET B 167 1.11 -47.27 55.16
C MET B 167 1.34 -48.76 54.93
N PRO B 168 2.56 -49.27 55.09
CA PRO B 168 2.76 -50.71 54.91
C PRO B 168 2.00 -51.55 55.92
N SER B 169 1.85 -51.06 57.15
CA SER B 169 1.21 -51.82 58.22
C SER B 169 -0.01 -51.09 58.81
N SER B 170 -0.62 -50.20 58.04
CA SER B 170 -1.82 -49.48 58.48
C SER B 170 -2.31 -48.61 57.32
N PHE B 171 -3.53 -48.12 57.46
CA PHE B 171 -4.08 -47.10 56.58
C PHE B 171 -4.80 -46.08 57.43
N PHE B 172 -4.81 -44.84 56.96
CA PHE B 172 -5.36 -43.73 57.73
C PHE B 172 -6.13 -42.77 56.81
N LEU B 173 -7.25 -42.27 57.33
CA LEU B 173 -8.12 -41.38 56.56
C LEU B 173 -8.56 -40.23 57.46
N LEU B 174 -8.96 -39.13 56.81
CA LEU B 174 -9.45 -37.95 57.52
C LEU B 174 -10.51 -37.27 56.67
N LEU B 175 -11.72 -37.14 57.22
CA LEU B 175 -12.83 -36.46 56.55
C LEU B 175 -13.11 -35.18 57.31
N ARG B 176 -13.08 -34.05 56.62
CA ARG B 176 -13.12 -32.75 57.28
C ARG B 176 -14.07 -31.82 56.53
N PHE B 177 -15.08 -31.32 57.23
CA PHE B 177 -15.96 -30.27 56.73
C PHE B 177 -15.46 -28.94 57.25
N PHE B 178 -15.02 -28.08 56.34
CA PHE B 178 -14.55 -26.74 56.71
C PHE B 178 -15.66 -25.73 56.54
N LEU B 179 -15.61 -24.68 57.37
CA LEU B 179 -16.61 -23.63 57.33
C LEU B 179 -15.98 -22.33 57.79
N ARG B 180 -16.11 -21.28 56.98
CA ARG B 180 -15.61 -19.95 57.32
C ARG B 180 -16.69 -18.96 56.91
N ILE B 181 -17.44 -18.45 57.89
CA ILE B 181 -18.40 -17.38 57.63
C ILE B 181 -17.64 -16.08 57.82
N ASP B 182 -17.20 -15.50 56.70
CA ASP B 182 -16.39 -14.28 56.70
C ASP B 182 -17.01 -13.20 57.57
N GLY B 183 -16.35 -12.89 58.68
CA GLY B 183 -16.81 -11.85 59.59
C GLY B 183 -17.67 -12.33 60.73
N VAL B 184 -17.93 -13.64 60.85
CA VAL B 184 -18.81 -14.15 61.90
C VAL B 184 -18.11 -15.23 62.71
N LEU B 185 -17.85 -16.38 62.09
CA LEU B 185 -17.32 -17.52 62.83
C LEU B 185 -16.68 -18.51 61.86
N ILE B 186 -16.10 -19.57 62.43
CA ILE B 186 -15.47 -20.65 61.69
C ILE B 186 -15.85 -21.96 62.38
N ARG B 187 -15.99 -23.02 61.59
CA ARG B 187 -16.33 -24.33 62.15
C ARG B 187 -15.62 -25.42 61.36
N MET B 188 -15.03 -26.38 62.07
CA MET B 188 -14.35 -27.52 61.47
C MET B 188 -14.85 -28.80 62.12
N ASN B 189 -15.46 -29.67 61.32
CA ASN B 189 -15.96 -30.96 61.78
C ASN B 189 -15.06 -32.06 61.21
N ASP B 190 -13.95 -32.31 61.90
CA ASP B 190 -13.01 -33.33 61.47
C ASP B 190 -13.52 -34.72 61.85
N THR B 191 -13.16 -35.71 61.04
CA THR B 191 -13.52 -37.10 61.31
C THR B 191 -12.43 -37.98 60.73
N ARG B 192 -11.65 -38.63 61.60
CA ARG B 192 -10.53 -39.45 61.18
C ARG B 192 -10.87 -40.93 61.29
N LEU B 193 -10.16 -41.73 60.50
CA LEU B 193 -10.37 -43.18 60.48
C LEU B 193 -9.01 -43.86 60.47
N TYR B 194 -8.76 -44.71 61.48
CA TYR B 194 -7.48 -45.38 61.63
C TYR B 194 -7.71 -46.87 61.74
N HIS B 195 -6.86 -47.65 61.08
CA HIS B 195 -6.89 -49.11 61.15
C HIS B 195 -5.45 -49.62 61.12
N GLU B 196 -4.97 -50.09 62.26
CA GLU B 196 -3.72 -50.82 62.27
C GLU B 196 -3.92 -52.13 61.52
N ALA B 197 -3.06 -52.42 60.55
CA ALA B 197 -3.25 -53.58 59.69
C ALA B 197 -3.33 -54.86 60.51
N ASP B 198 -4.33 -55.69 60.20
CA ASP B 198 -4.52 -56.98 60.86
C ASP B 198 -4.80 -56.78 62.36
N LYS B 199 -5.90 -56.06 62.66
CA LYS B 199 -6.21 -55.69 64.03
C LYS B 199 -7.71 -55.74 64.29
N THR B 200 -8.44 -56.59 63.57
CA THR B 200 -9.85 -56.92 63.84
C THR B 200 -10.77 -55.73 64.12
N TYR B 201 -10.30 -54.51 63.96
CA TYR B 201 -11.12 -53.32 64.19
C TYR B 201 -10.41 -52.10 63.63
N MET B 202 -11.21 -51.05 63.38
CA MET B 202 -10.70 -49.75 62.97
C MET B 202 -11.39 -48.66 63.78
N LEU B 203 -10.67 -47.57 64.02
CA LEU B 203 -11.13 -46.50 64.88
C LEU B 203 -11.67 -45.31 64.07
N ARG B 204 -12.46 -44.48 64.74
CA ARG B 204 -13.06 -43.31 64.12
C ARG B 204 -13.28 -42.26 65.21
N GLU B 205 -12.72 -41.07 65.01
CA GLU B 205 -12.85 -39.98 65.98
C GLU B 205 -13.38 -38.75 65.27
N TYR B 206 -14.49 -38.21 65.76
CA TYR B 206 -15.16 -37.06 65.17
C TYR B 206 -14.92 -35.84 66.07
N THR B 207 -14.16 -34.88 65.56
CA THR B 207 -13.90 -33.62 66.26
C THR B 207 -14.61 -32.49 65.54
N SER B 208 -15.35 -31.68 66.30
CA SER B 208 -16.09 -30.55 65.75
C SER B 208 -15.82 -29.34 66.63
N ARG B 209 -15.03 -28.39 66.12
CA ARG B 209 -14.66 -27.19 66.86
C ARG B 209 -15.06 -25.95 66.07
N GLU B 210 -15.54 -24.94 66.79
CA GLU B 210 -15.95 -23.69 66.17
C GLU B 210 -15.66 -22.54 67.13
N SER B 211 -15.65 -21.33 66.58
CA SER B 211 -15.46 -20.13 67.39
C SER B 211 -15.80 -18.91 66.55
N LYS B 212 -16.54 -17.98 67.16
CA LYS B 212 -16.76 -16.68 66.52
C LYS B 212 -15.46 -15.89 66.52
N ILE B 213 -15.12 -15.30 65.37
CA ILE B 213 -13.85 -14.60 65.23
C ILE B 213 -13.73 -13.48 66.25
N ALA B 214 -14.86 -12.93 66.70
CA ALA B 214 -14.84 -11.87 67.69
C ALA B 214 -14.19 -12.32 69.01
N ASN B 215 -14.08 -13.63 69.23
CA ASN B 215 -13.45 -14.15 70.43
C ASN B 215 -11.98 -14.51 70.24
N LEU B 216 -11.54 -14.71 69.00
CA LEU B 216 -10.14 -15.00 68.68
C LEU B 216 -9.47 -13.84 67.95
N MET B 217 -9.71 -12.62 68.45
CA MET B 217 -9.14 -11.42 67.82
C MET B 217 -7.62 -11.51 67.66
N HIS B 218 -6.94 -12.20 68.58
CA HIS B 218 -5.48 -12.25 68.59
C HIS B 218 -4.89 -13.10 67.47
N VAL B 219 -5.71 -13.70 66.63
CA VAL B 219 -5.25 -14.59 65.56
C VAL B 219 -5.21 -13.80 64.26
N PRO B 220 -4.11 -13.85 63.50
CA PRO B 220 -4.04 -13.12 62.24
C PRO B 220 -4.99 -13.74 61.21
N PRO B 221 -5.76 -12.92 60.50
CA PRO B 221 -6.75 -13.46 59.55
C PRO B 221 -6.14 -14.19 58.37
N SER B 222 -4.82 -14.11 58.17
CA SER B 222 -4.17 -14.84 57.10
C SER B 222 -4.30 -16.36 57.27
N LEU B 223 -4.69 -16.83 58.45
CA LEU B 223 -4.87 -18.24 58.71
C LEU B 223 -6.33 -18.68 58.60
N PHE B 224 -7.25 -17.75 58.38
CA PHE B 224 -8.66 -18.10 58.20
C PHE B 224 -8.93 -18.87 56.92
N THR B 225 -7.92 -19.10 56.09
CA THR B 225 -8.07 -19.81 54.83
C THR B 225 -7.46 -21.21 54.85
N GLU B 226 -6.28 -21.37 55.45
CA GLU B 226 -5.63 -22.67 55.54
C GLU B 226 -6.11 -23.39 56.80
N PRO B 227 -6.92 -24.44 56.69
CA PRO B 227 -7.50 -25.05 57.89
C PRO B 227 -6.47 -25.77 58.74
N ASN B 228 -5.54 -26.49 58.12
CA ASN B 228 -4.55 -27.28 58.87
C ASN B 228 -3.77 -26.44 59.87
N GLU B 229 -3.71 -25.13 59.66
CA GLU B 229 -2.95 -24.24 60.54
C GLU B 229 -3.82 -23.54 61.58
N ILE B 230 -5.12 -23.41 61.35
CA ILE B 230 -5.99 -22.70 62.27
C ILE B 230 -6.76 -23.64 63.20
N SER B 231 -6.83 -24.94 62.88
CA SER B 231 -7.56 -25.89 63.72
C SER B 231 -7.07 -25.86 65.16
N GLN B 232 -5.78 -25.60 65.37
CA GLN B 232 -5.22 -25.57 66.71
C GLN B 232 -5.85 -24.47 67.55
N TYR B 233 -6.32 -23.39 66.92
CA TYR B 233 -6.83 -22.23 67.63
C TYR B 233 -8.35 -22.21 67.72
N LEU B 234 -9.01 -23.34 67.45
CA LEU B 234 -10.46 -23.45 67.59
C LEU B 234 -10.81 -24.35 68.77
N PRO B 235 -11.65 -23.89 69.68
CA PRO B 235 -11.96 -24.71 70.86
C PRO B 235 -12.90 -25.86 70.52
N ILE B 236 -12.57 -27.04 71.08
CA ILE B 236 -13.40 -28.22 70.87
C ILE B 236 -14.82 -27.94 71.33
N LYS B 237 -15.79 -28.32 70.49
CA LYS B 237 -17.20 -28.28 70.88
C LYS B 237 -17.81 -29.65 71.07
N GLU B 238 -17.38 -30.65 70.29
CA GLU B 238 -17.87 -32.01 70.41
C GLU B 238 -16.75 -32.98 70.08
N ALA B 239 -16.53 -33.97 70.95
CA ALA B 239 -15.50 -34.97 70.76
C ALA B 239 -16.10 -36.35 70.93
N VAL B 240 -15.83 -37.24 69.98
CA VAL B 240 -16.39 -38.59 69.96
C VAL B 240 -15.37 -39.54 69.36
N CYS B 241 -15.18 -40.70 69.99
CA CYS B 241 -14.26 -41.73 69.52
C CYS B 241 -14.98 -43.07 69.52
N GLU B 242 -15.34 -43.54 68.33
CA GLU B 242 -16.06 -44.80 68.15
C GLU B 242 -15.17 -45.80 67.42
N LYS B 243 -15.15 -47.03 67.92
CA LYS B 243 -14.40 -48.12 67.30
C LYS B 243 -15.34 -48.92 66.41
N LEU B 244 -14.95 -49.12 65.15
CA LEU B 244 -15.73 -49.91 64.21
C LEU B 244 -15.19 -51.33 64.20
N VAL B 245 -16.05 -52.29 64.52
CA VAL B 245 -15.65 -53.66 64.83
C VAL B 245 -15.87 -54.56 63.63
N PHE B 246 -15.09 -55.64 63.56
CA PHE B 246 -15.16 -56.57 62.45
C PHE B 246 -15.94 -57.81 62.85
N PRO B 247 -16.96 -58.19 62.09
CA PRO B 247 -17.67 -59.45 62.36
C PRO B 247 -16.92 -60.66 61.82
N GLU B 248 -17.53 -61.84 61.92
CA GLU B 248 -16.90 -63.06 61.45
C GLU B 248 -17.93 -63.95 60.77
N ARG B 249 -17.42 -64.89 59.97
CA ARG B 249 -18.26 -65.84 59.23
C ARG B 249 -17.42 -66.94 58.61
N LYS C 6 42.71 -22.17 58.24
CA LYS C 6 41.49 -22.50 58.99
C LYS C 6 40.67 -21.25 59.22
N VAL C 7 40.18 -20.66 58.13
CA VAL C 7 39.38 -19.45 58.19
C VAL C 7 37.88 -19.78 58.22
N PHE C 8 37.52 -20.99 58.67
CA PHE C 8 36.16 -21.53 58.56
C PHE C 8 35.06 -20.51 58.92
N THR C 9 35.44 -19.39 59.54
CA THR C 9 34.53 -18.27 59.70
C THR C 9 34.04 -17.73 58.36
N LYS C 10 34.68 -18.10 57.24
CA LYS C 10 34.18 -17.67 55.93
C LYS C 10 32.72 -18.06 55.77
N GLU C 11 32.40 -19.34 56.01
CA GLU C 11 31.03 -19.81 55.84
C GLU C 11 30.17 -19.55 57.06
N LEU C 12 30.76 -19.36 58.23
CA LEU C 12 29.97 -19.07 59.42
C LEU C 12 29.19 -17.78 59.22
N ASP C 13 29.86 -16.73 58.76
CA ASP C 13 29.16 -15.48 58.44
C ASP C 13 28.14 -15.69 57.34
N GLN C 14 28.44 -16.58 56.38
CA GLN C 14 27.51 -16.85 55.29
C GLN C 14 26.22 -17.47 55.80
N TRP C 15 26.32 -18.41 56.75
CA TRP C 15 25.13 -19.05 57.29
C TRP C 15 24.20 -18.04 57.93
N ILE C 16 24.76 -17.08 58.67
CA ILE C 16 23.94 -16.08 59.36
C ILE C 16 23.16 -15.24 58.35
N GLU C 17 23.82 -14.82 57.26
CA GLU C 17 23.13 -14.08 56.22
C GLU C 17 21.99 -14.90 55.62
N GLN C 18 22.17 -16.22 55.54
CA GLN C 18 21.09 -17.09 55.08
C GLN C 18 20.01 -17.23 56.14
N LEU C 19 20.41 -17.31 57.41
CA LEU C 19 19.43 -17.39 58.49
C LEU C 19 18.68 -16.08 58.69
N ASN C 20 19.34 -14.94 58.48
CA ASN C 20 18.63 -13.67 58.56
C ASN C 20 17.55 -13.55 57.48
N GLU C 21 17.69 -14.29 56.38
CA GLU C 21 16.66 -14.38 55.37
C GLU C 21 15.63 -15.46 55.67
N CYS C 22 15.75 -16.12 56.83
CA CYS C 22 14.80 -17.15 57.27
C CYS C 22 14.76 -18.33 56.31
N LYS C 23 15.95 -18.89 56.04
CA LYS C 23 16.10 -20.07 55.22
C LYS C 23 16.95 -21.09 55.96
N GLN C 24 16.55 -22.36 55.87
CA GLN C 24 17.10 -23.40 56.74
C GLN C 24 18.59 -23.60 56.52
N LEU C 25 19.21 -24.26 57.50
CA LEU C 25 20.57 -24.78 57.39
C LEU C 25 20.47 -26.29 57.24
N SER C 26 21.03 -26.81 56.16
CA SER C 26 20.85 -28.22 55.83
C SER C 26 21.48 -29.13 56.90
N GLU C 27 21.10 -30.40 56.84
CA GLU C 27 21.60 -31.40 57.79
C GLU C 27 23.12 -31.42 57.82
N SER C 28 23.76 -31.56 56.65
CA SER C 28 25.21 -31.56 56.58
C SER C 28 25.81 -30.31 57.18
N GLN C 29 25.04 -29.21 57.22
CA GLN C 29 25.54 -27.96 57.76
C GLN C 29 25.37 -27.91 59.28
N VAL C 30 24.19 -28.29 59.78
CA VAL C 30 23.94 -28.28 61.21
C VAL C 30 24.85 -29.27 61.93
N LYS C 31 25.15 -30.40 61.29
CA LYS C 31 26.05 -31.38 61.89
C LYS C 31 27.39 -30.74 62.26
N SER C 32 27.93 -29.90 61.38
CA SER C 32 29.21 -29.25 61.66
C SER C 32 29.04 -28.09 62.63
N LEU C 33 27.92 -27.37 62.55
CA LEU C 33 27.69 -26.22 63.43
C LEU C 33 27.61 -26.65 64.89
N CYS C 34 26.66 -27.54 65.20
CA CYS C 34 26.49 -28.00 66.57
C CYS C 34 27.76 -28.62 67.13
N GLU C 35 28.62 -29.14 66.26
CA GLU C 35 29.91 -29.67 66.72
C GLU C 35 30.77 -28.56 67.30
N LYS C 36 30.89 -27.44 66.59
CA LYS C 36 31.66 -26.31 67.11
C LYS C 36 31.01 -25.75 68.37
N ALA C 37 29.68 -25.52 68.32
CA ALA C 37 28.97 -25.00 69.47
C ALA C 37 29.24 -25.82 70.72
N LYS C 38 29.36 -27.14 70.56
CA LYS C 38 29.77 -28.00 71.68
C LYS C 38 31.08 -27.52 72.27
N GLU C 39 32.11 -27.39 71.44
CA GLU C 39 33.44 -27.00 71.93
C GLU C 39 33.43 -25.63 72.58
N ILE C 40 32.54 -24.74 72.14
CA ILE C 40 32.43 -23.43 72.77
C ILE C 40 31.67 -23.52 74.09
N LEU C 41 30.60 -24.31 74.13
CA LEU C 41 29.78 -24.41 75.34
C LEU C 41 30.38 -25.35 76.37
N THR C 42 31.20 -26.31 75.92
CA THR C 42 31.79 -27.28 76.85
C THR C 42 32.64 -26.61 77.91
N LYS C 43 33.18 -25.43 77.62
CA LYS C 43 34.07 -24.74 78.54
C LYS C 43 33.35 -23.77 79.47
N GLU C 44 32.10 -23.43 79.20
CA GLU C 44 31.38 -22.48 80.03
C GLU C 44 30.87 -23.16 81.29
N SER C 45 31.21 -22.59 82.45
CA SER C 45 30.75 -23.12 83.72
C SER C 45 29.22 -23.06 83.81
N ASN C 46 28.67 -23.86 84.72
CA ASN C 46 27.22 -23.87 84.91
C ASN C 46 26.67 -22.49 85.21
N VAL C 47 27.46 -21.65 85.87
CA VAL C 47 27.13 -20.25 86.12
C VAL C 47 28.08 -19.43 85.27
N GLN C 48 27.62 -19.02 84.08
CA GLN C 48 28.46 -18.29 83.14
C GLN C 48 28.47 -16.81 83.48
N GLU C 49 29.65 -16.28 83.79
CA GLU C 49 29.78 -14.87 84.10
C GLU C 49 29.91 -14.07 82.82
N VAL C 50 29.11 -13.02 82.67
CA VAL C 50 29.15 -12.16 81.50
C VAL C 50 29.39 -10.73 81.98
N ARG C 51 30.00 -9.93 81.11
CA ARG C 51 30.47 -8.61 81.51
C ARG C 51 29.33 -7.61 81.60
N CYS C 52 29.64 -6.45 82.16
CA CYS C 52 28.67 -5.44 82.56
C CYS C 52 27.72 -5.07 81.44
N PRO C 53 28.21 -4.56 80.27
CA PRO C 53 27.27 -4.06 79.26
C PRO C 53 26.70 -5.16 78.39
N VAL C 54 25.45 -5.57 78.63
CA VAL C 54 24.76 -6.57 77.83
C VAL C 54 23.30 -6.17 77.66
N THR C 55 22.63 -6.87 76.76
CA THR C 55 21.17 -6.81 76.61
C THR C 55 20.64 -8.23 76.79
N VAL C 56 19.75 -8.40 77.76
CA VAL C 56 19.27 -9.72 78.15
C VAL C 56 17.83 -9.88 77.66
N CYS C 57 17.57 -11.00 76.97
CA CYS C 57 16.24 -11.32 76.47
C CYS C 57 15.85 -12.71 76.96
N GLY C 58 14.55 -12.94 77.07
CA GLY C 58 14.06 -14.20 77.59
C GLY C 58 13.63 -15.19 76.54
N ASP C 59 12.39 -15.68 76.66
CA ASP C 59 11.85 -16.64 75.71
C ASP C 59 11.69 -16.02 74.33
N VAL C 60 11.89 -16.84 73.31
CA VAL C 60 11.63 -16.47 71.92
C VAL C 60 10.63 -17.43 71.27
N HIS C 61 10.82 -18.74 71.48
CA HIS C 61 9.88 -19.77 71.03
C HIS C 61 9.65 -19.72 69.52
N GLY C 62 10.74 -19.88 68.78
CA GLY C 62 10.68 -20.01 67.34
C GLY C 62 9.97 -18.87 66.61
N GLN C 63 9.78 -17.75 67.29
CA GLN C 63 9.17 -16.57 66.69
C GLN C 63 10.26 -15.73 66.02
N PHE C 64 10.82 -16.31 64.95
CA PHE C 64 11.95 -15.69 64.26
C PHE C 64 11.64 -14.27 63.83
N HIS C 65 10.52 -14.08 63.10
CA HIS C 65 10.17 -12.74 62.64
C HIS C 65 10.06 -11.76 63.79
N ASP C 66 9.71 -12.25 64.99
CA ASP C 66 9.70 -11.40 66.17
C ASP C 66 11.09 -11.28 66.80
N LEU C 67 11.98 -12.23 66.54
CA LEU C 67 13.37 -12.08 66.98
C LEU C 67 14.08 -10.99 66.18
N MET C 68 13.79 -10.91 64.87
CA MET C 68 14.38 -9.85 64.07
C MET C 68 13.85 -8.48 64.46
N GLU C 69 12.54 -8.40 64.72
CA GLU C 69 11.97 -7.18 65.30
C GLU C 69 12.66 -6.86 66.62
N LEU C 70 12.99 -7.88 67.40
CA LEU C 70 13.72 -7.68 68.64
C LEU C 70 15.10 -7.09 68.39
N PHE C 71 15.76 -7.51 67.31
CA PHE C 71 17.08 -6.97 66.99
C PHE C 71 17.01 -5.49 66.66
N ARG C 72 16.00 -5.08 65.90
CA ARG C 72 15.84 -3.67 65.58
C ARG C 72 15.47 -2.83 66.81
N ILE C 73 15.25 -3.45 67.97
CA ILE C 73 14.95 -2.72 69.19
C ILE C 73 16.24 -2.51 69.97
N GLY C 74 16.92 -3.61 70.30
CA GLY C 74 18.12 -3.54 71.11
C GLY C 74 19.40 -3.36 70.32
N GLY C 75 19.37 -3.75 69.05
CA GLY C 75 20.54 -3.63 68.17
C GLY C 75 20.92 -4.97 67.57
N LYS C 76 21.51 -4.91 66.38
CA LYS C 76 21.98 -6.12 65.72
C LYS C 76 23.23 -6.64 66.40
N SER C 77 23.55 -7.89 66.13
CA SER C 77 24.76 -8.51 66.66
C SER C 77 25.84 -8.53 65.59
N PRO C 78 27.13 -8.47 65.97
CA PRO C 78 27.69 -8.45 67.32
C PRO C 78 27.73 -7.06 67.95
N ASP C 79 27.05 -6.08 67.35
CA ASP C 79 27.08 -4.72 67.87
C ASP C 79 26.56 -4.64 69.30
N THR C 80 25.59 -5.48 69.65
CA THR C 80 24.97 -5.47 70.97
C THR C 80 25.31 -6.75 71.70
N ASN C 81 25.93 -6.62 72.87
CA ASN C 81 26.15 -7.76 73.73
C ASN C 81 24.81 -8.30 74.20
N TYR C 82 24.51 -9.55 73.83
CA TYR C 82 23.22 -10.14 74.12
C TYR C 82 23.34 -11.30 75.10
N LEU C 83 22.21 -11.62 75.73
CA LEU C 83 22.11 -12.73 76.67
C LEU C 83 20.71 -13.30 76.59
N PHE C 84 20.60 -14.58 76.23
CA PHE C 84 19.32 -15.26 76.10
C PHE C 84 19.13 -16.24 77.25
N MET C 85 17.94 -16.24 77.83
CA MET C 85 17.66 -17.00 79.04
C MET C 85 16.95 -18.32 78.77
N GLY C 86 16.84 -18.74 77.52
CA GLY C 86 16.28 -20.04 77.19
C GLY C 86 14.97 -19.93 76.43
N ASP C 87 14.42 -21.12 76.14
CA ASP C 87 13.16 -21.28 75.41
C ASP C 87 13.24 -20.58 74.04
N TYR C 88 14.08 -21.17 73.20
CA TYR C 88 14.29 -20.67 71.84
C TYR C 88 13.34 -21.29 70.84
N VAL C 89 12.68 -22.40 71.18
CA VAL C 89 11.90 -23.20 70.24
C VAL C 89 10.57 -23.58 70.90
N ASP C 90 9.79 -24.37 70.15
CA ASP C 90 8.67 -25.20 70.61
C ASP C 90 7.29 -24.53 70.62
N ARG C 91 7.15 -23.27 70.19
CA ARG C 91 5.82 -22.70 70.09
C ARG C 91 5.66 -21.72 68.93
N GLY C 92 6.68 -21.60 68.07
CA GLY C 92 6.57 -20.82 66.85
C GLY C 92 6.65 -21.73 65.64
N TYR C 93 6.42 -21.11 64.47
CA TYR C 93 6.50 -21.87 63.23
C TYR C 93 7.93 -22.02 62.76
N TYR C 94 8.76 -21.01 62.98
CA TYR C 94 10.18 -21.07 62.59
C TYR C 94 11.02 -21.32 63.84
N SER C 95 10.84 -22.51 64.42
CA SER C 95 11.68 -22.93 65.52
C SER C 95 13.05 -23.37 65.03
N VAL C 96 13.13 -23.92 63.82
CA VAL C 96 14.42 -24.31 63.27
C VAL C 96 15.31 -23.09 63.05
N GLU C 97 14.82 -22.15 62.23
CA GLU C 97 15.64 -20.99 61.88
C GLU C 97 16.00 -20.16 63.10
N THR C 98 15.12 -20.11 64.10
CA THR C 98 15.36 -19.30 65.29
C THR C 98 16.58 -19.81 66.06
N VAL C 99 16.53 -21.08 66.48
CA VAL C 99 17.64 -21.63 67.27
C VAL C 99 18.89 -21.76 66.41
N THR C 100 18.74 -22.05 65.12
CA THR C 100 19.91 -22.22 64.26
C THR C 100 20.73 -20.95 64.15
N LEU C 101 20.08 -19.78 64.26
CA LEU C 101 20.80 -18.51 64.18
C LEU C 101 21.48 -18.19 65.50
N LEU C 102 20.72 -18.21 66.60
CA LEU C 102 21.29 -17.90 67.90
C LEU C 102 22.40 -18.85 68.30
N VAL C 103 22.43 -20.05 67.72
CA VAL C 103 23.55 -20.96 67.94
C VAL C 103 24.76 -20.54 67.10
N ALA C 104 24.52 -20.23 65.82
CA ALA C 104 25.62 -19.82 64.94
C ALA C 104 26.26 -18.53 65.42
N LEU C 105 25.45 -17.60 65.95
CA LEU C 105 26.00 -16.36 66.50
C LEU C 105 26.92 -16.64 67.69
N LYS C 106 26.55 -17.61 68.52
CA LYS C 106 27.41 -17.97 69.65
C LYS C 106 28.72 -18.58 69.18
N VAL C 107 28.65 -19.46 68.17
CA VAL C 107 29.86 -20.04 67.61
C VAL C 107 30.73 -18.98 66.98
N ARG C 108 30.12 -17.95 66.38
CA ARG C 108 30.88 -16.86 65.79
C ARG C 108 31.46 -15.96 66.87
N TYR C 109 30.60 -15.36 67.66
CA TYR C 109 30.99 -14.40 68.69
C TYR C 109 30.81 -15.07 70.05
N ARG C 110 31.87 -15.74 70.50
CA ARG C 110 31.85 -16.40 71.80
C ARG C 110 31.61 -15.41 72.94
N GLU C 111 31.81 -14.11 72.69
CA GLU C 111 31.76 -13.10 73.74
C GLU C 111 30.62 -12.10 73.57
N ARG C 112 30.07 -11.94 72.36
CA ARG C 112 29.04 -10.94 72.14
C ARG C 112 27.64 -11.44 72.49
N ILE C 113 27.42 -12.74 72.53
CA ILE C 113 26.14 -13.29 72.97
C ILE C 113 26.41 -14.45 73.92
N THR C 114 25.46 -14.68 74.82
CA THR C 114 25.51 -15.81 75.75
C THR C 114 24.13 -16.43 75.80
N ILE C 115 24.05 -17.71 75.45
CA ILE C 115 22.78 -18.43 75.35
C ILE C 115 22.69 -19.41 76.51
N LEU C 116 21.53 -19.44 77.16
CA LEU C 116 21.27 -20.32 78.29
C LEU C 116 20.25 -21.38 77.90
N ARG C 117 20.12 -22.38 78.77
CA ARG C 117 19.20 -23.49 78.53
C ARG C 117 17.85 -23.19 79.16
N GLY C 118 16.78 -23.41 78.38
CA GLY C 118 15.43 -23.24 78.85
C GLY C 118 14.75 -24.58 79.09
N ASN C 119 13.56 -24.51 79.69
CA ASN C 119 12.82 -25.73 80.03
C ASN C 119 12.43 -26.52 78.78
N HIS C 120 12.26 -25.85 77.65
CA HIS C 120 11.95 -26.51 76.40
C HIS C 120 13.18 -26.96 75.63
N GLU C 121 14.38 -26.77 76.20
CA GLU C 121 15.62 -27.18 75.54
C GLU C 121 15.97 -28.61 75.94
N SER C 122 15.03 -29.52 75.66
CA SER C 122 15.13 -30.88 76.14
C SER C 122 14.37 -31.81 75.20
N ARG C 123 14.84 -33.05 75.08
CA ARG C 123 14.20 -34.03 74.21
C ARG C 123 12.83 -34.45 74.71
N GLN C 124 12.56 -34.29 76.01
CA GLN C 124 11.27 -34.68 76.56
C GLN C 124 10.13 -33.88 75.96
N ILE C 125 10.30 -32.56 75.89
CA ILE C 125 9.20 -31.64 75.64
C ILE C 125 9.20 -31.19 74.18
N THR C 126 10.38 -31.18 73.56
CA THR C 126 10.47 -30.79 72.15
C THR C 126 9.66 -31.69 71.23
N GLN C 127 9.30 -32.90 71.69
CA GLN C 127 8.58 -33.83 70.85
C GLN C 127 7.08 -33.57 70.80
N VAL C 128 6.54 -32.88 71.79
CA VAL C 128 5.10 -32.68 71.92
C VAL C 128 4.68 -31.25 71.56
N TYR C 129 5.47 -30.26 71.97
CA TYR C 129 5.08 -28.87 71.74
C TYR C 129 5.47 -28.35 70.36
N GLY C 130 6.29 -29.07 69.60
CA GLY C 130 6.43 -28.73 68.20
C GLY C 130 7.79 -28.83 67.54
N PHE C 131 8.87 -28.64 68.31
CA PHE C 131 10.20 -28.57 67.69
C PHE C 131 10.53 -29.82 66.90
N TYR C 132 10.20 -30.99 67.45
CA TYR C 132 10.48 -32.24 66.76
C TYR C 132 9.58 -32.42 65.54
N ASP C 133 8.29 -32.14 65.69
CA ASP C 133 7.36 -32.27 64.56
C ASP C 133 7.78 -31.37 63.40
N GLU C 134 8.28 -30.17 63.72
CA GLU C 134 8.77 -29.28 62.68
C GLU C 134 10.09 -29.77 62.10
N CYS C 135 11.02 -30.20 62.95
CA CYS C 135 12.30 -30.71 62.47
C CYS C 135 12.11 -31.81 61.43
N LEU C 136 10.99 -32.53 61.49
CA LEU C 136 10.69 -33.54 60.49
C LEU C 136 10.18 -32.90 59.19
N ARG C 137 9.18 -32.01 59.31
CA ARG C 137 8.61 -31.37 58.13
C ARG C 137 9.66 -30.62 57.33
N LYS C 138 10.73 -30.17 57.98
CA LYS C 138 11.75 -29.36 57.32
C LYS C 138 12.87 -30.19 56.71
N TYR C 139 13.14 -31.39 57.24
CA TYR C 139 14.25 -32.20 56.76
C TYR C 139 13.88 -33.64 56.43
N GLY C 140 12.82 -34.20 57.02
CA GLY C 140 12.44 -35.56 56.73
C GLY C 140 13.03 -36.61 57.64
N ASN C 141 13.61 -36.21 58.76
CA ASN C 141 14.21 -37.14 59.72
C ASN C 141 14.50 -36.37 61.01
N ALA C 142 15.00 -37.10 62.01
CA ALA C 142 15.28 -36.55 63.32
C ALA C 142 16.74 -36.18 63.52
N ASN C 143 17.58 -36.36 62.51
CA ASN C 143 19.00 -36.07 62.66
C ASN C 143 19.23 -34.64 63.13
N VAL C 144 18.62 -33.67 62.44
CA VAL C 144 18.70 -32.28 62.88
C VAL C 144 18.20 -32.14 64.31
N TRP C 145 17.10 -32.82 64.64
CA TRP C 145 16.59 -32.77 66.01
C TRP C 145 17.58 -33.38 66.99
N LYS C 146 18.22 -34.49 66.61
CA LYS C 146 19.25 -35.07 67.48
C LYS C 146 20.45 -34.15 67.61
N TYR C 147 20.86 -33.51 66.50
CA TYR C 147 22.02 -32.63 66.54
C TYR C 147 21.80 -31.48 67.52
N PHE C 148 20.59 -30.90 67.52
CA PHE C 148 20.30 -29.80 68.42
C PHE C 148 20.07 -30.28 69.85
N THR C 149 19.20 -31.27 70.04
CA THR C 149 18.89 -31.76 71.37
C THR C 149 20.16 -32.20 72.10
N ASP C 150 21.04 -32.93 71.41
CA ASP C 150 22.32 -33.31 72.00
C ASP C 150 23.16 -32.09 72.35
N LEU C 151 22.97 -30.98 71.63
CA LEU C 151 23.69 -29.76 71.94
C LEU C 151 23.03 -28.98 73.08
N PHE C 152 21.70 -29.04 73.19
CA PHE C 152 20.98 -28.37 74.26
C PHE C 152 21.52 -28.75 75.62
N ASP C 153 22.00 -30.00 75.77
CA ASP C 153 22.61 -30.43 77.02
C ASP C 153 23.82 -29.61 77.41
N TYR C 154 24.46 -28.95 76.44
CA TYR C 154 25.66 -28.17 76.71
C TYR C 154 25.37 -26.70 76.99
N LEU C 155 24.10 -26.30 77.01
CA LEU C 155 23.81 -24.90 77.30
C LEU C 155 23.94 -24.64 78.80
N PRO C 156 24.58 -23.53 79.19
CA PRO C 156 24.68 -23.21 80.62
C PRO C 156 23.31 -22.98 81.23
N LEU C 157 23.19 -23.31 82.51
CA LEU C 157 21.91 -23.19 83.19
C LEU C 157 21.63 -21.75 83.63
N THR C 158 22.63 -21.09 84.20
CA THR C 158 22.47 -19.76 84.77
C THR C 158 23.50 -18.81 84.17
N ALA C 159 23.40 -17.55 84.55
CA ALA C 159 24.35 -16.52 84.13
C ALA C 159 24.43 -15.47 85.23
N LEU C 160 25.59 -14.82 85.33
CA LEU C 160 25.92 -13.98 86.49
C LEU C 160 26.69 -12.76 85.99
N VAL C 161 25.98 -11.64 85.81
CA VAL C 161 26.56 -10.46 85.17
C VAL C 161 27.27 -9.63 86.23
N ASP C 162 28.47 -9.14 85.89
CA ASP C 162 29.23 -8.22 86.73
C ASP C 162 29.34 -8.67 88.19
N GLY C 163 29.15 -9.95 88.46
CA GLY C 163 29.16 -10.41 89.83
C GLY C 163 27.95 -10.04 90.64
N GLN C 164 26.85 -9.64 90.02
CA GLN C 164 25.76 -9.03 90.78
C GLN C 164 24.36 -9.56 90.45
N ILE C 165 24.10 -9.94 89.20
CA ILE C 165 22.74 -10.26 88.76
C ILE C 165 22.68 -11.72 88.34
N PHE C 166 21.64 -12.42 88.82
CA PHE C 166 21.42 -13.82 88.49
C PHE C 166 20.50 -13.92 87.28
N CYS C 167 20.92 -14.66 86.26
CA CYS C 167 20.16 -14.82 85.03
C CYS C 167 19.95 -16.31 84.79
N LEU C 168 18.69 -16.73 84.78
CA LEU C 168 18.33 -18.10 84.43
C LEU C 168 16.97 -18.09 83.75
N HIS C 169 16.46 -19.29 83.48
CA HIS C 169 15.16 -19.43 82.84
C HIS C 169 14.03 -19.55 83.85
N GLY C 170 14.14 -20.48 84.79
CA GLY C 170 13.09 -20.73 85.74
C GLY C 170 13.16 -19.89 86.99
N GLY C 171 13.43 -20.50 88.13
CA GLY C 171 13.51 -19.80 89.39
C GLY C 171 14.53 -20.42 90.32
N LEU C 172 14.33 -20.22 91.61
CA LEU C 172 15.23 -20.74 92.62
C LEU C 172 14.77 -22.12 93.10
N SER C 173 15.67 -22.82 93.77
CA SER C 173 15.47 -24.18 94.22
C SER C 173 15.77 -24.28 95.71
N PRO C 174 15.08 -25.18 96.44
CA PRO C 174 15.41 -25.33 97.86
C PRO C 174 16.73 -26.05 98.09
N SER C 175 17.06 -27.02 97.25
CA SER C 175 18.37 -27.67 97.32
C SER C 175 19.51 -26.74 96.94
N ILE C 176 19.22 -25.60 96.32
CA ILE C 176 20.22 -24.64 95.90
C ILE C 176 20.08 -23.38 96.75
N ASP C 177 21.06 -23.13 97.61
CA ASP C 177 21.11 -21.90 98.39
C ASP C 177 22.29 -21.01 98.02
N THR C 178 23.37 -21.59 97.50
CA THR C 178 24.54 -20.82 97.09
C THR C 178 24.90 -21.17 95.65
N LEU C 179 25.58 -20.23 94.99
CA LEU C 179 25.95 -20.42 93.59
C LEU C 179 26.96 -21.53 93.41
N ASP C 180 27.86 -21.74 94.39
CA ASP C 180 28.83 -22.82 94.30
C ASP C 180 28.16 -24.17 94.12
N HIS C 181 26.97 -24.33 94.67
N HIS C 181 26.94 -24.33 94.64
CA HIS C 181 26.21 -25.58 94.46
CA HIS C 181 26.24 -25.59 94.45
C HIS C 181 25.90 -25.77 92.98
C HIS C 181 25.84 -25.79 92.99
N ILE C 182 25.45 -24.71 92.31
CA ILE C 182 25.11 -24.81 90.90
C ILE C 182 26.34 -25.13 90.07
N ARG C 183 27.47 -24.50 90.39
CA ARG C 183 28.71 -24.76 89.67
C ARG C 183 29.18 -26.20 89.84
N ALA C 184 28.66 -26.92 90.83
CA ALA C 184 29.04 -28.30 91.08
C ALA C 184 28.15 -29.32 90.39
N LEU C 185 27.01 -28.89 89.83
CA LEU C 185 26.10 -29.83 89.19
C LEU C 185 26.66 -30.29 87.85
N ASP C 186 26.14 -31.42 87.38
CA ASP C 186 26.45 -31.95 86.05
C ASP C 186 25.28 -31.58 85.16
N ARG C 187 25.46 -30.55 84.34
CA ARG C 187 24.43 -30.05 83.45
C ARG C 187 24.47 -30.68 82.06
N LEU C 188 25.15 -31.81 81.93
CA LEU C 188 25.30 -32.49 80.64
C LEU C 188 24.31 -33.63 80.45
N GLN C 189 23.09 -33.47 80.94
CA GLN C 189 22.06 -34.49 80.82
C GLN C 189 20.74 -33.83 80.47
N GLU C 190 19.85 -34.64 79.87
CA GLU C 190 18.47 -34.23 79.66
C GLU C 190 17.89 -33.66 80.95
N VAL C 191 17.21 -32.52 80.84
CA VAL C 191 16.64 -31.83 82.00
C VAL C 191 15.84 -32.83 82.83
N PRO C 192 16.29 -33.15 84.04
CA PRO C 192 15.65 -34.20 84.82
C PRO C 192 14.24 -33.84 85.21
N HIS C 193 13.54 -34.81 85.79
CA HIS C 193 12.20 -34.59 86.31
C HIS C 193 12.21 -34.08 87.74
N GLU C 194 13.31 -34.25 88.46
CA GLU C 194 13.46 -33.78 89.83
C GLU C 194 14.87 -33.22 90.00
N GLY C 195 15.27 -33.01 91.25
CA GLY C 195 16.57 -32.47 91.53
C GLY C 195 16.63 -30.98 91.32
N PRO C 196 17.78 -30.37 91.62
CA PRO C 196 17.88 -28.92 91.49
C PRO C 196 17.97 -28.43 90.06
N MET C 197 18.65 -29.19 89.19
CA MET C 197 18.75 -28.80 87.79
C MET C 197 17.38 -28.62 87.17
N CYS C 198 16.45 -29.51 87.48
CA CYS C 198 15.08 -29.36 87.00
C CYS C 198 14.42 -28.11 87.59
N ASP C 199 14.68 -27.84 88.88
CA ASP C 199 14.04 -26.69 89.53
C ASP C 199 14.49 -25.38 88.91
N LEU C 200 15.80 -25.26 88.61
CA LEU C 200 16.33 -24.01 88.07
C LEU C 200 15.64 -23.61 86.77
N LEU C 201 15.13 -24.58 86.01
CA LEU C 201 14.51 -24.31 84.72
C LEU C 201 13.00 -24.48 84.74
N TRP C 202 12.41 -24.80 85.89
CA TRP C 202 10.97 -24.97 85.99
C TRP C 202 10.33 -24.21 87.15
N SER C 203 11.12 -23.63 88.05
CA SER C 203 10.54 -22.91 89.18
C SER C 203 9.98 -21.56 88.73
N ASP C 204 9.04 -21.05 89.52
CA ASP C 204 8.40 -19.77 89.22
C ASP C 204 8.08 -19.03 90.50
N PRO C 205 8.21 -17.71 90.50
CA PRO C 205 7.89 -16.92 91.69
C PRO C 205 6.45 -16.43 91.67
N ASP C 206 5.96 -16.08 92.86
CA ASP C 206 4.65 -15.47 93.02
C ASP C 206 4.48 -14.87 94.41
N ASP C 207 3.23 -14.64 94.82
CA ASP C 207 2.98 -13.93 96.07
C ASP C 207 3.03 -14.85 97.28
N ARG C 208 2.49 -16.06 97.18
CA ARG C 208 2.40 -16.94 98.33
C ARG C 208 3.80 -17.24 98.89
N GLY C 209 3.95 -17.09 100.20
CA GLY C 209 5.26 -17.20 100.80
C GLY C 209 5.73 -18.64 100.89
N GLY C 210 7.05 -18.80 100.88
CA GLY C 210 7.65 -20.11 100.99
C GLY C 210 7.54 -20.90 99.71
N TRP C 211 7.83 -22.20 99.84
CA TRP C 211 7.76 -23.10 98.70
C TRP C 211 6.33 -23.61 98.51
N GLY C 212 5.99 -23.89 97.25
CA GLY C 212 4.67 -24.38 96.93
C GLY C 212 4.72 -25.30 95.72
N ILE C 213 3.60 -25.97 95.49
CA ILE C 213 3.45 -26.89 94.36
C ILE C 213 2.99 -26.09 93.15
N SER C 214 3.86 -25.98 92.15
CA SER C 214 3.49 -25.29 90.93
C SER C 214 2.44 -26.10 90.18
N PRO C 215 1.42 -25.45 89.61
CA PRO C 215 0.42 -26.19 88.81
C PRO C 215 1.01 -26.96 87.64
N ARG C 216 2.27 -26.70 87.26
CA ARG C 216 2.95 -27.46 86.23
C ARG C 216 3.70 -28.66 86.79
N GLY C 217 3.47 -29.02 88.05
CA GLY C 217 4.06 -30.21 88.63
C GLY C 217 5.54 -30.09 88.93
N ALA C 218 6.36 -29.99 87.88
CA ALA C 218 7.80 -29.87 88.05
C ALA C 218 8.17 -28.47 88.52
N GLY C 219 9.26 -28.38 89.26
CA GLY C 219 9.68 -27.11 89.85
C GLY C 219 8.99 -26.85 91.17
N TYR C 220 9.03 -25.59 91.59
CA TYR C 220 8.42 -25.19 92.84
C TYR C 220 7.85 -23.78 92.68
N THR C 221 7.46 -23.18 93.80
CA THR C 221 6.81 -21.88 93.82
C THR C 221 7.34 -21.10 95.01
N PHE C 222 8.15 -20.08 94.75
CA PHE C 222 8.83 -19.32 95.79
C PHE C 222 8.36 -17.88 95.80
N GLY C 223 8.52 -17.22 96.95
CA GLY C 223 8.05 -15.86 97.11
C GLY C 223 9.09 -14.89 97.64
N GLN C 224 8.63 -13.80 98.26
CA GLN C 224 9.54 -12.78 98.77
C GLN C 224 10.54 -13.36 99.76
N ASP C 225 10.05 -14.15 100.71
CA ASP C 225 10.91 -14.69 101.76
C ASP C 225 12.03 -15.56 101.18
N ILE C 226 11.86 -16.08 99.96
CA ILE C 226 12.91 -16.91 99.37
C ILE C 226 13.95 -16.03 98.67
N SER C 227 13.49 -15.14 97.80
CA SER C 227 14.41 -14.34 96.99
C SER C 227 15.29 -13.47 97.88
N GLU C 228 14.71 -12.82 98.88
CA GLU C 228 15.49 -12.01 99.81
C GLU C 228 16.55 -12.86 100.51
N THR C 229 16.14 -14.00 101.07
CA THR C 229 17.07 -14.87 101.76
C THR C 229 18.12 -15.45 100.83
N PHE C 230 17.88 -15.45 99.52
CA PHE C 230 18.83 -15.99 98.55
C PHE C 230 19.76 -14.91 98.02
N ASN C 231 19.20 -13.84 97.46
CA ASN C 231 20.02 -12.77 96.87
C ASN C 231 20.92 -12.13 97.93
N HIS C 232 20.39 -11.90 99.13
CA HIS C 232 21.20 -11.32 100.19
C HIS C 232 22.23 -12.31 100.72
N ALA C 233 22.10 -13.60 100.42
CA ALA C 233 23.04 -14.60 100.85
C ALA C 233 24.20 -14.82 99.89
N ASN C 234 24.08 -14.33 98.65
CA ASN C 234 25.15 -14.43 97.68
C ASN C 234 25.56 -13.08 97.10
N GLY C 235 24.95 -11.99 97.56
CA GLY C 235 25.30 -10.66 97.11
C GLY C 235 24.76 -10.30 95.75
N LEU C 236 23.44 -10.17 95.63
CA LEU C 236 22.79 -9.91 94.36
C LEU C 236 21.81 -8.75 94.48
N THR C 237 21.60 -8.08 93.35
CA THR C 237 20.61 -7.01 93.26
C THR C 237 19.24 -7.52 92.83
N LEU C 238 19.20 -8.52 91.95
CA LEU C 238 17.95 -9.14 91.52
C LEU C 238 18.26 -10.38 90.71
N VAL C 239 17.19 -11.10 90.34
CA VAL C 239 17.28 -12.28 89.49
C VAL C 239 16.44 -12.01 88.24
N SER C 240 16.88 -12.58 87.12
CA SER C 240 16.19 -12.42 85.84
C SER C 240 15.70 -13.79 85.37
N ARG C 241 14.39 -13.91 85.19
CA ARG C 241 13.76 -15.16 84.77
C ARG C 241 12.73 -14.90 83.68
N ALA C 242 12.43 -15.94 82.88
CA ALA C 242 11.66 -15.78 81.66
C ALA C 242 10.61 -16.86 81.38
N HIS C 243 10.66 -18.00 82.07
CA HIS C 243 9.78 -19.12 81.76
C HIS C 243 8.31 -18.69 81.66
N GLN C 244 7.89 -17.76 82.50
CA GLN C 244 6.50 -17.31 82.51
C GLN C 244 6.27 -16.39 81.31
N LEU C 245 5.07 -15.80 81.23
CA LEU C 245 4.79 -14.77 80.25
C LEU C 245 3.96 -13.67 80.90
N VAL C 246 4.19 -12.43 80.48
CA VAL C 246 3.48 -11.28 81.01
C VAL C 246 2.94 -10.46 79.85
N MET C 247 1.70 -9.98 79.99
CA MET C 247 1.16 -9.04 79.02
C MET C 247 2.00 -7.78 78.90
N GLU C 248 2.78 -7.45 79.93
CA GLU C 248 3.62 -6.26 79.95
C GLU C 248 5.01 -6.50 79.39
N GLY C 249 5.39 -7.75 79.14
CA GLY C 249 6.73 -8.10 78.68
C GLY C 249 7.71 -8.30 79.79
N TYR C 250 7.61 -7.48 80.84
CA TYR C 250 8.42 -7.65 82.03
C TYR C 250 7.54 -7.37 83.25
N ASN C 251 7.82 -8.07 84.33
CA ASN C 251 7.05 -7.92 85.56
C ASN C 251 7.99 -7.88 86.75
N TRP C 252 7.87 -6.84 87.57
CA TRP C 252 8.58 -6.78 88.82
C TRP C 252 7.84 -7.56 89.90
N CYS C 253 8.57 -8.32 90.70
CA CYS C 253 7.98 -9.06 91.80
C CYS C 253 8.98 -9.12 92.95
N HIS C 254 8.44 -9.30 94.16
CA HIS C 254 9.22 -9.42 95.38
C HIS C 254 9.99 -8.13 95.69
N ASP C 255 9.24 -7.03 95.81
CA ASP C 255 9.82 -5.72 96.13
C ASP C 255 11.02 -5.43 95.23
N ARG C 256 10.88 -5.79 93.95
CA ARG C 256 11.93 -5.61 92.95
C ARG C 256 13.19 -6.41 93.29
N ASN C 257 13.00 -7.62 93.82
CA ASN C 257 14.09 -8.56 94.00
C ASN C 257 14.24 -9.53 92.84
N VAL C 258 13.20 -9.68 92.02
CA VAL C 258 13.22 -10.58 90.86
C VAL C 258 12.42 -9.92 89.74
N VAL C 259 12.89 -10.08 88.51
CA VAL C 259 12.20 -9.56 87.34
C VAL C 259 11.91 -10.70 86.38
N THR C 260 10.75 -10.64 85.74
CA THR C 260 10.37 -11.55 84.68
C THR C 260 10.57 -10.85 83.34
N ILE C 261 11.01 -11.60 82.33
CA ILE C 261 11.27 -11.01 81.02
C ILE C 261 10.82 -12.00 79.93
N PHE C 262 9.66 -11.73 79.33
CA PHE C 262 9.17 -12.51 78.21
C PHE C 262 9.37 -11.72 76.93
N SER C 263 10.00 -12.36 75.93
CA SER C 263 10.42 -11.70 74.71
C SER C 263 9.79 -12.34 73.48
N ALA C 264 8.54 -12.77 73.59
CA ALA C 264 7.79 -13.32 72.47
C ALA C 264 6.42 -12.67 72.43
N PRO C 265 6.20 -11.73 71.52
CA PRO C 265 4.94 -10.99 71.53
C PRO C 265 3.80 -11.79 70.93
N ASN C 266 2.62 -11.64 71.55
CA ASN C 266 1.40 -12.32 71.12
C ASN C 266 1.65 -13.84 71.05
N TYR C 267 1.88 -14.40 72.24
CA TYR C 267 2.25 -15.80 72.39
C TYR C 267 1.17 -16.72 71.83
N CYS C 268 1.52 -17.46 70.76
CA CYS C 268 0.62 -18.35 70.03
C CYS C 268 -0.80 -17.79 69.93
N TYR C 269 -0.91 -16.49 69.68
CA TYR C 269 -2.20 -15.83 69.43
C TYR C 269 -3.14 -15.98 70.62
N ARG C 270 -2.59 -16.03 71.83
CA ARG C 270 -3.39 -16.26 73.04
C ARG C 270 -3.78 -14.95 73.72
N CYS C 271 -2.79 -14.19 74.20
CA CYS C 271 -3.06 -13.02 75.03
C CYS C 271 -2.58 -11.71 74.41
N GLY C 272 -1.98 -11.74 73.24
CA GLY C 272 -1.47 -10.51 72.64
C GLY C 272 -0.50 -9.77 73.52
N ASN C 273 0.30 -10.52 74.27
CA ASN C 273 1.22 -9.90 75.22
C ASN C 273 2.25 -9.05 74.49
N GLN C 274 2.66 -7.97 75.16
CA GLN C 274 3.79 -7.19 74.68
C GLN C 274 5.08 -7.89 75.11
N ALA C 275 6.06 -7.94 74.21
CA ALA C 275 7.34 -8.56 74.50
C ALA C 275 8.34 -7.48 74.89
N ALA C 276 9.16 -7.78 75.90
CA ALA C 276 10.11 -6.81 76.42
C ALA C 276 11.47 -7.46 76.62
N ILE C 277 12.48 -6.61 76.78
CA ILE C 277 13.85 -7.01 77.06
C ILE C 277 14.45 -6.00 78.03
N MET C 278 15.59 -6.37 78.61
CA MET C 278 16.30 -5.52 79.55
C MET C 278 17.68 -5.20 79.01
N GLU C 279 18.06 -3.92 79.05
CA GLU C 279 19.37 -3.46 78.61
C GLU C 279 20.20 -3.08 79.82
N LEU C 280 21.40 -3.64 79.91
CA LEU C 280 22.36 -3.31 80.95
C LEU C 280 23.48 -2.49 80.31
N ASP C 281 23.54 -1.21 80.64
CA ASP C 281 24.58 -0.34 80.10
C ASP C 281 25.90 -0.67 80.77
N ASP C 282 26.89 0.23 80.65
CA ASP C 282 28.23 -0.02 81.15
C ASP C 282 28.23 -0.33 82.65
N THR C 283 28.02 0.65 83.50
CA THR C 283 27.63 0.30 84.85
C THR C 283 26.29 -0.43 84.77
N LEU C 284 25.84 -1.03 85.87
CA LEU C 284 24.60 -1.80 85.82
C LEU C 284 23.42 -0.92 86.22
N LYS C 285 22.84 -0.27 85.23
CA LYS C 285 21.59 0.46 85.38
C LYS C 285 20.62 -0.12 84.37
N TYR C 286 19.55 -0.73 84.87
CA TYR C 286 18.62 -1.47 84.04
C TYR C 286 17.64 -0.55 83.33
N SER C 287 17.16 -1.00 82.18
CA SER C 287 16.17 -0.26 81.41
C SER C 287 15.50 -1.20 80.44
N PHE C 288 14.19 -1.34 80.54
CA PHE C 288 13.44 -2.29 79.72
C PHE C 288 12.94 -1.65 78.43
N LEU C 289 12.58 -2.50 77.48
CA LEU C 289 12.13 -2.07 76.15
C LEU C 289 10.99 -2.97 75.71
N GLN C 290 9.75 -2.47 75.81
CA GLN C 290 8.59 -3.20 75.32
C GLN C 290 8.49 -3.07 73.80
N PHE C 291 8.02 -4.13 73.15
CA PHE C 291 7.82 -4.10 71.71
C PHE C 291 6.73 -5.08 71.32
N ASP C 292 6.24 -4.94 70.10
CA ASP C 292 5.09 -5.65 69.56
C ASP C 292 5.50 -6.61 68.45
N PRO C 293 4.60 -7.47 67.99
CA PRO C 293 4.96 -8.45 66.95
C PRO C 293 5.39 -7.78 65.65
N ALA C 294 6.05 -8.57 64.80
CA ALA C 294 6.47 -8.15 63.47
C ALA C 294 5.35 -8.39 62.47
N PRO C 295 5.01 -7.40 61.65
CA PRO C 295 3.78 -7.50 60.85
C PRO C 295 3.96 -8.13 59.47
N ARG C 296 5.17 -8.06 58.91
CA ARG C 296 5.38 -8.36 57.51
C ARG C 296 4.88 -9.76 57.15
N ARG C 297 4.28 -9.86 55.96
CA ARG C 297 3.70 -11.11 55.49
C ARG C 297 3.72 -11.19 53.96
N THR C 306 -0.04 -31.13 48.35
CA THR C 306 0.71 -32.20 47.73
C THR C 306 0.60 -33.45 48.60
N PRO C 307 0.98 -34.61 48.07
CA PRO C 307 1.10 -35.80 48.94
C PRO C 307 1.99 -35.53 50.14
N ASP C 308 1.36 -35.45 51.32
CA ASP C 308 2.03 -35.18 52.58
C ASP C 308 1.61 -36.22 53.59
N TYR C 309 2.51 -36.55 54.52
CA TYR C 309 2.12 -37.43 55.63
C TYR C 309 1.32 -36.61 56.65
N PHE C 310 0.13 -36.22 56.22
CA PHE C 310 -0.83 -35.50 57.04
C PHE C 310 -1.30 -36.37 58.22
N LEU C 311 -1.76 -35.69 59.25
CA LEU C 311 -2.36 -36.36 60.41
C LEU C 311 -3.87 -36.20 60.39
N SER D 5 55.94 10.52 -38.53
CA SER D 5 57.31 11.03 -38.43
C SER D 5 58.38 9.95 -38.52
N LEU D 6 58.33 8.94 -37.64
CA LEU D 6 59.21 7.76 -37.68
C LEU D 6 60.64 8.09 -37.24
N TYR D 7 60.97 9.37 -37.17
CA TYR D 7 62.28 9.76 -36.66
C TYR D 7 62.37 9.31 -35.20
N PRO D 8 63.40 8.55 -34.81
CA PRO D 8 63.41 7.93 -33.48
C PRO D 8 62.95 8.82 -32.33
N ILE D 9 63.41 10.07 -32.27
CA ILE D 9 62.92 10.95 -31.20
C ILE D 9 61.54 11.50 -31.51
N ALA D 10 61.07 11.37 -32.76
CA ALA D 10 59.77 11.89 -33.11
C ALA D 10 58.65 10.91 -32.77
N VAL D 11 58.98 9.65 -32.49
CA VAL D 11 57.95 8.71 -32.05
C VAL D 11 57.50 9.03 -30.63
N LEU D 12 58.40 9.60 -29.82
CA LEU D 12 58.00 10.09 -28.50
C LEU D 12 56.89 11.11 -28.62
N ILE D 13 56.95 11.95 -29.65
CA ILE D 13 56.00 13.06 -29.80
C ILE D 13 54.65 12.54 -30.28
N ASP D 14 54.65 11.71 -31.33
CA ASP D 14 53.42 11.11 -31.83
C ASP D 14 52.75 10.22 -30.80
N GLU D 15 53.43 9.92 -29.69
CA GLU D 15 52.85 9.14 -28.59
C GLU D 15 52.50 10.00 -27.38
N LEU D 16 53.34 10.98 -27.04
CA LEU D 16 53.08 11.85 -25.89
C LEU D 16 51.88 12.78 -26.12
N ARG D 17 51.15 12.62 -27.21
CA ARG D 17 49.91 13.36 -27.42
C ARG D 17 48.68 12.57 -27.04
N ASN D 18 48.84 11.31 -26.64
CA ASN D 18 47.70 10.48 -26.26
C ASN D 18 47.03 11.07 -25.01
N GLU D 19 45.83 10.58 -24.72
CA GLU D 19 44.98 11.24 -23.74
C GLU D 19 45.16 10.71 -22.32
N ASP D 20 45.35 9.39 -22.16
CA ASP D 20 45.48 8.82 -20.83
C ASP D 20 46.96 8.70 -20.45
N VAL D 21 47.20 8.56 -19.14
CA VAL D 21 48.57 8.61 -18.63
C VAL D 21 49.32 7.32 -18.90
N GLN D 22 48.67 6.16 -18.68
CA GLN D 22 49.37 4.89 -18.77
C GLN D 22 49.99 4.70 -20.16
N LEU D 23 49.19 4.89 -21.21
CA LEU D 23 49.72 4.82 -22.57
C LEU D 23 50.91 5.76 -22.74
N ARG D 24 50.75 7.02 -22.30
CA ARG D 24 51.86 7.97 -22.35
C ARG D 24 52.98 7.54 -21.41
N LEU D 25 52.65 7.29 -20.14
CA LEU D 25 53.68 7.06 -19.13
C LEU D 25 54.48 5.81 -19.46
N ASN D 26 53.80 4.73 -19.87
CA ASN D 26 54.49 3.48 -20.22
C ASN D 26 55.59 3.68 -21.24
N SER D 27 55.53 4.77 -22.02
CA SER D 27 56.62 5.10 -22.92
C SER D 27 57.72 5.90 -22.23
N ILE D 28 57.35 6.73 -21.26
CA ILE D 28 58.38 7.47 -20.51
C ILE D 28 59.21 6.51 -19.67
N LYS D 29 58.59 5.45 -19.14
CA LYS D 29 59.35 4.36 -18.55
C LYS D 29 60.18 3.63 -19.59
N LYS D 30 59.88 3.82 -20.87
CA LYS D 30 60.61 3.22 -21.98
C LYS D 30 61.59 4.21 -22.62
N LEU D 31 62.08 5.18 -21.84
CA LEU D 31 62.97 6.20 -22.38
C LEU D 31 64.42 5.75 -22.43
N SER D 32 64.87 4.99 -21.42
CA SER D 32 66.26 4.52 -21.41
C SER D 32 66.55 3.61 -22.59
N THR D 33 65.54 2.95 -23.16
CA THR D 33 65.77 2.03 -24.26
C THR D 33 66.01 2.78 -25.57
N ILE D 34 65.20 3.80 -25.85
CA ILE D 34 65.35 4.53 -27.10
C ILE D 34 66.70 5.23 -27.17
N ALA D 35 67.20 5.70 -26.02
CA ALA D 35 68.49 6.36 -26.00
C ALA D 35 69.63 5.41 -26.34
N LEU D 36 69.42 4.11 -26.17
CA LEU D 36 70.39 3.13 -26.64
C LEU D 36 70.39 3.05 -28.17
N ALA D 37 69.21 2.94 -28.77
CA ALA D 37 69.11 2.76 -30.21
C ALA D 37 69.72 3.92 -30.97
N LEU D 38 69.72 5.12 -30.39
CA LEU D 38 70.35 6.27 -31.04
C LEU D 38 71.86 6.25 -30.83
N GLY D 39 72.31 6.38 -29.60
CA GLY D 39 73.72 6.35 -29.31
C GLY D 39 74.03 7.12 -28.04
N VAL D 40 75.33 7.20 -27.73
CA VAL D 40 75.79 7.91 -26.55
C VAL D 40 76.11 9.37 -26.83
N GLU D 41 76.41 9.73 -28.08
CA GLU D 41 76.57 11.13 -28.45
C GLU D 41 75.31 11.72 -29.06
N ARG D 42 74.49 10.90 -29.72
CA ARG D 42 73.21 11.37 -30.22
C ARG D 42 72.22 11.60 -29.08
N THR D 43 72.47 11.01 -27.91
CA THR D 43 71.68 11.30 -26.73
C THR D 43 71.68 12.79 -26.43
N ARG D 44 72.84 13.43 -26.61
CA ARG D 44 72.99 14.85 -26.29
C ARG D 44 72.76 15.77 -27.49
N SER D 45 72.95 15.28 -28.71
CA SER D 45 72.69 16.11 -29.88
C SER D 45 71.21 16.17 -30.20
N GLU D 46 70.46 15.10 -29.93
CA GLU D 46 69.06 14.99 -30.31
C GLU D 46 68.14 14.86 -29.10
N LEU D 47 68.40 13.91 -28.20
CA LEU D 47 67.43 13.58 -27.16
C LEU D 47 67.48 14.57 -26.00
N LEU D 48 68.67 14.87 -25.49
CA LEU D 48 68.74 15.78 -24.33
C LEU D 48 68.06 17.12 -24.58
N PRO D 49 68.33 17.85 -25.68
CA PRO D 49 67.59 19.10 -25.91
C PRO D 49 66.08 18.94 -25.87
N PHE D 50 65.58 17.82 -26.41
CA PHE D 50 64.19 17.44 -26.22
C PHE D 50 63.79 17.53 -24.76
N LEU D 51 64.50 16.82 -23.89
CA LEU D 51 64.14 16.74 -22.48
C LEU D 51 64.64 17.91 -21.64
N THR D 52 65.55 18.75 -22.16
CA THR D 52 65.99 19.90 -21.40
C THR D 52 65.01 21.06 -21.43
N ASP D 53 64.14 21.11 -22.43
CA ASP D 53 63.15 22.19 -22.49
C ASP D 53 61.99 21.86 -21.56
N THR D 54 60.91 22.63 -21.65
CA THR D 54 59.76 22.48 -20.77
C THR D 54 58.73 21.56 -21.40
N ILE D 55 58.26 20.60 -20.60
CA ILE D 55 57.23 19.66 -21.03
C ILE D 55 56.06 19.75 -20.04
N TYR D 56 54.89 20.14 -20.54
CA TYR D 56 53.69 20.13 -19.73
C TYR D 56 53.11 18.72 -19.72
N ASP D 57 52.91 18.17 -18.53
CA ASP D 57 52.28 16.87 -18.38
C ASP D 57 51.99 16.65 -16.90
N GLU D 58 51.10 15.71 -16.62
CA GLU D 58 50.70 15.42 -15.26
C GLU D 58 51.91 14.94 -14.43
N ASP D 59 51.69 14.88 -13.11
CA ASP D 59 52.78 14.54 -12.20
C ASP D 59 53.29 13.13 -12.40
N GLU D 60 52.43 12.22 -12.87
CA GLU D 60 52.84 10.83 -13.03
C GLU D 60 53.94 10.69 -14.07
N VAL D 61 53.98 11.58 -15.06
CA VAL D 61 54.99 11.53 -16.10
C VAL D 61 56.28 12.24 -15.68
N LEU D 62 56.16 13.33 -14.93
CA LEU D 62 57.33 14.12 -14.57
C LEU D 62 58.24 13.37 -13.61
N LEU D 63 57.67 12.81 -12.54
CA LEU D 63 58.47 12.01 -11.61
C LEU D 63 59.08 10.80 -12.31
N ALA D 64 58.34 10.20 -13.25
CA ALA D 64 58.88 9.10 -14.04
C ALA D 64 60.06 9.54 -14.90
N LEU D 65 60.22 10.83 -15.12
CA LEU D 65 61.35 11.36 -15.89
C LEU D 65 62.52 11.72 -14.98
N ALA D 66 62.28 12.54 -13.96
CA ALA D 66 63.34 12.91 -13.03
C ALA D 66 64.00 11.68 -12.42
N GLU D 67 63.19 10.70 -12.02
CA GLU D 67 63.74 9.46 -11.50
C GLU D 67 64.54 8.72 -12.57
N GLN D 68 64.15 8.85 -13.84
CA GLN D 68 64.84 8.12 -14.89
C GLN D 68 66.09 8.86 -15.36
N LEU D 69 66.05 10.19 -15.40
CA LEU D 69 67.21 10.96 -15.86
C LEU D 69 68.42 10.71 -15.00
N GLY D 70 68.23 10.33 -13.73
CA GLY D 70 69.32 9.97 -12.85
C GLY D 70 69.91 8.61 -13.11
N THR D 71 69.50 7.93 -14.18
CA THR D 71 70.03 6.64 -14.55
C THR D 71 70.72 6.66 -15.91
N PHE D 72 70.82 7.83 -16.55
CA PHE D 72 71.41 7.96 -17.88
C PHE D 72 72.91 8.22 -17.86
N THR D 73 73.52 8.29 -16.67
CA THR D 73 74.94 8.65 -16.58
C THR D 73 75.80 7.79 -17.49
N THR D 74 75.72 6.47 -17.32
CA THR D 74 76.43 5.56 -18.21
C THR D 74 75.89 5.60 -19.63
N LEU D 75 74.62 6.00 -19.80
CA LEU D 75 74.01 6.04 -21.13
C LEU D 75 74.38 7.33 -21.86
N VAL D 76 74.63 8.41 -21.12
CA VAL D 76 74.96 9.68 -21.74
C VAL D 76 76.40 9.69 -22.24
N GLY D 77 77.28 8.92 -21.61
CA GLY D 77 78.67 8.85 -22.04
C GLY D 77 79.62 8.69 -20.86
N GLY D 78 79.07 8.37 -19.70
CA GLY D 78 79.87 8.18 -18.51
C GLY D 78 80.14 9.48 -17.77
N PRO D 79 80.98 9.40 -16.74
CA PRO D 79 81.32 10.62 -15.99
C PRO D 79 81.96 11.70 -16.83
N GLU D 80 82.55 11.35 -17.98
CA GLU D 80 83.13 12.34 -18.86
C GLU D 80 82.07 13.26 -19.48
N TYR D 81 80.80 12.85 -19.46
CA TYR D 81 79.75 13.65 -20.07
C TYR D 81 78.50 13.78 -19.20
N VAL D 82 78.55 13.32 -17.94
CA VAL D 82 77.35 13.33 -17.09
C VAL D 82 76.85 14.75 -16.86
N HIS D 83 77.70 15.76 -17.07
CA HIS D 83 77.32 17.16 -16.88
C HIS D 83 76.26 17.60 -17.88
N CYS D 84 75.93 16.73 -18.84
CA CYS D 84 74.87 17.03 -19.78
C CYS D 84 73.48 16.78 -19.21
N LEU D 85 73.38 16.06 -18.09
CA LEU D 85 72.11 15.82 -17.42
C LEU D 85 71.73 16.92 -16.43
N LEU D 86 72.50 18.00 -16.38
CA LEU D 86 72.23 19.08 -15.44
C LEU D 86 71.12 20.01 -15.94
N PRO D 87 71.10 20.43 -17.21
CA PRO D 87 70.01 21.29 -17.69
C PRO D 87 68.63 20.65 -17.52
N PRO D 88 68.40 19.42 -17.97
CA PRO D 88 67.02 18.90 -17.91
C PRO D 88 66.49 18.77 -16.49
N LEU D 89 67.35 18.38 -15.55
CA LEU D 89 66.93 18.33 -14.15
C LEU D 89 66.87 19.71 -13.52
N GLU D 90 67.59 20.69 -14.08
CA GLU D 90 67.41 22.08 -13.64
C GLU D 90 66.02 22.59 -14.03
N SER D 91 65.53 22.18 -15.19
CA SER D 91 64.16 22.52 -15.58
C SER D 91 63.15 21.85 -14.64
N LEU D 92 63.43 20.61 -14.25
CA LEU D 92 62.54 19.89 -13.34
C LEU D 92 62.69 20.34 -11.89
N ALA D 93 63.73 21.10 -11.57
CA ALA D 93 63.91 21.64 -10.23
C ALA D 93 63.21 22.97 -10.04
N THR D 94 62.48 23.45 -11.05
CA THR D 94 61.76 24.72 -10.96
C THR D 94 60.32 24.60 -11.41
N VAL D 95 59.78 23.38 -11.50
CA VAL D 95 58.38 23.18 -11.87
C VAL D 95 57.51 23.51 -10.67
N GLU D 96 56.27 23.92 -10.94
CA GLU D 96 55.38 24.34 -9.87
C GLU D 96 54.85 23.16 -9.04
N GLU D 97 54.66 22.01 -9.66
CA GLU D 97 54.24 20.82 -8.92
C GLU D 97 55.38 20.41 -8.00
N THR D 98 55.25 20.78 -6.72
CA THR D 98 56.35 20.61 -5.76
C THR D 98 56.82 19.17 -5.68
N VAL D 99 55.94 18.20 -5.93
CA VAL D 99 56.31 16.78 -5.84
C VAL D 99 57.35 16.43 -6.91
N VAL D 100 57.37 17.17 -8.01
CA VAL D 100 58.29 16.85 -9.11
C VAL D 100 59.72 17.22 -8.74
N ARG D 101 59.90 18.32 -8.00
CA ARG D 101 61.24 18.82 -7.73
C ARG D 101 62.03 17.86 -6.85
N ASP D 102 61.41 17.33 -5.79
CA ASP D 102 62.10 16.42 -4.89
C ASP D 102 62.72 15.25 -5.64
N LYS D 103 62.04 14.77 -6.69
CA LYS D 103 62.62 13.73 -7.53
C LYS D 103 63.69 14.29 -8.45
N ALA D 104 63.57 15.56 -8.85
CA ALA D 104 64.63 16.19 -9.62
C ALA D 104 65.86 16.47 -8.75
N VAL D 105 65.65 16.90 -7.52
CA VAL D 105 66.76 17.09 -6.58
C VAL D 105 67.44 15.76 -6.29
N GLU D 106 66.64 14.75 -5.91
CA GLU D 106 67.18 13.42 -5.68
C GLU D 106 67.99 12.92 -6.87
N SER D 107 67.43 13.07 -8.08
CA SER D 107 68.15 12.70 -9.29
C SER D 107 69.45 13.47 -9.41
N LEU D 108 69.44 14.76 -9.04
CA LEU D 108 70.67 15.54 -9.05
C LEU D 108 71.62 15.07 -7.94
N ARG D 109 71.08 14.81 -6.75
CA ARG D 109 71.91 14.28 -5.67
C ARG D 109 72.62 13.00 -6.08
N ALA D 110 72.01 12.21 -6.96
CA ALA D 110 72.61 10.96 -7.40
C ALA D 110 73.79 11.22 -8.33
N ILE D 111 73.58 12.00 -9.39
CA ILE D 111 74.63 12.23 -10.37
C ILE D 111 75.71 13.16 -9.84
N SER D 112 75.45 13.86 -8.73
CA SER D 112 76.47 14.71 -8.13
C SER D 112 77.72 13.92 -7.75
N HIS D 113 77.54 12.64 -7.38
CA HIS D 113 78.69 11.77 -7.15
C HIS D 113 79.36 11.36 -8.45
N GLU D 114 78.62 11.38 -9.57
CA GLU D 114 79.18 10.99 -10.86
C GLU D 114 80.01 12.09 -11.50
N HIS D 115 79.91 13.33 -11.02
CA HIS D 115 80.72 14.41 -11.55
C HIS D 115 82.11 14.38 -10.91
N SER D 116 83.14 14.43 -11.76
CA SER D 116 84.50 14.55 -11.27
C SER D 116 84.65 15.88 -10.52
N PRO D 117 85.66 16.00 -9.65
CA PRO D 117 85.81 17.26 -8.89
C PRO D 117 85.91 18.49 -9.79
N SER D 118 86.60 18.37 -10.93
CA SER D 118 86.63 19.49 -11.87
C SER D 118 85.28 19.71 -12.53
N ASP D 119 84.51 18.64 -12.75
CA ASP D 119 83.17 18.79 -13.31
C ASP D 119 82.20 19.43 -12.32
N LEU D 120 82.48 19.32 -11.02
CA LEU D 120 81.62 19.95 -10.01
C LEU D 120 81.80 21.46 -10.03
N GLU D 121 83.04 21.93 -9.83
CA GLU D 121 83.32 23.36 -9.75
C GLU D 121 82.90 24.12 -11.01
N ALA D 122 82.77 23.42 -12.13
CA ALA D 122 82.50 24.08 -13.41
C ALA D 122 81.04 24.01 -13.85
N HIS D 123 80.32 22.98 -13.45
CA HIS D 123 78.94 22.83 -13.91
C HIS D 123 77.93 22.63 -12.79
N PHE D 124 78.27 21.86 -11.75
CA PHE D 124 77.32 21.60 -10.68
C PHE D 124 77.31 22.74 -9.66
N VAL D 125 78.49 23.14 -9.20
CA VAL D 125 78.57 24.28 -8.27
C VAL D 125 77.91 25.51 -8.87
N PRO D 126 78.09 25.85 -10.16
CA PRO D 126 77.29 26.95 -10.72
C PRO D 126 75.79 26.71 -10.66
N LEU D 127 75.34 25.47 -10.85
CA LEU D 127 73.91 25.18 -10.86
C LEU D 127 73.27 25.52 -9.52
N VAL D 128 73.84 25.00 -8.43
CA VAL D 128 73.29 25.25 -7.10
C VAL D 128 73.15 26.75 -6.87
N LYS D 129 74.11 27.54 -7.37
CA LYS D 129 74.00 28.99 -7.27
C LYS D 129 72.83 29.51 -8.10
N ARG D 130 72.70 29.05 -9.34
CA ARG D 130 71.61 29.50 -10.20
C ARG D 130 70.26 29.26 -9.55
N LEU D 131 70.09 28.11 -8.90
CA LEU D 131 68.84 27.85 -8.19
C LEU D 131 68.77 28.65 -6.90
N ALA D 132 69.90 28.83 -6.22
CA ALA D 132 69.90 29.55 -4.95
C ALA D 132 69.62 31.04 -5.10
N GLY D 133 69.58 31.57 -6.32
CA GLY D 133 69.39 32.99 -6.51
C GLY D 133 68.26 33.36 -7.44
N GLY D 134 67.61 32.36 -8.04
CA GLY D 134 66.51 32.60 -8.95
C GLY D 134 65.40 33.43 -8.34
N ASP D 135 64.69 34.19 -9.15
CA ASP D 135 63.65 35.07 -8.63
C ASP D 135 62.40 34.33 -8.17
N TRP D 136 62.42 33.00 -8.17
CA TRP D 136 61.30 32.20 -7.70
C TRP D 136 61.72 31.44 -6.45
N PHE D 137 60.80 31.28 -5.51
CA PHE D 137 61.08 30.50 -4.32
C PHE D 137 61.22 29.01 -4.62
N THR D 138 60.84 28.59 -5.84
CA THR D 138 61.00 27.19 -6.23
C THR D 138 62.47 26.82 -6.36
N SER D 139 63.21 27.57 -7.18
CA SER D 139 64.64 27.34 -7.31
C SER D 139 65.34 27.51 -5.97
N ARG D 140 65.01 28.59 -5.25
CA ARG D 140 65.62 28.85 -3.94
C ARG D 140 65.35 27.74 -2.94
N THR D 141 64.31 26.94 -3.16
CA THR D 141 64.01 25.81 -2.29
C THR D 141 64.78 24.56 -2.71
N SER D 142 64.68 24.18 -3.99
CA SER D 142 65.36 22.98 -4.45
C SER D 142 66.87 23.07 -4.27
N ALA D 143 67.41 24.29 -4.22
CA ALA D 143 68.85 24.45 -4.03
C ALA D 143 69.28 23.95 -2.65
N CYS D 144 68.43 24.13 -1.64
CA CYS D 144 68.81 23.80 -0.27
C CYS D 144 69.25 22.34 -0.12
N GLY D 145 68.73 21.45 -0.98
CA GLY D 145 69.10 20.05 -0.89
C GLY D 145 70.42 19.70 -1.56
N LEU D 146 70.85 20.50 -2.54
CA LEU D 146 72.04 20.21 -3.33
C LEU D 146 73.32 20.73 -2.68
N PHE D 147 73.29 21.07 -1.40
CA PHE D 147 74.48 21.59 -0.72
C PHE D 147 75.33 20.49 -0.09
N SER D 148 74.77 19.31 0.12
CA SER D 148 75.49 18.24 0.82
C SER D 148 76.31 17.36 -0.13
N VAL D 149 75.98 17.34 -1.42
CA VAL D 149 76.61 16.41 -2.35
C VAL D 149 77.76 17.04 -3.14
N CYS D 150 77.95 18.35 -3.06
CA CYS D 150 79.03 19.02 -3.76
C CYS D 150 80.08 19.61 -2.84
N TYR D 151 79.71 20.04 -1.65
CA TYR D 151 80.67 20.59 -0.69
C TYR D 151 81.85 19.65 -0.38
N PRO D 152 81.68 18.34 -0.21
CA PRO D 152 82.85 17.52 0.17
C PRO D 152 83.98 17.53 -0.85
N ARG D 153 83.66 17.41 -2.13
CA ARG D 153 84.65 17.10 -3.15
C ARG D 153 85.23 18.32 -3.85
N VAL D 154 84.95 19.53 -3.35
CA VAL D 154 85.41 20.75 -4.00
C VAL D 154 86.48 21.40 -3.12
N SER D 155 87.19 22.36 -3.71
CA SER D 155 88.27 23.04 -3.02
C SER D 155 87.73 23.90 -1.88
N SER D 156 88.65 24.45 -1.08
CA SER D 156 88.24 25.25 0.08
C SER D 156 87.65 26.59 -0.36
N ALA D 157 88.25 27.23 -1.36
CA ALA D 157 87.69 28.49 -1.85
C ALA D 157 86.33 28.29 -2.49
N VAL D 158 86.10 27.13 -3.12
CA VAL D 158 84.78 26.80 -3.62
C VAL D 158 83.84 26.46 -2.47
N LYS D 159 84.35 25.74 -1.46
CA LYS D 159 83.59 25.52 -0.24
C LYS D 159 83.16 26.84 0.39
N ALA D 160 84.00 27.88 0.27
CA ALA D 160 83.65 29.19 0.82
C ALA D 160 82.44 29.79 0.10
N GLU D 161 82.25 29.46 -1.18
CA GLU D 161 81.13 30.00 -1.92
C GLU D 161 79.80 29.42 -1.42
N LEU D 162 79.80 28.15 -1.05
CA LEU D 162 78.56 27.52 -0.59
C LEU D 162 78.19 27.99 0.81
N ARG D 163 79.19 28.17 1.68
CA ARG D 163 78.92 28.56 3.06
C ARG D 163 78.25 29.92 3.13
N GLN D 164 78.46 30.78 2.14
CA GLN D 164 77.80 32.08 2.11
C GLN D 164 76.50 32.07 1.31
N TYR D 165 76.42 31.27 0.26
CA TYR D 165 75.18 31.16 -0.49
C TYR D 165 74.10 30.49 0.35
N PHE D 166 74.44 29.39 1.02
CA PHE D 166 73.51 28.74 1.94
C PHE D 166 73.07 29.70 3.04
N ARG D 167 73.92 30.68 3.38
CA ARG D 167 73.55 31.66 4.40
C ARG D 167 72.41 32.54 3.93
N ASN D 168 72.47 33.01 2.67
CA ASN D 168 71.40 33.85 2.15
C ASN D 168 70.09 33.10 2.08
N LEU D 169 70.13 31.82 1.68
CA LEU D 169 68.94 31.00 1.69
C LEU D 169 68.40 30.79 3.10
N CYS D 170 69.28 30.87 4.10
CA CYS D 170 68.84 30.70 5.49
C CYS D 170 68.16 31.95 6.02
N SER D 171 68.68 33.14 5.69
CA SER D 171 68.05 34.40 6.06
C SER D 171 67.23 34.98 4.92
N ASP D 172 66.71 34.13 4.04
CA ASP D 172 65.95 34.56 2.88
C ASP D 172 64.68 35.30 3.34
N ASP D 173 64.09 36.03 2.40
CA ASP D 173 62.90 36.82 2.69
C ASP D 173 61.62 35.99 2.65
N THR D 174 61.70 34.72 2.24
CA THR D 174 60.54 33.87 2.05
C THR D 174 60.50 32.75 3.09
N PRO D 175 59.34 32.46 3.68
CA PRO D 175 59.26 31.37 4.67
C PRO D 175 59.62 30.00 4.10
N VAL D 177 61.35 28.99 1.62
CA VAL D 177 62.79 28.85 1.39
C VAL D 177 63.52 28.70 2.72
N ARG D 178 63.07 29.44 3.75
CA ARG D 178 63.68 29.33 5.06
C ARG D 178 63.42 27.97 5.70
N ARG D 179 62.26 27.37 5.42
CA ARG D 179 61.95 26.05 5.95
C ARG D 179 62.87 24.99 5.35
N ALA D 180 62.88 24.89 4.01
CA ALA D 180 63.72 23.90 3.35
C ALA D 180 65.19 24.10 3.69
N ALA D 181 65.62 25.34 3.90
CA ALA D 181 66.98 25.59 4.35
C ALA D 181 67.21 25.02 5.75
N ALA D 182 66.25 25.22 6.66
CA ALA D 182 66.37 24.68 8.01
C ALA D 182 66.21 23.18 8.05
N SER D 183 65.53 22.59 7.05
CA SER D 183 65.37 21.14 7.02
C SER D 183 66.71 20.46 6.72
N LYS D 184 67.35 20.86 5.61
CA LYS D 184 68.66 20.31 5.25
C LYS D 184 69.79 20.86 6.11
N LEU D 185 69.48 21.70 7.10
CA LEU D 185 70.50 22.26 7.98
C LEU D 185 71.35 21.17 8.61
N GLY D 186 70.71 20.12 9.11
CA GLY D 186 71.41 19.04 9.76
C GLY D 186 72.39 18.30 8.86
N GLU D 187 71.88 17.73 7.76
CA GLU D 187 72.74 16.97 6.86
C GLU D 187 73.80 17.84 6.21
N PHE D 188 73.63 19.16 6.22
CA PHE D 188 74.67 20.05 5.71
C PHE D 188 75.80 20.22 6.71
N ALA D 189 75.48 20.25 8.00
CA ALA D 189 76.52 20.37 9.02
C ALA D 189 77.41 19.14 9.07
N LYS D 190 76.86 17.95 8.81
CA LYS D 190 77.65 16.73 8.75
C LYS D 190 78.66 16.75 7.60
N VAL D 191 78.52 17.69 6.67
CA VAL D 191 79.38 17.76 5.51
C VAL D 191 80.56 18.71 5.70
N LEU D 192 80.48 19.65 6.66
CA LEU D 192 81.47 20.70 6.76
C LEU D 192 82.59 20.31 7.72
N GLU D 193 83.55 21.21 7.89
CA GLU D 193 84.57 21.07 8.91
C GLU D 193 84.02 21.54 10.26
N LEU D 194 84.65 21.06 11.34
CA LEU D 194 84.17 21.40 12.68
C LEU D 194 84.25 22.91 12.93
N ASP D 195 85.23 23.59 12.33
CA ASP D 195 85.37 25.02 12.55
C ASP D 195 84.18 25.79 12.00
N ASN D 196 83.65 25.35 10.85
CA ASN D 196 82.46 26.02 10.30
C ASN D 196 81.20 25.66 11.06
N VAL D 197 81.02 24.39 11.41
CA VAL D 197 79.85 24.00 12.20
C VAL D 197 79.80 24.78 13.50
N LYS D 198 80.96 25.20 14.02
CA LYS D 198 81.00 25.98 15.25
C LYS D 198 80.61 27.43 14.99
N SER D 199 81.20 28.07 13.98
CA SER D 199 81.03 29.50 13.76
C SER D 199 80.02 29.82 12.67
N GLU D 200 79.65 28.86 11.84
CA GLU D 200 78.77 29.12 10.69
C GLU D 200 77.42 28.44 10.82
N ILE D 201 77.39 27.17 11.21
CA ILE D 201 76.13 26.46 11.33
C ILE D 201 75.33 26.96 12.53
N ILE D 202 75.98 27.15 13.68
CA ILE D 202 75.29 27.43 14.93
C ILE D 202 74.59 28.79 14.91
N PRO D 203 75.12 29.84 14.27
CA PRO D 203 74.38 31.11 14.29
C PRO D 203 73.04 31.03 13.58
N PHE D 205 71.43 28.24 13.14
CA PHE D 205 70.67 27.34 13.98
C PHE D 205 69.94 28.08 15.10
N SER D 206 70.55 29.15 15.62
CA SER D 206 69.89 29.94 16.65
C SER D 206 68.88 30.91 16.04
N ASN D 207 69.29 31.65 15.01
CA ASN D 207 68.39 32.61 14.37
C ASN D 207 67.17 31.92 13.78
N LEU D 208 67.32 30.68 13.31
CA LEU D 208 66.17 29.96 12.77
C LEU D 208 65.23 29.50 13.89
N ALA D 209 65.79 29.07 15.02
CA ALA D 209 64.99 28.63 16.16
C ALA D 209 64.34 29.80 16.89
N SER D 210 64.59 31.03 16.47
CA SER D 210 63.90 32.20 17.01
C SER D 210 63.15 32.96 15.92
N ASP D 211 62.86 32.30 14.81
CA ASP D 211 62.24 32.96 13.67
C ASP D 211 60.83 33.42 14.01
N GLU D 212 60.40 34.49 13.33
CA GLU D 212 59.05 35.01 13.52
C GLU D 212 57.98 34.00 13.14
N GLN D 213 58.31 33.05 12.25
CA GLN D 213 57.34 32.09 11.74
C GLN D 213 57.47 30.76 12.47
N ASP D 214 56.33 30.16 12.81
CA ASP D 214 56.34 28.87 13.48
C ASP D 214 56.88 27.78 12.58
N SER D 215 56.28 27.63 11.39
CA SER D 215 56.57 26.49 10.51
C SER D 215 58.06 26.28 10.31
N VAL D 216 58.85 27.34 10.31
CA VAL D 216 60.29 27.21 10.15
C VAL D 216 61.00 27.05 11.50
N ARG D 217 60.42 27.57 12.59
CA ARG D 217 61.12 27.59 13.86
C ARG D 217 61.36 26.18 14.39
N LEU D 218 60.36 25.30 14.27
CA LEU D 218 60.52 23.94 14.81
C LEU D 218 61.37 23.07 13.91
N LEU D 219 61.34 23.30 12.58
CA LEU D 219 62.17 22.51 11.68
C LEU D 219 63.64 22.70 11.97
N ALA D 220 64.02 23.84 12.55
CA ALA D 220 65.38 24.02 13.02
C ALA D 220 65.64 23.26 14.31
N VAL D 221 64.59 22.96 15.08
CA VAL D 221 64.80 22.26 16.36
C VAL D 221 65.15 20.80 16.10
N GLU D 222 64.49 20.17 15.12
CA GLU D 222 64.74 18.75 14.88
C GLU D 222 66.20 18.48 14.52
N ALA D 223 66.89 19.48 13.98
CA ALA D 223 68.31 19.34 13.68
C ALA D 223 69.19 19.51 14.91
N CYS D 224 68.61 19.89 16.06
CA CYS D 224 69.39 19.99 17.29
C CYS D 224 70.09 18.68 17.61
N VAL D 225 69.39 17.56 17.42
CA VAL D 225 70.01 16.25 17.61
C VAL D 225 71.17 16.08 16.64
N ASN D 226 70.88 16.19 15.33
CA ASN D 226 71.91 16.00 14.31
C ASN D 226 73.11 16.92 14.55
N ILE D 227 72.85 18.15 14.98
CA ILE D 227 73.93 19.11 15.19
C ILE D 227 74.74 18.75 16.43
N ALA D 228 74.05 18.38 17.52
CA ALA D 228 74.73 18.11 18.78
C ALA D 228 75.72 16.94 18.65
N GLN D 229 75.41 15.97 17.79
CA GLN D 229 76.31 14.83 17.61
C GLN D 229 77.64 15.23 16.98
N LEU D 230 77.70 16.35 16.27
CA LEU D 230 78.88 16.76 15.53
C LEU D 230 79.81 17.66 16.32
N LEU D 231 79.41 18.11 17.50
CA LEU D 231 80.16 19.08 18.29
C LEU D 231 80.84 18.41 19.48
N PRO D 232 81.88 19.04 20.02
CA PRO D 232 82.52 18.47 21.22
C PRO D 232 81.64 18.63 22.45
N GLN D 233 81.92 17.79 23.44
CA GLN D 233 81.08 17.75 24.65
C GLN D 233 81.21 19.02 25.47
N GLU D 234 82.39 19.66 25.45
CA GLU D 234 82.62 20.82 26.30
C GLU D 234 81.82 22.03 25.82
N ASP D 235 81.94 22.36 24.54
CA ASP D 235 81.31 23.54 23.95
C ASP D 235 79.81 23.36 23.74
N LEU D 236 79.21 22.30 24.26
CA LEU D 236 77.78 22.05 24.05
C LEU D 236 76.90 22.95 24.91
N GLU D 237 77.36 23.29 26.13
CA GLU D 237 76.56 24.12 27.01
C GLU D 237 76.40 25.55 26.50
N ALA D 238 77.28 25.99 25.60
CA ALA D 238 77.26 27.36 25.11
C ALA D 238 76.89 27.49 23.63
N LEU D 239 76.76 26.40 22.90
CA LEU D 239 76.41 26.45 21.48
C LEU D 239 74.99 25.96 21.21
N VAL D 240 74.68 24.73 21.61
CA VAL D 240 73.38 24.14 21.32
C VAL D 240 72.39 24.39 22.43
N PRO D 242 71.99 26.89 24.63
CA PRO D 242 71.34 28.22 24.69
C PRO D 242 69.99 28.29 24.01
N THR D 243 69.84 27.66 22.84
CA THR D 243 68.59 27.74 22.12
C THR D 243 67.57 26.71 22.60
N LEU D 244 68.03 25.56 23.12
CA LEU D 244 67.08 24.54 23.56
C LEU D 244 66.16 25.09 24.63
N ARG D 245 66.67 25.98 25.47
CA ARG D 245 65.80 26.65 26.45
C ARG D 245 64.64 27.34 25.75
N GLN D 246 64.94 28.21 24.77
CA GLN D 246 63.88 28.90 24.04
C GLN D 246 62.98 27.94 23.27
N ALA D 247 63.45 26.72 22.98
CA ALA D 247 62.62 25.73 22.31
C ALA D 247 61.52 25.24 23.24
N ALA D 248 61.90 24.68 24.39
CA ALA D 248 60.92 24.25 25.38
C ALA D 248 60.17 25.44 25.99
N GLU D 249 60.75 26.63 25.97
CA GLU D 249 60.10 27.83 26.44
C GLU D 249 59.37 28.58 25.33
N ASP D 250 59.44 28.07 24.10
CA ASP D 250 58.74 28.68 22.98
C ASP D 250 57.23 28.74 23.26
N LYS D 251 56.55 29.64 22.55
CA LYS D 251 55.12 29.85 22.76
C LYS D 251 54.26 29.03 21.81
N SER D 252 54.79 28.60 20.67
CA SER D 252 54.09 27.66 19.82
C SER D 252 54.13 26.28 20.47
N TRP D 253 52.97 25.80 20.92
CA TRP D 253 52.89 24.47 21.51
C TRP D 253 53.41 23.39 20.59
N ARG D 254 53.49 23.67 19.28
CA ARG D 254 54.12 22.75 18.34
C ARG D 254 55.60 22.58 18.67
N VAL D 255 56.30 23.68 18.94
CA VAL D 255 57.74 23.63 19.17
C VAL D 255 58.05 22.82 20.43
N ARG D 256 57.41 23.19 21.55
CA ARG D 256 57.66 22.48 22.81
C ARG D 256 57.41 20.99 22.68
N TYR D 257 56.46 20.60 21.82
CA TYR D 257 56.24 19.18 21.55
C TYR D 257 57.51 18.54 20.99
N VAL D 259 60.57 19.10 21.33
CA VAL D 259 61.49 18.79 22.42
C VAL D 259 61.01 17.58 23.19
N ALA D 260 59.71 17.49 23.45
CA ALA D 260 59.16 16.39 24.24
C ALA D 260 59.18 15.07 23.47
N ASP D 261 59.26 15.11 22.14
CA ASP D 261 59.29 13.88 21.36
C ASP D 261 60.72 13.36 21.15
N LYS D 262 61.62 14.25 20.72
CA LYS D 262 63.02 13.90 20.52
C LYS D 262 63.84 13.96 21.80
N PHE D 263 63.18 13.98 22.97
CA PHE D 263 63.90 14.19 24.22
C PHE D 263 64.89 13.06 24.50
N THR D 264 64.48 11.81 24.23
CA THR D 264 65.39 10.69 24.46
C THR D 264 66.59 10.75 23.53
N GLU D 265 66.42 11.26 22.31
CA GLU D 265 67.55 11.41 21.40
C GLU D 265 68.51 12.49 21.89
N LEU D 266 67.99 13.50 22.59
CA LEU D 266 68.85 14.58 23.08
C LEU D 266 69.81 14.08 24.15
N GLN D 267 69.29 13.37 25.15
CA GLN D 267 70.13 12.94 26.27
C GLN D 267 71.21 11.95 25.82
N LYS D 268 70.91 11.12 24.83
CA LYS D 268 71.90 10.21 24.26
C LYS D 268 72.83 10.88 23.27
N ALA D 269 72.71 12.20 23.08
CA ALA D 269 73.56 12.91 22.14
C ALA D 269 74.20 14.12 22.80
N VAL D 270 73.50 14.71 23.77
CA VAL D 270 74.02 15.91 24.42
C VAL D 270 74.92 15.58 25.60
N GLY D 271 74.68 14.47 26.29
CA GLY D 271 75.53 14.06 27.39
C GLY D 271 74.81 14.05 28.73
N PRO D 272 75.23 13.14 29.62
CA PRO D 272 74.61 13.11 30.96
C PRO D 272 74.99 14.29 31.82
N GLU D 273 76.17 14.89 31.59
CA GLU D 273 76.55 16.07 32.34
C GLU D 273 75.52 17.18 32.23
N ILE D 274 74.86 17.29 31.07
CA ILE D 274 73.88 18.34 30.85
C ILE D 274 72.48 17.87 31.24
N THR D 275 72.15 16.62 30.91
CA THR D 275 70.84 16.07 31.25
C THR D 275 70.55 16.25 32.73
N LYS D 276 71.52 15.93 33.59
CA LYS D 276 71.38 16.18 35.01
C LYS D 276 71.20 17.66 35.32
N THR D 277 71.74 18.54 34.48
CA THR D 277 71.75 19.97 34.72
C THR D 277 70.64 20.72 34.00
N ASP D 278 70.38 20.39 32.73
CA ASP D 278 69.51 21.20 31.89
C ASP D 278 68.26 20.47 31.43
N LEU D 279 68.39 19.27 30.87
CA LEU D 279 67.22 18.58 30.32
C LEU D 279 66.20 18.26 31.42
N VAL D 280 66.69 17.90 32.60
CA VAL D 280 65.77 17.56 33.71
C VAL D 280 64.92 18.75 34.12
N PRO D 281 65.48 19.95 34.37
CA PRO D 281 64.60 21.11 34.65
C PRO D 281 63.61 21.39 33.54
N ALA D 282 63.95 21.07 32.30
CA ALA D 282 63.03 21.27 31.19
C ALA D 282 61.98 20.16 31.14
N PHE D 283 62.37 18.93 31.48
CA PHE D 283 61.42 17.82 31.48
C PHE D 283 60.28 18.07 32.48
N GLN D 284 60.57 18.77 33.57
CA GLN D 284 59.51 19.11 34.52
C GLN D 284 58.56 20.13 33.93
N ASN D 285 59.10 21.24 33.42
CA ASN D 285 58.27 22.28 32.81
C ASN D 285 57.55 21.78 31.56
N LEU D 286 57.91 20.62 31.03
CA LEU D 286 57.19 20.00 29.94
C LEU D 286 56.00 19.17 30.43
N LYS D 288 54.50 19.80 33.13
CA LYS D 288 53.64 20.83 33.70
C LYS D 288 53.10 21.78 32.64
N ASP D 289 53.24 21.45 31.35
CA ASP D 289 52.86 22.35 30.28
C ASP D 289 51.33 22.45 30.19
N CYS D 290 50.86 23.20 29.20
CA CYS D 290 49.44 23.54 29.07
C CYS D 290 48.72 22.66 28.06
N GLU D 291 49.10 22.74 26.79
CA GLU D 291 48.41 22.02 25.73
C GLU D 291 48.67 20.53 25.88
N ALA D 292 47.71 19.81 26.47
CA ALA D 292 47.83 18.42 26.91
C ALA D 292 48.71 17.53 26.04
N GLU D 293 48.76 17.81 24.73
CA GLU D 293 49.53 16.97 23.81
C GLU D 293 50.99 16.87 24.22
N VAL D 294 51.58 17.97 24.70
CA VAL D 294 52.99 17.93 25.07
C VAL D 294 53.19 17.05 26.31
N ARG D 295 52.30 17.17 27.30
CA ARG D 295 52.41 16.33 28.48
C ARG D 295 52.22 14.85 28.14
N ALA D 296 51.43 14.56 27.10
CA ALA D 296 51.25 13.17 26.69
C ALA D 296 52.56 12.57 26.21
N ALA D 297 53.28 13.30 25.35
CA ALA D 297 54.56 12.79 24.84
C ALA D 297 55.65 12.87 25.91
N ALA D 298 55.59 13.88 26.79
CA ALA D 298 56.59 14.01 27.83
C ALA D 298 56.53 12.82 28.79
N SER D 299 55.36 12.59 29.39
CA SER D 299 55.20 11.44 30.28
C SER D 299 55.43 10.12 29.55
N HIS D 300 55.21 10.10 28.24
CA HIS D 300 55.47 8.91 27.45
C HIS D 300 56.93 8.49 27.48
N LYS D 301 57.83 9.42 27.82
CA LYS D 301 59.26 9.16 27.81
C LYS D 301 59.84 8.90 29.19
N VAL D 302 59.03 8.96 30.25
CA VAL D 302 59.54 8.77 31.61
C VAL D 302 60.31 7.47 31.72
N LYS D 303 59.81 6.41 31.07
CA LYS D 303 60.49 5.13 31.10
C LYS D 303 61.90 5.24 30.54
N GLU D 304 62.01 5.57 29.24
CA GLU D 304 63.32 5.59 28.60
C GLU D 304 64.19 6.74 29.12
N PHE D 305 63.57 7.86 29.54
CA PHE D 305 64.36 8.97 30.07
C PHE D 305 64.94 8.64 31.43
N CYS D 306 64.10 8.14 32.35
CA CYS D 306 64.60 7.75 33.66
C CYS D 306 65.51 6.53 33.58
N GLU D 307 65.42 5.76 32.49
CA GLU D 307 66.34 4.64 32.32
C GLU D 307 67.74 5.14 32.02
N ASN D 308 67.88 6.02 31.04
CA ASN D 308 69.20 6.44 30.56
C ASN D 308 69.65 7.68 31.33
N LEU D 309 70.23 7.42 32.50
CA LEU D 309 70.75 8.49 33.35
C LEU D 309 72.04 8.00 33.99
N SER D 310 72.89 8.95 34.38
CA SER D 310 74.15 8.59 35.02
C SER D 310 73.90 7.78 36.27
N ALA D 311 74.45 6.57 36.33
CA ALA D 311 74.21 5.67 37.44
C ALA D 311 74.63 6.27 38.78
N ASP D 312 75.54 7.25 38.78
CA ASP D 312 75.96 7.90 40.00
C ASP D 312 74.86 8.71 40.65
N CYS D 313 73.81 9.06 39.90
CA CYS D 313 72.69 9.82 40.46
C CYS D 313 71.34 9.29 39.99
N ARG D 314 71.28 8.09 39.39
CA ARG D 314 70.04 7.56 38.84
C ARG D 314 68.91 7.57 39.86
N GLU D 315 69.11 6.90 40.99
CA GLU D 315 68.03 6.68 41.94
C GLU D 315 67.51 7.98 42.54
N ASN D 316 68.41 8.91 42.86
CA ASN D 316 68.00 10.11 43.59
C ASN D 316 67.13 11.02 42.74
N VAL D 317 67.59 11.36 41.54
CA VAL D 317 66.92 12.38 40.74
C VAL D 317 65.49 11.96 40.40
N ILE D 318 65.26 10.66 40.25
CA ILE D 318 63.94 10.19 39.84
C ILE D 318 63.04 10.07 41.06
N SER D 320 63.78 12.74 43.57
CA SER D 320 63.98 14.10 44.06
C SER D 320 63.26 15.12 43.19
N GLN D 321 63.59 15.15 41.90
CA GLN D 321 63.07 16.17 40.99
C GLN D 321 62.03 15.64 40.01
N ILE D 322 62.07 14.36 39.64
CA ILE D 322 61.14 13.90 38.62
C ILE D 322 59.82 13.44 39.24
N LEU D 323 59.84 12.92 40.47
CA LEU D 323 58.66 12.27 41.02
C LEU D 323 57.53 13.23 41.32
N PRO D 324 57.75 14.39 41.98
CA PRO D 324 56.63 15.31 42.26
C PRO D 324 55.86 15.69 41.01
N CYS D 325 56.49 15.60 39.84
CA CYS D 325 55.79 15.83 38.59
C CYS D 325 54.91 14.66 38.19
N ILE D 326 55.31 13.43 38.53
CA ILE D 326 54.51 12.26 38.19
C ILE D 326 53.26 12.20 39.06
N LYS D 327 53.41 12.48 40.36
CA LYS D 327 52.26 12.43 41.27
C LYS D 327 51.22 13.47 40.88
N GLU D 328 51.66 14.64 40.41
CA GLU D 328 50.72 15.66 39.96
C GLU D 328 50.11 15.31 38.60
N LEU D 329 50.84 14.54 37.78
CA LEU D 329 50.35 14.19 36.47
C LEU D 329 49.39 13.00 36.49
N VAL D 330 49.42 12.19 37.54
CA VAL D 330 48.49 11.08 37.65
C VAL D 330 47.05 11.60 37.77
N SER D 331 46.87 12.73 38.46
CA SER D 331 45.57 13.35 38.62
C SER D 331 45.22 14.32 37.50
N ASP D 332 45.79 14.12 36.31
CA ASP D 332 45.51 15.02 35.19
C ASP D 332 44.07 14.84 34.71
N ALA D 333 43.45 15.95 34.33
CA ALA D 333 42.07 15.94 33.86
C ALA D 333 41.94 15.42 32.44
N ASN D 334 43.06 15.28 31.71
CA ASN D 334 43.06 14.82 30.34
C ASN D 334 43.36 13.33 30.31
N GLN D 335 42.37 12.52 29.94
CA GLN D 335 42.53 11.07 29.92
C GLN D 335 43.52 10.59 28.86
N HIS D 336 43.95 11.48 27.95
CA HIS D 336 44.92 11.09 26.94
C HIS D 336 46.33 10.97 27.52
N VAL D 337 46.68 11.83 28.48
CA VAL D 337 48.01 11.74 29.08
C VAL D 337 48.05 10.69 30.19
N LYS D 338 46.93 10.49 30.90
CA LYS D 338 46.89 9.47 31.94
C LYS D 338 47.13 8.08 31.37
N SER D 339 46.67 7.85 30.12
CA SER D 339 46.84 6.54 29.50
C SER D 339 48.30 6.28 29.12
N ALA D 340 48.91 7.23 28.40
CA ALA D 340 50.30 7.05 28.00
C ALA D 340 51.23 6.91 29.21
N LEU D 341 50.89 7.57 30.32
CA LEU D 341 51.69 7.42 31.54
C LEU D 341 51.58 6.01 32.08
N ALA D 342 50.41 5.37 31.94
CA ALA D 342 50.16 4.10 32.59
C ALA D 342 51.09 3.00 32.09
N SER D 343 51.19 2.86 30.77
CA SER D 343 51.94 1.76 30.17
C SER D 343 53.42 1.76 30.54
N VAL D 344 53.94 2.84 31.10
CA VAL D 344 55.37 2.96 31.35
C VAL D 344 55.72 3.32 32.78
N ILE D 345 54.78 3.82 33.60
CA ILE D 345 55.12 4.35 34.90
C ILE D 345 55.68 3.25 35.81
N GLY D 347 57.42 0.90 35.17
CA GLY D 347 58.75 0.49 34.75
C GLY D 347 59.88 1.04 35.60
N LEU D 348 59.59 1.96 36.51
CA LEU D 348 60.61 2.49 37.41
C LEU D 348 60.84 1.62 38.63
N SER D 349 60.07 0.54 38.78
CA SER D 349 60.24 -0.34 39.94
C SER D 349 61.62 -0.97 40.01
N PRO D 350 62.17 -1.57 38.95
CA PRO D 350 63.53 -2.13 39.05
C PRO D 350 64.61 -1.07 39.20
N ILE D 351 64.26 0.21 39.14
CA ILE D 351 65.22 1.29 39.18
C ILE D 351 65.27 1.93 40.56
N LEU D 352 64.11 2.23 41.13
CA LEU D 352 64.04 2.84 42.46
C LEU D 352 64.32 1.86 43.58
N GLY D 353 64.15 0.56 43.34
CA GLY D 353 64.43 -0.43 44.37
C GLY D 353 63.19 -1.06 44.96
N LYS D 354 63.29 -1.54 46.20
CA LYS D 354 62.17 -2.21 46.85
C LYS D 354 61.37 -1.24 47.73
N ASP D 355 62.01 -0.71 48.78
CA ASP D 355 61.31 0.19 49.69
C ASP D 355 60.83 1.45 48.99
N ASN D 356 61.53 1.87 47.93
CA ASN D 356 61.09 3.05 47.18
C ASN D 356 59.92 2.73 46.27
N THR D 357 59.87 1.51 45.71
CA THR D 357 58.74 1.12 44.89
C THR D 357 57.46 0.97 45.71
N ILE D 358 57.58 0.54 46.97
CA ILE D 358 56.41 0.35 47.80
C ILE D 358 55.97 1.67 48.42
N GLU D 359 56.92 2.46 48.93
CA GLU D 359 56.57 3.68 49.63
C GLU D 359 56.12 4.80 48.70
N HIS D 360 56.53 4.78 47.44
CA HIS D 360 56.18 5.88 46.55
C HIS D 360 55.48 5.43 45.27
N LEU D 361 55.91 4.32 44.67
CA LEU D 361 55.32 3.90 43.39
C LEU D 361 53.98 3.19 43.58
N LEU D 362 53.87 2.35 44.60
CA LEU D 362 52.64 1.57 44.80
C LEU D 362 51.38 2.42 44.85
N PRO D 363 51.33 3.58 45.50
CA PRO D 363 50.08 4.37 45.47
C PRO D 363 49.68 4.86 44.09
N LEU D 364 50.64 5.19 43.21
CA LEU D 364 50.27 5.61 41.87
C LEU D 364 49.64 4.48 41.08
N PHE D 365 50.30 3.32 41.03
CA PHE D 365 49.69 2.14 40.40
C PHE D 365 48.31 1.87 40.99
N LEU D 366 48.13 2.14 42.28
CA LEU D 366 46.83 1.97 42.92
C LEU D 366 45.82 2.97 42.39
N ALA D 367 46.13 4.26 42.48
CA ALA D 367 45.22 5.28 41.97
C ALA D 367 45.02 5.15 40.47
N GLN D 368 46.08 4.78 39.74
CA GLN D 368 45.94 4.50 38.31
C GLN D 368 44.94 3.38 38.07
N LEU D 369 44.76 2.49 39.04
CA LEU D 369 43.85 1.38 38.89
C LEU D 369 42.41 1.72 39.24
N LYS D 370 42.20 2.75 40.05
CA LYS D 370 40.86 3.20 40.40
C LYS D 370 40.34 4.27 39.44
N ASP D 371 41.07 4.55 38.36
CA ASP D 371 40.66 5.56 37.40
C ASP D 371 39.52 5.01 36.55
N GLU D 372 38.43 5.79 36.46
CA GLU D 372 37.23 5.32 35.77
C GLU D 372 37.52 5.02 34.30
N CYS D 373 38.33 5.85 33.66
CA CYS D 373 38.64 5.65 32.25
C CYS D 373 39.31 4.28 32.05
N PRO D 374 38.91 3.52 31.03
CA PRO D 374 39.49 2.18 30.85
C PRO D 374 40.83 2.19 30.16
N GLU D 375 41.08 3.20 29.32
CA GLU D 375 42.37 3.33 28.66
C GLU D 375 43.51 3.35 29.67
N VAL D 376 43.30 4.00 30.81
CA VAL D 376 44.33 4.04 31.85
C VAL D 376 44.62 2.63 32.34
N ARG D 377 43.58 1.90 32.73
CA ARG D 377 43.74 0.59 33.35
C ARG D 377 44.12 -0.48 32.35
N LEU D 378 43.50 -0.48 31.18
CA LEU D 378 43.91 -1.41 30.13
C LEU D 378 45.39 -1.21 29.77
N ASN D 379 45.91 0.00 29.94
CA ASN D 379 47.32 0.25 29.71
C ASN D 379 48.18 -0.12 30.92
N ILE D 380 47.59 -0.11 32.12
CA ILE D 380 48.37 -0.49 33.30
C ILE D 380 48.66 -1.99 33.30
N ILE D 381 47.77 -2.80 32.72
CA ILE D 381 48.01 -4.23 32.63
C ILE D 381 48.96 -4.56 31.49
N SER D 382 48.96 -3.74 30.43
CA SER D 382 49.76 -4.04 29.25
C SER D 382 51.25 -4.13 29.55
N ASN D 383 51.70 -3.61 30.69
CA ASN D 383 53.11 -3.67 31.10
C ASN D 383 53.15 -4.02 32.58
N LEU D 384 53.18 -5.32 32.87
CA LEU D 384 53.36 -5.80 34.24
C LEU D 384 54.49 -6.83 34.37
N ASP D 385 55.01 -7.35 33.26
CA ASP D 385 56.18 -8.23 33.35
C ASP D 385 57.38 -7.50 33.95
N CYS D 386 57.50 -6.20 33.65
CA CYS D 386 58.55 -5.37 34.22
C CYS D 386 58.31 -5.03 35.69
N VAL D 387 57.23 -5.54 36.28
CA VAL D 387 56.84 -5.22 37.65
C VAL D 387 56.88 -6.45 38.54
N ASN D 388 56.28 -7.56 38.09
CA ASN D 388 56.12 -8.74 38.94
C ASN D 388 57.46 -9.25 39.45
N GLU D 389 58.50 -9.15 38.63
CA GLU D 389 59.82 -9.63 39.03
C GLU D 389 60.50 -8.75 40.08
N VAL D 390 59.80 -7.76 40.64
CA VAL D 390 60.38 -6.85 41.61
C VAL D 390 59.45 -6.77 42.82
N ILE D 391 58.25 -7.33 42.68
CA ILE D 391 57.21 -7.21 43.68
C ILE D 391 56.64 -8.59 44.01
N GLY D 392 55.61 -8.58 44.83
CA GLY D 392 54.89 -9.79 45.20
C GLY D 392 53.62 -9.95 44.39
N ILE D 393 53.24 -11.22 44.17
CA ILE D 393 52.13 -11.53 43.28
C ILE D 393 50.79 -11.29 43.96
N ARG D 394 50.75 -11.39 45.28
CA ARG D 394 49.50 -11.12 45.96
C ARG D 394 49.40 -9.67 46.44
N GLN D 395 50.53 -8.97 46.56
CA GLN D 395 50.52 -7.57 46.97
C GLN D 395 49.61 -6.73 46.09
N LEU D 396 49.54 -7.05 44.79
CA LEU D 396 48.57 -6.48 43.87
C LEU D 396 47.23 -7.22 43.84
N SER D 397 47.24 -8.56 43.96
CA SER D 397 46.08 -9.40 43.68
C SER D 397 44.77 -8.83 44.23
N GLN D 398 44.77 -8.43 45.50
CA GLN D 398 43.56 -7.90 46.13
C GLN D 398 43.26 -6.47 45.73
N SER D 399 44.03 -5.88 44.82
CA SER D 399 43.84 -4.49 44.44
C SER D 399 43.49 -4.29 42.96
N LEU D 400 43.76 -5.25 42.08
CA LEU D 400 43.43 -5.10 40.67
C LEU D 400 42.24 -5.93 40.24
N LEU D 401 41.85 -6.95 41.03
CA LEU D 401 40.70 -7.77 40.66
C LEU D 401 39.39 -6.98 40.52
N PRO D 402 39.10 -5.93 41.31
CA PRO D 402 37.86 -5.18 41.05
C PRO D 402 37.91 -4.34 39.78
N ALA D 403 39.10 -3.91 39.36
CA ALA D 403 39.23 -3.23 38.09
C ALA D 403 39.18 -4.21 36.92
N ILE D 404 39.61 -5.46 37.14
CA ILE D 404 39.49 -6.48 36.11
C ILE D 404 38.04 -6.63 35.67
N VAL D 405 37.13 -6.78 36.65
CA VAL D 405 35.73 -6.99 36.33
C VAL D 405 35.15 -5.74 35.67
N GLU D 406 35.61 -4.55 36.08
CA GLU D 406 35.09 -3.31 35.51
C GLU D 406 35.33 -3.28 34.01
N LEU D 407 36.48 -3.76 33.55
CA LEU D 407 36.76 -3.86 32.13
C LEU D 407 36.20 -5.14 31.53
N ALA D 408 35.96 -6.16 32.37
CA ALA D 408 35.40 -7.42 31.88
C ALA D 408 33.93 -7.25 31.47
N GLU D 409 33.18 -6.43 32.20
CA GLU D 409 31.77 -6.21 31.94
C GLU D 409 31.48 -4.75 31.62
N ASP D 410 32.45 -4.05 31.05
CA ASP D 410 32.24 -2.67 30.63
C ASP D 410 31.14 -2.62 29.57
N ALA D 411 30.41 -1.50 29.53
CA ALA D 411 29.27 -1.35 28.63
C ALA D 411 29.68 -1.53 27.18
N LYS D 412 30.50 -0.62 26.68
CA LYS D 412 31.08 -0.78 25.35
C LYS D 412 31.84 -2.08 25.26
N TRP D 413 31.74 -2.76 24.12
CA TRP D 413 32.32 -4.09 23.98
C TRP D 413 33.75 -4.06 23.47
N ARG D 414 34.17 -2.99 22.79
CA ARG D 414 35.56 -2.90 22.34
C ARG D 414 36.54 -3.02 23.50
N VAL D 415 36.23 -2.35 24.62
CA VAL D 415 37.08 -2.45 25.80
C VAL D 415 37.03 -3.86 26.38
N ARG D 416 35.84 -4.47 26.43
CA ARG D 416 35.74 -5.85 26.88
C ARG D 416 36.54 -6.78 25.98
N LEU D 417 36.52 -6.52 24.67
CA LEU D 417 37.39 -7.27 23.77
C LEU D 417 38.85 -7.05 24.11
N ALA D 418 39.22 -5.82 24.47
CA ALA D 418 40.62 -5.49 24.69
C ALA D 418 41.18 -6.19 25.92
N ILE D 419 40.39 -6.32 26.98
CA ILE D 419 40.89 -6.96 28.19
C ILE D 419 41.05 -8.47 28.00
N ILE D 420 40.32 -9.06 27.05
CA ILE D 420 40.39 -10.50 26.83
C ILE D 420 41.78 -10.89 26.31
N GLU D 421 42.27 -10.18 25.29
CA GLU D 421 43.59 -10.48 24.73
C GLU D 421 44.68 -10.51 25.79
N TYR D 422 44.50 -9.75 26.87
CA TYR D 422 45.49 -9.66 27.92
C TYR D 422 45.24 -10.64 29.05
N PRO D 424 45.15 -14.22 29.00
CA PRO D 424 46.06 -15.39 29.10
C PRO D 424 47.44 -15.03 29.62
N LEU D 425 48.02 -13.93 29.13
CA LEU D 425 49.33 -13.52 29.64
C LEU D 425 49.24 -12.99 31.07
N LEU D 426 48.05 -12.58 31.51
CA LEU D 426 47.88 -12.24 32.92
C LEU D 426 47.76 -13.49 33.80
N ALA D 427 47.39 -14.62 33.21
CA ALA D 427 47.28 -15.86 33.98
C ALA D 427 48.67 -16.42 34.32
N GLY D 428 49.56 -16.49 33.32
CA GLY D 428 50.89 -17.01 33.58
C GLY D 428 51.64 -16.22 34.64
N GLN D 429 51.30 -14.94 34.81
CA GLN D 429 51.86 -14.12 35.87
C GLN D 429 51.18 -14.34 37.21
N LEU D 430 50.24 -15.29 37.31
CA LEU D 430 49.51 -15.52 38.53
C LEU D 430 49.43 -16.99 38.93
N GLY D 431 50.02 -17.89 38.15
CA GLY D 431 49.81 -19.29 38.44
C GLY D 431 48.41 -19.72 38.06
N VAL D 432 47.95 -20.80 38.70
CA VAL D 432 46.64 -21.37 38.44
C VAL D 432 45.72 -21.23 39.65
N GLU D 433 46.27 -21.34 40.87
CA GLU D 433 45.42 -21.32 42.06
C GLU D 433 44.57 -20.05 42.12
N PHE D 434 45.11 -18.93 41.65
CA PHE D 434 44.32 -17.70 41.61
C PHE D 434 43.26 -17.78 40.52
N PHE D 435 43.68 -18.08 39.29
CA PHE D 435 42.76 -18.03 38.15
C PHE D 435 41.52 -18.88 38.38
N ASP D 436 41.71 -20.11 38.88
CA ASP D 436 40.60 -21.01 39.08
C ASP D 436 39.55 -20.42 40.01
N GLU D 437 39.96 -19.61 40.98
CA GLU D 437 39.04 -19.16 42.02
C GLU D 437 38.22 -17.96 41.57
N LYS D 438 38.87 -16.84 41.27
CA LYS D 438 38.17 -15.59 41.02
C LYS D 438 38.10 -15.19 39.55
N LEU D 439 39.03 -15.68 38.73
CA LEU D 439 39.16 -15.22 37.35
C LEU D 439 38.51 -16.15 36.33
N ASN D 440 38.21 -17.40 36.71
CA ASN D 440 37.54 -18.30 35.79
C ASN D 440 36.06 -17.96 35.65
N SER D 441 35.44 -17.49 36.74
CA SER D 441 34.03 -17.11 36.69
C SER D 441 33.77 -16.06 35.61
N LEU D 442 34.73 -15.18 35.37
CA LEU D 442 34.56 -14.15 34.35
C LEU D 442 34.98 -14.65 32.98
N CYS D 443 36.10 -15.38 32.92
CA CYS D 443 36.59 -15.90 31.65
C CYS D 443 35.60 -16.82 30.97
N ALA D 445 31.98 -16.29 31.47
CA ALA D 445 30.81 -15.46 31.16
C ALA D 445 30.91 -14.83 29.78
N TRP D 446 32.14 -14.55 29.32
CA TRP D 446 32.31 -14.01 27.98
C TRP D 446 31.92 -15.01 26.91
N LEU D 447 32.09 -16.31 27.17
CA LEU D 447 31.74 -17.34 26.21
C LEU D 447 30.26 -17.34 25.85
N VAL D 448 29.44 -16.60 26.59
CA VAL D 448 27.99 -16.62 26.41
C VAL D 448 27.49 -15.19 26.28
N ASP D 449 28.40 -14.27 25.95
CA ASP D 449 28.06 -12.85 25.89
C ASP D 449 27.22 -12.55 24.66
N HIS D 450 26.62 -11.36 24.66
CA HIS D 450 25.74 -10.96 23.56
C HIS D 450 26.51 -10.77 22.26
N VAL D 451 27.72 -10.24 22.35
CA VAL D 451 28.50 -9.86 21.18
C VAL D 451 29.28 -11.07 20.67
N TYR D 452 29.21 -11.31 19.35
CA TYR D 452 29.97 -12.40 18.75
C TYR D 452 31.47 -12.22 18.98
N ALA D 453 32.00 -11.04 18.65
CA ALA D 453 33.44 -10.82 18.75
C ALA D 453 33.94 -11.04 20.17
N ILE D 454 33.07 -10.85 21.18
CA ILE D 454 33.43 -11.20 22.54
C ILE D 454 33.57 -12.71 22.66
N ARG D 455 32.59 -13.46 22.16
CA ARG D 455 32.64 -14.91 22.22
C ARG D 455 33.84 -15.46 21.43
N GLU D 456 34.02 -14.97 20.20
CA GLU D 456 35.15 -15.43 19.39
C GLU D 456 36.48 -15.15 20.06
N ALA D 457 36.59 -14.03 20.80
CA ALA D 457 37.78 -13.78 21.58
C ALA D 457 37.84 -14.68 22.80
N ALA D 458 36.73 -14.81 23.53
CA ALA D 458 36.70 -15.65 24.71
C ALA D 458 36.71 -17.14 24.41
N THR D 459 36.38 -17.54 23.18
CA THR D 459 36.52 -18.95 22.86
C THR D 459 37.93 -19.26 22.40
N SER D 460 38.58 -18.31 21.74
CA SER D 460 39.95 -18.53 21.27
C SER D 460 41.02 -18.29 22.34
N ASN D 461 40.69 -17.65 23.46
CA ASN D 461 41.73 -17.46 24.46
C ASN D 461 41.90 -18.72 25.30
N LEU D 462 40.94 -19.65 25.21
CA LEU D 462 41.05 -20.91 25.93
C LEU D 462 42.25 -21.71 25.46
N LYS D 463 42.52 -21.69 24.16
CA LYS D 463 43.70 -22.40 23.63
C LYS D 463 44.97 -21.90 24.29
N LYS D 464 45.18 -20.57 24.29
CA LYS D 464 46.35 -20.01 24.96
C LYS D 464 46.28 -20.25 26.46
N LEU D 465 45.08 -20.40 27.01
CA LEU D 465 44.93 -20.68 28.44
C LEU D 465 45.33 -22.12 28.75
N VAL D 466 44.90 -23.08 27.91
CA VAL D 466 45.23 -24.48 28.15
C VAL D 466 46.73 -24.71 27.96
N GLU D 467 47.30 -24.13 26.90
CA GLU D 467 48.73 -24.32 26.63
C GLU D 467 49.59 -23.83 27.78
N LYS D 468 49.17 -22.75 28.44
CA LYS D 468 49.91 -22.23 29.59
C LYS D 468 49.60 -22.97 30.88
N PHE D 469 48.57 -23.83 30.88
CA PHE D 469 48.17 -24.54 32.09
C PHE D 469 48.10 -26.05 31.94
N GLY D 470 48.07 -26.59 30.72
CA GLY D 470 48.04 -28.02 30.52
C GLY D 470 46.63 -28.54 30.29
N LYS D 471 46.57 -29.72 29.65
CA LYS D 471 45.28 -30.33 29.35
C LYS D 471 44.53 -30.72 30.63
N GLU D 472 45.27 -31.11 31.68
CA GLU D 472 44.64 -31.60 32.89
C GLU D 472 43.84 -30.49 33.57
N TRP D 473 44.41 -29.29 33.64
CA TRP D 473 43.71 -28.16 34.25
C TRP D 473 42.40 -27.86 33.53
N ALA D 474 42.35 -28.10 32.23
CA ALA D 474 41.12 -27.86 31.47
C ALA D 474 40.03 -28.83 31.89
N HIS D 475 40.35 -30.12 31.90
CA HIS D 475 39.37 -31.14 32.31
C HIS D 475 38.77 -30.83 33.68
N ALA D 476 39.59 -30.33 34.61
CA ALA D 476 39.09 -30.10 35.96
C ALA D 476 38.11 -28.94 36.01
N THR D 477 38.41 -27.84 35.33
CA THR D 477 37.64 -26.61 35.48
C THR D 477 36.97 -26.11 34.22
N ILE D 478 37.49 -26.45 33.03
CA ILE D 478 37.07 -25.76 31.82
C ILE D 478 36.03 -26.58 31.08
N ILE D 479 36.41 -27.80 30.67
CA ILE D 479 35.53 -28.59 29.79
C ILE D 479 34.18 -28.88 30.44
N PRO D 480 34.07 -29.12 31.77
CA PRO D 480 32.73 -29.28 32.35
C PRO D 480 31.78 -28.13 32.05
N LYS D 481 32.20 -26.89 32.28
CA LYS D 481 31.31 -25.76 32.02
C LYS D 481 31.08 -25.54 30.53
N VAL D 482 32.03 -25.95 29.68
CA VAL D 482 31.89 -25.76 28.24
C VAL D 482 30.70 -26.57 27.72
N LEU D 483 30.72 -27.88 27.95
CA LEU D 483 29.65 -28.75 27.47
C LEU D 483 28.32 -28.44 28.15
N ALA D 484 28.33 -27.72 29.27
CA ALA D 484 27.08 -27.29 29.89
C ALA D 484 26.30 -26.32 29.01
N SER D 486 25.96 -26.78 25.79
CA SER D 486 25.39 -27.56 24.71
C SER D 486 23.88 -27.75 24.84
N GLY D 487 23.29 -27.37 25.98
CA GLY D 487 21.85 -27.36 26.14
C GLY D 487 21.23 -25.99 26.17
N ASP D 488 21.99 -24.93 25.91
CA ASP D 488 21.45 -23.58 25.93
C ASP D 488 20.42 -23.42 24.82
N PRO D 489 19.24 -22.87 25.10
CA PRO D 489 18.23 -22.74 24.04
C PRO D 489 18.67 -21.87 22.87
N ASN D 490 19.21 -20.68 23.16
CA ASN D 490 19.72 -19.81 22.11
C ASN D 490 20.88 -20.50 21.40
N TYR D 491 20.70 -20.81 20.11
CA TYR D 491 21.67 -21.62 19.39
C TYR D 491 23.03 -20.93 19.33
N LEU D 492 23.04 -19.59 19.41
CA LEU D 492 24.31 -18.86 19.44
C LEU D 492 25.20 -19.36 20.57
N HIS D 493 24.64 -19.45 21.78
CA HIS D 493 25.38 -20.06 22.88
C HIS D 493 25.61 -21.54 22.63
N ARG D 494 24.64 -22.21 22.01
CA ARG D 494 24.79 -23.63 21.71
C ARG D 494 25.94 -23.86 20.73
N THR D 496 28.46 -21.97 20.25
CA THR D 496 29.72 -21.60 20.87
C THR D 496 30.41 -22.81 21.50
N THR D 497 29.63 -23.82 21.89
CA THR D 497 30.22 -25.05 22.42
C THR D 497 31.03 -25.77 21.35
N LEU D 498 30.45 -25.94 20.16
CA LEU D 498 31.17 -26.61 19.08
C LEU D 498 32.43 -25.86 18.68
N PHE D 499 32.42 -24.54 18.80
CA PHE D 499 33.61 -23.76 18.44
C PHE D 499 34.69 -23.84 19.50
N CYS D 500 34.30 -24.09 20.76
CA CYS D 500 35.31 -24.34 21.80
C CYS D 500 35.99 -25.68 21.57
N ILE D 501 35.21 -26.69 21.14
CA ILE D 501 35.76 -28.02 20.93
C ILE D 501 36.79 -28.00 19.80
N ASN D 502 36.44 -27.34 18.69
CA ASN D 502 37.38 -27.24 17.57
C ASN D 502 38.68 -26.59 18.01
N VAL D 503 38.61 -25.64 18.93
CA VAL D 503 39.81 -24.95 19.39
C VAL D 503 40.58 -25.81 20.38
N LEU D 504 39.88 -26.41 21.36
CA LEU D 504 40.55 -27.13 22.44
C LEU D 504 41.11 -28.48 22.00
N SER D 505 40.56 -29.08 20.94
CA SER D 505 41.02 -30.42 20.55
C SER D 505 42.46 -30.41 20.05
N GLU D 506 42.92 -29.28 19.51
CA GLU D 506 44.28 -29.19 19.02
C GLU D 506 45.32 -29.34 20.13
N VAL D 507 44.92 -29.14 21.38
CA VAL D 507 45.88 -29.15 22.49
C VAL D 507 45.48 -30.07 23.64
N CYS D 508 44.22 -30.47 23.76
CA CYS D 508 43.79 -31.26 24.91
C CYS D 508 44.21 -32.72 24.83
N GLY D 509 44.76 -33.17 23.71
CA GLY D 509 45.18 -34.56 23.61
C GLY D 509 44.07 -35.47 23.14
N GLN D 510 44.47 -36.53 22.44
CA GLN D 510 43.50 -37.47 21.88
C GLN D 510 42.64 -38.12 22.96
N ASP D 511 43.24 -38.38 24.12
CA ASP D 511 42.50 -39.04 25.20
C ASP D 511 41.36 -38.17 25.70
N ILE D 512 41.64 -36.90 26.00
CA ILE D 512 40.62 -36.02 26.56
C ILE D 512 39.54 -35.73 25.53
N THR D 513 39.93 -35.51 24.27
CA THR D 513 38.96 -35.15 23.24
C THR D 513 37.93 -36.24 23.02
N THR D 514 38.36 -37.50 23.05
CA THR D 514 37.44 -38.61 22.84
C THR D 514 36.67 -38.98 24.10
N LYS D 515 37.15 -38.55 25.28
CA LYS D 515 36.53 -38.94 26.53
C LYS D 515 35.26 -38.14 26.81
N HIS D 516 35.35 -36.82 26.76
CA HIS D 516 34.22 -35.95 27.05
C HIS D 516 33.75 -35.11 25.87
N LEU D 518 34.10 -35.54 22.31
CA LEU D 518 33.49 -36.21 21.17
C LEU D 518 32.03 -36.58 21.40
N PRO D 519 31.67 -37.33 22.44
CA PRO D 519 30.26 -37.79 22.54
C PRO D 519 29.25 -36.65 22.59
N THR D 520 29.66 -35.46 23.03
CA THR D 520 28.75 -34.33 23.05
C THR D 520 28.50 -33.80 21.64
N VAL D 521 29.51 -33.83 20.78
CA VAL D 521 29.35 -33.36 19.40
C VAL D 521 28.28 -34.19 18.69
N LEU D 522 28.24 -35.49 18.97
CA LEU D 522 27.24 -36.36 18.35
C LEU D 522 25.86 -36.14 18.93
N ARG D 523 25.76 -35.75 20.21
CA ARG D 523 24.46 -35.52 20.83
C ARG D 523 23.74 -34.34 20.20
N ALA D 525 24.04 -33.46 16.99
CA ALA D 525 23.85 -33.69 15.55
C ALA D 525 22.38 -33.79 15.17
N GLY D 526 21.47 -33.87 16.14
CA GLY D 526 20.06 -33.90 15.85
C GLY D 526 19.31 -32.71 16.43
N ASP D 527 20.07 -31.67 16.76
CA ASP D 527 19.47 -30.46 17.31
C ASP D 527 18.44 -29.90 16.34
N PRO D 528 17.33 -29.32 16.83
CA PRO D 528 16.31 -28.82 15.90
C PRO D 528 16.82 -27.71 14.98
N VAL D 529 17.56 -26.76 15.51
CA VAL D 529 18.09 -25.66 14.70
C VAL D 529 19.13 -26.19 13.75
N ALA D 530 18.94 -25.94 12.46
CA ALA D 530 19.87 -26.46 11.45
C ALA D 530 21.23 -25.76 11.54
N ASN D 531 21.27 -24.55 12.10
CA ASN D 531 22.54 -23.85 12.25
C ASN D 531 23.55 -24.69 13.02
N VAL D 532 23.09 -25.37 14.07
CA VAL D 532 23.99 -26.20 14.87
C VAL D 532 24.40 -27.45 14.08
N ARG D 533 23.49 -27.98 13.27
CA ARG D 533 23.72 -29.26 12.62
C ARG D 533 24.96 -29.24 11.73
N PHE D 534 24.99 -28.36 10.74
CA PHE D 534 26.13 -28.35 9.83
C PHE D 534 27.41 -27.95 10.53
N ASN D 535 27.32 -27.22 11.66
CA ASN D 535 28.51 -26.93 12.45
C ASN D 535 29.03 -28.18 13.15
N VAL D 536 28.20 -29.20 13.33
CA VAL D 536 28.70 -30.48 13.84
C VAL D 536 29.66 -31.10 12.84
N ALA D 537 29.23 -31.18 11.58
CA ALA D 537 30.12 -31.68 10.52
C ALA D 537 31.40 -30.85 10.44
N LYS D 538 31.26 -29.53 10.55
CA LYS D 538 32.44 -28.66 10.63
C LYS D 538 33.35 -29.08 11.78
N SER D 539 32.75 -29.35 12.94
CA SER D 539 33.54 -29.79 14.09
C SER D 539 34.26 -31.09 13.78
N LEU D 540 33.51 -32.10 13.32
CA LEU D 540 34.08 -33.42 13.08
C LEU D 540 35.15 -33.42 11.99
N GLN D 541 35.19 -32.41 11.14
CA GLN D 541 36.26 -32.29 10.15
C GLN D 541 37.60 -32.05 10.83
N LYS D 542 37.68 -30.97 11.62
CA LYS D 542 38.90 -30.64 12.35
C LYS D 542 39.15 -31.57 13.54
N ILE D 543 38.16 -32.36 13.93
CA ILE D 543 38.28 -33.24 15.09
C ILE D 543 38.91 -34.58 14.72
N GLY D 544 38.51 -35.14 13.58
CA GLY D 544 38.95 -36.44 13.12
C GLY D 544 40.44 -36.74 13.26
N PRO D 545 41.31 -35.83 12.79
CA PRO D 545 42.75 -36.10 12.86
C PRO D 545 43.27 -36.41 14.26
N ILE D 546 42.85 -35.62 15.26
CA ILE D 546 43.28 -35.88 16.63
C ILE D 546 42.76 -37.23 17.12
N LEU D 547 41.67 -37.72 16.55
CA LEU D 547 41.14 -39.03 16.90
C LEU D 547 41.96 -40.13 16.21
N ASP D 548 41.43 -41.35 16.23
CA ASP D 548 42.06 -42.48 15.55
C ASP D 548 41.02 -43.18 14.68
N ASN D 549 41.52 -44.03 13.79
CA ASN D 549 40.63 -44.73 12.86
C ASN D 549 39.65 -45.64 13.58
N SER D 550 40.02 -46.13 14.76
CA SER D 550 39.13 -47.02 15.51
C SER D 550 37.81 -46.34 15.82
N THR D 551 37.85 -45.09 16.25
CA THR D 551 36.64 -44.35 16.57
C THR D 551 36.07 -43.60 15.37
N LEU D 552 36.88 -43.38 14.33
CA LEU D 552 36.36 -42.76 13.12
C LEU D 552 35.24 -43.58 12.50
N GLN D 553 35.55 -44.80 12.08
CA GLN D 553 34.56 -45.67 11.45
C GLN D 553 33.49 -46.14 12.42
N SER D 554 33.65 -45.89 13.72
CA SER D 554 32.74 -46.41 14.73
C SER D 554 31.64 -45.40 15.09
N GLU D 555 32.02 -44.23 15.60
CA GLU D 555 31.06 -43.28 16.13
C GLU D 555 30.83 -42.06 15.26
N VAL D 556 31.84 -41.62 14.51
CA VAL D 556 31.72 -40.36 13.77
C VAL D 556 31.26 -40.59 12.33
N LYS D 557 31.63 -41.72 11.71
CA LYS D 557 31.29 -41.93 10.30
C LYS D 557 29.78 -42.09 10.11
N PRO D 558 29.11 -43.06 10.74
CA PRO D 558 27.66 -43.22 10.48
C PRO D 558 26.83 -42.06 10.98
N ILE D 559 27.23 -41.44 12.09
CA ILE D 559 26.51 -40.28 12.61
C ILE D 559 26.56 -39.14 11.60
N LEU D 560 27.62 -39.05 10.82
CA LEU D 560 27.76 -37.99 9.82
C LEU D 560 26.99 -38.32 8.55
N GLU D 561 26.97 -39.59 8.15
CA GLU D 561 26.20 -39.99 6.97
C GLU D 561 24.72 -39.66 7.15
N LYS D 562 24.22 -39.70 8.39
CA LYS D 562 22.84 -39.31 8.64
C LYS D 562 22.60 -37.86 8.21
N LEU D 563 23.50 -36.96 8.58
CA LEU D 563 23.37 -35.56 8.21
C LEU D 563 23.46 -35.35 6.70
N THR D 564 24.02 -36.31 5.98
CA THR D 564 24.09 -36.21 4.52
C THR D 564 22.71 -36.26 3.88
N GLN D 565 21.69 -36.76 4.60
CA GLN D 565 20.33 -36.79 4.12
C GLN D 565 19.41 -35.85 4.89
N ASP D 566 19.97 -34.92 5.66
CA ASP D 566 19.18 -34.00 6.47
C ASP D 566 18.24 -33.20 5.58
N GLN D 567 17.08 -32.83 6.13
CA GLN D 567 16.09 -32.07 5.38
C GLN D 567 16.60 -30.68 5.03
N ASP D 568 17.66 -30.22 5.67
CA ASP D 568 18.31 -28.97 5.30
C ASP D 568 19.25 -29.20 4.12
N VAL D 569 19.58 -28.11 3.42
CA VAL D 569 20.45 -28.17 2.26
C VAL D 569 21.90 -27.95 2.67
N ASP D 570 22.17 -26.83 3.35
CA ASP D 570 23.53 -26.50 3.74
C ASP D 570 24.14 -27.56 4.66
N VAL D 571 23.29 -28.29 5.38
CA VAL D 571 23.80 -29.36 6.25
C VAL D 571 24.42 -30.47 5.41
N LYS D 572 23.74 -30.86 4.32
CA LYS D 572 24.21 -31.98 3.52
C LYS D 572 25.61 -31.72 2.97
N TYR D 573 25.89 -30.50 2.53
CA TYR D 573 27.19 -30.18 1.96
C TYR D 573 28.31 -30.42 2.96
N PHE D 574 28.35 -29.62 4.04
CA PHE D 574 29.41 -29.76 5.02
C PHE D 574 29.49 -31.18 5.58
N ALA D 575 28.36 -31.88 5.65
CA ALA D 575 28.40 -33.30 5.99
C ALA D 575 29.05 -34.10 4.86
N GLN D 576 28.49 -34.02 3.65
CA GLN D 576 29.08 -34.70 2.52
C GLN D 576 30.49 -34.22 2.23
N GLU D 577 30.83 -33.00 2.68
CA GLU D 577 32.19 -32.48 2.51
C GLU D 577 33.12 -33.01 3.59
N ALA D 578 32.69 -32.97 4.85
CA ALA D 578 33.56 -33.32 5.97
C ALA D 578 33.87 -34.81 5.99
N LEU D 579 33.36 -35.55 5.01
CA LEU D 579 33.61 -36.99 4.93
C LEU D 579 34.58 -37.35 3.81
N THR D 580 34.52 -36.66 2.68
CA THR D 580 35.50 -36.88 1.63
C THR D 580 36.91 -36.47 2.05
N VAL D 581 37.03 -35.62 3.08
CA VAL D 581 38.35 -35.20 3.55
C VAL D 581 39.08 -36.36 4.21
N LEU D 582 38.35 -37.15 5.01
CA LEU D 582 38.94 -38.26 5.76
C LEU D 582 38.34 -39.61 5.39
N SER D 583 37.04 -39.79 5.56
CA SER D 583 36.43 -41.12 5.43
C SER D 583 35.94 -41.33 4.00
N LEU D 584 35.06 -42.31 3.81
CA LEU D 584 34.49 -42.58 2.49
C LEU D 584 33.46 -41.52 2.12
N ALA D 585 32.32 -41.50 2.80
CA ALA D 585 31.24 -40.56 2.55
C ALA D 585 30.12 -40.84 3.54
N ASP E 4 47.14 26.12 -24.27
CA ASP E 4 46.12 26.86 -25.00
C ASP E 4 45.38 25.92 -25.95
N PHE E 5 44.08 25.77 -25.73
CA PHE E 5 43.22 24.88 -26.49
C PHE E 5 42.27 25.69 -27.37
N SER E 6 41.47 24.99 -28.17
CA SER E 6 40.53 25.64 -29.06
C SER E 6 39.52 24.62 -29.55
N PHE E 7 38.25 25.03 -29.64
CA PHE E 7 37.21 24.18 -30.20
C PHE E 7 36.10 25.06 -30.75
N GLY E 8 35.67 24.75 -31.98
CA GLY E 8 34.60 25.47 -32.62
C GLY E 8 34.79 26.98 -32.62
N PRO E 9 33.73 27.71 -32.30
CA PRO E 9 33.83 29.17 -32.17
C PRO E 9 34.44 29.65 -30.87
N TRP E 10 35.06 28.76 -30.10
CA TRP E 10 35.59 29.10 -28.78
C TRP E 10 37.11 28.98 -28.78
N LYS E 11 37.77 29.91 -28.11
CA LYS E 11 39.21 29.90 -27.91
C LYS E 11 39.48 29.76 -26.42
N LEU E 12 40.02 28.62 -26.02
CA LEU E 12 40.26 28.32 -24.61
C LEU E 12 41.73 28.59 -24.28
N THR E 13 41.97 29.56 -23.41
CA THR E 13 43.32 29.97 -23.04
C THR E 13 43.59 29.62 -21.59
N ALA E 14 44.70 28.92 -21.35
CA ALA E 14 45.22 28.70 -20.01
C ALA E 14 46.70 29.07 -20.01
N SER E 15 47.44 28.69 -18.95
CA SER E 15 48.83 29.11 -18.87
C SER E 15 49.57 28.27 -17.84
N LYS E 16 50.90 28.33 -17.92
CA LYS E 16 51.76 27.90 -16.83
C LYS E 16 51.67 28.96 -15.73
N THR E 17 52.57 28.90 -14.74
CA THR E 17 52.50 29.87 -13.67
C THR E 17 53.84 30.03 -12.97
N HIS E 18 54.00 31.20 -12.37
CA HIS E 18 54.99 31.44 -11.33
C HIS E 18 54.36 32.34 -10.29
N ILE E 19 54.99 32.44 -9.14
CA ILE E 19 54.47 33.26 -8.06
C ILE E 19 55.04 34.67 -8.18
N MET E 20 54.25 35.65 -7.74
CA MET E 20 54.56 37.06 -7.85
C MET E 20 56.04 37.35 -7.59
N LYS E 21 56.64 38.15 -8.47
CA LYS E 21 58.05 38.51 -8.36
C LYS E 21 58.35 39.04 -6.96
N SER E 22 59.60 38.86 -6.54
CA SER E 22 60.06 39.46 -5.29
C SER E 22 59.87 40.97 -5.36
N ALA E 23 59.17 41.50 -4.36
CA ALA E 23 58.80 42.91 -4.24
C ALA E 23 57.77 43.35 -5.27
N ASP E 24 57.13 42.42 -5.98
CA ASP E 24 55.94 42.73 -6.74
C ASP E 24 54.66 42.59 -5.91
N VAL E 25 54.75 41.92 -4.77
CA VAL E 25 53.58 41.74 -3.91
C VAL E 25 53.13 43.08 -3.34
N GLU E 26 54.07 43.84 -2.76
CA GLU E 26 53.69 45.04 -2.01
C GLU E 26 53.10 46.12 -2.93
N LYS E 27 53.51 46.16 -4.20
CA LYS E 27 52.92 47.12 -5.12
C LYS E 27 51.50 46.70 -5.49
N LEU E 28 51.32 45.45 -5.94
CA LEU E 28 49.99 44.91 -6.14
C LEU E 28 49.15 45.02 -4.88
N ALA E 29 49.74 44.65 -3.73
CA ALA E 29 49.02 44.73 -2.47
C ALA E 29 48.65 46.17 -2.12
N ASP E 30 49.40 47.15 -2.63
CA ASP E 30 49.08 48.54 -2.38
C ASP E 30 48.04 49.08 -3.37
N GLU E 31 47.97 48.51 -4.57
CA GLU E 31 46.99 48.96 -5.55
C GLU E 31 45.56 48.72 -5.11
N LEU E 32 45.34 47.94 -4.06
CA LEU E 32 44.01 47.76 -3.48
C LEU E 32 44.03 48.01 -1.97
N HIS E 33 44.93 48.88 -1.54
CA HIS E 33 45.07 49.35 -0.15
C HIS E 33 44.79 48.24 0.87
N MET E 34 45.48 47.11 0.71
CA MET E 34 45.36 46.01 1.64
C MET E 34 46.73 45.52 2.06
N PRO E 35 46.92 45.21 3.35
CA PRO E 35 48.21 44.68 3.81
C PRO E 35 48.51 43.30 3.24
N SER E 36 49.51 42.63 3.80
CA SER E 36 50.05 41.37 3.27
C SER E 36 48.95 40.45 2.77
N LEU E 37 49.08 40.02 1.50
CA LEU E 37 48.09 39.23 0.78
C LEU E 37 48.45 37.75 0.90
N PRO E 38 47.67 36.83 0.31
CA PRO E 38 48.00 35.40 0.44
C PRO E 38 49.43 35.10 0.03
N GLU E 39 50.01 34.10 0.69
CA GLU E 39 51.42 33.76 0.52
C GLU E 39 51.73 33.37 -0.92
N MET E 40 51.24 32.21 -1.36
CA MET E 40 51.44 31.73 -2.72
C MET E 40 50.43 32.44 -3.60
N MET E 41 50.83 33.59 -4.15
CA MET E 41 49.95 34.45 -4.91
C MET E 41 50.37 34.49 -6.36
N PHE E 42 49.40 34.30 -7.26
CA PHE E 42 49.67 34.02 -8.67
C PHE E 42 49.13 35.19 -9.50
N GLY E 43 50.00 35.77 -10.32
CA GLY E 43 49.61 36.94 -11.08
C GLY E 43 49.51 36.75 -12.58
N ASP E 44 50.53 36.14 -13.19
CA ASP E 44 50.63 36.05 -14.64
C ASP E 44 49.92 34.84 -15.22
N ASN E 45 49.22 34.05 -14.41
CA ASN E 45 48.59 32.81 -14.85
C ASN E 45 47.08 32.91 -14.70
N VAL E 46 46.36 32.64 -15.78
CA VAL E 46 44.91 32.80 -15.81
C VAL E 46 44.33 31.77 -16.77
N LEU E 47 43.13 31.30 -16.47
CA LEU E 47 42.34 30.49 -17.39
C LEU E 47 41.07 31.26 -17.76
N ARG E 48 40.77 31.29 -19.05
CA ARG E 48 39.60 32.03 -19.53
C ARG E 48 39.13 31.41 -20.84
N ILE E 49 37.95 31.86 -21.28
CA ILE E 49 37.35 31.42 -22.53
C ILE E 49 36.85 32.63 -23.29
N GLN E 50 37.23 32.73 -24.56
CA GLN E 50 36.82 33.84 -25.42
C GLN E 50 36.01 33.29 -26.59
N HIS E 51 35.25 34.19 -27.22
CA HIS E 51 34.38 33.84 -28.33
C HIS E 51 34.84 34.58 -29.58
N GLY E 52 34.53 34.01 -30.74
CA GLY E 52 34.97 34.59 -32.00
C GLY E 52 34.48 36.00 -32.25
N SER E 53 33.43 36.43 -31.53
CA SER E 53 32.90 37.78 -31.66
C SER E 53 33.55 38.76 -30.69
N GLY E 54 34.71 38.42 -30.13
CA GLY E 54 35.44 39.33 -29.27
C GLY E 54 34.78 39.59 -27.93
N PHE E 55 34.62 38.55 -27.12
CA PHE E 55 34.06 38.68 -25.78
C PHE E 55 34.29 37.36 -25.06
N GLY E 56 34.05 37.36 -23.75
CA GLY E 56 34.16 36.13 -22.99
C GLY E 56 34.12 36.38 -21.50
N ILE E 57 34.67 35.42 -20.75
CA ILE E 57 34.73 35.48 -19.30
C ILE E 57 36.13 35.02 -18.88
N GLU E 58 36.61 35.59 -17.76
CA GLU E 58 37.96 35.35 -17.29
C GLU E 58 37.94 35.01 -15.80
N PHE E 59 38.90 34.18 -15.39
CA PHE E 59 39.03 33.74 -14.00
C PHE E 59 40.48 33.94 -13.57
N ASN E 60 40.75 35.04 -12.87
CA ASN E 60 42.09 35.39 -12.41
C ASN E 60 42.10 35.52 -10.89
N ALA E 61 43.28 35.87 -10.37
CA ALA E 61 43.44 36.09 -8.94
C ALA E 61 43.26 37.56 -8.56
N THR E 62 43.77 38.48 -9.39
CA THR E 62 43.70 39.91 -9.06
C THR E 62 42.26 40.37 -8.85
N ASP E 63 41.42 40.21 -9.88
CA ASP E 63 40.02 40.58 -9.76
C ASP E 63 39.30 39.78 -8.69
N ALA E 64 39.80 38.58 -8.37
CA ALA E 64 39.22 37.81 -7.27
C ALA E 64 39.62 38.41 -5.93
N LEU E 65 40.90 38.75 -5.77
CA LEU E 65 41.36 39.40 -4.55
C LEU E 65 40.94 40.84 -4.46
N ARG E 66 40.36 41.41 -5.52
CA ARG E 66 39.89 42.79 -5.47
C ARG E 66 38.59 42.92 -4.69
N CYS E 67 37.72 41.91 -4.77
CA CYS E 67 36.41 41.96 -4.10
C CYS E 67 36.47 41.15 -2.80
N VAL E 68 37.13 41.75 -1.81
CA VAL E 68 37.16 41.22 -0.45
C VAL E 68 36.52 42.27 0.46
N ASN E 69 36.33 41.91 1.73
CA ASN E 69 35.71 42.78 2.72
C ASN E 69 34.27 43.12 2.33
N ASP E 101 40.56 41.84 6.62
CA ASP E 101 40.21 40.43 6.54
C ASP E 101 41.45 39.59 6.26
N TRP E 102 41.58 38.49 6.99
CA TRP E 102 42.70 37.56 6.81
C TRP E 102 42.26 36.18 6.33
N THR E 103 40.97 35.98 6.09
CA THR E 103 40.49 34.76 5.48
C THR E 103 40.51 34.82 3.96
N TYR E 104 40.60 36.02 3.39
CA TYR E 104 40.61 36.23 1.95
C TYR E 104 39.34 35.66 1.32
N THR E 105 38.21 35.85 2.01
CA THR E 105 36.93 35.37 1.51
C THR E 105 36.50 36.18 0.30
N THR E 106 36.02 35.50 -0.73
CA THR E 106 35.72 36.12 -2.01
C THR E 106 34.39 35.60 -2.56
N ASP E 107 33.57 36.53 -3.06
CA ASP E 107 32.38 36.21 -3.83
C ASP E 107 32.63 36.33 -5.32
N TYR E 108 33.89 36.24 -5.74
CA TYR E 108 34.24 36.36 -7.14
C TYR E 108 33.61 35.26 -7.97
N LYS E 109 32.88 35.66 -9.01
CA LYS E 109 32.26 34.72 -9.94
C LYS E 109 32.81 34.88 -11.36
N GLY E 110 33.96 35.55 -11.50
CA GLY E 110 34.55 35.70 -12.82
C GLY E 110 34.34 37.07 -13.41
N THR E 111 35.39 37.60 -14.05
CA THR E 111 35.29 38.86 -14.76
C THR E 111 34.80 38.60 -16.18
N LEU E 112 34.13 39.60 -16.75
CA LEU E 112 33.62 39.51 -18.11
C LEU E 112 34.56 40.25 -19.05
N LEU E 113 34.76 39.68 -20.24
CA LEU E 113 35.68 40.23 -21.22
C LEU E 113 34.91 40.87 -22.37
N GLY E 114 35.66 41.43 -23.32
CA GLY E 114 35.07 42.17 -24.41
C GLY E 114 35.08 43.67 -24.15
N GLU E 115 35.88 44.41 -24.92
CA GLU E 115 35.97 45.85 -24.71
C GLU E 115 34.69 46.54 -25.18
N SER E 116 34.20 46.19 -26.37
CA SER E 116 33.03 46.85 -26.92
C SER E 116 31.74 46.23 -26.41
N LEU E 117 31.52 44.94 -26.67
CA LEU E 117 30.29 44.25 -26.32
C LEU E 117 30.60 43.13 -25.35
N LYS E 118 30.01 43.22 -24.15
CA LYS E 118 30.22 42.25 -23.09
C LYS E 118 29.00 41.37 -22.91
N LEU E 119 29.20 40.23 -22.26
CA LEU E 119 28.09 39.35 -21.93
C LEU E 119 27.11 40.05 -21.00
N LYS E 120 25.83 39.72 -21.18
CA LYS E 120 24.76 40.28 -20.35
C LYS E 120 24.48 39.33 -19.19
N VAL E 121 24.51 39.86 -17.98
CA VAL E 121 24.17 39.10 -16.78
C VAL E 121 22.70 39.35 -16.45
N VAL E 122 21.95 38.27 -16.26
CA VAL E 122 20.55 38.36 -15.87
C VAL E 122 20.26 37.30 -14.81
N PRO E 123 19.49 37.62 -13.76
CA PRO E 123 19.03 36.57 -12.86
C PRO E 123 18.03 35.66 -13.56
N THR E 124 18.18 34.36 -13.34
CA THR E 124 17.36 33.38 -14.04
C THR E 124 16.90 32.31 -13.06
N THR E 125 16.02 31.43 -13.55
CA THR E 125 15.56 30.28 -12.80
C THR E 125 16.05 28.96 -13.35
N ASP E 126 16.55 28.95 -14.58
CA ASP E 126 17.10 27.73 -15.17
C ASP E 126 18.24 27.20 -14.31
N HIS E 127 18.54 25.92 -14.49
CA HIS E 127 19.58 25.25 -13.74
C HIS E 127 20.58 24.61 -14.69
N ILE E 128 21.75 24.26 -14.14
CA ILE E 128 22.81 23.59 -14.89
C ILE E 128 22.46 22.19 -15.35
N ASP E 129 21.43 21.57 -14.80
CA ASP E 129 21.01 20.21 -15.17
C ASP E 129 22.17 19.23 -15.01
N THR E 130 22.59 19.03 -13.75
CA THR E 130 23.65 18.07 -13.45
C THR E 130 23.34 16.69 -14.02
N GLU E 131 22.06 16.36 -14.20
CA GLU E 131 21.69 15.05 -14.74
C GLU E 131 22.43 14.75 -16.04
N LYS E 132 22.76 15.79 -16.81
CA LYS E 132 23.46 15.59 -18.08
C LYS E 132 24.94 15.37 -17.87
N LEU E 133 25.55 16.05 -16.88
CA LEU E 133 26.99 15.91 -16.68
C LEU E 133 27.37 14.52 -16.17
N LYS E 134 26.48 13.88 -15.40
CA LYS E 134 26.76 12.54 -14.90
C LYS E 134 26.97 11.56 -16.04
N ALA E 135 26.40 11.84 -17.21
CA ALA E 135 26.66 11.01 -18.38
C ALA E 135 28.12 11.12 -18.80
N ARG E 136 28.69 9.99 -19.21
CA ARG E 136 30.11 9.90 -19.54
C ARG E 136 30.28 10.08 -21.05
N GLU E 137 30.68 11.27 -21.46
CA GLU E 137 30.98 11.56 -22.85
C GLU E 137 32.49 11.54 -23.07
N GLN E 138 32.91 11.90 -24.28
CA GLN E 138 34.33 11.97 -24.61
C GLN E 138 34.88 13.31 -24.17
N ILE E 139 35.71 13.31 -23.13
CA ILE E 139 36.38 14.53 -22.72
C ILE E 139 37.46 14.88 -23.74
N LYS E 140 37.42 16.11 -24.23
CA LYS E 140 38.45 16.59 -25.15
C LYS E 140 39.61 17.19 -24.39
N PHE E 141 39.35 17.87 -23.27
CA PHE E 141 40.40 18.54 -22.53
C PHE E 141 39.80 18.95 -21.19
N PHE E 142 40.57 18.79 -20.13
CA PHE E 142 40.23 19.27 -18.79
C PHE E 142 41.44 19.93 -18.16
N GLU E 143 41.25 21.14 -17.65
CA GLU E 143 42.35 21.94 -17.11
C GLU E 143 41.96 22.45 -15.73
N GLU E 144 42.98 22.62 -14.88
CA GLU E 144 42.81 23.16 -13.53
C GLU E 144 43.94 24.15 -13.29
N VAL E 145 43.61 25.44 -13.29
CA VAL E 145 44.58 26.51 -13.07
C VAL E 145 44.51 26.95 -11.61
N LEU E 146 45.67 27.21 -11.02
CA LEU E 146 45.78 27.61 -9.62
C LEU E 146 45.96 29.11 -9.53
N LEU E 147 45.20 29.76 -8.65
CA LEU E 147 45.16 31.21 -8.57
C LEU E 147 45.79 31.78 -7.30
N PHE E 148 45.53 31.18 -6.14
CA PHE E 148 46.24 31.58 -4.91
C PHE E 148 45.92 30.60 -3.81
N GLU E 149 46.79 30.57 -2.80
CA GLU E 149 46.60 29.73 -1.63
C GLU E 149 47.40 30.33 -0.47
N ASP E 150 46.87 30.17 0.75
CA ASP E 150 47.51 30.70 1.93
C ASP E 150 47.33 29.71 3.08
N GLU E 151 48.29 29.71 4.00
CA GLU E 151 48.28 28.79 5.14
C GLU E 151 47.73 29.40 6.42
N LEU E 152 47.47 30.71 6.44
CA LEU E 152 46.93 31.39 7.62
C LEU E 152 47.80 31.14 8.85
N HIS E 153 49.12 31.20 8.66
CA HIS E 153 50.09 30.96 9.72
C HIS E 153 49.90 29.58 10.36
N ASP E 154 49.45 28.61 9.57
CA ASP E 154 49.22 27.24 10.02
C ASP E 154 48.15 27.17 11.11
N HIS E 155 47.18 28.08 11.05
CA HIS E 155 45.96 27.98 11.83
C HIS E 155 44.77 27.60 10.94
N GLY E 156 45.04 27.24 9.69
CA GLY E 156 43.99 26.97 8.73
C GLY E 156 44.60 26.87 7.34
N VAL E 157 43.75 27.06 6.33
CA VAL E 157 44.19 27.13 4.93
C VAL E 157 43.12 27.85 4.13
N SER E 158 43.55 28.73 3.23
CA SER E 158 42.67 29.41 2.30
C SER E 158 43.19 29.21 0.90
N SER E 159 42.37 28.64 0.03
CA SER E 159 42.75 28.38 -1.36
C SER E 159 41.59 28.74 -2.28
N LEU E 160 41.94 28.99 -3.56
CA LEU E 160 40.94 29.22 -4.59
C LEU E 160 41.56 28.78 -5.92
N SER E 161 40.89 27.85 -6.60
CA SER E 161 41.35 27.33 -7.88
C SER E 161 40.14 27.02 -8.74
N VAL E 162 40.37 26.87 -10.04
CA VAL E 162 39.31 26.64 -11.01
C VAL E 162 39.70 25.50 -11.93
N LYS E 163 38.72 24.67 -12.30
CA LYS E 163 38.92 23.64 -13.30
C LYS E 163 37.74 23.65 -14.28
N ILE E 164 37.96 23.02 -15.43
CA ILE E 164 37.00 23.08 -16.53
C ILE E 164 37.05 21.79 -17.33
N ARG E 165 35.89 21.17 -17.53
CA ARG E 165 35.76 20.04 -18.45
C ARG E 165 35.43 20.54 -19.84
N VAL E 166 35.43 19.62 -20.80
CA VAL E 166 34.94 19.94 -22.14
C VAL E 166 34.56 18.64 -22.84
N MET E 167 33.43 18.67 -23.54
CA MET E 167 32.87 17.59 -24.32
C MET E 167 32.48 18.14 -25.68
N PRO E 168 32.29 17.28 -26.69
CA PRO E 168 31.98 17.79 -28.04
C PRO E 168 30.67 18.58 -28.12
N SER E 169 29.88 18.64 -27.06
CA SER E 169 28.62 19.37 -27.09
C SER E 169 28.47 20.43 -26.01
N SER E 170 29.40 20.52 -25.06
CA SER E 170 29.30 21.48 -23.97
C SER E 170 30.63 21.52 -23.23
N PHE E 171 30.76 22.52 -22.37
CA PHE E 171 31.91 22.60 -21.47
C PHE E 171 31.44 23.03 -20.09
N PHE E 172 32.06 22.45 -19.07
CA PHE E 172 31.75 22.72 -17.66
C PHE E 172 32.94 23.39 -17.01
N LEU E 173 32.68 24.45 -16.24
CA LEU E 173 33.74 25.19 -15.56
C LEU E 173 33.38 25.35 -14.09
N LEU E 174 34.39 25.26 -13.23
CA LEU E 174 34.21 25.29 -11.78
C LEU E 174 35.19 26.27 -11.17
N LEU E 175 34.71 27.12 -10.27
CA LEU E 175 35.55 28.01 -9.47
C LEU E 175 35.16 27.84 -8.02
N ARG E 176 36.07 27.32 -7.19
CA ARG E 176 35.82 27.08 -5.78
C ARG E 176 36.88 27.77 -4.92
N PHE E 177 36.43 28.37 -3.82
CA PHE E 177 37.32 29.02 -2.84
C PHE E 177 37.24 28.20 -1.56
N PHE E 178 38.19 27.29 -1.38
CA PHE E 178 38.18 26.43 -0.20
C PHE E 178 38.86 27.17 0.96
N LEU E 179 38.09 27.47 1.99
CA LEU E 179 38.60 28.03 3.23
C LEU E 179 38.35 27.05 4.36
N ARG E 180 39.38 26.85 5.20
CA ARG E 180 39.27 25.96 6.35
C ARG E 180 40.14 26.53 7.45
N ILE E 181 39.53 27.05 8.50
CA ILE E 181 40.25 27.45 9.70
C ILE E 181 40.04 26.32 10.70
N ASP E 182 41.06 25.49 10.87
CA ASP E 182 40.97 24.31 11.74
C ASP E 182 40.48 24.69 13.13
N GLY E 183 39.23 24.33 13.45
CA GLY E 183 38.68 24.51 14.77
C GLY E 183 37.44 25.38 14.85
N VAL E 184 37.12 26.15 13.80
CA VAL E 184 36.00 27.08 13.90
C VAL E 184 34.96 26.88 12.81
N LEU E 185 35.36 26.90 11.54
CA LEU E 185 34.39 26.92 10.45
C LEU E 185 35.04 26.42 9.16
N ILE E 186 34.30 26.55 8.06
CA ILE E 186 34.71 26.08 6.73
C ILE E 186 33.76 26.67 5.68
N ARG E 187 34.31 27.10 4.54
CA ARG E 187 33.50 27.69 3.48
C ARG E 187 34.01 27.19 2.13
N MET E 188 33.11 27.18 1.13
CA MET E 188 33.38 26.56 -0.16
C MET E 188 33.33 27.53 -1.32
N ASN E 189 32.21 28.24 -1.50
CA ASN E 189 32.05 29.22 -2.58
C ASN E 189 32.31 28.59 -3.96
N ASP E 190 31.45 27.65 -4.32
CA ASP E 190 31.52 27.02 -5.64
C ASP E 190 30.86 27.92 -6.68
N THR E 191 31.56 28.16 -7.79
CA THR E 191 31.03 28.93 -8.91
C THR E 191 31.12 28.05 -10.16
N ARG E 192 29.97 27.57 -10.63
CA ARG E 192 29.90 26.70 -11.78
C ARG E 192 29.51 27.50 -13.02
N LEU E 193 30.00 27.05 -14.18
CA LEU E 193 29.69 27.65 -15.47
C LEU E 193 29.45 26.54 -16.47
N TYR E 194 28.48 26.74 -17.36
CA TYR E 194 28.05 25.68 -18.25
C TYR E 194 27.42 26.27 -19.50
N HIS E 195 27.84 25.79 -20.67
CA HIS E 195 27.35 26.26 -21.95
C HIS E 195 27.05 25.07 -22.85
N GLU E 196 25.77 24.88 -23.18
CA GLU E 196 25.41 23.87 -24.16
C GLU E 196 25.74 24.36 -25.57
N ALA E 197 25.82 23.42 -26.50
CA ALA E 197 26.21 23.76 -27.87
C ALA E 197 25.12 24.58 -28.55
N ASP E 198 25.55 25.67 -29.21
CA ASP E 198 24.68 26.51 -30.03
C ASP E 198 23.46 26.95 -29.22
N LYS E 199 23.72 27.68 -28.13
CA LYS E 199 22.70 27.87 -27.11
C LYS E 199 22.57 29.33 -26.65
N THR E 200 23.01 30.29 -27.46
CA THR E 200 22.82 31.73 -27.23
C THR E 200 22.81 32.20 -25.76
N TYR E 201 23.36 31.40 -24.86
CA TYR E 201 23.49 31.75 -23.44
C TYR E 201 24.30 30.65 -22.75
N MET E 202 24.87 31.00 -21.60
CA MET E 202 25.56 30.04 -20.75
C MET E 202 25.19 30.32 -19.31
N LEU E 203 24.85 29.27 -18.56
CA LEU E 203 24.41 29.42 -17.18
C LEU E 203 25.60 29.31 -16.25
N ARG E 204 25.66 30.22 -15.28
CA ARG E 204 26.59 30.09 -14.18
C ARG E 204 25.82 30.20 -12.87
N GLU E 205 26.03 29.23 -11.98
CA GLU E 205 25.33 29.18 -10.70
C GLU E 205 26.38 29.17 -9.60
N TYR E 206 26.33 30.18 -8.74
CA TYR E 206 27.29 30.35 -7.65
C TYR E 206 26.63 29.96 -6.33
N THR E 207 27.36 29.21 -5.52
CA THR E 207 26.84 28.66 -4.28
C THR E 207 27.80 28.97 -3.14
N SER E 208 27.31 29.66 -2.12
CA SER E 208 28.07 29.95 -0.91
C SER E 208 27.56 29.06 0.20
N ARG E 209 28.40 28.12 0.65
CA ARG E 209 28.03 27.15 1.67
C ARG E 209 29.07 27.17 2.78
N GLU E 210 28.60 27.09 4.03
CA GLU E 210 29.48 27.25 5.18
C GLU E 210 28.75 26.81 6.45
N SER E 211 29.49 26.16 7.34
CA SER E 211 29.03 25.92 8.70
C SER E 211 30.23 25.95 9.64
N LYS E 212 29.93 26.08 10.93
CA LYS E 212 30.97 26.04 11.94
C LYS E 212 31.55 24.63 12.05
N ILE E 213 32.72 24.55 12.69
CA ILE E 213 33.33 23.24 12.93
C ILE E 213 32.60 22.49 14.03
N ALA E 214 32.08 23.22 15.03
CA ALA E 214 31.42 22.58 16.17
C ALA E 214 30.23 21.75 15.73
N ASN E 215 29.37 22.33 14.87
CA ASN E 215 28.20 21.60 14.39
C ASN E 215 28.55 20.41 13.52
N LEU E 216 29.81 20.29 13.08
CA LEU E 216 30.28 19.11 12.37
C LEU E 216 30.86 18.06 13.31
N MET E 217 30.41 18.06 14.57
CA MET E 217 30.91 17.11 15.56
C MET E 217 30.78 15.67 15.09
N HIS E 218 29.76 15.36 14.29
CA HIS E 218 29.50 14.02 13.82
C HIS E 218 30.16 13.73 12.47
N VAL E 219 31.11 14.56 12.05
CA VAL E 219 31.77 14.41 10.76
C VAL E 219 33.21 13.98 10.97
N PRO E 220 33.71 13.01 10.22
CA PRO E 220 35.12 12.61 10.35
C PRO E 220 36.05 13.73 9.90
N PRO E 221 37.03 14.09 10.73
CA PRO E 221 37.95 15.18 10.34
C PRO E 221 38.72 14.91 9.07
N SER E 222 38.89 13.65 8.67
CA SER E 222 39.61 13.33 7.46
C SER E 222 38.93 13.90 6.21
N LEU E 223 37.63 14.17 6.28
CA LEU E 223 36.94 14.81 5.18
C LEU E 223 37.25 16.30 5.06
N PHE E 224 37.86 16.91 6.07
CA PHE E 224 38.13 18.33 6.02
C PHE E 224 39.19 18.67 4.97
N THR E 225 40.22 17.81 4.85
CA THR E 225 41.27 18.01 3.86
C THR E 225 40.89 17.49 2.49
N GLU E 226 39.64 17.05 2.31
CA GLU E 226 39.13 16.61 1.01
C GLU E 226 38.01 17.54 0.60
N PRO E 227 38.11 18.25 -0.52
CA PRO E 227 37.07 19.23 -0.85
C PRO E 227 35.76 18.60 -1.31
N ASN E 228 35.82 17.77 -2.36
CA ASN E 228 34.60 17.25 -2.95
C ASN E 228 33.80 16.38 -1.98
N GLU E 229 34.48 15.72 -1.04
CA GLU E 229 33.78 14.82 -0.12
C GLU E 229 32.98 15.59 0.92
N ILE E 230 33.46 16.75 1.36
CA ILE E 230 32.78 17.50 2.42
C ILE E 230 31.69 18.42 1.88
N SER E 231 31.73 18.77 0.59
CA SER E 231 30.79 19.74 0.04
C SER E 231 29.34 19.39 0.32
N GLN E 232 29.03 18.12 0.58
CA GLN E 232 27.66 17.73 0.86
C GLN E 232 27.19 18.22 2.23
N TYR E 233 28.04 18.09 3.25
CA TYR E 233 27.66 18.34 4.63
C TYR E 233 27.89 19.79 5.05
N LEU E 234 27.84 20.73 4.11
CA LEU E 234 28.02 22.15 4.40
C LEU E 234 26.76 22.91 4.02
N PRO E 235 25.99 23.41 4.98
CA PRO E 235 24.74 24.09 4.64
C PRO E 235 24.97 25.36 3.83
N ILE E 236 23.95 25.74 3.09
CA ILE E 236 24.04 26.86 2.16
C ILE E 236 23.78 28.16 2.91
N LYS E 237 24.52 29.20 2.55
CA LYS E 237 24.24 30.55 3.00
C LYS E 237 23.59 31.38 1.89
N GLU E 238 24.17 31.36 0.69
CA GLU E 238 23.65 32.10 -0.45
C GLU E 238 23.92 31.30 -1.72
N ALA E 239 22.95 31.30 -2.62
CA ALA E 239 23.09 30.63 -3.92
C ALA E 239 22.27 31.38 -4.95
N VAL E 240 22.86 31.63 -6.11
CA VAL E 240 22.22 32.41 -7.17
C VAL E 240 22.40 31.69 -8.50
N CYS E 241 21.39 31.79 -9.36
CA CYS E 241 21.42 31.26 -10.71
C CYS E 241 21.35 32.44 -11.68
N GLU E 242 22.50 32.83 -12.21
CA GLU E 242 22.58 33.92 -13.18
C GLU E 242 22.84 33.36 -14.56
N LYS E 243 22.22 33.97 -15.57
CA LYS E 243 22.38 33.54 -16.96
C LYS E 243 23.20 34.58 -17.71
N LEU E 244 24.30 34.13 -18.31
CA LEU E 244 25.15 35.00 -19.11
C LEU E 244 24.66 34.96 -20.55
N VAL E 245 24.03 36.05 -21.00
CA VAL E 245 23.39 36.10 -22.30
C VAL E 245 24.38 36.59 -23.34
N PHE E 246 24.42 35.92 -24.48
CA PHE E 246 25.34 36.28 -25.54
C PHE E 246 24.91 37.59 -26.21
N PRO E 247 25.84 38.47 -26.54
CA PRO E 247 25.50 39.61 -27.39
C PRO E 247 25.43 39.20 -28.85
N GLU E 248 24.47 39.80 -29.57
CA GLU E 248 24.25 39.46 -30.97
C GLU E 248 24.89 40.49 -31.88
N ARG E 249 25.39 40.02 -33.02
CA ARG E 249 26.01 40.88 -34.02
C ARG E 249 26.22 40.12 -35.32
N VAL F 7 26.52 -27.22 -6.67
CA VAL F 7 27.07 -27.59 -7.97
C VAL F 7 27.95 -26.46 -8.49
N PHE F 8 28.18 -25.46 -7.65
CA PHE F 8 28.85 -24.22 -8.05
C PHE F 8 30.33 -24.26 -7.74
N THR F 9 30.99 -25.29 -8.28
CA THR F 9 32.43 -25.37 -8.50
C THR F 9 33.29 -24.45 -7.62
N LYS F 10 33.01 -24.40 -6.31
CA LYS F 10 33.91 -23.86 -5.30
C LYS F 10 33.83 -22.34 -5.22
N GLU F 11 33.51 -21.68 -6.33
CA GLU F 11 33.93 -20.30 -6.56
C GLU F 11 32.93 -19.23 -6.10
N LEU F 12 31.74 -19.58 -5.62
CA LEU F 12 30.94 -18.56 -4.94
C LEU F 12 31.55 -18.14 -3.60
N ASP F 13 32.39 -19.01 -3.02
CA ASP F 13 33.16 -18.62 -1.85
C ASP F 13 34.21 -17.57 -2.19
N GLN F 14 34.74 -17.61 -3.42
CA GLN F 14 35.74 -16.63 -3.84
C GLN F 14 35.12 -15.26 -4.01
N TRP F 15 33.90 -15.19 -4.56
CA TRP F 15 33.23 -13.91 -4.74
C TRP F 15 32.96 -13.23 -3.40
N ILE F 16 32.85 -14.00 -2.32
CA ILE F 16 32.56 -13.45 -1.00
C ILE F 16 33.83 -13.03 -0.29
N GLU F 17 34.83 -13.93 -0.24
CA GLU F 17 36.11 -13.58 0.37
C GLU F 17 36.71 -12.33 -0.25
N GLN F 18 36.45 -12.10 -1.54
CA GLN F 18 36.88 -10.87 -2.18
C GLN F 18 36.10 -9.68 -1.66
N LEU F 19 34.79 -9.84 -1.43
CA LEU F 19 33.98 -8.73 -0.97
C LEU F 19 34.20 -8.44 0.51
N ASN F 20 34.54 -9.46 1.30
CA ASN F 20 34.92 -9.21 2.69
C ASN F 20 36.19 -8.37 2.81
N GLU F 21 36.93 -8.20 1.71
CA GLU F 21 38.08 -7.30 1.65
C GLU F 21 37.76 -5.98 0.99
N CYS F 22 36.47 -5.70 0.75
CA CYS F 22 35.94 -4.51 0.11
C CYS F 22 36.22 -4.44 -1.38
N LYS F 23 36.95 -5.41 -1.94
CA LYS F 23 37.22 -5.42 -3.37
C LYS F 23 35.93 -5.72 -4.13
N GLN F 24 35.42 -4.73 -4.85
CA GLN F 24 34.15 -4.85 -5.54
C GLN F 24 34.22 -5.96 -6.59
N LEU F 25 33.05 -6.36 -7.08
CA LEU F 25 32.94 -7.45 -8.04
C LEU F 25 33.25 -6.95 -9.44
N SER F 26 33.02 -7.78 -10.44
CA SER F 26 33.29 -7.45 -11.83
C SER F 26 31.98 -7.32 -12.59
N GLU F 27 32.00 -6.47 -13.63
CA GLU F 27 30.81 -6.28 -14.45
C GLU F 27 30.39 -7.59 -15.11
N SER F 28 31.34 -8.46 -15.44
CA SER F 28 31.01 -9.76 -15.97
C SER F 28 30.52 -10.71 -14.87
N GLN F 29 31.08 -10.58 -13.67
CA GLN F 29 30.67 -11.44 -12.56
C GLN F 29 29.29 -11.04 -12.03
N VAL F 30 29.01 -9.74 -11.99
CA VAL F 30 27.76 -9.24 -11.40
C VAL F 30 26.56 -9.78 -12.17
N LYS F 31 26.65 -9.80 -13.51
CA LYS F 31 25.56 -10.33 -14.32
C LYS F 31 25.15 -11.73 -13.85
N SER F 32 26.11 -12.64 -13.71
CA SER F 32 25.78 -14.00 -13.29
C SER F 32 25.21 -14.02 -11.87
N LEU F 33 25.82 -13.25 -10.96
CA LEU F 33 25.33 -13.21 -9.59
C LEU F 33 23.87 -12.77 -9.53
N CYS F 34 23.44 -11.93 -10.47
CA CYS F 34 22.03 -11.54 -10.56
C CYS F 34 21.20 -12.63 -11.21
N GLU F 35 21.77 -13.33 -12.21
CA GLU F 35 21.03 -14.37 -12.91
C GLU F 35 20.57 -15.46 -11.93
N LYS F 36 21.51 -16.07 -11.22
CA LYS F 36 21.16 -17.10 -10.25
C LYS F 36 20.25 -16.55 -9.15
N ALA F 37 20.45 -15.29 -8.76
CA ALA F 37 19.58 -14.68 -7.76
C ALA F 37 18.16 -14.52 -8.27
N LYS F 38 17.99 -14.25 -9.57
CA LYS F 38 16.65 -14.11 -10.13
C LYS F 38 15.88 -15.42 -10.04
N GLU F 39 16.56 -16.54 -10.26
CA GLU F 39 15.89 -17.84 -10.25
C GLU F 39 15.55 -18.31 -8.84
N ILE F 40 16.36 -17.95 -7.85
CA ILE F 40 16.07 -18.37 -6.48
C ILE F 40 15.01 -17.48 -5.86
N LEU F 41 15.09 -16.17 -6.08
CA LEU F 41 14.19 -15.24 -5.42
C LEU F 41 12.80 -15.22 -6.02
N THR F 42 12.68 -15.56 -7.31
CA THR F 42 11.35 -15.68 -7.91
C THR F 42 10.54 -16.80 -7.27
N LYS F 43 11.21 -17.77 -6.65
CA LYS F 43 10.50 -18.85 -5.97
C LYS F 43 9.81 -18.35 -4.71
N GLU F 44 10.49 -17.50 -3.94
CA GLU F 44 9.94 -17.00 -2.70
C GLU F 44 8.66 -16.22 -2.96
N SER F 45 7.72 -16.32 -2.02
CA SER F 45 6.44 -15.64 -2.14
C SER F 45 6.55 -14.19 -1.66
N ASN F 46 5.44 -13.47 -1.82
CA ASN F 46 5.41 -12.07 -1.39
C ASN F 46 5.66 -11.95 0.11
N VAL F 47 5.26 -12.95 0.89
CA VAL F 47 5.67 -13.09 2.27
C VAL F 47 6.56 -14.32 2.35
N GLN F 48 7.79 -14.14 2.83
CA GLN F 48 8.76 -15.22 2.92
C GLN F 48 8.76 -15.74 4.36
N GLU F 49 8.31 -16.98 4.55
CA GLU F 49 8.35 -17.60 5.85
C GLU F 49 9.78 -17.98 6.19
N VAL F 50 10.29 -17.45 7.30
CA VAL F 50 11.64 -17.75 7.78
C VAL F 50 11.50 -18.54 9.07
N ARG F 51 12.39 -19.52 9.27
CA ARG F 51 12.48 -20.18 10.56
C ARG F 51 12.83 -19.17 11.64
N CYS F 52 12.49 -19.50 12.88
CA CYS F 52 12.65 -18.49 13.92
C CYS F 52 13.83 -18.70 14.86
N PRO F 53 15.03 -19.11 14.37
CA PRO F 53 16.25 -18.79 15.11
C PRO F 53 17.08 -17.74 14.39
N VAL F 54 16.47 -16.63 13.99
CA VAL F 54 17.18 -15.64 13.18
C VAL F 54 17.37 -14.33 13.92
N THR F 55 18.08 -13.41 13.28
CA THR F 55 18.27 -12.05 13.76
C THR F 55 17.95 -11.10 12.60
N VAL F 56 17.19 -10.05 12.88
CA VAL F 56 16.69 -9.15 11.85
C VAL F 56 17.49 -7.85 11.86
N CYS F 57 17.51 -7.18 10.71
CA CYS F 57 18.33 -5.99 10.51
C CYS F 57 17.58 -4.99 9.63
N GLY F 58 17.89 -3.71 9.83
CA GLY F 58 17.23 -2.66 9.09
C GLY F 58 18.05 -2.05 7.97
N ASP F 59 17.99 -0.73 7.83
CA ASP F 59 18.68 -0.04 6.74
C ASP F 59 20.16 0.09 7.04
N VAL F 60 21.00 -0.34 6.11
CA VAL F 60 22.45 -0.19 6.22
C VAL F 60 23.00 0.91 5.31
N HIS F 61 22.42 1.11 4.13
CA HIS F 61 22.74 2.22 3.25
C HIS F 61 24.25 2.33 2.97
N GLY F 62 24.78 1.26 2.36
CA GLY F 62 26.14 1.25 1.85
C GLY F 62 27.22 1.49 2.87
N GLN F 63 26.88 1.44 4.16
CA GLN F 63 27.87 1.58 5.22
C GLN F 63 28.58 0.24 5.44
N PHE F 64 29.32 -0.15 4.40
CA PHE F 64 29.96 -1.46 4.39
C PHE F 64 30.90 -1.64 5.57
N HIS F 65 31.76 -0.66 5.83
CA HIS F 65 32.68 -0.75 6.96
C HIS F 65 31.93 -1.00 8.25
N ASP F 66 30.68 -0.54 8.34
CA ASP F 66 29.85 -0.81 9.50
C ASP F 66 29.06 -2.11 9.37
N LEU F 67 28.94 -2.65 8.16
CA LEU F 67 28.30 -3.95 8.00
C LEU F 67 29.17 -5.07 8.55
N MET F 68 30.48 -5.00 8.30
CA MET F 68 31.39 -5.97 8.90
C MET F 68 31.33 -5.91 10.42
N GLU F 69 31.12 -4.71 10.98
CA GLU F 69 30.88 -4.58 12.41
C GLU F 69 29.63 -5.34 12.84
N LEU F 70 28.60 -5.36 11.99
CA LEU F 70 27.41 -6.15 12.26
C LEU F 70 27.76 -7.62 12.40
N PHE F 71 28.52 -8.17 11.44
CA PHE F 71 28.94 -9.56 11.52
C PHE F 71 29.71 -9.83 12.81
N ARG F 72 30.80 -9.08 13.03
CA ARG F 72 31.58 -9.24 14.26
C ARG F 72 30.75 -9.06 15.52
N ILE F 73 29.48 -8.67 15.41
CA ILE F 73 28.58 -8.52 16.55
C ILE F 73 27.46 -9.56 16.51
N GLY F 74 26.74 -9.64 15.38
CA GLY F 74 25.63 -10.55 15.27
C GLY F 74 26.05 -12.00 15.07
N GLY F 75 26.95 -12.22 14.12
CA GLY F 75 27.42 -13.54 13.81
C GLY F 75 28.16 -13.53 12.49
N LYS F 76 28.46 -14.72 11.98
CA LYS F 76 29.18 -14.84 10.72
C LYS F 76 28.44 -15.86 9.86
N SER F 77 27.60 -15.36 8.95
CA SER F 77 26.84 -16.22 8.06
C SER F 77 27.75 -17.26 7.42
N PRO F 78 27.31 -18.53 7.30
CA PRO F 78 25.96 -18.99 7.63
C PRO F 78 25.74 -19.36 9.10
N ASP F 79 26.74 -19.10 9.95
CA ASP F 79 26.61 -19.47 11.37
C ASP F 79 25.38 -18.82 11.99
N THR F 80 25.11 -17.57 11.64
CA THR F 80 23.98 -16.83 12.18
C THR F 80 22.99 -16.53 11.07
N ASN F 81 21.71 -16.80 11.32
CA ASN F 81 20.67 -16.50 10.37
C ASN F 81 20.30 -15.02 10.44
N TYR F 82 20.34 -14.35 9.28
CA TYR F 82 20.06 -12.92 9.20
C TYR F 82 18.80 -12.65 8.40
N LEU F 83 18.02 -11.69 8.86
CA LEU F 83 16.87 -11.16 8.13
C LEU F 83 17.13 -9.68 7.88
N PHE F 84 17.31 -9.31 6.62
CA PHE F 84 17.67 -7.95 6.23
C PHE F 84 16.44 -7.27 5.63
N MET F 85 15.74 -6.48 6.46
CA MET F 85 14.73 -5.58 5.92
C MET F 85 15.39 -4.77 4.82
N GLY F 86 15.06 -5.09 3.56
CA GLY F 86 15.76 -4.53 2.42
C GLY F 86 15.89 -3.02 2.47
N ASP F 87 17.09 -2.55 2.76
CA ASP F 87 17.49 -1.16 2.52
C ASP F 87 19.02 -1.14 2.67
N TYR F 88 19.70 -1.40 1.57
CA TYR F 88 21.10 -1.80 1.62
C TYR F 88 22.05 -0.81 0.99
N VAL F 89 21.57 0.20 0.26
CA VAL F 89 22.45 0.85 -0.70
C VAL F 89 22.55 2.37 -0.55
N ASP F 90 21.49 3.10 -0.87
CA ASP F 90 21.63 4.52 -1.18
C ASP F 90 22.16 5.31 0.01
N ARG F 91 22.83 6.42 -0.30
CA ARG F 91 23.41 7.33 0.70
C ARG F 91 24.52 6.63 1.49
N GLY F 92 25.51 6.11 0.77
CA GLY F 92 26.64 5.44 1.39
C GLY F 92 27.85 5.48 0.49
N TYR F 93 29.03 5.58 1.10
CA TYR F 93 30.26 5.62 0.34
C TYR F 93 30.53 4.28 -0.35
N TYR F 94 30.04 3.18 0.21
CA TYR F 94 30.28 1.86 -0.35
C TYR F 94 28.96 1.23 -0.74
N SER F 95 28.12 1.97 -1.45
CA SER F 95 26.80 1.47 -1.83
C SER F 95 26.89 0.22 -2.69
N VAL F 96 27.99 0.05 -3.43
CA VAL F 96 28.17 -1.15 -4.24
C VAL F 96 28.65 -2.32 -3.40
N GLU F 97 29.74 -2.11 -2.64
CA GLU F 97 30.36 -3.21 -1.90
C GLU F 97 29.41 -3.88 -0.93
N THR F 98 28.30 -3.22 -0.55
CA THR F 98 27.38 -3.79 0.42
C THR F 98 26.39 -4.74 -0.24
N VAL F 99 25.63 -4.25 -1.22
CA VAL F 99 24.58 -5.07 -1.84
C VAL F 99 25.21 -6.21 -2.63
N THR F 100 26.35 -5.96 -3.29
CA THR F 100 27.07 -7.04 -3.96
C THR F 100 27.33 -8.20 -3.02
N LEU F 101 27.53 -7.90 -1.73
CA LEU F 101 27.83 -8.92 -0.73
C LEU F 101 26.58 -9.65 -0.28
N LEU F 102 25.54 -8.92 0.14
CA LEU F 102 24.33 -9.55 0.65
C LEU F 102 23.67 -10.43 -0.41
N VAL F 103 23.80 -10.08 -1.68
CA VAL F 103 23.28 -10.93 -2.74
C VAL F 103 24.12 -12.20 -2.86
N ALA F 104 25.42 -12.10 -2.57
CA ALA F 104 26.28 -13.26 -2.65
C ALA F 104 25.90 -14.32 -1.63
N LEU F 105 25.51 -13.90 -0.43
CA LEU F 105 25.13 -14.85 0.61
C LEU F 105 23.73 -15.40 0.41
N LYS F 106 22.87 -14.67 -0.30
CA LYS F 106 21.52 -15.16 -0.54
C LYS F 106 21.50 -16.26 -1.59
N VAL F 107 22.34 -16.15 -2.62
CA VAL F 107 22.45 -17.26 -3.56
C VAL F 107 23.27 -18.39 -2.95
N ARG F 108 24.23 -18.04 -2.09
CA ARG F 108 25.12 -19.03 -1.49
C ARG F 108 24.44 -19.78 -0.36
N TYR F 109 23.77 -19.07 0.55
CA TYR F 109 23.12 -19.68 1.70
C TYR F 109 21.65 -19.29 1.74
N ARG F 110 20.90 -19.65 0.70
CA ARG F 110 19.53 -19.22 0.51
C ARG F 110 18.63 -19.46 1.71
N GLU F 111 19.03 -20.34 2.63
CA GLU F 111 18.20 -20.65 3.79
C GLU F 111 18.66 -19.99 5.07
N ARG F 112 19.88 -19.45 5.09
CA ARG F 112 20.39 -18.75 6.28
C ARG F 112 20.17 -17.25 6.21
N ILE F 113 20.17 -16.68 5.00
CA ILE F 113 19.99 -15.25 4.79
C ILE F 113 18.67 -15.01 4.08
N THR F 114 17.99 -13.92 4.46
CA THR F 114 16.74 -13.52 3.82
C THR F 114 16.79 -12.02 3.57
N ILE F 115 16.89 -11.64 2.30
CA ILE F 115 16.91 -10.25 1.89
C ILE F 115 15.60 -9.93 1.19
N LEU F 116 15.08 -8.73 1.42
CA LEU F 116 13.82 -8.31 0.84
C LEU F 116 13.99 -6.88 0.31
N ARG F 117 12.88 -6.17 0.14
CA ARG F 117 12.88 -4.90 -0.59
C ARG F 117 12.75 -3.71 0.35
N GLY F 118 13.23 -2.55 -0.12
CA GLY F 118 12.93 -1.28 0.49
C GLY F 118 12.64 -0.27 -0.59
N ASN F 119 12.39 0.97 -0.18
CA ASN F 119 12.08 1.97 -1.20
C ASN F 119 13.30 2.41 -1.99
N HIS F 120 14.46 2.50 -1.33
CA HIS F 120 15.69 2.78 -2.04
C HIS F 120 16.06 1.68 -3.00
N GLU F 121 15.39 0.53 -2.92
CA GLU F 121 15.53 -0.53 -3.92
C GLU F 121 14.61 -0.24 -5.10
N SER F 122 14.87 0.89 -5.75
CA SER F 122 14.01 1.36 -6.83
C SER F 122 14.80 2.28 -7.75
N ARG F 123 14.61 2.11 -9.06
CA ARG F 123 15.27 2.96 -10.04
C ARG F 123 15.02 4.43 -9.76
N GLN F 124 13.82 4.76 -9.28
CA GLN F 124 13.45 6.14 -9.05
C GLN F 124 14.34 6.82 -8.01
N ILE F 125 14.82 6.06 -7.03
CA ILE F 125 15.58 6.64 -5.92
C ILE F 125 17.07 6.37 -6.09
N THR F 126 17.41 5.21 -6.67
CA THR F 126 18.81 4.85 -6.83
C THR F 126 19.56 5.90 -7.66
N GLN F 127 18.89 6.51 -8.63
CA GLN F 127 19.53 7.52 -9.45
C GLN F 127 19.87 8.78 -8.65
N VAL F 128 19.06 9.10 -7.64
CA VAL F 128 19.15 10.40 -6.98
C VAL F 128 20.09 10.34 -5.78
N TYR F 129 19.99 9.31 -4.95
CA TYR F 129 20.65 9.28 -3.65
C TYR F 129 22.01 8.60 -3.68
N GLY F 130 22.68 8.56 -4.83
CA GLY F 130 24.10 8.26 -4.92
C GLY F 130 24.45 6.94 -5.57
N PHE F 131 23.54 5.95 -5.51
CA PHE F 131 23.88 4.61 -5.99
C PHE F 131 24.29 4.63 -7.46
N TYR F 132 23.40 5.10 -8.33
CA TYR F 132 23.70 5.23 -9.74
C TYR F 132 25.05 5.91 -9.95
N ASP F 133 25.20 7.12 -9.39
CA ASP F 133 26.46 7.84 -9.50
C ASP F 133 27.65 6.98 -9.09
N GLU F 134 27.49 6.15 -8.06
CA GLU F 134 28.56 5.26 -7.65
C GLU F 134 28.69 4.06 -8.58
N CYS F 135 27.58 3.57 -9.14
CA CYS F 135 27.66 2.53 -10.16
C CYS F 135 28.46 3.00 -11.36
N LEU F 136 28.42 4.29 -11.67
CA LEU F 136 29.23 4.85 -12.75
C LEU F 136 30.60 5.32 -12.28
N ARG F 137 30.72 5.75 -11.02
CA ARG F 137 32.02 6.19 -10.53
C ARG F 137 33.01 5.05 -10.43
N LYS F 138 32.54 3.83 -10.16
CA LYS F 138 33.41 2.68 -9.97
C LYS F 138 33.36 1.69 -11.12
N TYR F 139 32.46 1.86 -12.08
CA TYR F 139 32.41 1.00 -13.26
C TYR F 139 32.40 1.75 -14.58
N GLY F 140 32.13 3.05 -14.59
CA GLY F 140 32.05 3.77 -15.84
C GLY F 140 30.95 3.31 -16.76
N ASN F 141 29.99 2.54 -16.26
CA ASN F 141 28.94 1.97 -17.07
C ASN F 141 27.72 1.73 -16.19
N ALA F 142 26.54 1.93 -16.75
CA ALA F 142 25.29 1.77 -16.02
C ALA F 142 24.77 0.34 -16.02
N ASN F 143 25.53 -0.61 -16.57
CA ASN F 143 25.07 -1.99 -16.62
C ASN F 143 24.99 -2.61 -15.22
N VAL F 144 25.99 -2.33 -14.38
CA VAL F 144 25.95 -2.80 -13.00
C VAL F 144 24.68 -2.33 -12.31
N TRP F 145 24.27 -1.10 -12.60
CA TRP F 145 23.03 -0.57 -12.04
C TRP F 145 21.81 -1.28 -12.62
N LYS F 146 21.85 -1.60 -13.93
CA LYS F 146 20.73 -2.28 -14.56
C LYS F 146 20.51 -3.66 -13.95
N TYR F 147 21.59 -4.42 -13.76
CA TYR F 147 21.45 -5.79 -13.30
C TYR F 147 20.91 -5.85 -11.89
N PHE F 148 21.43 -5.00 -10.99
CA PHE F 148 20.94 -4.99 -9.62
C PHE F 148 19.50 -4.48 -9.55
N THR F 149 19.19 -3.40 -10.27
CA THR F 149 17.84 -2.86 -10.20
C THR F 149 16.83 -3.80 -10.84
N ASP F 150 17.26 -4.62 -11.81
CA ASP F 150 16.39 -5.67 -12.32
C ASP F 150 16.06 -6.66 -11.22
N LEU F 151 17.02 -6.92 -10.32
CA LEU F 151 16.80 -7.87 -9.25
C LEU F 151 15.90 -7.28 -8.15
N PHE F 152 15.98 -5.98 -7.92
CA PHE F 152 15.14 -5.33 -6.92
C PHE F 152 13.66 -5.65 -7.10
N ASP F 153 13.25 -5.94 -8.34
CA ASP F 153 11.86 -6.27 -8.59
C ASP F 153 11.51 -7.68 -8.13
N TYR F 154 12.50 -8.57 -7.98
CA TYR F 154 12.25 -9.92 -7.53
C TYR F 154 12.37 -10.09 -6.02
N LEU F 155 12.92 -9.11 -5.31
CA LEU F 155 13.08 -9.23 -3.88
C LEU F 155 11.71 -9.37 -3.21
N PRO F 156 11.62 -10.12 -2.12
CA PRO F 156 10.39 -10.10 -1.32
C PRO F 156 10.13 -8.71 -0.77
N LEU F 157 8.88 -8.48 -0.36
CA LEU F 157 8.48 -7.21 0.23
C LEU F 157 8.38 -7.29 1.74
N THR F 158 7.87 -8.42 2.25
CA THR F 158 7.69 -8.63 3.68
C THR F 158 8.36 -9.94 4.07
N ALA F 159 8.36 -10.22 5.37
CA ALA F 159 8.87 -11.46 5.89
C ALA F 159 8.11 -11.80 7.17
N LEU F 160 7.81 -13.09 7.35
CA LEU F 160 7.05 -13.55 8.51
C LEU F 160 7.83 -14.70 9.15
N VAL F 161 8.31 -14.47 10.36
CA VAL F 161 9.10 -15.45 11.11
C VAL F 161 8.23 -15.98 12.25
N ASP F 162 8.02 -17.30 12.28
CA ASP F 162 7.28 -17.99 13.32
C ASP F 162 5.79 -17.68 13.30
N GLY F 163 5.27 -17.18 12.17
CA GLY F 163 3.88 -16.78 12.11
C GLY F 163 3.50 -15.73 13.12
N GLN F 164 4.49 -15.08 13.74
CA GLN F 164 4.27 -14.26 14.92
C GLN F 164 4.60 -12.79 14.66
N ILE F 165 5.79 -12.48 14.18
CA ILE F 165 6.18 -11.09 13.95
C ILE F 165 6.18 -10.82 12.46
N PHE F 166 5.81 -9.60 12.11
CA PHE F 166 5.62 -9.20 10.71
C PHE F 166 6.76 -8.27 10.33
N CYS F 167 7.68 -8.77 9.53
CA CYS F 167 8.88 -8.03 9.15
C CYS F 167 8.73 -7.45 7.76
N LEU F 168 9.05 -6.16 7.62
CA LEU F 168 9.01 -5.48 6.33
C LEU F 168 9.71 -4.13 6.47
N HIS F 169 9.96 -3.49 5.34
CA HIS F 169 10.62 -2.18 5.37
C HIS F 169 9.62 -1.05 5.58
N GLY F 170 8.68 -0.92 4.68
CA GLY F 170 7.85 0.25 4.65
C GLY F 170 6.82 0.36 5.76
N GLY F 171 5.70 -0.31 5.59
CA GLY F 171 4.70 -0.30 6.64
C GLY F 171 3.45 -1.05 6.26
N LEU F 172 2.30 -0.50 6.64
CA LEU F 172 1.00 -1.07 6.34
C LEU F 172 0.23 -0.17 5.39
N SER F 173 -0.92 -0.65 4.94
CA SER F 173 -1.75 0.07 3.99
C SER F 173 -3.22 -0.10 4.35
N PRO F 174 -4.06 0.88 4.02
CA PRO F 174 -5.51 0.69 4.18
C PRO F 174 -6.06 -0.40 3.29
N SER F 175 -5.40 -0.71 2.18
CA SER F 175 -5.84 -1.76 1.27
C SER F 175 -5.38 -3.14 1.69
N ILE F 176 -4.65 -3.27 2.80
CA ILE F 176 -4.13 -4.55 3.25
C ILE F 176 -4.51 -4.74 4.72
N ASP F 177 -5.18 -5.84 5.02
CA ASP F 177 -5.50 -6.21 6.39
C ASP F 177 -5.25 -7.68 6.69
N THR F 178 -4.93 -8.50 5.69
CA THR F 178 -4.62 -9.91 5.88
C THR F 178 -3.39 -10.24 5.05
N LEU F 179 -2.44 -10.98 5.63
CA LEU F 179 -1.20 -11.31 4.93
C LEU F 179 -1.46 -12.02 3.60
N ASP F 180 -2.58 -12.74 3.50
CA ASP F 180 -2.93 -13.39 2.24
C ASP F 180 -3.12 -12.36 1.12
N HIS F 181 -3.44 -11.11 1.46
CA HIS F 181 -3.49 -10.07 0.45
C HIS F 181 -2.11 -9.81 -0.13
N ILE F 182 -1.08 -9.86 0.71
CA ILE F 182 0.28 -9.65 0.23
C ILE F 182 0.65 -10.75 -0.77
N ARG F 183 0.30 -12.00 -0.46
CA ARG F 183 0.50 -13.10 -1.38
C ARG F 183 -0.22 -12.93 -2.70
N ALA F 184 -1.16 -11.98 -2.80
CA ALA F 184 -1.92 -11.82 -4.02
C ALA F 184 -1.14 -11.06 -5.09
N LEU F 185 -0.69 -9.85 -4.75
CA LEU F 185 -0.07 -8.97 -5.73
C LEU F 185 1.37 -9.41 -5.98
N ASP F 186 1.77 -9.38 -7.25
CA ASP F 186 3.07 -9.86 -7.68
C ASP F 186 4.12 -8.75 -7.57
N ARG F 187 5.39 -9.17 -7.53
CA ARG F 187 6.52 -8.25 -7.48
C ARG F 187 7.33 -8.42 -8.76
N LEU F 188 7.09 -7.56 -9.74
CA LEU F 188 7.78 -7.62 -11.01
C LEU F 188 8.21 -6.24 -11.48
N GLN F 189 7.43 -5.21 -11.17
CA GLN F 189 7.71 -3.87 -11.66
C GLN F 189 8.25 -2.99 -10.54
N GLU F 190 8.69 -1.80 -10.95
CA GLU F 190 9.22 -0.80 -10.02
C GLU F 190 8.17 -0.47 -8.96
N VAL F 191 8.67 -0.09 -7.78
CA VAL F 191 7.81 0.38 -6.69
C VAL F 191 6.93 1.50 -7.22
N PRO F 192 5.60 1.32 -7.25
CA PRO F 192 4.73 2.39 -7.76
C PRO F 192 4.69 3.59 -6.85
N HIS F 193 3.93 4.61 -7.24
CA HIS F 193 3.83 5.83 -6.44
C HIS F 193 2.76 5.74 -5.35
N GLU F 194 1.80 4.84 -5.50
CA GLU F 194 0.75 4.68 -4.51
C GLU F 194 0.19 3.26 -4.64
N GLY F 195 -0.64 2.89 -3.67
CA GLY F 195 -1.23 1.57 -3.65
C GLY F 195 -0.53 0.66 -2.66
N PRO F 196 -0.97 -0.60 -2.59
CA PRO F 196 -0.46 -1.50 -1.53
C PRO F 196 1.05 -1.68 -1.57
N MET F 197 1.61 -1.99 -2.74
CA MET F 197 3.06 -2.20 -2.86
C MET F 197 3.83 -1.01 -2.31
N CYS F 198 3.53 0.19 -2.80
CA CYS F 198 4.24 1.38 -2.35
C CYS F 198 4.09 1.60 -0.85
N ASP F 199 2.94 1.21 -0.28
CA ASP F 199 2.72 1.42 1.15
C ASP F 199 3.58 0.47 1.98
N LEU F 200 3.70 -0.78 1.54
CA LEU F 200 4.56 -1.74 2.24
C LEU F 200 6.03 -1.36 2.16
N LEU F 201 6.38 -0.31 1.44
CA LEU F 201 7.77 0.11 1.33
C LEU F 201 7.99 1.58 1.69
N TRP F 202 6.94 2.31 2.10
CA TRP F 202 7.10 3.73 2.38
C TRP F 202 6.39 4.21 3.64
N SER F 203 5.26 3.60 4.00
CA SER F 203 4.43 4.15 5.07
C SER F 203 5.19 4.16 6.40
N ASP F 204 4.67 4.94 7.37
CA ASP F 204 5.40 5.19 8.62
C ASP F 204 4.48 5.18 9.84
N PRO F 205 5.03 5.10 11.07
CA PRO F 205 4.19 5.25 12.25
C PRO F 205 4.13 6.68 12.75
N ASP F 206 3.38 6.91 13.82
CA ASP F 206 3.24 8.22 14.45
C ASP F 206 2.39 8.07 15.70
N ASP F 207 1.96 9.21 16.26
CA ASP F 207 1.16 9.24 17.46
C ASP F 207 -0.23 9.82 17.23
N ARG F 208 -0.63 10.03 15.98
CA ARG F 208 -1.93 10.60 15.67
C ARG F 208 -2.93 9.46 15.45
N GLY F 209 -4.16 9.82 15.08
CA GLY F 209 -5.23 8.84 14.96
C GLY F 209 -5.30 8.20 13.58
N GLY F 210 -5.59 6.91 13.56
CA GLY F 210 -5.85 6.16 12.34
C GLY F 210 -4.87 6.37 11.22
N TRP F 211 -5.35 6.38 9.98
CA TRP F 211 -4.51 6.66 8.83
C TRP F 211 -4.36 8.18 8.66
N GLY F 212 -3.21 8.58 8.15
CA GLY F 212 -2.93 9.99 7.95
C GLY F 212 -2.06 10.22 6.74
N ILE F 213 -1.74 11.50 6.51
CA ILE F 213 -0.96 11.89 5.35
C ILE F 213 0.52 11.67 5.62
N SER F 214 1.27 11.30 4.57
CA SER F 214 2.70 11.05 4.72
C SER F 214 3.49 12.33 4.45
N PRO F 215 4.38 12.74 5.35
CA PRO F 215 5.27 13.87 5.04
C PRO F 215 6.19 13.59 3.86
N ARG F 216 6.42 12.33 3.52
CA ARG F 216 7.26 11.98 2.37
C ARG F 216 6.48 11.92 1.07
N GLY F 217 5.15 11.98 1.11
CA GLY F 217 4.35 11.89 -0.09
C GLY F 217 4.14 10.49 -0.62
N ALA F 218 4.60 9.47 0.11
CA ALA F 218 4.41 8.08 -0.31
C ALA F 218 4.00 7.27 0.91
N GLY F 219 2.88 6.58 0.80
CA GLY F 219 2.36 5.81 1.91
C GLY F 219 1.49 6.63 2.83
N TYR F 220 1.13 6.01 3.95
CA TYR F 220 0.28 6.64 4.96
C TYR F 220 0.96 6.53 6.31
N THR F 221 0.34 7.15 7.31
CA THR F 221 0.81 7.07 8.69
C THR F 221 -0.17 6.24 9.50
N PHE F 222 0.37 5.53 10.49
CA PHE F 222 -0.40 4.53 11.22
C PHE F 222 -1.05 5.18 12.44
N GLY F 223 -1.45 4.34 13.40
CA GLY F 223 -1.93 4.80 14.69
C GLY F 223 -2.01 3.61 15.63
N GLN F 224 -2.05 3.93 16.92
CA GLN F 224 -2.35 2.98 17.99
C GLN F 224 -3.38 1.95 17.57
N ASP F 225 -4.40 2.41 16.86
CA ASP F 225 -5.52 1.56 16.51
C ASP F 225 -5.22 0.72 15.27
N ILE F 226 -4.49 1.28 14.30
CA ILE F 226 -4.27 0.58 13.03
C ILE F 226 -3.36 -0.63 13.24
N SER F 227 -2.18 -0.40 13.79
CA SER F 227 -1.24 -1.49 14.01
C SER F 227 -1.79 -2.53 14.98
N GLU F 228 -2.59 -2.10 15.97
CA GLU F 228 -3.21 -3.04 16.90
C GLU F 228 -4.18 -3.96 16.17
N THR F 229 -5.24 -3.38 15.60
CA THR F 229 -6.28 -4.18 14.96
C THR F 229 -5.71 -5.04 13.83
N PHE F 230 -4.62 -4.60 13.20
CA PHE F 230 -3.99 -5.41 12.17
C PHE F 230 -3.30 -6.64 12.77
N ASN F 231 -2.51 -6.43 13.83
CA ASN F 231 -1.83 -7.56 14.47
C ASN F 231 -2.82 -8.56 15.03
N HIS F 232 -3.96 -8.09 15.53
CA HIS F 232 -4.96 -9.01 16.09
C HIS F 232 -5.67 -9.77 14.98
N ALA F 233 -6.03 -9.09 13.89
CA ALA F 233 -6.69 -9.75 12.77
C ALA F 233 -5.79 -10.73 12.06
N ASN F 234 -4.47 -10.57 12.18
CA ASN F 234 -3.51 -11.49 11.58
C ASN F 234 -2.77 -12.34 12.61
N GLY F 235 -3.11 -12.20 13.90
CA GLY F 235 -2.43 -12.94 14.94
C GLY F 235 -0.94 -12.67 14.97
N LEU F 236 -0.57 -11.40 15.07
CA LEU F 236 0.83 -10.99 15.06
C LEU F 236 1.19 -10.34 16.39
N THR F 237 2.48 -10.39 16.72
CA THR F 237 3.02 -9.72 17.90
C THR F 237 3.83 -8.47 17.57
N LEU F 238 4.59 -8.49 16.46
CA LEU F 238 5.40 -7.36 16.07
C LEU F 238 5.15 -7.00 14.61
N VAL F 239 5.40 -5.75 14.28
CA VAL F 239 5.34 -5.29 12.90
C VAL F 239 6.70 -4.70 12.56
N SER F 240 7.74 -5.53 12.63
CA SER F 240 9.10 -5.07 12.44
C SER F 240 9.23 -4.19 11.20
N ARG F 241 9.50 -2.90 11.41
CA ARG F 241 9.52 -1.90 10.34
C ARG F 241 10.51 -0.78 10.70
N ALA F 242 11.52 -0.59 9.85
CA ALA F 242 12.54 0.44 10.03
C ALA F 242 12.79 1.18 8.72
N HIS F 243 12.27 2.39 8.61
CA HIS F 243 12.73 3.36 7.62
C HIS F 243 13.30 4.62 8.24
N GLN F 244 12.67 5.12 9.31
CA GLN F 244 13.19 6.26 10.01
C GLN F 244 14.47 5.89 10.74
N LEU F 245 15.39 6.85 10.84
CA LEU F 245 16.56 6.68 11.69
C LEU F 245 16.20 7.06 13.11
N VAL F 246 16.51 6.18 14.05
CA VAL F 246 16.25 6.40 15.46
C VAL F 246 17.59 6.55 16.17
N MET F 247 17.65 7.47 17.14
CA MET F 247 18.90 7.76 17.81
C MET F 247 19.46 6.52 18.51
N GLU F 248 18.59 5.79 19.22
CA GLU F 248 19.03 4.65 20.03
C GLU F 248 18.96 3.33 19.28
N GLY F 249 19.02 3.34 17.95
CA GLY F 249 19.00 2.11 17.16
C GLY F 249 17.68 1.44 17.00
N TYR F 250 16.91 1.33 18.06
CA TYR F 250 15.57 0.77 17.99
C TYR F 250 14.66 1.55 18.92
N ASN F 251 13.43 1.75 18.49
CA ASN F 251 12.44 2.44 19.30
C ASN F 251 11.11 1.73 19.18
N TRP F 252 10.47 1.52 20.31
CA TRP F 252 9.13 0.94 20.27
C TRP F 252 8.14 1.98 19.79
N CYS F 253 7.04 1.48 19.26
CA CYS F 253 5.91 2.34 18.91
C CYS F 253 4.66 1.48 18.98
N HIS F 254 3.52 2.16 18.97
CA HIS F 254 2.21 1.51 19.03
C HIS F 254 2.13 0.46 20.13
N ASP F 255 2.36 0.93 21.36
CA ASP F 255 2.33 0.08 22.55
C ASP F 255 3.12 -1.21 22.33
N ARG F 256 4.27 -1.06 21.69
CA ARG F 256 5.18 -2.13 21.31
C ARG F 256 4.58 -3.07 20.27
N ASN F 257 3.45 -2.72 19.66
CA ASN F 257 2.98 -3.49 18.51
C ASN F 257 3.97 -3.40 17.37
N VAL F 258 4.67 -2.27 17.26
CA VAL F 258 5.65 -2.08 16.20
C VAL F 258 6.97 -1.66 16.82
N VAL F 259 8.04 -1.82 16.05
CA VAL F 259 9.36 -1.40 16.49
C VAL F 259 10.18 -1.00 15.26
N THR F 260 10.93 0.08 15.41
CA THR F 260 11.88 0.54 14.40
C THR F 260 13.26 -0.02 14.71
N ILE F 261 14.02 -0.34 13.66
CA ILE F 261 15.34 -0.97 13.83
C ILE F 261 16.33 -0.44 12.80
N PHE F 262 17.11 0.56 13.16
CA PHE F 262 18.08 1.11 12.21
C PHE F 262 19.38 0.31 12.25
N SER F 263 19.99 0.13 11.08
CA SER F 263 21.23 -0.62 10.95
C SER F 263 22.35 0.24 10.37
N ALA F 264 22.24 1.56 10.48
CA ALA F 264 23.25 2.49 9.99
C ALA F 264 23.59 3.47 11.10
N PRO F 265 24.73 3.32 11.77
CA PRO F 265 25.02 4.16 12.93
C PRO F 265 25.14 5.63 12.63
N ASN F 266 26.19 6.06 11.94
CA ASN F 266 26.34 7.49 11.68
C ASN F 266 25.32 7.97 10.67
N TYR F 267 24.98 7.13 9.70
CA TYR F 267 24.08 7.48 8.60
C TYR F 267 24.47 8.81 7.96
N CYS F 268 25.44 8.76 7.03
CA CYS F 268 26.03 9.91 6.36
C CYS F 268 26.29 11.08 7.30
N TYR F 269 26.80 10.79 8.50
CA TYR F 269 27.35 11.79 9.40
C TYR F 269 26.37 12.94 9.66
N ARG F 270 25.16 12.58 10.10
CA ARG F 270 24.11 13.58 10.29
C ARG F 270 23.51 13.61 11.68
N CYS F 271 23.49 12.49 12.40
CA CYS F 271 22.85 12.46 13.72
C CYS F 271 23.76 11.87 14.78
N GLY F 272 24.61 10.92 14.40
CA GLY F 272 25.44 10.25 15.38
C GLY F 272 24.75 9.16 16.16
N ASN F 273 23.66 8.60 15.63
CA ASN F 273 22.94 7.55 16.33
C ASN F 273 23.76 6.27 16.36
N GLN F 274 23.34 5.35 17.24
CA GLN F 274 23.88 4.00 17.27
C GLN F 274 22.85 3.08 16.66
N ALA F 275 23.26 2.28 15.69
CA ALA F 275 22.35 1.35 15.05
C ALA F 275 22.17 0.09 15.88
N ALA F 276 21.07 -0.61 15.65
CA ALA F 276 20.71 -1.76 16.49
C ALA F 276 20.49 -3.00 15.63
N ILE F 277 20.32 -4.12 16.33
CA ILE F 277 20.00 -5.41 15.71
C ILE F 277 19.08 -6.15 16.67
N MET F 278 18.13 -6.91 16.12
CA MET F 278 17.22 -7.72 16.92
C MET F 278 17.59 -9.18 16.73
N GLU F 279 17.88 -9.87 17.83
CA GLU F 279 18.21 -11.29 17.81
C GLU F 279 17.02 -12.09 18.31
N LEU F 280 16.51 -12.98 17.46
CA LEU F 280 15.36 -13.82 17.76
C LEU F 280 15.86 -15.24 17.97
N ASP F 281 15.94 -15.66 19.23
CA ASP F 281 16.45 -16.98 19.56
C ASP F 281 15.40 -18.04 19.24
N ASP F 282 15.65 -19.27 19.65
CA ASP F 282 14.77 -20.41 19.34
C ASP F 282 13.44 -20.36 20.08
N THR F 283 13.13 -19.29 20.82
CA THR F 283 11.84 -19.22 21.52
C THR F 283 11.18 -17.85 21.39
N LEU F 284 11.53 -17.08 20.37
CA LEU F 284 11.01 -15.73 20.15
C LEU F 284 11.19 -14.89 21.41
N LYS F 285 12.46 -14.63 21.71
CA LYS F 285 12.86 -13.77 22.82
C LYS F 285 13.82 -12.73 22.27
N TYR F 286 13.30 -11.52 22.02
CA TYR F 286 14.11 -10.47 21.42
C TYR F 286 15.28 -10.11 22.31
N SER F 287 16.44 -9.88 21.68
CA SER F 287 17.65 -9.45 22.38
C SER F 287 18.35 -8.46 21.45
N PHE F 288 18.24 -7.18 21.78
CA PHE F 288 18.74 -6.12 20.93
C PHE F 288 20.22 -5.87 21.18
N LEU F 289 20.96 -5.62 20.10
CA LEU F 289 22.39 -5.31 20.18
C LEU F 289 22.63 -3.98 19.49
N GLN F 290 22.93 -2.95 20.27
CA GLN F 290 23.28 -1.64 19.74
C GLN F 290 24.78 -1.55 19.53
N PHE F 291 25.19 -0.77 18.55
CA PHE F 291 26.61 -0.64 18.25
C PHE F 291 26.89 0.65 17.51
N ASP F 292 28.17 1.00 17.44
CA ASP F 292 28.70 2.21 16.88
C ASP F 292 29.50 1.92 15.61
N PRO F 293 29.73 2.92 14.77
CA PRO F 293 30.40 2.64 13.48
C PRO F 293 31.82 2.11 13.68
N ALA F 294 32.25 1.29 12.72
CA ALA F 294 33.56 0.70 12.79
C ALA F 294 34.63 1.79 12.67
N PRO F 295 35.83 1.54 13.21
CA PRO F 295 36.91 2.53 13.08
C PRO F 295 37.39 2.69 11.65
N ARG F 296 38.48 3.43 11.48
CA ARG F 296 39.10 3.71 10.18
C ARG F 296 39.05 2.54 9.20
N THR F 306 43.07 9.08 -13.83
CA THR F 306 41.63 8.97 -13.61
C THR F 306 40.85 9.95 -14.46
N PRO F 307 39.70 9.52 -14.99
CA PRO F 307 38.82 10.46 -15.70
C PRO F 307 38.12 11.39 -14.73
N ASP F 308 38.48 12.67 -14.75
CA ASP F 308 37.93 13.65 -13.81
C ASP F 308 36.60 14.15 -14.33
N TYR F 309 35.51 13.66 -13.74
CA TYR F 309 34.15 14.11 -14.04
C TYR F 309 33.62 14.81 -12.79
N PHE F 310 34.00 16.09 -12.63
CA PHE F 310 33.56 16.89 -11.50
C PHE F 310 32.35 17.72 -11.91
N LEU F 311 31.41 17.86 -10.98
CA LEU F 311 30.15 18.52 -11.27
C LEU F 311 30.00 19.81 -10.47
N SER G 2 -29.00 -1.91 -37.50
CA SER G 2 -29.47 -3.29 -37.46
C SER G 2 -30.72 -3.37 -36.58
N HIS G 3 -30.51 -3.44 -35.25
CA HIS G 3 -31.47 -3.84 -34.24
C HIS G 3 -32.46 -2.68 -34.12
N SER G 5 -37.03 -1.50 -34.82
CA SER G 5 -38.43 -1.82 -34.95
C SER G 5 -39.19 -0.57 -35.36
N LEU G 6 -39.97 -0.70 -36.43
CA LEU G 6 -40.67 0.41 -37.05
C LEU G 6 -42.03 0.67 -36.42
N TYR G 7 -42.39 -0.04 -35.34
CA TYR G 7 -43.59 0.30 -34.58
C TYR G 7 -43.51 1.77 -34.21
N PRO G 8 -44.45 2.61 -34.69
CA PRO G 8 -44.30 4.07 -34.57
C PRO G 8 -43.88 4.55 -33.19
N ILE G 9 -44.34 3.86 -32.15
CA ILE G 9 -43.94 4.21 -30.80
C ILE G 9 -42.46 3.91 -30.57
N ALA G 10 -41.90 2.94 -31.30
CA ALA G 10 -40.52 2.53 -31.06
C ALA G 10 -39.54 3.61 -31.48
N VAL G 11 -39.59 4.04 -32.75
CA VAL G 11 -38.68 5.07 -33.23
C VAL G 11 -38.80 6.33 -32.39
N LEU G 12 -39.98 6.57 -31.81
CA LEU G 12 -40.17 7.72 -30.93
C LEU G 12 -39.24 7.63 -29.73
N ILE G 13 -39.18 6.46 -29.08
CA ILE G 13 -38.32 6.29 -27.92
C ILE G 13 -36.86 6.24 -28.35
N ASP G 14 -36.58 5.69 -29.53
CA ASP G 14 -35.21 5.64 -30.03
C ASP G 14 -34.69 7.04 -30.33
N GLU G 15 -35.48 7.84 -31.03
CA GLU G 15 -35.08 9.21 -31.34
C GLU G 15 -34.98 10.04 -30.07
N LEU G 16 -35.95 9.89 -29.15
CA LEU G 16 -35.97 10.69 -27.93
C LEU G 16 -34.74 10.48 -27.07
N ARG G 17 -34.07 9.34 -27.20
CA ARG G 17 -32.73 9.17 -26.61
C ARG G 17 -31.68 9.44 -27.68
N ASN G 18 -31.60 10.71 -28.05
CA ASN G 18 -30.50 11.26 -28.82
C ASN G 18 -30.23 12.63 -28.26
N GLU G 19 -28.96 13.04 -28.22
CA GLU G 19 -28.61 14.32 -27.62
C GLU G 19 -29.22 15.48 -28.37
N ASP G 20 -28.92 16.71 -27.95
CA ASP G 20 -29.46 17.90 -28.59
C ASP G 20 -30.97 17.94 -28.42
N VAL G 21 -31.43 18.54 -27.32
CA VAL G 21 -32.84 18.61 -26.94
C VAL G 21 -33.71 19.06 -28.11
N GLN G 22 -33.23 20.05 -28.86
CA GLN G 22 -33.99 20.59 -29.99
C GLN G 22 -34.40 19.50 -30.97
N LEU G 23 -33.56 18.47 -31.13
CA LEU G 23 -33.93 17.34 -31.97
C LEU G 23 -35.05 16.52 -31.33
N ARG G 24 -34.97 16.28 -30.02
CA ARG G 24 -36.04 15.57 -29.32
C ARG G 24 -37.31 16.40 -29.29
N LEU G 25 -37.17 17.72 -29.07
CA LEU G 25 -38.32 18.61 -29.07
C LEU G 25 -39.15 18.47 -30.33
N ASN G 26 -38.49 18.31 -31.48
CA ASN G 26 -39.21 18.11 -32.73
C ASN G 26 -39.76 16.69 -32.83
N SER G 27 -39.02 15.70 -32.31
CA SER G 27 -39.51 14.32 -32.34
C SER G 27 -40.77 14.17 -31.49
N ILE G 28 -40.80 14.79 -30.31
CA ILE G 28 -42.04 14.80 -29.55
C ILE G 28 -43.12 15.65 -30.21
N LYS G 29 -42.74 16.53 -31.14
CA LYS G 29 -43.73 17.29 -31.89
C LYS G 29 -44.22 16.55 -33.13
N LYS G 30 -43.62 15.40 -33.46
CA LYS G 30 -44.16 14.49 -34.46
C LYS G 30 -45.24 13.59 -33.89
N LEU G 31 -45.77 13.94 -32.71
CA LEU G 31 -46.75 13.10 -32.03
C LEU G 31 -48.07 13.08 -32.79
N SER G 32 -48.67 14.25 -32.98
CA SER G 32 -49.96 14.33 -33.67
C SER G 32 -49.86 13.77 -35.09
N THR G 33 -48.71 13.94 -35.75
CA THR G 33 -48.52 13.36 -37.07
C THR G 33 -48.41 11.85 -37.00
N ILE G 34 -47.90 11.30 -35.90
CA ILE G 34 -47.83 9.86 -35.73
C ILE G 34 -49.20 9.29 -35.37
N ALA G 35 -49.91 9.95 -34.45
CA ALA G 35 -51.26 9.51 -34.11
C ALA G 35 -52.22 9.66 -35.27
N LEU G 36 -51.93 10.56 -36.22
CA LEU G 36 -52.78 10.69 -37.39
C LEU G 36 -52.62 9.50 -38.32
N ALA G 37 -51.46 8.85 -38.31
CA ALA G 37 -51.29 7.61 -39.05
C ALA G 37 -51.95 6.43 -38.34
N LEU G 38 -52.00 6.48 -37.01
CA LEU G 38 -52.73 5.48 -36.25
C LEU G 38 -54.22 5.81 -36.23
N GLY G 39 -55.02 4.77 -36.01
CA GLY G 39 -56.45 4.99 -35.85
C GLY G 39 -56.77 5.63 -34.51
N VAL G 40 -57.94 6.27 -34.46
CA VAL G 40 -58.42 6.83 -33.19
C VAL G 40 -58.54 5.75 -32.13
N GLU G 41 -58.70 4.49 -32.54
CA GLU G 41 -58.70 3.38 -31.60
C GLU G 41 -57.29 2.93 -31.26
N ARG G 42 -56.38 2.93 -32.26
CA ARG G 42 -54.99 2.59 -32.00
C ARG G 42 -54.33 3.63 -31.10
N THR G 43 -54.58 4.92 -31.38
CA THR G 43 -54.10 5.98 -30.50
C THR G 43 -54.60 5.76 -29.08
N ARG G 44 -55.87 5.36 -28.93
CA ARG G 44 -56.44 5.16 -27.61
C ARG G 44 -55.82 3.95 -26.92
N SER G 45 -55.64 2.85 -27.64
CA SER G 45 -55.21 1.61 -27.02
C SER G 45 -53.70 1.55 -26.80
N GLU G 46 -52.92 2.21 -27.63
CA GLU G 46 -51.46 2.08 -27.60
C GLU G 46 -50.75 3.38 -27.29
N LEU G 47 -51.06 4.46 -28.00
CA LEU G 47 -50.32 5.71 -27.83
C LEU G 47 -50.55 6.32 -26.46
N LEU G 48 -51.81 6.56 -26.10
CA LEU G 48 -52.13 7.18 -24.82
C LEU G 48 -51.50 6.46 -23.63
N PRO G 49 -51.64 5.12 -23.47
CA PRO G 49 -51.00 4.45 -22.32
C PRO G 49 -49.51 4.72 -22.20
N PHE G 50 -48.89 5.19 -23.29
CA PHE G 50 -47.48 5.55 -23.25
C PHE G 50 -47.29 6.93 -22.64
N LEU G 51 -48.17 7.88 -22.95
CA LEU G 51 -48.08 9.21 -22.39
C LEU G 51 -48.75 9.33 -21.02
N THR G 52 -49.22 8.21 -20.45
CA THR G 52 -49.92 8.24 -19.17
C THR G 52 -49.03 7.94 -17.98
N ASP G 53 -47.83 7.41 -18.19
CA ASP G 53 -46.88 7.24 -17.10
C ASP G 53 -45.98 8.48 -17.03
N THR G 54 -44.90 8.40 -16.27
CA THR G 54 -43.96 9.49 -16.15
C THR G 54 -42.85 9.35 -17.17
N ILE G 55 -42.49 10.47 -17.81
CA ILE G 55 -41.49 10.49 -18.87
C ILE G 55 -40.28 11.27 -18.36
N TYR G 56 -39.09 10.72 -18.57
CA TYR G 56 -37.85 11.32 -18.07
C TYR G 56 -37.26 12.23 -19.13
N ASP G 57 -37.34 13.54 -18.91
CA ASP G 57 -36.74 14.52 -19.80
C ASP G 57 -37.00 15.90 -19.18
N GLU G 58 -36.15 16.86 -19.55
CA GLU G 58 -36.32 18.22 -19.06
C GLU G 58 -37.60 18.83 -19.61
N ASP G 59 -37.84 20.09 -19.23
CA ASP G 59 -39.17 20.68 -19.41
C ASP G 59 -39.47 20.95 -20.87
N GLU G 60 -38.44 21.34 -21.63
CA GLU G 60 -38.61 21.68 -23.05
C GLU G 60 -39.43 20.62 -23.77
N VAL G 61 -39.14 19.35 -23.49
CA VAL G 61 -39.84 18.26 -24.17
C VAL G 61 -41.19 17.98 -23.54
N LEU G 62 -41.28 18.01 -22.21
CA LEU G 62 -42.55 17.73 -21.55
C LEU G 62 -43.58 18.82 -21.82
N LEU G 63 -43.13 20.08 -21.90
CA LEU G 63 -44.06 21.17 -22.18
C LEU G 63 -44.79 20.95 -23.49
N ALA G 64 -44.08 20.45 -24.50
CA ALA G 64 -44.73 20.12 -25.77
C ALA G 64 -45.78 19.04 -25.58
N LEU G 65 -45.44 18.00 -24.81
CA LEU G 65 -46.38 16.92 -24.53
C LEU G 65 -47.66 17.46 -23.90
N ALA G 66 -47.53 18.11 -22.74
CA ALA G 66 -48.71 18.66 -22.07
C ALA G 66 -49.45 19.65 -22.96
N GLU G 67 -48.71 20.46 -23.73
CA GLU G 67 -49.35 21.36 -24.68
C GLU G 67 -49.99 20.59 -25.82
N GLN G 68 -49.38 19.49 -26.24
CA GLN G 68 -49.94 18.72 -27.36
C GLN G 68 -51.16 17.92 -26.92
N LEU G 69 -51.16 17.40 -25.69
CA LEU G 69 -52.28 16.61 -25.21
C LEU G 69 -53.56 17.44 -25.16
N GLY G 70 -53.45 18.74 -24.94
CA GLY G 70 -54.62 19.61 -24.99
C GLY G 70 -55.21 19.82 -26.37
N THR G 71 -54.64 19.20 -27.39
CA THR G 71 -55.13 19.31 -28.76
C THR G 71 -55.57 17.97 -29.35
N PHE G 72 -55.45 16.88 -28.61
CA PHE G 72 -55.82 15.56 -29.11
C PHE G 72 -57.32 15.31 -29.07
N THR G 73 -58.12 16.24 -28.53
CA THR G 73 -59.56 16.06 -28.42
C THR G 73 -60.18 15.57 -29.73
N THR G 74 -59.82 16.22 -30.83
CA THR G 74 -60.30 15.81 -32.15
C THR G 74 -59.56 14.60 -32.70
N LEU G 75 -58.48 14.17 -32.04
CA LEU G 75 -57.69 13.04 -32.49
C LEU G 75 -57.89 11.76 -31.68
N VAL G 76 -58.59 11.84 -30.54
CA VAL G 76 -58.80 10.66 -29.71
C VAL G 76 -60.20 10.13 -29.99
N GLY G 77 -60.84 10.67 -31.02
CA GLY G 77 -62.17 10.24 -31.43
C GLY G 77 -63.25 11.27 -31.24
N GLY G 78 -62.92 12.52 -30.94
CA GLY G 78 -63.91 13.55 -30.77
C GLY G 78 -64.37 13.68 -29.33
N PRO G 79 -65.35 14.57 -29.10
CA PRO G 79 -65.87 14.76 -27.73
C PRO G 79 -66.36 13.49 -27.07
N GLU G 80 -66.69 12.48 -27.87
CA GLU G 80 -67.19 11.22 -27.35
C GLU G 80 -66.09 10.38 -26.68
N TYR G 81 -64.82 10.77 -26.81
CA TYR G 81 -63.72 9.98 -26.26
C TYR G 81 -62.63 10.86 -25.67
N VAL G 82 -62.97 12.06 -25.22
CA VAL G 82 -61.96 12.95 -24.65
C VAL G 82 -61.57 12.56 -23.23
N HIS G 83 -62.46 11.87 -22.51
CA HIS G 83 -62.14 11.42 -21.16
C HIS G 83 -60.90 10.54 -21.12
N CYS G 84 -60.46 10.01 -22.26
CA CYS G 84 -59.22 9.27 -22.32
C CYS G 84 -58.00 10.15 -22.11
N LEU G 85 -58.11 11.44 -22.39
CA LEU G 85 -56.99 12.37 -22.26
C LEU G 85 -56.73 12.81 -20.82
N LEU G 86 -57.54 12.38 -19.86
CA LEU G 86 -57.34 12.75 -18.46
C LEU G 86 -56.22 11.96 -17.79
N PRO G 87 -56.13 10.63 -17.97
CA PRO G 87 -55.03 9.87 -17.35
C PRO G 87 -53.65 10.45 -17.64
N PRO G 88 -53.31 10.77 -18.91
CA PRO G 88 -51.96 11.30 -19.16
C PRO G 88 -51.73 12.65 -18.50
N LEU G 89 -52.63 13.61 -18.76
CA LEU G 89 -52.49 14.94 -18.19
C LEU G 89 -52.58 14.94 -16.66
N GLU G 90 -53.11 13.88 -16.06
CA GLU G 90 -53.06 13.76 -14.61
C GLU G 90 -51.64 13.47 -14.14
N SER G 91 -50.85 12.76 -14.95
CA SER G 91 -49.45 12.53 -14.60
C SER G 91 -48.60 13.76 -14.84
N LEU G 92 -48.83 14.46 -15.96
CA LEU G 92 -48.05 15.66 -16.26
C LEU G 92 -48.33 16.78 -15.27
N ALA G 93 -49.55 16.86 -14.76
CA ALA G 93 -49.91 17.91 -13.80
C ALA G 93 -49.39 17.63 -12.40
N THR G 94 -48.54 16.62 -12.22
CA THR G 94 -48.16 16.14 -10.90
C THR G 94 -46.66 15.93 -10.76
N VAL G 95 -45.90 15.92 -11.86
CA VAL G 95 -44.46 15.64 -11.86
C VAL G 95 -43.70 16.60 -10.97
N GLU G 96 -42.42 16.30 -10.73
CA GLU G 96 -41.59 17.12 -9.86
C GLU G 96 -41.39 18.52 -10.40
N GLU G 97 -41.39 18.68 -11.72
CA GLU G 97 -41.20 19.99 -12.30
C GLU G 97 -42.46 20.83 -12.16
N THR G 98 -42.31 22.07 -11.69
CA THR G 98 -43.46 22.94 -11.49
C THR G 98 -43.95 23.56 -12.78
N VAL G 99 -43.10 23.70 -13.80
CA VAL G 99 -43.53 24.30 -15.05
C VAL G 99 -44.39 23.34 -15.86
N VAL G 100 -44.05 22.04 -15.84
CA VAL G 100 -44.81 21.06 -16.60
C VAL G 100 -46.23 20.96 -16.05
N ARG G 101 -46.39 21.03 -14.73
CA ARG G 101 -47.71 20.90 -14.13
C ARG G 101 -48.65 22.01 -14.59
N ASP G 102 -48.20 23.26 -14.48
CA ASP G 102 -49.04 24.38 -14.87
C ASP G 102 -49.45 24.31 -16.33
N LYS G 103 -48.59 23.75 -17.19
CA LYS G 103 -48.96 23.58 -18.58
C LYS G 103 -49.96 22.43 -18.75
N ALA G 104 -49.81 21.36 -17.97
CA ALA G 104 -50.77 20.28 -18.01
C ALA G 104 -52.14 20.73 -17.50
N VAL G 105 -52.15 21.55 -16.45
CA VAL G 105 -53.39 22.13 -15.97
C VAL G 105 -54.01 23.03 -17.03
N GLU G 106 -53.17 23.68 -17.85
CA GLU G 106 -53.68 24.53 -18.91
C GLU G 106 -54.44 23.72 -19.96
N SER G 107 -53.94 22.51 -20.27
CA SER G 107 -54.64 21.65 -21.21
C SER G 107 -55.97 21.17 -20.63
N LEU G 108 -55.97 20.80 -19.35
CA LEU G 108 -57.20 20.46 -18.66
C LEU G 108 -58.26 21.55 -18.83
N ARG G 109 -57.90 22.79 -18.48
CA ARG G 109 -58.83 23.90 -18.63
C ARG G 109 -59.28 24.08 -20.07
N ALA G 110 -58.45 23.66 -21.03
CA ALA G 110 -58.80 23.80 -22.44
C ALA G 110 -59.75 22.70 -22.88
N ILE G 111 -59.35 21.43 -22.72
CA ILE G 111 -60.17 20.31 -23.19
C ILE G 111 -61.39 20.09 -22.31
N SER G 112 -61.44 20.72 -21.13
CA SER G 112 -62.60 20.55 -20.26
C SER G 112 -63.88 21.01 -20.95
N HIS G 113 -63.80 22.08 -21.75
CA HIS G 113 -64.97 22.53 -22.50
C HIS G 113 -65.43 21.44 -23.48
N GLU G 114 -64.47 20.72 -24.06
CA GLU G 114 -64.80 19.71 -25.07
C GLU G 114 -65.57 18.54 -24.50
N HIS G 115 -65.56 18.36 -23.18
CA HIS G 115 -66.28 17.27 -22.56
C HIS G 115 -67.79 17.54 -22.57
N SER G 116 -68.56 16.46 -22.48
CA SER G 116 -69.98 16.58 -22.27
C SER G 116 -70.27 16.78 -20.79
N PRO G 117 -71.37 17.45 -20.44
CA PRO G 117 -71.70 17.66 -19.02
C PRO G 117 -71.77 16.36 -18.22
N SER G 118 -71.98 15.24 -18.90
CA SER G 118 -71.97 13.94 -18.24
C SER G 118 -70.53 13.47 -18.00
N ASP G 119 -69.66 13.62 -19.00
CA ASP G 119 -68.27 13.18 -18.84
C ASP G 119 -67.56 13.97 -17.75
N LEU G 120 -67.91 15.24 -17.59
CA LEU G 120 -67.32 16.04 -16.51
C LEU G 120 -67.62 15.42 -15.15
N GLU G 121 -68.90 15.14 -14.87
CA GLU G 121 -69.30 14.67 -13.56
C GLU G 121 -68.80 13.26 -13.26
N ALA G 122 -68.43 12.49 -14.28
CA ALA G 122 -67.98 11.11 -14.10
C ALA G 122 -66.50 10.90 -14.37
N HIS G 123 -65.85 11.82 -15.07
CA HIS G 123 -64.44 11.65 -15.38
C HIS G 123 -63.58 12.85 -15.01
N PHE G 124 -64.12 14.08 -15.12
CA PHE G 124 -63.36 15.27 -14.79
C PHE G 124 -63.57 15.70 -13.35
N VAL G 125 -64.80 15.66 -12.85
CA VAL G 125 -65.09 16.04 -11.46
C VAL G 125 -64.41 15.07 -10.49
N PRO G 126 -64.50 13.75 -10.69
CA PRO G 126 -63.74 12.84 -9.82
C PRO G 126 -62.24 13.06 -9.88
N LEU G 127 -61.72 13.63 -10.97
CA LEU G 127 -60.29 13.92 -11.06
C LEU G 127 -59.88 15.04 -10.12
N VAL G 128 -60.68 16.11 -10.09
CA VAL G 128 -60.37 17.24 -9.20
C VAL G 128 -60.38 16.79 -7.75
N LYS G 129 -61.25 15.84 -7.39
CA LYS G 129 -61.28 15.32 -6.03
C LYS G 129 -59.98 14.59 -5.70
N ARG G 130 -59.50 13.77 -6.63
CA ARG G 130 -58.24 13.04 -6.41
C ARG G 130 -57.11 14.00 -6.11
N LEU G 131 -56.99 15.07 -6.91
CA LEU G 131 -55.89 16.02 -6.71
C LEU G 131 -56.07 16.81 -5.42
N ALA G 132 -57.25 17.40 -5.22
CA ALA G 132 -57.50 18.20 -4.03
C ALA G 132 -57.26 17.40 -2.75
N GLY G 133 -57.54 16.10 -2.78
CA GLY G 133 -57.24 15.23 -1.65
C GLY G 133 -56.10 14.28 -1.96
N GLY G 134 -55.14 14.74 -2.75
CA GLY G 134 -54.03 13.89 -3.15
C GLY G 134 -53.05 13.65 -2.01
N ASP G 135 -52.30 12.55 -2.15
CA ASP G 135 -51.30 12.20 -1.17
C ASP G 135 -49.99 12.96 -1.33
N TRP G 136 -49.80 13.66 -2.45
CA TRP G 136 -48.63 14.50 -2.66
C TRP G 136 -49.08 15.96 -2.67
N PHE G 137 -48.20 16.85 -2.21
CA PHE G 137 -48.63 18.24 -2.05
C PHE G 137 -48.73 18.97 -3.38
N THR G 138 -47.89 18.63 -4.36
CA THR G 138 -47.99 19.26 -5.67
C THR G 138 -49.27 18.85 -6.38
N SER G 139 -49.70 17.59 -6.19
CA SER G 139 -50.99 17.17 -6.73
C SER G 139 -52.12 18.02 -6.17
N ARG G 140 -52.07 18.32 -4.87
CA ARG G 140 -53.06 19.21 -4.27
C ARG G 140 -52.94 20.62 -4.80
N THR G 141 -51.74 21.02 -5.25
CA THR G 141 -51.54 22.38 -5.75
C THR G 141 -52.18 22.58 -7.11
N SER G 142 -52.01 21.62 -8.03
CA SER G 142 -52.53 21.75 -9.38
C SER G 142 -54.05 21.80 -9.43
N ALA G 143 -54.73 21.27 -8.41
CA ALA G 143 -56.19 21.20 -8.46
C ALA G 143 -56.83 22.58 -8.46
N CYS G 144 -56.19 23.56 -7.81
CA CYS G 144 -56.79 24.88 -7.64
C CYS G 144 -57.10 25.58 -8.96
N GLY G 145 -56.56 25.10 -10.09
CA GLY G 145 -56.80 25.70 -11.37
C GLY G 145 -57.92 25.08 -12.18
N LEU G 146 -58.59 24.05 -11.65
CA LEU G 146 -59.67 23.38 -12.38
C LEU G 146 -61.06 23.77 -11.90
N PHE G 147 -61.17 24.32 -10.68
CA PHE G 147 -62.47 24.76 -10.18
C PHE G 147 -63.05 25.89 -11.00
N SER G 148 -62.21 26.63 -11.74
CA SER G 148 -62.68 27.82 -12.45
C SER G 148 -63.52 27.47 -13.66
N VAL G 149 -63.26 26.33 -14.30
CA VAL G 149 -63.87 26.04 -15.60
C VAL G 149 -65.15 25.22 -15.49
N CYS G 150 -65.19 24.24 -14.58
CA CYS G 150 -66.30 23.30 -14.55
C CYS G 150 -67.45 23.74 -13.66
N TYR G 151 -67.23 24.72 -12.77
CA TYR G 151 -68.28 25.18 -11.88
C TYR G 151 -69.57 25.61 -12.59
N PRO G 152 -69.53 26.31 -13.73
CA PRO G 152 -70.79 26.70 -14.36
C PRO G 152 -71.55 25.54 -14.99
N ARG G 153 -70.83 24.51 -15.42
CA ARG G 153 -71.40 23.47 -16.28
C ARG G 153 -71.69 22.17 -15.52
N VAL G 154 -72.04 22.28 -14.24
CA VAL G 154 -72.41 21.13 -13.44
C VAL G 154 -73.64 21.48 -12.61
N SER G 155 -74.40 20.45 -12.25
CA SER G 155 -75.61 20.65 -11.46
C SER G 155 -75.28 21.38 -10.16
N SER G 156 -76.31 22.04 -9.61
CA SER G 156 -76.10 22.86 -8.42
C SER G 156 -75.56 22.04 -7.26
N ALA G 157 -76.06 20.82 -7.09
CA ALA G 157 -75.53 19.95 -6.03
C ALA G 157 -74.09 19.55 -6.31
N VAL G 158 -73.70 19.47 -7.59
CA VAL G 158 -72.31 19.19 -7.92
C VAL G 158 -71.44 20.41 -7.63
N LYS G 159 -71.98 21.61 -7.83
CA LYS G 159 -71.26 22.82 -7.44
C LYS G 159 -71.04 22.88 -5.93
N ALA G 160 -71.95 22.28 -5.16
CA ALA G 160 -71.79 22.26 -3.71
C ALA G 160 -70.57 21.45 -3.29
N GLU G 161 -70.15 20.49 -4.12
CA GLU G 161 -68.94 19.74 -3.82
C GLU G 161 -67.69 20.58 -4.08
N LEU G 162 -67.66 21.26 -5.23
CA LEU G 162 -66.49 22.06 -5.58
C LEU G 162 -66.22 23.16 -4.56
N ARG G 163 -67.26 23.63 -3.86
CA ARG G 163 -67.08 24.68 -2.87
C ARG G 163 -66.34 24.16 -1.63
N GLN G 164 -66.86 23.11 -1.00
CA GLN G 164 -66.20 22.55 0.16
C GLN G 164 -64.84 21.95 -0.21
N TYR G 165 -64.73 21.39 -1.42
CA TYR G 165 -63.44 20.95 -1.93
C TYR G 165 -62.50 22.11 -2.23
N PHE G 166 -62.97 23.35 -2.07
CA PHE G 166 -62.14 24.54 -2.20
C PHE G 166 -61.80 25.18 -0.86
N ARG G 167 -62.72 25.10 0.10
CA ARG G 167 -62.48 25.72 1.41
C ARG G 167 -61.44 24.95 2.20
N ASN G 168 -61.59 23.62 2.28
CA ASN G 168 -60.66 22.78 3.04
C ASN G 168 -59.22 22.96 2.58
N LEU G 169 -59.02 23.42 1.36
CA LEU G 169 -57.68 23.63 0.80
C LEU G 169 -57.10 24.99 1.18
N CYS G 170 -57.94 26.03 1.24
CA CYS G 170 -57.45 27.33 1.70
C CYS G 170 -56.98 27.26 3.15
N SER G 171 -57.54 26.33 3.93
CA SER G 171 -57.12 26.11 5.30
C SER G 171 -56.20 24.90 5.44
N ASP G 172 -55.63 24.43 4.34
CA ASP G 172 -54.74 23.28 4.38
C ASP G 172 -53.48 23.60 5.16
N ASP G 173 -52.78 22.55 5.59
CA ASP G 173 -51.58 22.68 6.39
C ASP G 173 -50.32 22.83 5.56
N THR G 174 -50.43 22.94 4.24
CA THR G 174 -49.30 23.02 3.34
C THR G 174 -49.07 24.45 2.88
N PRO G 175 -47.81 24.90 2.79
CA PRO G 175 -47.55 26.28 2.35
C PRO G 175 -48.02 26.58 0.93
N VAL G 177 -50.03 24.88 -1.31
CA VAL G 177 -51.45 24.69 -1.60
C VAL G 177 -52.24 25.89 -1.09
N ARG G 178 -51.96 26.30 0.14
CA ARG G 178 -52.59 27.50 0.69
C ARG G 178 -52.20 28.73 -0.12
N ARG G 179 -51.01 28.71 -0.73
CA ARG G 179 -50.56 29.82 -1.57
C ARG G 179 -51.27 29.83 -2.91
N ALA G 180 -51.30 28.67 -3.59
CA ALA G 180 -51.83 28.60 -4.95
C ALA G 180 -53.31 28.95 -5.02
N ALA G 181 -54.05 28.73 -3.93
CA ALA G 181 -55.48 28.99 -3.95
C ALA G 181 -55.78 30.46 -4.19
N ALA G 182 -54.99 31.36 -3.60
CA ALA G 182 -55.26 32.79 -3.72
C ALA G 182 -55.05 33.28 -5.15
N SER G 183 -54.08 32.71 -5.87
CA SER G 183 -53.83 33.14 -7.23
C SER G 183 -54.98 32.77 -8.17
N LYS G 184 -55.66 31.66 -7.89
CA LYS G 184 -56.77 31.22 -8.71
C LYS G 184 -58.11 31.76 -8.22
N LEU G 185 -58.12 32.53 -7.12
CA LEU G 185 -59.37 33.00 -6.56
C LEU G 185 -60.14 33.88 -7.53
N GLY G 186 -59.42 34.71 -8.28
CA GLY G 186 -60.10 35.65 -9.18
C GLY G 186 -60.95 34.96 -10.22
N GLU G 187 -60.41 33.89 -10.83
CA GLU G 187 -61.19 33.14 -11.81
C GLU G 187 -62.43 32.54 -11.17
N PHE G 188 -62.32 32.03 -9.95
CA PHE G 188 -63.43 31.38 -9.29
C PHE G 188 -64.52 32.38 -8.90
N ALA G 189 -64.15 33.64 -8.67
CA ALA G 189 -65.11 34.62 -8.17
C ALA G 189 -66.11 35.03 -9.25
N LYS G 190 -65.61 35.48 -10.41
CA LYS G 190 -66.49 36.01 -11.45
C LYS G 190 -67.48 34.95 -11.94
N VAL G 191 -67.08 33.68 -11.92
CA VAL G 191 -67.94 32.61 -12.42
C VAL G 191 -68.82 32.04 -11.32
N LEU G 192 -68.67 32.51 -10.09
CA LEU G 192 -69.54 32.18 -8.98
C LEU G 192 -70.75 33.12 -9.00
N GLU G 193 -71.58 33.06 -7.96
CA GLU G 193 -72.71 33.96 -7.80
C GLU G 193 -72.54 34.76 -6.52
N LEU G 194 -73.01 36.01 -6.55
CA LEU G 194 -72.88 36.95 -5.43
C LEU G 194 -73.24 36.31 -4.10
N ASP G 195 -74.28 35.47 -4.10
CA ASP G 195 -74.76 34.84 -2.88
C ASP G 195 -73.64 34.08 -2.18
N ASN G 196 -73.01 33.14 -2.89
CA ASN G 196 -71.91 32.40 -2.30
C ASN G 196 -70.64 33.26 -2.20
N VAL G 197 -70.45 34.19 -3.15
CA VAL G 197 -69.33 35.12 -3.05
C VAL G 197 -69.41 35.92 -1.76
N LYS G 198 -70.62 36.34 -1.38
CA LYS G 198 -70.80 37.10 -0.15
C LYS G 198 -70.79 36.24 1.11
N SER G 199 -70.75 34.92 0.97
CA SER G 199 -70.81 34.03 2.13
C SER G 199 -69.74 32.96 2.16
N GLU G 200 -69.11 32.62 1.04
CA GLU G 200 -68.10 31.57 1.00
C GLU G 200 -66.73 32.06 0.55
N ILE G 201 -66.68 32.96 -0.43
CA ILE G 201 -65.39 33.37 -0.97
C ILE G 201 -64.71 34.38 -0.06
N ILE G 202 -65.48 35.18 0.69
CA ILE G 202 -64.95 36.24 1.54
C ILE G 202 -64.41 35.70 2.85
N PRO G 203 -65.14 34.83 3.58
CA PRO G 203 -64.59 34.34 4.87
C PRO G 203 -63.23 33.67 4.74
N PHE G 205 -61.19 34.43 2.30
CA PHE G 205 -60.32 35.47 1.79
C PHE G 205 -59.55 36.16 2.91
N SER G 206 -60.19 36.35 4.06
CA SER G 206 -59.53 37.00 5.19
C SER G 206 -58.47 36.10 5.79
N ASN G 207 -58.75 34.80 5.89
CA ASN G 207 -57.82 33.87 6.53
C ASN G 207 -56.50 33.82 5.77
N LEU G 208 -56.55 33.86 4.44
CA LEU G 208 -55.33 33.89 3.66
C LEU G 208 -54.64 35.25 3.79
N ALA G 209 -55.43 36.32 3.94
CA ALA G 209 -54.85 37.65 4.08
C ALA G 209 -54.08 37.75 5.38
N SER G 210 -54.64 37.20 6.45
CA SER G 210 -53.96 37.12 7.75
C SER G 210 -53.52 35.67 7.99
N ASP G 211 -52.50 35.27 7.23
CA ASP G 211 -51.93 33.95 7.37
C ASP G 211 -50.48 34.08 7.82
N GLU G 212 -49.97 33.02 8.44
CA GLU G 212 -48.58 32.98 8.90
C GLU G 212 -47.60 33.25 7.76
N GLN G 213 -47.60 32.38 6.75
CA GLN G 213 -46.65 32.50 5.65
C GLN G 213 -46.80 33.83 4.94
N ASP G 214 -45.67 34.41 4.52
CA ASP G 214 -45.67 35.72 3.89
C ASP G 214 -46.06 35.66 2.42
N SER G 215 -45.73 34.56 1.74
CA SER G 215 -45.93 34.46 0.30
C SER G 215 -47.38 34.21 -0.08
N VAL G 216 -48.26 33.91 0.88
CA VAL G 216 -49.66 33.66 0.55
C VAL G 216 -50.46 34.96 0.51
N ARG G 217 -50.15 35.90 1.42
CA ARG G 217 -50.98 37.08 1.54
C ARG G 217 -50.75 38.04 0.39
N LEU G 218 -49.54 38.05 -0.19
CA LEU G 218 -49.26 38.89 -1.34
C LEU G 218 -50.15 38.53 -2.52
N LEU G 219 -50.64 37.29 -2.60
CA LEU G 219 -51.52 36.89 -3.69
C LEU G 219 -52.96 37.33 -3.45
N ALA G 220 -53.40 37.40 -2.19
CA ALA G 220 -54.76 37.82 -1.89
C ALA G 220 -55.03 39.24 -2.35
N VAL G 221 -53.98 40.05 -2.56
CA VAL G 221 -54.17 41.43 -2.96
C VAL G 221 -54.43 41.53 -4.47
N GLU G 222 -53.54 40.94 -5.28
CA GLU G 222 -53.70 41.05 -6.73
C GLU G 222 -55.02 40.45 -7.20
N ALA G 223 -55.52 39.44 -6.49
CA ALA G 223 -56.83 38.88 -6.78
C ALA G 223 -57.97 39.74 -6.22
N CYS G 224 -57.66 40.71 -5.36
CA CYS G 224 -58.71 41.57 -4.82
C CYS G 224 -59.26 42.53 -5.86
N VAL G 225 -58.49 42.83 -6.91
CA VAL G 225 -59.03 43.59 -8.03
C VAL G 225 -60.24 42.86 -8.61
N ASN G 226 -60.12 41.53 -8.75
CA ASN G 226 -61.20 40.73 -9.31
C ASN G 226 -62.26 40.36 -8.29
N ILE G 227 -61.94 40.41 -6.99
CA ILE G 227 -62.94 40.03 -5.99
C ILE G 227 -63.97 41.13 -5.81
N ALA G 228 -63.59 42.39 -6.04
CA ALA G 228 -64.50 43.50 -5.78
C ALA G 228 -65.28 43.94 -7.01
N GLN G 229 -64.79 43.61 -8.22
CA GLN G 229 -65.51 44.00 -9.43
C GLN G 229 -66.87 43.33 -9.52
N LEU G 230 -67.04 42.18 -8.84
CA LEU G 230 -68.29 41.42 -8.92
C LEU G 230 -69.30 41.82 -7.86
N LEU G 231 -68.87 42.52 -6.81
CA LEU G 231 -69.72 42.81 -5.67
C LEU G 231 -70.33 44.20 -5.79
N PRO G 232 -71.44 44.47 -5.11
CA PRO G 232 -72.08 45.78 -5.23
C PRO G 232 -71.20 46.91 -4.72
N GLN G 233 -71.22 48.03 -5.44
CA GLN G 233 -70.41 49.18 -5.06
C GLN G 233 -70.81 49.70 -3.68
N GLU G 234 -72.11 49.73 -3.38
CA GLU G 234 -72.57 50.26 -2.11
C GLU G 234 -72.06 49.42 -0.95
N ASP G 235 -72.23 48.10 -1.02
CA ASP G 235 -71.86 47.20 0.06
C ASP G 235 -70.38 46.79 -0.03
N LEU G 236 -69.56 47.56 -0.73
CA LEU G 236 -68.14 47.20 -0.86
C LEU G 236 -67.36 47.60 0.39
N GLU G 237 -67.71 48.75 0.99
CA GLU G 237 -67.02 49.21 2.19
C GLU G 237 -67.22 48.28 3.37
N ALA G 238 -68.30 47.47 3.36
CA ALA G 238 -68.65 46.69 4.54
C ALA G 238 -67.78 45.45 4.73
N LEU G 239 -67.31 44.83 3.64
CA LEU G 239 -66.57 43.58 3.73
C LEU G 239 -65.27 43.53 2.94
N VAL G 240 -65.06 44.42 1.98
CA VAL G 240 -63.85 44.37 1.16
C VAL G 240 -62.73 45.20 1.76
N PRO G 242 -62.24 46.45 5.22
CA PRO G 242 -61.62 46.03 6.48
C PRO G 242 -60.54 44.98 6.31
N THR G 243 -60.66 44.13 5.28
CA THR G 243 -59.58 43.19 4.96
C THR G 243 -58.47 43.87 4.17
N LEU G 244 -58.83 44.87 3.35
CA LEU G 244 -57.84 45.60 2.55
C LEU G 244 -57.09 46.63 3.39
N ARG G 245 -57.74 47.18 4.42
CA ARG G 245 -57.09 48.17 5.28
C ARG G 245 -55.84 47.61 5.93
N GLN G 246 -55.81 46.32 6.22
CA GLN G 246 -54.66 45.68 6.83
C GLN G 246 -53.60 45.28 5.81
N ALA G 247 -53.91 45.31 4.53
CA ALA G 247 -52.92 44.94 3.52
C ALA G 247 -51.84 46.00 3.39
N ALA G 248 -52.23 47.28 3.31
CA ALA G 248 -51.26 48.34 3.17
C ALA G 248 -50.36 48.48 4.39
N GLU G 249 -50.75 47.88 5.51
CA GLU G 249 -49.95 47.92 6.74
C GLU G 249 -49.41 46.55 7.13
N ASP G 250 -49.27 45.64 6.16
CA ASP G 250 -48.73 44.32 6.45
C ASP G 250 -47.26 44.43 6.86
N LYS G 251 -46.86 43.58 7.81
CA LYS G 251 -45.50 43.60 8.32
C LYS G 251 -44.46 43.23 7.29
N SER G 252 -44.87 42.71 6.12
CA SER G 252 -43.96 42.37 5.04
C SER G 252 -44.12 43.38 3.91
N TRP G 253 -42.99 43.88 3.42
CA TRP G 253 -43.02 44.91 2.37
C TRP G 253 -43.51 44.36 1.04
N ARG G 254 -43.40 43.04 0.82
CA ARG G 254 -43.85 42.46 -0.45
C ARG G 254 -45.35 42.65 -0.65
N VAL G 255 -46.11 42.76 0.44
CA VAL G 255 -47.54 43.04 0.33
C VAL G 255 -47.77 44.47 -0.09
N ARG G 256 -47.04 45.41 0.55
CA ARG G 256 -47.23 46.83 0.24
C ARG G 256 -46.87 47.15 -1.20
N TYR G 257 -45.88 46.44 -1.77
CA TYR G 257 -45.56 46.65 -3.17
C TYR G 257 -46.71 46.24 -4.08
N VAL G 259 -49.84 46.34 -3.26
CA VAL G 259 -50.83 47.40 -3.09
C VAL G 259 -50.59 48.50 -4.12
N ALA G 260 -49.34 48.96 -4.23
CA ALA G 260 -49.03 50.05 -5.15
C ALA G 260 -49.02 49.58 -6.60
N ASP G 261 -48.55 48.36 -6.85
CA ASP G 261 -48.46 47.86 -8.22
C ASP G 261 -49.81 47.86 -8.90
N LYS G 262 -50.82 47.28 -8.25
CA LYS G 262 -52.19 47.26 -8.77
C LYS G 262 -53.10 48.24 -8.04
N PHE G 263 -52.56 49.37 -7.58
CA PHE G 263 -53.35 50.32 -6.81
C PHE G 263 -54.43 50.97 -7.68
N THR G 264 -54.03 51.53 -8.82
CA THR G 264 -55.00 52.15 -9.71
C THR G 264 -56.06 51.16 -10.16
N GLU G 265 -55.72 49.87 -10.22
CA GLU G 265 -56.72 48.84 -10.50
C GLU G 265 -57.73 48.70 -9.37
N LEU G 266 -57.37 49.11 -8.15
CA LEU G 266 -58.32 49.07 -7.04
C LEU G 266 -59.31 50.21 -7.13
N GLN G 267 -58.81 51.45 -7.25
CA GLN G 267 -59.70 52.62 -7.26
C GLN G 267 -60.71 52.54 -8.40
N LYS G 268 -60.34 51.92 -9.52
CA LYS G 268 -61.24 51.81 -10.65
C LYS G 268 -62.32 50.75 -10.45
N ALA G 269 -62.06 49.76 -9.59
CA ALA G 269 -62.99 48.68 -9.33
C ALA G 269 -63.79 48.88 -8.04
N VAL G 270 -63.37 49.80 -7.18
CA VAL G 270 -64.09 50.05 -5.93
C VAL G 270 -64.97 51.30 -6.00
N GLY G 271 -64.71 52.19 -6.95
CA GLY G 271 -65.47 53.42 -7.06
C GLY G 271 -64.73 54.58 -6.43
N PRO G 272 -64.80 55.75 -7.06
CA PRO G 272 -64.13 56.94 -6.52
C PRO G 272 -64.74 57.47 -5.22
N GLU G 273 -65.78 56.81 -4.69
CA GLU G 273 -66.40 57.25 -3.45
C GLU G 273 -65.57 56.84 -2.24
N ILE G 274 -65.37 55.54 -2.06
CA ILE G 274 -64.60 55.07 -0.90
C ILE G 274 -63.11 55.31 -1.09
N THR G 275 -62.66 55.44 -2.34
CA THR G 275 -61.26 55.75 -2.60
C THR G 275 -60.86 57.03 -1.90
N LYS G 276 -61.67 58.08 -2.04
CA LYS G 276 -61.45 59.33 -1.30
C LYS G 276 -61.45 59.10 0.20
N THR G 277 -62.15 58.08 0.67
CA THR G 277 -62.30 57.85 2.11
C THR G 277 -61.21 56.93 2.67
N ASP G 278 -60.81 55.90 1.93
CA ASP G 278 -59.93 54.87 2.47
C ASP G 278 -58.65 54.69 1.69
N LEU G 279 -58.70 54.71 0.36
CA LEU G 279 -57.48 54.50 -0.42
C LEU G 279 -56.54 55.68 -0.34
N VAL G 280 -57.09 56.90 -0.31
CA VAL G 280 -56.26 58.11 -0.23
C VAL G 280 -55.44 58.15 1.07
N PRO G 281 -56.01 57.87 2.25
CA PRO G 281 -55.17 57.84 3.46
C PRO G 281 -54.00 56.88 3.38
N ALA G 282 -54.26 55.63 2.99
CA ALA G 282 -53.19 54.64 2.89
C ALA G 282 -52.16 55.03 1.84
N PHE G 283 -52.59 55.71 0.77
CA PHE G 283 -51.64 56.22 -0.21
C PHE G 283 -50.59 57.09 0.46
N GLN G 284 -51.01 57.93 1.40
CA GLN G 284 -50.05 58.75 2.15
C GLN G 284 -49.11 57.88 2.97
N ASN G 285 -49.63 56.79 3.56
CA ASN G 285 -48.80 55.89 4.34
C ASN G 285 -47.87 55.05 3.49
N LEU G 286 -48.06 55.03 2.16
CA LEU G 286 -47.20 54.28 1.26
C LEU G 286 -46.12 55.14 0.62
N LYS G 288 -44.95 57.62 2.20
CA LYS G 288 -44.15 57.83 3.40
C LYS G 288 -43.69 56.52 4.01
N ASP G 289 -43.61 55.45 3.22
CA ASP G 289 -43.20 54.14 3.72
C ASP G 289 -41.75 54.18 4.17
N CYS G 290 -41.37 53.16 4.93
CA CYS G 290 -39.99 53.02 5.41
C CYS G 290 -39.10 52.28 4.42
N GLU G 291 -39.67 51.51 3.50
CA GLU G 291 -38.89 50.75 2.52
C GLU G 291 -38.81 51.52 1.22
N ALA G 292 -37.62 51.52 0.61
CA ALA G 292 -37.40 52.29 -0.61
C ALA G 292 -38.17 51.72 -1.79
N GLU G 293 -38.23 50.39 -1.90
CA GLU G 293 -38.91 49.75 -3.02
C GLU G 293 -40.40 50.13 -3.09
N VAL G 294 -41.00 50.52 -1.97
CA VAL G 294 -42.41 50.88 -1.95
C VAL G 294 -42.61 52.32 -2.43
N ARG G 295 -41.77 53.24 -1.94
CA ARG G 295 -41.91 54.65 -2.32
C ARG G 295 -41.87 54.82 -3.83
N ALA G 296 -41.00 54.07 -4.51
CA ALA G 296 -40.95 54.14 -5.97
C ALA G 296 -42.15 53.47 -6.61
N ALA G 297 -42.74 52.48 -5.93
CA ALA G 297 -43.85 51.74 -6.50
C ALA G 297 -45.09 52.63 -6.66
N ALA G 298 -45.52 53.26 -5.56
CA ALA G 298 -46.74 54.04 -5.60
C ALA G 298 -46.54 55.36 -6.33
N SER G 299 -45.35 55.96 -6.21
CA SER G 299 -45.11 57.27 -6.82
C SER G 299 -45.25 57.22 -8.33
N HIS G 300 -44.87 56.09 -8.94
CA HIS G 300 -44.94 55.98 -10.39
C HIS G 300 -46.35 56.08 -10.92
N LYS G 301 -47.36 55.81 -10.10
CA LYS G 301 -48.75 55.78 -10.55
C LYS G 301 -49.56 56.97 -10.04
N VAL G 302 -48.92 57.96 -9.41
CA VAL G 302 -49.64 59.12 -8.92
C VAL G 302 -50.34 59.85 -10.06
N LYS G 303 -49.73 59.85 -11.25
CA LYS G 303 -50.34 60.51 -12.40
C LYS G 303 -51.69 59.89 -12.73
N GLU G 304 -51.72 58.58 -12.98
CA GLU G 304 -52.97 57.92 -13.34
C GLU G 304 -53.98 57.99 -12.20
N PHE G 305 -53.53 57.77 -10.97
CA PHE G 305 -54.41 57.88 -9.81
C PHE G 305 -55.12 59.23 -9.79
N CYS G 306 -54.35 60.32 -9.75
CA CYS G 306 -54.91 61.66 -9.63
C CYS G 306 -55.80 62.04 -10.81
N GLU G 307 -55.65 61.35 -11.94
CA GLU G 307 -56.44 61.68 -13.13
C GLU G 307 -57.85 61.13 -13.06
N ASN G 308 -58.05 60.01 -12.35
CA ASN G 308 -59.35 59.36 -12.29
C ASN G 308 -60.26 59.89 -11.20
N LEU G 309 -59.78 60.79 -10.35
CA LEU G 309 -60.59 61.28 -9.24
C LEU G 309 -61.90 61.89 -9.74
N SER G 310 -62.92 61.83 -8.88
CA SER G 310 -64.22 62.39 -9.23
C SER G 310 -64.14 63.91 -9.29
N ALA G 311 -64.78 64.49 -10.31
CA ALA G 311 -64.61 65.91 -10.62
C ALA G 311 -64.93 66.81 -9.43
N ASP G 312 -65.87 66.41 -8.57
CA ASP G 312 -66.28 67.25 -7.46
C ASP G 312 -65.20 67.45 -6.41
N CYS G 313 -64.05 66.76 -6.53
CA CYS G 313 -63.00 66.90 -5.53
C CYS G 313 -61.60 66.76 -6.12
N ARG G 314 -61.48 66.68 -7.45
CA ARG G 314 -60.17 66.40 -8.07
C ARG G 314 -59.11 67.39 -7.58
N GLU G 315 -59.36 68.68 -7.79
CA GLU G 315 -58.33 69.66 -7.50
C GLU G 315 -58.09 69.86 -6.01
N ASN G 316 -59.10 69.59 -5.17
CA ASN G 316 -58.95 69.87 -3.75
C ASN G 316 -57.92 68.95 -3.10
N VAL G 317 -58.14 67.63 -3.18
CA VAL G 317 -57.31 66.67 -2.46
C VAL G 317 -55.90 66.56 -3.01
N ILE G 318 -55.60 67.16 -4.17
CA ILE G 318 -54.23 67.13 -4.68
C ILE G 318 -53.34 68.03 -3.85
N SER G 320 -54.13 69.47 -1.13
CA SER G 320 -54.45 69.32 0.28
C SER G 320 -54.04 67.96 0.85
N GLN G 321 -54.07 66.91 0.05
CA GLN G 321 -53.80 65.56 0.55
C GLN G 321 -52.68 64.81 -0.16
N ILE G 322 -52.32 65.18 -1.39
CA ILE G 322 -51.25 64.49 -2.12
C ILE G 322 -49.99 65.35 -2.13
N LEU G 323 -50.12 66.59 -2.60
CA LEU G 323 -48.98 67.50 -2.64
C LEU G 323 -48.19 67.58 -1.34
N PRO G 324 -48.81 67.66 -0.15
CA PRO G 324 -47.99 67.67 1.08
C PRO G 324 -47.07 66.49 1.23
N CYS G 325 -47.39 65.35 0.61
CA CYS G 325 -46.54 64.16 0.68
C CYS G 325 -45.60 64.03 -0.51
N ILE G 326 -45.81 64.79 -1.58
CA ILE G 326 -44.89 64.74 -2.71
C ILE G 326 -43.62 65.53 -2.42
N LYS G 327 -43.72 66.59 -1.61
CA LYS G 327 -42.54 67.40 -1.29
C LYS G 327 -41.44 66.56 -0.65
N GLU G 328 -41.82 65.56 0.15
CA GLU G 328 -40.84 64.75 0.86
C GLU G 328 -40.23 63.68 -0.04
N LEU G 329 -40.95 63.26 -1.08
CA LEU G 329 -40.46 62.17 -1.94
C LEU G 329 -39.44 62.67 -2.95
N VAL G 330 -39.67 63.85 -3.54
CA VAL G 330 -38.71 64.41 -4.47
C VAL G 330 -37.35 64.61 -3.81
N SER G 331 -37.34 64.88 -2.51
CA SER G 331 -36.10 65.05 -1.75
C SER G 331 -35.71 63.79 -0.99
N ASP G 332 -36.01 62.62 -1.55
CA ASP G 332 -35.63 61.36 -0.92
C ASP G 332 -34.13 61.14 -1.11
N ALA G 333 -33.68 59.91 -0.88
CA ALA G 333 -32.27 59.56 -1.03
C ALA G 333 -32.02 58.57 -2.15
N ASN G 334 -32.88 57.56 -2.30
CA ASN G 334 -32.74 56.58 -3.37
C ASN G 334 -33.06 57.25 -4.69
N GLN G 335 -32.02 57.66 -5.42
CA GLN G 335 -32.20 58.35 -6.69
C GLN G 335 -33.16 57.61 -7.63
N HIS G 336 -33.42 56.33 -7.37
CA HIS G 336 -34.36 55.57 -8.19
C HIS G 336 -35.80 56.05 -7.98
N VAL G 337 -36.24 56.20 -6.71
CA VAL G 337 -37.62 56.59 -6.47
C VAL G 337 -37.92 57.94 -7.10
N LYS G 338 -36.92 58.82 -7.15
CA LYS G 338 -37.07 60.08 -7.86
C LYS G 338 -37.23 59.86 -9.35
N SER G 339 -36.55 58.85 -9.90
CA SER G 339 -36.67 58.56 -11.33
C SER G 339 -38.07 58.09 -11.68
N ALA G 340 -38.62 57.18 -10.89
CA ALA G 340 -39.97 56.69 -11.15
C ALA G 340 -41.01 57.78 -10.97
N LEU G 341 -40.73 58.77 -10.12
CA LEU G 341 -41.66 59.87 -9.88
C LEU G 341 -41.48 61.01 -10.88
N ALA G 342 -40.24 61.25 -11.32
CA ALA G 342 -40.01 62.33 -12.29
C ALA G 342 -40.78 62.09 -13.58
N SER G 343 -41.01 60.83 -13.94
CA SER G 343 -41.76 60.52 -15.14
C SER G 343 -43.21 60.99 -15.05
N VAL G 344 -43.73 61.21 -13.84
CA VAL G 344 -45.14 61.55 -13.65
C VAL G 344 -45.34 62.90 -12.98
N ILE G 345 -44.29 63.56 -12.51
CA ILE G 345 -44.49 64.86 -11.86
C ILE G 345 -44.83 65.93 -12.89
N GLY G 347 -46.56 65.54 -15.43
CA GLY G 347 -47.80 65.14 -16.07
C GLY G 347 -49.02 65.41 -15.22
N LEU G 348 -48.83 66.13 -14.11
CA LEU G 348 -49.93 66.52 -13.23
C LEU G 348 -50.40 67.95 -13.47
N SER G 349 -49.94 68.58 -14.55
CA SER G 349 -50.34 69.93 -14.91
C SER G 349 -51.75 70.03 -15.48
N PRO G 350 -52.17 69.13 -16.39
CA PRO G 350 -53.49 69.30 -17.01
C PRO G 350 -54.64 69.20 -16.03
N ILE G 351 -54.40 68.78 -14.80
CA ILE G 351 -55.43 68.73 -13.77
C ILE G 351 -55.55 70.08 -13.06
N LEU G 352 -54.41 70.71 -12.75
CA LEU G 352 -54.41 71.92 -11.94
C LEU G 352 -54.67 73.17 -12.80
N GLY G 353 -53.72 73.52 -13.65
CA GLY G 353 -53.87 74.69 -14.48
C GLY G 353 -52.84 75.76 -14.14
N LYS G 354 -52.65 76.68 -15.10
CA LYS G 354 -51.60 77.69 -15.09
C LYS G 354 -51.32 78.28 -13.70
N ASP G 355 -52.36 78.83 -13.05
CA ASP G 355 -52.16 79.55 -11.80
C ASP G 355 -51.86 78.63 -10.62
N ASN G 356 -52.02 77.31 -10.77
CA ASN G 356 -51.66 76.37 -9.72
C ASN G 356 -50.33 75.67 -9.97
N THR G 357 -49.86 75.66 -11.22
CA THR G 357 -48.59 75.00 -11.53
C THR G 357 -47.40 75.82 -11.07
N ILE G 358 -47.45 77.14 -11.27
CA ILE G 358 -46.35 78.01 -10.87
C ILE G 358 -46.13 77.97 -9.36
N GLU G 359 -47.21 77.84 -8.59
CA GLU G 359 -47.11 77.84 -7.14
C GLU G 359 -46.89 76.45 -6.56
N HIS G 360 -47.37 75.40 -7.22
CA HIS G 360 -47.31 74.06 -6.65
C HIS G 360 -46.45 73.10 -7.46
N LEU G 361 -46.67 73.00 -8.77
CA LEU G 361 -45.96 72.01 -9.56
C LEU G 361 -44.57 72.45 -10.01
N LEU G 362 -44.31 73.75 -10.04
CA LEU G 362 -43.03 74.27 -10.50
C LEU G 362 -41.91 74.11 -9.46
N PRO G 363 -42.12 74.44 -8.18
CA PRO G 363 -41.00 74.35 -7.22
C PRO G 363 -40.44 72.96 -7.08
N LEU G 364 -41.26 71.91 -7.26
CA LEU G 364 -40.72 70.55 -7.24
C LEU G 364 -40.03 70.19 -8.55
N PHE G 365 -40.51 70.71 -9.68
CA PHE G 365 -39.84 70.47 -10.96
C PHE G 365 -38.42 71.02 -10.94
N LEU G 366 -38.24 72.23 -10.40
CA LEU G 366 -36.91 72.82 -10.31
C LEU G 366 -35.97 71.93 -9.51
N ALA G 367 -36.48 71.32 -8.44
CA ALA G 367 -35.64 70.46 -7.61
C ALA G 367 -35.15 69.24 -8.39
N GLN G 368 -36.08 68.52 -9.03
CA GLN G 368 -35.69 67.36 -9.82
C GLN G 368 -34.76 67.76 -10.95
N LEU G 369 -34.97 68.95 -11.52
CA LEU G 369 -34.12 69.41 -12.61
C LEU G 369 -32.69 69.63 -12.17
N LYS G 370 -32.46 69.82 -10.87
CA LYS G 370 -31.12 70.01 -10.31
C LYS G 370 -30.70 68.83 -9.43
N ASP G 371 -31.02 67.62 -9.86
CA ASP G 371 -30.72 66.43 -9.09
C ASP G 371 -29.49 65.72 -9.66
N GLU G 372 -28.78 65.01 -8.79
CA GLU G 372 -27.53 64.35 -9.17
C GLU G 372 -27.73 63.32 -10.28
N CYS G 373 -28.44 62.24 -9.97
CA CYS G 373 -28.66 61.18 -10.93
C CYS G 373 -29.36 61.72 -12.17
N PRO G 374 -28.80 61.53 -13.36
CA PRO G 374 -29.53 61.96 -14.58
C PRO G 374 -30.85 61.22 -14.77
N GLU G 375 -31.00 60.02 -14.21
CA GLU G 375 -32.22 59.24 -14.44
C GLU G 375 -33.47 59.94 -13.95
N VAL G 376 -33.35 60.82 -12.95
CA VAL G 376 -34.49 61.61 -12.51
C VAL G 376 -34.64 62.89 -13.34
N ARG G 377 -33.56 63.64 -13.56
CA ARG G 377 -33.68 64.86 -14.33
C ARG G 377 -33.82 64.60 -15.84
N LEU G 378 -33.45 63.41 -16.32
CA LEU G 378 -33.71 63.08 -17.71
C LEU G 378 -35.15 62.60 -17.91
N ASN G 379 -35.68 61.84 -16.96
CA ASN G 379 -37.07 61.42 -17.04
C ASN G 379 -38.02 62.61 -16.96
N ILE G 380 -37.57 63.74 -16.40
CA ILE G 380 -38.40 64.94 -16.40
C ILE G 380 -38.43 65.57 -17.78
N ILE G 381 -37.35 65.40 -18.57
CA ILE G 381 -37.32 65.89 -19.94
C ILE G 381 -38.14 65.01 -20.87
N SER G 382 -38.60 63.86 -20.40
CA SER G 382 -39.38 62.95 -21.24
C SER G 382 -40.84 63.34 -21.36
N ASN G 383 -41.30 64.34 -20.59
CA ASN G 383 -42.71 64.76 -20.59
C ASN G 383 -42.74 66.28 -20.61
N LEU G 384 -42.75 66.86 -21.81
CA LEU G 384 -42.72 68.31 -21.97
C LEU G 384 -43.92 68.91 -22.68
N ASP G 385 -44.53 68.21 -23.64
CA ASP G 385 -45.66 68.78 -24.38
C ASP G 385 -46.83 69.06 -23.45
N CYS G 386 -47.08 68.16 -22.50
CA CYS G 386 -48.19 68.30 -21.57
C CYS G 386 -48.09 69.61 -20.80
N VAL G 387 -46.92 69.88 -20.21
CA VAL G 387 -46.72 71.14 -19.50
C VAL G 387 -46.73 72.32 -20.47
N ASN G 388 -46.08 72.14 -21.61
CA ASN G 388 -46.03 73.22 -22.60
C ASN G 388 -47.42 73.58 -23.10
N GLU G 389 -48.35 72.62 -23.07
CA GLU G 389 -49.72 72.88 -23.50
C GLU G 389 -50.47 73.78 -22.54
N VAL G 390 -50.00 73.92 -21.30
CA VAL G 390 -50.66 74.78 -20.33
C VAL G 390 -49.82 76.00 -19.96
N ILE G 391 -48.49 75.89 -19.95
CA ILE G 391 -47.63 77.04 -19.67
C ILE G 391 -46.60 77.19 -20.80
N GLY G 392 -45.98 78.36 -20.84
CA GLY G 392 -45.07 78.71 -21.92
C GLY G 392 -43.82 77.86 -22.00
N ILE G 393 -42.93 78.16 -22.94
CA ILE G 393 -41.68 77.45 -23.11
C ILE G 393 -40.52 78.16 -22.41
N ARG G 394 -40.41 79.48 -22.62
CA ARG G 394 -39.34 80.24 -22.00
C ARG G 394 -39.56 80.39 -20.49
N GLN G 395 -40.82 80.31 -20.04
CA GLN G 395 -41.11 80.37 -18.61
C GLN G 395 -40.36 79.30 -17.83
N LEU G 396 -39.89 78.25 -18.50
CA LEU G 396 -39.01 77.27 -17.89
C LEU G 396 -37.62 77.26 -18.52
N SER G 397 -37.48 77.73 -19.75
CA SER G 397 -36.17 77.77 -20.40
C SER G 397 -35.19 78.62 -19.63
N GLN G 398 -35.66 79.69 -18.98
CA GLN G 398 -34.83 80.54 -18.13
C GLN G 398 -34.38 79.83 -16.86
N SER G 399 -34.71 78.55 -16.72
CA SER G 399 -34.22 77.72 -15.64
C SER G 399 -33.69 76.37 -16.10
N LEU G 400 -33.79 76.03 -17.39
CA LEU G 400 -33.40 74.71 -17.87
C LEU G 400 -32.13 74.73 -18.71
N LEU G 401 -31.62 75.91 -19.09
CA LEU G 401 -30.36 75.96 -19.82
C LEU G 401 -29.26 75.17 -19.13
N PRO G 402 -29.05 75.30 -17.81
CA PRO G 402 -27.96 74.52 -17.20
C PRO G 402 -28.24 73.03 -17.15
N ALA G 403 -29.49 72.62 -16.96
CA ALA G 403 -29.81 71.20 -16.94
C ALA G 403 -29.45 70.51 -18.25
N ILE G 404 -29.40 71.24 -19.35
CA ILE G 404 -29.02 70.65 -20.64
C ILE G 404 -27.51 70.49 -20.73
N VAL G 405 -26.78 71.59 -20.52
CA VAL G 405 -25.33 71.57 -20.75
C VAL G 405 -24.66 70.52 -19.87
N GLU G 406 -25.06 70.45 -18.60
CA GLU G 406 -24.42 69.49 -17.70
C GLU G 406 -24.64 68.05 -18.15
N LEU G 407 -25.77 67.78 -18.82
CA LEU G 407 -25.96 66.49 -19.47
C LEU G 407 -25.37 66.47 -20.86
N ALA G 408 -25.19 67.64 -21.49
CA ALA G 408 -24.58 67.69 -22.81
C ALA G 408 -23.11 67.33 -22.75
N GLU G 409 -22.41 67.79 -21.72
CA GLU G 409 -20.98 67.53 -21.54
C GLU G 409 -20.73 66.75 -20.25
N ASP G 410 -21.57 65.76 -19.98
CA ASP G 410 -21.35 64.88 -18.84
C ASP G 410 -20.23 63.90 -19.15
N ALA G 411 -19.66 63.32 -18.08
CA ALA G 411 -18.55 62.40 -18.26
C ALA G 411 -19.02 61.08 -18.87
N LYS G 412 -20.05 60.46 -18.28
CA LYS G 412 -20.55 59.19 -18.78
C LYS G 412 -21.09 59.36 -20.21
N TRP G 413 -20.45 58.66 -21.16
CA TRP G 413 -20.83 58.82 -22.56
C TRP G 413 -22.23 58.29 -22.84
N ARG G 414 -22.68 57.29 -22.08
CA ARG G 414 -24.04 56.80 -22.25
C ARG G 414 -25.06 57.89 -21.96
N VAL G 415 -24.78 58.74 -20.97
CA VAL G 415 -25.69 59.84 -20.63
C VAL G 415 -25.77 60.82 -21.79
N ARG G 416 -24.62 61.20 -22.36
CA ARG G 416 -24.60 62.18 -23.43
C ARG G 416 -25.41 61.71 -24.64
N LEU G 417 -25.35 60.41 -24.93
CA LEU G 417 -26.16 59.86 -26.02
C LEU G 417 -27.64 59.99 -25.71
N ALA G 418 -28.03 59.72 -24.47
CA ALA G 418 -29.45 59.72 -24.11
C ALA G 418 -30.11 61.06 -24.41
N ILE G 419 -29.36 62.16 -24.34
CA ILE G 419 -29.95 63.47 -24.59
C ILE G 419 -30.05 63.75 -26.08
N ILE G 420 -29.14 63.21 -26.90
CA ILE G 420 -29.19 63.47 -28.34
C ILE G 420 -30.46 62.90 -28.93
N GLU G 421 -30.91 61.74 -28.43
CA GLU G 421 -32.17 61.17 -28.86
C GLU G 421 -33.36 62.04 -28.48
N TYR G 422 -33.19 62.93 -27.50
CA TYR G 422 -34.25 63.85 -27.09
C TYR G 422 -34.15 65.23 -27.72
N PRO G 424 -33.97 66.65 -30.97
CA PRO G 424 -34.89 67.14 -32.00
C PRO G 424 -36.31 67.33 -31.49
N LEU G 425 -36.78 66.49 -30.58
CA LEU G 425 -38.05 66.74 -29.92
C LEU G 425 -37.93 67.92 -28.97
N LEU G 426 -36.74 68.15 -28.43
CA LEU G 426 -36.51 69.25 -27.50
C LEU G 426 -36.31 70.59 -28.22
N ALA G 427 -36.16 70.58 -29.54
CA ALA G 427 -36.03 71.79 -30.34
C ALA G 427 -37.34 72.22 -30.97
N GLY G 428 -38.16 71.26 -31.42
CA GLY G 428 -39.43 71.61 -32.02
C GLY G 428 -40.38 72.31 -31.08
N GLN G 429 -40.21 72.10 -29.77
CA GLN G 429 -41.02 72.78 -28.77
C GLN G 429 -40.33 74.00 -28.19
N LEU G 430 -39.01 73.96 -28.01
CA LEU G 430 -38.29 75.09 -27.45
C LEU G 430 -38.09 76.22 -28.44
N GLY G 431 -38.48 76.05 -29.70
CA GLY G 431 -38.39 77.10 -30.68
C GLY G 431 -36.99 77.26 -31.25
N VAL G 432 -36.93 78.03 -32.33
CA VAL G 432 -35.68 78.26 -33.07
C VAL G 432 -34.74 79.12 -32.22
N GLU G 433 -35.12 80.39 -32.00
CA GLU G 433 -34.30 81.38 -31.29
C GLU G 433 -33.44 80.79 -30.19
N PHE G 434 -34.06 80.02 -29.29
CA PHE G 434 -33.32 79.43 -28.18
C PHE G 434 -32.37 78.34 -28.68
N PHE G 435 -32.79 77.56 -29.67
CA PHE G 435 -31.92 76.54 -30.23
C PHE G 435 -30.65 77.15 -30.81
N ASP G 436 -30.78 78.27 -31.51
CA ASP G 436 -29.62 78.87 -32.16
C ASP G 436 -28.77 79.71 -31.22
N GLU G 437 -29.38 80.33 -30.20
CA GLU G 437 -28.62 81.27 -29.37
C GLU G 437 -27.78 80.53 -28.32
N LYS G 438 -28.44 79.84 -27.39
CA LYS G 438 -27.75 79.25 -26.26
C LYS G 438 -27.63 77.73 -26.36
N LEU G 439 -28.16 77.10 -27.41
CA LEU G 439 -28.26 75.65 -27.46
C LEU G 439 -27.63 75.02 -28.70
N ASN G 440 -27.32 75.81 -29.74
CA ASN G 440 -26.84 75.22 -30.99
C ASN G 440 -25.41 74.68 -30.84
N SER G 441 -24.56 75.38 -30.08
CA SER G 441 -23.18 74.95 -29.94
C SER G 441 -23.08 73.56 -29.33
N LEU G 442 -24.07 73.16 -28.54
CA LEU G 442 -24.06 71.83 -27.95
C LEU G 442 -24.21 70.74 -29.01
N CYS G 443 -25.11 70.95 -29.97
CA CYS G 443 -25.28 69.97 -31.04
C CYS G 443 -24.04 69.90 -31.93
N ALA G 445 -20.70 70.77 -30.81
CA ALA G 445 -19.56 70.30 -30.03
C ALA G 445 -19.51 68.79 -29.95
N TRP G 446 -20.66 68.12 -30.04
CA TRP G 446 -20.69 66.67 -29.98
C TRP G 446 -20.06 66.03 -31.22
N LEU G 447 -19.98 66.76 -32.33
CA LEU G 447 -19.40 66.20 -33.56
C LEU G 447 -17.92 65.88 -33.42
N VAL G 448 -17.27 66.30 -32.34
CA VAL G 448 -15.87 65.98 -32.10
C VAL G 448 -15.64 65.14 -30.85
N ASP G 449 -16.69 64.89 -30.07
CA ASP G 449 -16.61 64.08 -28.86
C ASP G 449 -15.85 62.79 -29.13
N HIS G 450 -14.87 62.49 -28.27
CA HIS G 450 -13.94 61.40 -28.53
C HIS G 450 -14.65 60.07 -28.82
N VAL G 451 -15.88 59.91 -28.33
CA VAL G 451 -16.61 58.66 -28.51
C VAL G 451 -17.27 58.65 -29.89
N TYR G 452 -17.23 57.49 -30.55
CA TYR G 452 -17.86 57.36 -31.87
C TYR G 452 -19.38 57.45 -31.76
N ALA G 453 -19.98 56.72 -30.82
CA ALA G 453 -21.42 56.70 -30.70
C ALA G 453 -21.99 58.10 -30.47
N ILE G 454 -21.23 58.98 -29.81
CA ILE G 454 -21.66 60.36 -29.67
C ILE G 454 -21.60 61.07 -31.01
N ARG G 455 -20.46 60.96 -31.71
CA ARG G 455 -20.35 61.52 -33.04
C ARG G 455 -21.43 60.95 -33.97
N GLU G 456 -21.61 59.63 -33.93
CA GLU G 456 -22.63 59.00 -34.78
C GLU G 456 -24.02 59.48 -34.40
N ALA G 457 -24.28 59.66 -33.11
CA ALA G 457 -25.59 60.14 -32.67
C ALA G 457 -25.83 61.56 -33.16
N ALA G 458 -24.83 62.43 -33.03
CA ALA G 458 -24.97 63.81 -33.49
C ALA G 458 -25.18 63.87 -34.99
N THR G 459 -24.50 63.00 -35.74
CA THR G 459 -24.65 62.98 -37.19
C THR G 459 -26.07 62.62 -37.60
N SER G 460 -26.58 61.48 -37.10
CA SER G 460 -27.97 61.12 -37.34
C SER G 460 -28.95 62.09 -36.70
N ASN G 461 -28.49 62.94 -35.77
CA ASN G 461 -29.35 63.91 -35.13
C ASN G 461 -29.65 65.10 -36.02
N LEU G 462 -28.69 65.50 -36.87
CA LEU G 462 -28.88 66.66 -37.73
C LEU G 462 -30.00 66.44 -38.74
N LYS G 463 -30.08 65.25 -39.32
CA LYS G 463 -31.15 64.97 -40.29
C LYS G 463 -32.53 65.21 -39.69
N LYS G 464 -32.73 64.77 -38.45
CA LYS G 464 -33.98 65.05 -37.76
C LYS G 464 -34.11 66.53 -37.40
N LEU G 465 -32.98 67.21 -37.21
CA LEU G 465 -33.04 68.64 -36.91
C LEU G 465 -33.44 69.44 -38.15
N VAL G 466 -32.94 69.05 -39.32
CA VAL G 466 -33.36 69.70 -40.56
C VAL G 466 -34.82 69.42 -40.83
N GLU G 467 -35.23 68.16 -40.69
CA GLU G 467 -36.62 67.79 -40.90
C GLU G 467 -37.56 68.57 -39.99
N LYS G 468 -37.08 68.97 -38.81
CA LYS G 468 -37.89 69.73 -37.88
C LYS G 468 -37.82 71.23 -38.12
N PHE G 469 -36.78 71.72 -38.79
CA PHE G 469 -36.57 73.16 -38.97
C PHE G 469 -36.69 73.59 -40.43
N GLY G 470 -35.88 73.05 -41.31
CA GLY G 470 -35.94 73.41 -42.72
C GLY G 470 -34.58 73.33 -43.36
N LYS G 471 -34.60 73.42 -44.71
CA LYS G 471 -33.36 73.32 -45.47
C LYS G 471 -32.53 74.60 -45.38
N GLU G 472 -33.17 75.76 -45.52
CA GLU G 472 -32.45 77.02 -45.52
C GLU G 472 -31.81 77.29 -44.16
N TRP G 473 -32.50 76.95 -43.08
CA TRP G 473 -31.91 77.09 -41.75
C TRP G 473 -30.63 76.28 -41.61
N ALA G 474 -30.54 75.14 -42.31
CA ALA G 474 -29.30 74.36 -42.31
C ALA G 474 -28.21 75.06 -43.09
N HIS G 475 -28.57 75.71 -44.21
CA HIS G 475 -27.59 76.46 -44.99
C HIS G 475 -26.96 77.58 -44.18
N ALA G 476 -27.67 78.09 -43.17
CA ALA G 476 -27.18 79.19 -42.34
C ALA G 476 -26.51 78.71 -41.07
N THR G 477 -27.10 77.74 -40.38
CA THR G 477 -26.63 77.35 -39.06
C THR G 477 -25.68 76.16 -39.09
N ILE G 478 -25.86 75.24 -40.04
CA ILE G 478 -25.21 73.93 -39.99
C ILE G 478 -24.03 73.84 -40.96
N ILE G 479 -24.26 74.15 -42.24
CA ILE G 479 -23.23 73.87 -43.26
C ILE G 479 -21.90 74.54 -42.96
N PRO G 480 -21.83 75.78 -42.44
CA PRO G 480 -20.52 76.35 -42.09
C PRO G 480 -19.69 75.49 -41.15
N LYS G 481 -20.24 75.14 -39.98
CA LYS G 481 -19.46 74.43 -38.98
C LYS G 481 -19.19 72.99 -39.37
N VAL G 482 -20.07 72.39 -40.18
CA VAL G 482 -19.85 71.01 -40.64
C VAL G 482 -18.66 70.95 -41.58
N LEU G 483 -18.63 71.84 -42.58
CA LEU G 483 -17.53 71.82 -43.54
C LEU G 483 -16.23 72.29 -42.90
N ALA G 484 -16.32 73.12 -41.86
CA ALA G 484 -15.11 73.58 -41.17
C ALA G 484 -14.28 72.44 -40.62
N SER G 486 -13.51 69.84 -42.25
CA SER G 486 -12.75 69.27 -43.35
C SER G 486 -11.28 69.66 -43.31
N GLY G 487 -10.84 70.37 -42.27
CA GLY G 487 -9.45 70.75 -42.14
C GLY G 487 -8.87 70.34 -40.81
N ASP G 488 -9.74 69.89 -39.89
CA ASP G 488 -9.28 69.45 -38.59
C ASP G 488 -8.25 68.34 -38.76
N PRO G 489 -7.10 68.42 -38.09
CA PRO G 489 -6.03 67.45 -38.39
C PRO G 489 -6.43 66.01 -38.14
N ASN G 490 -7.02 65.71 -36.98
CA ASN G 490 -7.46 64.36 -36.66
C ASN G 490 -8.38 63.81 -37.74
N TYR G 491 -7.98 62.72 -38.37
CA TYR G 491 -8.75 62.15 -39.47
C TYR G 491 -10.09 61.59 -39.01
N LEU G 492 -10.29 61.40 -37.70
CA LEU G 492 -11.62 61.04 -37.22
C LEU G 492 -12.60 62.19 -37.39
N HIS G 493 -12.16 63.42 -37.11
CA HIS G 493 -13.04 64.57 -37.30
C HIS G 493 -13.27 64.84 -38.78
N ARG G 494 -12.25 64.62 -39.60
CA ARG G 494 -12.36 64.79 -41.05
C ARG G 494 -13.30 63.77 -41.69
N THR G 496 -16.09 62.53 -39.73
CA THR G 496 -17.39 62.90 -39.18
C THR G 496 -18.05 64.03 -39.95
N THR G 497 -17.29 64.77 -40.76
CA THR G 497 -17.90 65.78 -41.61
C THR G 497 -18.51 65.16 -42.87
N LEU G 498 -17.82 64.18 -43.47
CA LEU G 498 -18.40 63.49 -44.62
C LEU G 498 -19.62 62.68 -44.22
N PHE G 499 -19.61 62.12 -43.00
CA PHE G 499 -20.81 61.44 -42.50
C PHE G 499 -22.00 62.38 -42.45
N CYS G 500 -21.77 63.61 -41.97
CA CYS G 500 -22.82 64.62 -41.97
C CYS G 500 -23.29 64.91 -43.40
N ILE G 501 -22.33 65.08 -44.31
CA ILE G 501 -22.66 65.33 -45.72
C ILE G 501 -23.48 64.20 -46.30
N ASN G 502 -23.23 62.96 -45.85
CA ASN G 502 -23.99 61.82 -46.36
C ASN G 502 -25.46 61.93 -45.99
N VAL G 503 -25.75 62.24 -44.73
CA VAL G 503 -27.14 62.28 -44.28
C VAL G 503 -27.80 63.64 -44.55
N LEU G 504 -27.03 64.73 -44.51
CA LEU G 504 -27.62 66.05 -44.73
C LEU G 504 -28.21 66.17 -46.13
N SER G 505 -27.51 65.61 -47.12
CA SER G 505 -27.98 65.66 -48.50
C SER G 505 -29.37 65.06 -48.65
N GLU G 506 -29.71 64.07 -47.82
CA GLU G 506 -31.03 63.46 -47.90
C GLU G 506 -32.13 64.46 -47.64
N VAL G 507 -31.85 65.49 -46.84
CA VAL G 507 -32.87 66.46 -46.43
C VAL G 507 -32.40 67.88 -46.68
N CYS G 508 -31.44 68.06 -47.60
CA CYS G 508 -30.94 69.38 -47.95
C CYS G 508 -31.09 69.66 -49.44
N GLY G 509 -32.13 69.10 -50.06
CA GLY G 509 -32.40 69.34 -51.47
C GLY G 509 -31.25 69.04 -52.39
N GLN G 510 -31.32 69.53 -53.63
CA GLN G 510 -30.25 69.35 -54.61
C GLN G 510 -29.38 70.59 -54.75
N ASP G 511 -29.98 71.78 -54.78
CA ASP G 511 -29.21 73.00 -54.95
C ASP G 511 -28.29 73.26 -53.75
N ILE G 512 -28.76 72.97 -52.54
CA ILE G 512 -27.94 73.18 -51.36
C ILE G 512 -26.86 72.12 -51.21
N THR G 513 -27.04 70.95 -51.82
CA THR G 513 -26.01 69.92 -51.78
C THR G 513 -24.92 70.17 -52.82
N THR G 514 -25.30 70.62 -54.01
CA THR G 514 -24.37 70.77 -55.12
C THR G 514 -23.53 72.03 -55.03
N LYS G 515 -24.02 73.07 -54.35
CA LYS G 515 -23.35 74.36 -54.33
C LYS G 515 -22.43 74.56 -53.14
N HIS G 516 -22.75 73.97 -51.98
CA HIS G 516 -21.95 74.15 -50.78
C HIS G 516 -21.50 72.85 -50.14
N LEU G 518 -21.24 69.42 -52.04
CA LEU G 518 -20.47 68.67 -53.03
C LEU G 518 -19.03 69.15 -53.20
N PRO G 519 -18.75 70.46 -53.30
CA PRO G 519 -17.35 70.88 -53.50
C PRO G 519 -16.43 70.47 -52.35
N THR G 520 -16.85 70.68 -51.11
CA THR G 520 -16.02 70.32 -49.98
C THR G 520 -15.68 68.83 -49.97
N VAL G 521 -16.59 67.99 -50.50
CA VAL G 521 -16.32 66.57 -50.59
C VAL G 521 -15.17 66.31 -51.56
N LEU G 522 -15.26 66.86 -52.77
CA LEU G 522 -14.24 66.66 -53.79
C LEU G 522 -12.88 67.20 -53.36
N ARG G 523 -12.85 68.17 -52.45
CA ARG G 523 -11.60 68.70 -51.94
C ARG G 523 -10.89 67.71 -51.01
N ALA G 525 -10.51 64.35 -51.62
CA ALA G 525 -9.96 63.22 -52.35
C ALA G 525 -8.44 63.21 -52.39
N GLY G 526 -7.78 64.22 -51.84
CA GLY G 526 -6.33 64.23 -51.78
C GLY G 526 -5.82 64.11 -50.36
N ASP G 527 -6.73 63.92 -49.40
CA ASP G 527 -6.36 63.78 -48.01
C ASP G 527 -5.33 62.66 -47.86
N PRO G 528 -4.19 62.93 -47.20
CA PRO G 528 -3.11 61.93 -47.14
C PRO G 528 -3.50 60.64 -46.43
N VAL G 529 -4.58 60.63 -45.67
CA VAL G 529 -5.02 59.44 -44.96
C VAL G 529 -6.00 58.69 -45.85
N ALA G 530 -5.64 57.46 -46.23
CA ALA G 530 -6.49 56.66 -47.11
C ALA G 530 -7.87 56.45 -46.51
N ASN G 531 -7.97 56.40 -45.18
CA ASN G 531 -9.27 56.29 -44.51
C ASN G 531 -10.23 57.41 -44.91
N VAL G 532 -9.72 58.52 -45.41
CA VAL G 532 -10.57 59.59 -45.92
C VAL G 532 -10.81 59.43 -47.41
N ARG G 533 -9.79 58.99 -48.16
CA ARG G 533 -9.89 58.95 -49.61
C ARG G 533 -10.96 57.98 -50.09
N PHE G 534 -10.93 56.74 -49.61
CA PHE G 534 -11.97 55.80 -50.03
C PHE G 534 -13.31 56.16 -49.41
N ASN G 535 -13.29 56.76 -48.21
CA ASN G 535 -14.53 57.28 -47.64
C ASN G 535 -15.10 58.39 -48.48
N VAL G 536 -14.24 59.13 -49.19
CA VAL G 536 -14.71 60.16 -50.12
C VAL G 536 -15.56 59.52 -51.22
N ALA G 537 -14.99 58.57 -51.95
CA ALA G 537 -15.76 57.82 -52.93
C ALA G 537 -16.96 57.13 -52.28
N LYS G 538 -16.74 56.56 -51.08
CA LYS G 538 -17.85 56.07 -50.27
C LYS G 538 -18.88 57.15 -50.02
N SER G 539 -18.43 58.39 -49.86
CA SER G 539 -19.35 59.49 -49.58
C SER G 539 -20.03 60.02 -50.83
N LEU G 540 -19.34 59.98 -51.98
CA LEU G 540 -19.93 60.52 -53.20
C LEU G 540 -21.07 59.63 -53.70
N GLN G 541 -20.83 58.32 -53.75
CA GLN G 541 -21.86 57.40 -54.26
C GLN G 541 -23.17 57.55 -53.50
N LYS G 542 -23.10 58.01 -52.24
CA LYS G 542 -24.31 58.25 -51.47
C LYS G 542 -25.14 59.38 -52.05
N ILE G 543 -24.49 60.40 -52.61
CA ILE G 543 -25.17 61.62 -53.05
C ILE G 543 -25.27 61.72 -54.56
N GLY G 544 -24.86 60.68 -55.30
CA GLY G 544 -24.93 60.68 -56.73
C GLY G 544 -26.31 60.99 -57.27
N PRO G 545 -27.30 60.18 -56.94
CA PRO G 545 -28.66 60.43 -57.43
C PRO G 545 -29.26 61.72 -56.91
N ILE G 546 -28.83 62.20 -55.73
CA ILE G 546 -29.31 63.48 -55.22
C ILE G 546 -29.07 64.59 -56.23
N LEU G 547 -27.91 64.56 -56.88
CA LEU G 547 -27.57 65.54 -57.89
C LEU G 547 -28.32 65.23 -59.19
N ASP G 548 -28.11 66.04 -60.21
CA ASP G 548 -28.64 65.75 -61.53
C ASP G 548 -27.76 64.68 -62.18
N ASN G 549 -27.86 64.53 -63.50
CA ASN G 549 -26.96 63.63 -64.22
C ASN G 549 -25.77 64.35 -64.81
N SER G 550 -25.87 65.67 -65.02
CA SER G 550 -24.80 66.41 -65.67
C SER G 550 -23.60 66.58 -64.75
N THR G 551 -23.84 66.89 -63.47
CA THR G 551 -22.74 67.16 -62.55
C THR G 551 -21.85 65.94 -62.34
N LEU G 552 -22.43 64.73 -62.44
CA LEU G 552 -21.65 63.52 -62.21
C LEU G 552 -20.70 63.23 -63.36
N GLN G 553 -21.08 63.58 -64.60
CA GLN G 553 -20.19 63.38 -65.73
C GLN G 553 -19.19 64.51 -65.92
N SER G 554 -19.37 65.63 -65.21
CA SER G 554 -18.53 66.81 -65.39
C SER G 554 -17.40 66.87 -64.36
N GLU G 555 -17.73 66.88 -63.08
CA GLU G 555 -16.76 67.07 -62.01
C GLU G 555 -16.62 65.89 -61.07
N VAL G 556 -17.58 64.96 -61.05
CA VAL G 556 -17.56 63.85 -60.13
C VAL G 556 -16.75 62.69 -60.69
N LYS G 557 -17.15 62.18 -61.86
CA LYS G 557 -16.45 61.07 -62.48
C LYS G 557 -14.96 61.31 -62.66
N PRO G 558 -14.48 62.50 -63.07
CA PRO G 558 -13.01 62.70 -63.10
C PRO G 558 -12.35 62.45 -61.75
N ILE G 559 -13.00 62.83 -60.66
CA ILE G 559 -12.45 62.57 -59.33
C ILE G 559 -12.51 61.09 -59.01
N LEU G 560 -13.70 60.48 -59.15
CA LEU G 560 -13.86 59.08 -58.76
C LEU G 560 -12.95 58.17 -59.57
N GLU G 561 -12.78 58.46 -60.87
CA GLU G 561 -11.90 57.64 -61.69
C GLU G 561 -10.44 57.84 -61.32
N LYS G 562 -10.09 59.02 -60.80
CA LYS G 562 -8.74 59.25 -60.29
C LYS G 562 -8.44 58.33 -59.11
N LEU G 563 -9.44 58.05 -58.28
CA LEU G 563 -9.23 57.26 -57.08
C LEU G 563 -8.99 55.78 -57.40
N THR G 564 -9.32 55.34 -58.60
CA THR G 564 -9.15 53.93 -58.96
C THR G 564 -7.70 53.56 -59.23
N GLN G 565 -6.72 54.44 -59.00
CA GLN G 565 -5.32 54.14 -59.27
C GLN G 565 -4.45 54.46 -58.06
N ASP G 566 -5.02 54.40 -56.86
CA ASP G 566 -4.28 54.70 -55.65
C ASP G 566 -3.43 53.51 -55.23
N GLN G 567 -2.26 53.80 -54.67
CA GLN G 567 -1.39 52.73 -54.19
C GLN G 567 -2.02 51.97 -53.03
N ASP G 568 -3.03 52.54 -52.38
CA ASP G 568 -3.78 51.84 -51.35
C ASP G 568 -4.78 50.90 -52.00
N VAL G 569 -5.08 49.81 -51.29
CA VAL G 569 -5.98 48.80 -51.84
C VAL G 569 -7.44 49.20 -51.62
N ASP G 570 -7.77 49.71 -50.43
CA ASP G 570 -9.15 50.05 -50.11
C ASP G 570 -9.67 51.20 -50.96
N VAL G 571 -8.79 52.09 -51.41
CA VAL G 571 -9.24 53.23 -52.20
C VAL G 571 -9.74 52.76 -53.56
N LYS G 572 -9.02 51.83 -54.19
CA LYS G 572 -9.43 51.31 -55.50
C LYS G 572 -10.82 50.69 -55.42
N TYR G 573 -11.09 49.90 -54.39
CA TYR G 573 -12.34 49.17 -54.29
C TYR G 573 -13.52 50.15 -54.27
N PHE G 574 -13.62 50.95 -53.22
CA PHE G 574 -14.74 51.88 -53.11
C PHE G 574 -14.79 52.89 -54.24
N ALA G 575 -13.66 53.15 -54.90
CA ALA G 575 -13.68 54.02 -56.07
C ALA G 575 -14.29 53.29 -57.26
N GLN G 576 -13.74 52.13 -57.63
CA GLN G 576 -14.29 51.36 -58.72
C GLN G 576 -15.68 50.84 -58.39
N GLU G 577 -15.98 50.66 -57.10
CA GLU G 577 -17.33 50.30 -56.69
C GLU G 577 -18.30 51.46 -56.91
N ALA G 578 -17.95 52.64 -56.41
CA ALA G 578 -18.81 53.81 -56.53
C ALA G 578 -19.08 54.20 -57.98
N LEU G 579 -18.31 53.65 -58.93
CA LEU G 579 -18.56 53.92 -60.34
C LEU G 579 -19.70 53.07 -60.88
N THR G 580 -19.79 51.81 -60.47
CA THR G 580 -20.80 50.91 -61.00
C THR G 580 -22.18 51.23 -60.43
N VAL G 581 -22.26 51.50 -59.12
CA VAL G 581 -23.54 51.83 -58.50
C VAL G 581 -24.10 53.11 -59.11
N LEU G 582 -23.24 53.99 -59.61
CA LEU G 582 -23.66 55.25 -60.20
C LEU G 582 -23.88 55.16 -61.71
N SER G 583 -23.74 53.96 -62.30
CA SER G 583 -23.91 53.75 -63.74
C SER G 583 -22.93 54.61 -64.54
N LEU G 584 -21.65 54.45 -64.24
CA LEU G 584 -20.60 55.24 -64.87
C LEU G 584 -19.40 54.41 -65.33
N ALA G 585 -19.50 53.08 -65.26
CA ALA G 585 -18.37 52.20 -65.58
C ALA G 585 -17.71 52.53 -66.91
N ASP H 4 -31.66 1.66 -14.00
CA ASP H 4 -30.78 0.55 -13.64
C ASP H 4 -29.81 0.23 -14.77
N PHE H 5 -28.53 0.08 -14.42
CA PHE H 5 -27.49 -0.18 -15.40
C PHE H 5 -26.32 -0.77 -14.62
N SER H 6 -25.60 -1.71 -15.24
CA SER H 6 -24.48 -2.33 -14.54
C SER H 6 -23.42 -2.77 -15.54
N PHE H 7 -22.21 -2.26 -15.37
CA PHE H 7 -21.07 -2.67 -16.17
C PHE H 7 -20.01 -3.27 -15.28
N GLY H 8 -19.26 -4.23 -15.83
CA GLY H 8 -18.22 -4.92 -15.10
C GLY H 8 -18.68 -5.39 -13.73
N PRO H 9 -17.92 -5.04 -12.69
CA PRO H 9 -18.31 -5.39 -11.33
C PRO H 9 -19.20 -4.38 -10.63
N TRP H 10 -19.76 -3.41 -11.35
CA TRP H 10 -20.52 -2.32 -10.75
C TRP H 10 -22.00 -2.47 -11.06
N LYS H 11 -22.84 -2.30 -10.04
CA LYS H 11 -24.28 -2.29 -10.18
C LYS H 11 -24.78 -0.87 -9.90
N LEU H 12 -25.34 -0.22 -10.91
CA LEU H 12 -25.82 1.16 -10.81
C LEU H 12 -27.34 1.13 -10.84
N THR H 13 -27.96 1.33 -9.68
CA THR H 13 -29.40 1.49 -9.58
C THR H 13 -29.72 2.95 -9.32
N ALA H 14 -30.79 3.44 -9.94
CA ALA H 14 -31.20 4.83 -9.83
C ALA H 14 -32.72 4.88 -9.73
N SER H 15 -33.21 5.50 -8.66
CA SER H 15 -34.64 5.68 -8.43
C SER H 15 -34.90 7.16 -8.24
N LYS H 16 -35.74 7.74 -9.10
CA LYS H 16 -36.16 9.13 -8.95
C LYS H 16 -37.66 9.17 -9.20
N THR H 17 -38.44 9.26 -8.12
CA THR H 17 -39.88 9.22 -8.23
C THR H 17 -40.55 10.20 -7.26
N HIS H 18 -41.73 9.85 -6.78
CA HIS H 18 -42.59 10.79 -6.06
C HIS H 18 -41.91 11.37 -4.84
N ILE H 19 -42.46 12.49 -4.38
CA ILE H 19 -42.01 13.18 -3.17
C ILE H 19 -42.71 12.59 -1.97
N MET H 20 -42.34 13.06 -0.77
CA MET H 20 -42.95 12.61 0.47
C MET H 20 -44.47 12.78 0.45
N LYS H 21 -45.17 12.05 1.32
CA LYS H 21 -46.62 12.04 1.31
C LYS H 21 -47.19 13.27 2.00
N SER H 22 -48.44 13.58 1.68
CA SER H 22 -49.12 14.73 2.24
C SER H 22 -49.28 14.59 3.74
N ALA H 23 -48.62 15.46 4.50
CA ALA H 23 -48.63 15.52 5.96
C ALA H 23 -47.86 14.38 6.61
N ASP H 24 -47.37 13.41 5.84
CA ASP H 24 -46.42 12.46 6.40
C ASP H 24 -45.05 13.09 6.58
N VAL H 25 -44.80 14.20 5.88
CA VAL H 25 -43.59 15.00 6.12
C VAL H 25 -43.50 15.38 7.59
N GLU H 26 -44.65 15.63 8.23
CA GLU H 26 -44.68 15.90 9.66
C GLU H 26 -44.01 14.78 10.45
N LYS H 27 -44.29 13.52 10.10
CA LYS H 27 -43.72 12.39 10.82
C LYS H 27 -42.21 12.34 10.67
N LEU H 28 -41.72 12.32 9.42
CA LEU H 28 -40.29 12.20 9.20
C LEU H 28 -39.53 13.37 9.81
N ALA H 29 -40.14 14.55 9.78
CA ALA H 29 -39.50 15.74 10.35
C ALA H 29 -39.22 15.55 11.84
N ASP H 30 -40.18 14.98 12.58
CA ASP H 30 -39.97 14.74 14.00
C ASP H 30 -38.90 13.67 14.24
N GLU H 31 -38.80 12.69 13.34
CA GLU H 31 -37.78 11.66 13.47
C GLU H 31 -36.37 12.21 13.33
N LEU H 32 -36.22 13.38 12.70
CA LEU H 32 -34.93 14.04 12.57
C LEU H 32 -34.74 15.19 13.56
N HIS H 33 -35.71 15.41 14.45
CA HIS H 33 -35.64 16.45 15.48
C HIS H 33 -35.51 17.84 14.89
N MET H 34 -35.98 18.02 13.65
CA MET H 34 -35.96 19.30 12.99
C MET H 34 -37.39 19.70 12.61
N PRO H 35 -37.82 20.93 12.93
CA PRO H 35 -39.24 21.27 12.76
C PRO H 35 -39.66 21.37 11.30
N SER H 36 -39.02 22.26 10.54
CA SER H 36 -39.36 22.46 9.15
C SER H 36 -38.58 21.48 8.28
N LEU H 37 -39.17 21.15 7.13
CA LEU H 37 -38.58 20.21 6.19
C LEU H 37 -38.69 20.79 4.79
N PRO H 38 -37.81 20.39 3.87
CA PRO H 38 -37.88 20.94 2.51
C PRO H 38 -39.25 20.71 1.88
N GLU H 39 -39.71 21.72 1.14
CA GLU H 39 -41.03 21.65 0.51
C GLU H 39 -41.13 20.44 -0.39
N MET H 40 -40.20 20.31 -1.33
CA MET H 40 -40.18 19.19 -2.27
C MET H 40 -39.08 18.23 -1.82
N MET H 41 -39.43 17.30 -0.94
CA MET H 41 -38.51 16.26 -0.48
C MET H 41 -38.71 14.99 -1.30
N PHE H 42 -37.64 14.53 -1.95
CA PHE H 42 -37.67 13.30 -2.73
C PHE H 42 -37.10 12.19 -1.85
N GLY H 43 -37.95 11.67 -0.97
CA GLY H 43 -37.48 10.73 0.04
C GLY H 43 -36.95 9.44 -0.56
N ASP H 44 -37.74 8.80 -1.43
CA ASP H 44 -37.38 7.52 -2.00
C ASP H 44 -36.46 7.64 -3.22
N ASN H 45 -35.73 8.74 -3.33
CA ASN H 45 -34.78 8.94 -4.43
C ASN H 45 -33.38 8.55 -3.99
N VAL H 46 -32.63 7.93 -4.89
CA VAL H 46 -31.32 7.38 -4.55
C VAL H 46 -30.51 7.20 -5.82
N LEU H 47 -29.22 7.46 -5.73
CA LEU H 47 -28.24 7.13 -6.77
C LEU H 47 -27.29 6.13 -6.14
N ARG H 48 -27.53 4.85 -6.37
CA ARG H 48 -26.84 3.76 -5.68
C ARG H 48 -25.71 3.21 -6.53
N ILE H 49 -24.60 2.90 -5.88
CA ILE H 49 -23.44 2.27 -6.51
C ILE H 49 -23.04 1.09 -5.63
N GLN H 50 -23.33 -0.12 -6.08
CA GLN H 50 -22.94 -1.33 -5.36
C GLN H 50 -21.99 -2.14 -6.23
N HIS H 51 -20.89 -2.58 -5.64
CA HIS H 51 -19.90 -3.41 -6.32
C HIS H 51 -20.46 -4.81 -6.53
N GLY H 52 -19.73 -5.63 -7.30
CA GLY H 52 -20.05 -7.04 -7.37
C GLY H 52 -20.05 -7.72 -6.02
N SER H 53 -19.34 -7.16 -5.04
CA SER H 53 -19.38 -7.63 -3.65
C SER H 53 -20.49 -6.87 -2.91
N GLY H 54 -20.42 -6.83 -1.58
CA GLY H 54 -21.49 -6.21 -0.82
C GLY H 54 -21.37 -4.71 -0.63
N PHE H 55 -20.16 -4.17 -0.70
CA PHE H 55 -19.94 -2.77 -0.34
C PHE H 55 -20.52 -1.84 -1.40
N GLY H 56 -20.47 -0.56 -1.11
CA GLY H 56 -20.93 0.45 -2.05
C GLY H 56 -21.14 1.79 -1.38
N ILE H 57 -21.30 2.81 -2.21
CA ILE H 57 -21.58 4.17 -1.76
C ILE H 57 -22.95 4.57 -2.30
N GLU H 58 -23.71 5.29 -1.48
CA GLU H 58 -25.10 5.63 -1.77
C GLU H 58 -25.34 7.10 -1.50
N PHE H 59 -26.12 7.74 -2.37
CA PHE H 59 -26.55 9.13 -2.23
C PHE H 59 -28.08 9.16 -2.15
N ASN H 60 -28.60 9.38 -0.94
CA ASN H 60 -30.05 9.44 -0.71
C ASN H 60 -30.38 10.74 0.01
N ALA H 61 -31.67 10.93 0.28
CA ALA H 61 -32.14 12.19 0.83
C ALA H 61 -32.02 12.23 2.34
N THR H 62 -32.45 11.17 3.03
CA THR H 62 -32.50 11.18 4.49
C THR H 62 -31.12 11.36 5.09
N ASP H 63 -30.20 10.45 4.75
CA ASP H 63 -28.85 10.49 5.33
C ASP H 63 -28.17 11.83 5.07
N ALA H 64 -28.53 12.51 3.98
CA ALA H 64 -28.04 13.86 3.75
C ALA H 64 -28.52 14.81 4.84
N LEU H 65 -29.83 14.87 5.06
CA LEU H 65 -30.38 15.70 6.12
C LEU H 65 -30.06 15.18 7.51
N ARG H 66 -29.31 14.08 7.62
CA ARG H 66 -28.73 13.69 8.90
C ARG H 66 -27.49 14.50 9.26
N CYS H 67 -27.03 15.35 8.34
CA CYS H 67 -25.82 16.14 8.55
C CYS H 67 -26.09 17.59 8.93
N VAL H 68 -27.30 18.10 8.66
CA VAL H 68 -27.62 19.47 9.05
C VAL H 68 -27.55 19.58 10.57
N ASN H 69 -26.84 20.59 11.05
CA ASN H 69 -26.67 20.82 12.47
C ASN H 69 -27.32 22.14 12.87
N ASN H 70 -27.86 22.17 14.08
CA ASN H 70 -28.53 23.36 14.63
C ASN H 70 -27.70 24.62 14.43
N ASP H 101 -32.70 25.40 12.06
CA ASP H 101 -32.04 25.74 10.81
C ASP H 101 -33.04 25.65 9.66
N TRP H 102 -32.90 26.56 8.70
CA TRP H 102 -33.69 26.53 7.48
C TRP H 102 -32.83 26.50 6.23
N THR H 103 -31.52 26.62 6.36
CA THR H 103 -30.64 26.69 5.19
C THR H 103 -30.48 25.33 4.53
N TYR H 104 -30.60 24.25 5.32
CA TYR H 104 -30.38 22.88 4.85
C TYR H 104 -28.97 22.69 4.32
N THR H 105 -28.00 23.42 4.88
CA THR H 105 -26.61 23.26 4.52
C THR H 105 -26.11 21.88 4.90
N THR H 106 -25.51 21.18 3.95
CA THR H 106 -25.26 19.76 4.14
C THR H 106 -23.81 19.47 3.81
N ASP H 107 -23.04 19.01 4.81
CA ASP H 107 -21.67 18.52 4.60
C ASP H 107 -21.65 17.07 4.15
N TYR H 108 -22.78 16.57 3.66
CA TYR H 108 -22.91 15.19 3.24
C TYR H 108 -22.09 14.93 1.99
N LYS H 109 -21.26 13.88 2.05
CA LYS H 109 -20.45 13.45 0.92
C LYS H 109 -20.72 11.99 0.56
N GLY H 110 -21.92 11.52 0.87
CA GLY H 110 -22.30 10.16 0.54
C GLY H 110 -22.20 9.22 1.72
N THR H 111 -23.08 8.23 1.73
CA THR H 111 -23.04 7.16 2.72
C THR H 111 -22.28 5.96 2.17
N LEU H 112 -21.77 5.15 3.10
CA LEU H 112 -21.05 3.93 2.75
C LEU H 112 -21.91 2.73 3.11
N LEU H 113 -21.98 1.77 2.18
CA LEU H 113 -22.85 0.62 2.32
C LEU H 113 -22.02 -0.66 2.48
N GLY H 114 -22.71 -1.73 2.85
CA GLY H 114 -22.06 -3.00 3.11
C GLY H 114 -22.25 -3.43 4.55
N GLU H 115 -23.06 -4.48 4.77
CA GLU H 115 -23.36 -4.93 6.12
C GLU H 115 -22.11 -5.43 6.83
N SER H 116 -21.17 -6.02 6.09
CA SER H 116 -19.95 -6.56 6.66
C SER H 116 -18.71 -5.83 6.18
N LEU H 117 -18.50 -5.72 4.87
CA LEU H 117 -17.33 -5.06 4.31
C LEU H 117 -17.73 -3.69 3.78
N LYS H 118 -17.07 -2.64 4.27
CA LYS H 118 -17.40 -1.26 3.92
C LYS H 118 -16.16 -0.56 3.37
N LEU H 119 -16.38 0.37 2.44
CA LEU H 119 -15.28 1.13 1.85
C LEU H 119 -14.46 1.80 2.95
N LYS H 120 -13.18 1.99 2.67
CA LYS H 120 -12.24 2.59 3.62
C LYS H 120 -11.92 4.01 3.17
N VAL H 121 -12.19 4.97 4.06
CA VAL H 121 -11.96 6.38 3.78
C VAL H 121 -10.63 6.79 4.39
N VAL H 122 -9.74 7.31 3.55
CA VAL H 122 -8.43 7.79 4.01
C VAL H 122 -8.13 9.12 3.33
N PRO H 123 -7.49 10.07 4.04
CA PRO H 123 -7.03 11.28 3.36
C PRO H 123 -5.99 10.94 2.30
N THR H 124 -5.98 11.73 1.24
CA THR H 124 -5.12 11.46 0.09
C THR H 124 -4.53 12.76 -0.43
N THR H 125 -3.45 12.64 -1.19
CA THR H 125 -2.76 13.78 -1.77
C THR H 125 -3.27 14.11 -3.17
N ASP H 126 -3.42 13.09 -4.01
CA ASP H 126 -3.81 13.31 -5.40
C ASP H 126 -5.30 13.66 -5.50
N HIS H 127 -5.65 14.32 -6.59
CA HIS H 127 -7.02 14.67 -6.91
C HIS H 127 -7.42 13.97 -8.21
N ILE H 128 -8.60 14.31 -8.73
CA ILE H 128 -9.05 13.79 -10.01
C ILE H 128 -8.37 14.57 -11.12
N ASP H 129 -7.55 13.89 -11.92
CA ASP H 129 -6.85 14.50 -13.04
C ASP H 129 -7.87 14.93 -14.08
N THR H 130 -8.23 16.22 -14.06
CA THR H 130 -9.36 16.70 -14.86
C THR H 130 -9.06 16.74 -16.36
N GLU H 131 -7.79 16.79 -16.75
CA GLU H 131 -7.48 16.76 -18.18
C GLU H 131 -7.94 15.46 -18.82
N LYS H 132 -8.07 14.40 -18.02
CA LYS H 132 -8.67 13.16 -18.51
C LYS H 132 -10.18 13.25 -18.56
N LEU H 133 -10.79 14.00 -17.63
CA LEU H 133 -12.24 14.11 -17.61
C LEU H 133 -12.75 14.95 -18.77
N LYS H 134 -11.99 15.97 -19.17
CA LYS H 134 -12.38 16.80 -20.31
C LYS H 134 -12.44 16.01 -21.60
N ALA H 135 -11.80 14.83 -21.65
CA ALA H 135 -11.86 13.99 -22.83
C ALA H 135 -13.30 13.57 -23.09
N ARG H 136 -13.77 13.83 -24.31
CA ARG H 136 -15.15 13.52 -24.69
C ARG H 136 -15.20 12.09 -25.23
N GLU H 137 -15.32 11.14 -24.30
CA GLU H 137 -15.43 9.74 -24.64
C GLU H 137 -16.90 9.36 -24.82
N GLN H 138 -17.13 8.14 -25.34
CA GLN H 138 -18.48 7.67 -25.55
C GLN H 138 -19.23 7.54 -24.24
N ILE H 139 -20.20 8.43 -24.01
CA ILE H 139 -21.00 8.39 -22.78
C ILE H 139 -21.85 7.13 -22.83
N LYS H 140 -21.57 6.18 -21.95
CA LYS H 140 -22.29 4.91 -21.95
C LYS H 140 -23.66 5.03 -21.30
N PHE H 141 -23.79 5.89 -20.29
CA PHE H 141 -25.03 6.05 -19.54
C PHE H 141 -24.91 7.31 -18.69
N PHE H 142 -26.06 7.93 -18.42
CA PHE H 142 -26.08 9.19 -17.68
C PHE H 142 -27.45 9.34 -17.04
N GLU H 143 -27.48 9.72 -15.76
CA GLU H 143 -28.72 9.89 -15.04
C GLU H 143 -28.53 10.88 -13.91
N GLU H 144 -29.44 11.85 -13.83
CA GLU H 144 -29.47 12.83 -12.74
C GLU H 144 -30.65 12.53 -11.83
N VAL H 145 -30.42 12.60 -10.53
CA VAL H 145 -31.43 12.32 -9.51
C VAL H 145 -31.56 13.53 -8.60
N LEU H 146 -32.80 13.84 -8.22
CA LEU H 146 -33.12 14.99 -7.39
C LEU H 146 -33.48 14.51 -5.99
N LEU H 147 -32.87 15.13 -4.97
CA LEU H 147 -33.06 14.73 -3.58
C LEU H 147 -34.03 15.62 -2.84
N PHE H 148 -33.82 16.94 -2.86
CA PHE H 148 -34.80 17.87 -2.29
C PHE H 148 -34.53 19.27 -2.80
N GLU H 149 -35.59 20.08 -2.87
CA GLU H 149 -35.52 21.44 -3.35
C GLU H 149 -36.52 22.29 -2.58
N ASP H 150 -36.05 23.40 -2.00
CA ASP H 150 -36.86 24.26 -1.16
C ASP H 150 -36.74 25.69 -1.66
N GLU H 151 -37.88 26.39 -1.73
CA GLU H 151 -37.91 27.80 -2.14
C GLU H 151 -37.56 28.75 -1.01
N LEU H 152 -37.29 28.24 0.19
CA LEU H 152 -36.90 29.07 1.33
C LEU H 152 -37.86 30.23 1.56
N HIS H 153 -39.15 29.88 1.64
CA HIS H 153 -40.24 30.85 1.80
C HIS H 153 -40.27 31.89 0.68
N ASP H 154 -39.70 31.53 -0.48
CA ASP H 154 -39.60 32.39 -1.67
C ASP H 154 -38.60 33.54 -1.48
N HIS H 155 -37.61 33.37 -0.60
CA HIS H 155 -36.48 34.29 -0.50
C HIS H 155 -35.19 33.68 -1.03
N GLY H 156 -35.20 32.41 -1.41
CA GLY H 156 -34.01 31.79 -1.93
C GLY H 156 -34.32 30.43 -2.52
N VAL H 157 -33.27 29.63 -2.70
CA VAL H 157 -33.42 28.25 -3.14
C VAL H 157 -32.41 27.38 -2.39
N SER H 158 -32.74 26.10 -2.26
CA SER H 158 -31.86 25.11 -1.60
C SER H 158 -32.06 23.79 -2.33
N SER H 159 -31.21 23.51 -3.31
CA SER H 159 -31.30 22.33 -4.14
C SER H 159 -30.14 21.40 -3.86
N LEU H 160 -30.44 20.12 -3.60
CA LEU H 160 -29.43 19.09 -3.49
C LEU H 160 -29.65 18.10 -4.63
N SER H 161 -28.76 18.11 -5.61
CA SER H 161 -28.85 17.25 -6.77
C SER H 161 -27.70 16.25 -6.79
N VAL H 162 -27.81 15.27 -7.68
CA VAL H 162 -26.77 14.27 -7.87
C VAL H 162 -26.91 13.65 -9.25
N LYS H 163 -25.78 13.56 -9.97
CA LYS H 163 -25.77 13.00 -11.31
C LYS H 163 -24.48 12.20 -11.49
N ILE H 164 -24.54 11.25 -12.42
CA ILE H 164 -23.41 10.38 -12.71
C ILE H 164 -23.30 10.21 -14.22
N ARG H 165 -22.06 10.23 -14.72
CA ARG H 165 -21.76 9.88 -16.10
C ARG H 165 -20.75 8.74 -16.08
N VAL H 166 -20.97 7.72 -16.89
CA VAL H 166 -20.12 6.53 -16.92
C VAL H 166 -19.44 6.48 -18.28
N MET H 167 -18.13 6.69 -18.28
CA MET H 167 -17.33 6.48 -19.46
C MET H 167 -17.10 4.99 -19.65
N PRO H 168 -16.65 4.55 -20.83
CA PRO H 168 -16.42 3.11 -21.01
C PRO H 168 -15.28 2.58 -20.16
N SER H 169 -14.31 3.42 -19.79
CA SER H 169 -13.16 2.98 -19.02
C SER H 169 -13.08 3.66 -17.65
N SER H 170 -14.17 4.26 -17.19
CA SER H 170 -14.19 4.96 -15.91
C SER H 170 -15.62 5.40 -15.64
N PHE H 171 -15.83 6.05 -14.50
CA PHE H 171 -17.10 6.71 -14.23
C PHE H 171 -16.87 7.86 -13.26
N PHE H 172 -17.73 8.87 -13.36
CA PHE H 172 -17.58 10.10 -12.60
C PHE H 172 -18.95 10.57 -12.14
N LEU H 173 -19.02 10.98 -10.88
CA LEU H 173 -20.27 11.43 -10.27
C LEU H 173 -20.03 12.74 -9.54
N LEU H 174 -21.08 13.56 -9.44
CA LEU H 174 -21.05 14.81 -8.71
C LEU H 174 -22.30 14.92 -7.83
N LEU H 175 -22.10 15.28 -6.57
CA LEU H 175 -23.18 15.58 -5.63
C LEU H 175 -23.02 17.03 -5.23
N ARG H 176 -23.95 17.88 -5.66
CA ARG H 176 -23.87 19.32 -5.48
C ARG H 176 -25.09 19.82 -4.74
N PHE H 177 -24.87 20.41 -3.56
CA PHE H 177 -25.92 21.13 -2.85
C PHE H 177 -25.73 22.62 -3.14
N PHE H 178 -26.75 23.23 -3.72
CA PHE H 178 -26.71 24.65 -4.08
C PHE H 178 -27.61 25.44 -3.14
N LEU H 179 -27.17 26.65 -2.80
CA LEU H 179 -27.94 27.54 -1.94
C LEU H 179 -27.76 28.97 -2.42
N ARG H 180 -28.88 29.69 -2.52
CA ARG H 180 -28.86 31.11 -2.81
C ARG H 180 -29.85 31.81 -1.89
N ILE H 181 -29.39 32.82 -1.18
CA ILE H 181 -30.27 33.68 -0.39
C ILE H 181 -30.35 35.00 -1.15
N ASP H 182 -31.46 35.19 -1.88
CA ASP H 182 -31.62 36.32 -2.80
C ASP H 182 -31.21 37.64 -2.17
N GLY H 183 -30.11 38.20 -2.66
CA GLY H 183 -29.61 39.46 -2.16
C GLY H 183 -28.75 39.36 -0.91
N VAL H 184 -28.36 38.15 -0.50
CA VAL H 184 -27.58 37.99 0.73
C VAL H 184 -26.27 37.26 0.44
N LEU H 185 -26.34 35.99 0.05
CA LEU H 185 -25.13 35.19 -0.13
C LEU H 185 -25.40 34.06 -1.12
N ILE H 186 -24.39 33.21 -1.29
CA ILE H 186 -24.46 32.01 -2.12
C ILE H 186 -23.60 30.95 -1.47
N ARG H 187 -24.11 29.72 -1.39
CA ARG H 187 -23.38 28.61 -0.79
C ARG H 187 -23.46 27.39 -1.69
N MET H 188 -22.32 26.73 -1.88
CA MET H 188 -22.23 25.54 -2.72
C MET H 188 -21.36 24.51 -2.04
N ASN H 189 -21.76 23.24 -2.15
CA ASN H 189 -21.02 22.11 -1.58
C ASN H 189 -20.95 21.02 -2.64
N ASP H 190 -19.92 21.07 -3.48
CA ASP H 190 -19.69 20.03 -4.47
C ASP H 190 -18.99 18.83 -3.85
N THR H 191 -19.35 17.64 -4.33
CA THR H 191 -18.75 16.38 -3.87
C THR H 191 -18.55 15.51 -5.11
N ARG H 192 -17.36 15.58 -5.70
CA ARG H 192 -17.05 14.85 -6.91
C ARG H 192 -16.52 13.46 -6.57
N LEU H 193 -16.92 12.48 -7.35
CA LEU H 193 -16.53 11.08 -7.15
C LEU H 193 -16.04 10.52 -8.47
N TYR H 194 -14.83 9.97 -8.47
CA TYR H 194 -14.20 9.46 -9.68
C TYR H 194 -13.61 8.08 -9.42
N HIS H 195 -13.73 7.19 -10.40
CA HIS H 195 -13.16 5.86 -10.34
C HIS H 195 -12.64 5.51 -11.73
N GLU H 196 -11.33 5.44 -11.88
CA GLU H 196 -10.71 5.11 -13.16
C GLU H 196 -10.87 3.61 -13.42
N ALA H 197 -10.22 3.12 -14.47
CA ALA H 197 -10.40 1.74 -14.93
C ALA H 197 -9.77 0.78 -13.92
N ASP H 198 -10.61 0.20 -13.06
CA ASP H 198 -10.22 -0.90 -12.18
C ASP H 198 -8.99 -0.53 -11.36
N LYS H 199 -9.20 0.40 -10.43
CA LYS H 199 -8.12 1.00 -9.65
C LYS H 199 -8.33 0.81 -8.16
N THR H 200 -8.81 -0.37 -7.75
CA THR H 200 -8.98 -0.78 -6.35
C THR H 200 -9.35 0.33 -5.37
N TYR H 201 -9.95 1.41 -5.87
CA TYR H 201 -10.38 2.55 -5.06
C TYR H 201 -11.19 3.49 -5.94
N MET H 202 -11.58 4.64 -5.37
CA MET H 202 -12.24 5.70 -6.13
C MET H 202 -11.98 7.03 -5.43
N LEU H 203 -11.42 7.99 -6.16
CA LEU H 203 -11.15 9.30 -5.59
C LEU H 203 -12.45 10.01 -5.24
N ARG H 204 -12.45 10.69 -4.10
CA ARG H 204 -13.54 11.55 -3.70
C ARG H 204 -12.98 12.91 -3.33
N GLU H 205 -13.71 13.97 -3.70
CA GLU H 205 -13.25 15.34 -3.48
C GLU H 205 -14.43 16.19 -3.04
N TYR H 206 -14.33 16.76 -1.85
CA TYR H 206 -15.35 17.65 -1.30
C TYR H 206 -14.83 19.08 -1.30
N THR H 207 -15.63 20.00 -1.84
CA THR H 207 -15.25 21.40 -1.90
C THR H 207 -16.47 22.25 -1.57
N SER H 208 -16.32 23.16 -0.62
CA SER H 208 -17.40 24.02 -0.14
C SER H 208 -17.00 25.47 -0.36
N ARG H 209 -17.65 26.15 -1.30
CA ARG H 209 -17.40 27.54 -1.59
C ARG H 209 -18.63 28.37 -1.23
N GLU H 210 -18.38 29.60 -0.77
CA GLU H 210 -19.46 30.53 -0.46
C GLU H 210 -18.91 31.95 -0.48
N SER H 211 -19.80 32.90 -0.75
CA SER H 211 -19.46 34.31 -0.70
C SER H 211 -20.75 35.11 -0.64
N LYS H 212 -20.77 36.15 0.19
CA LYS H 212 -21.95 36.98 0.31
C LYS H 212 -22.13 37.85 -0.93
N ILE H 213 -23.38 38.03 -1.35
CA ILE H 213 -23.68 38.66 -2.63
C ILE H 213 -23.08 40.06 -2.70
N ALA H 214 -23.07 40.77 -1.58
CA ALA H 214 -22.48 42.12 -1.57
C ALA H 214 -21.03 42.10 -2.03
N ASN H 215 -20.31 41.01 -1.76
CA ASN H 215 -18.94 40.86 -2.24
C ASN H 215 -18.88 40.29 -3.65
N LEU H 216 -20.03 39.94 -4.24
CA LEU H 216 -20.11 39.51 -5.63
C LEU H 216 -20.60 40.63 -6.54
N MET H 217 -20.28 41.88 -6.18
CA MET H 217 -20.77 43.03 -6.93
C MET H 217 -20.42 42.93 -8.42
N HIS H 218 -19.26 42.34 -8.74
CA HIS H 218 -18.73 42.44 -10.09
C HIS H 218 -19.27 41.38 -11.03
N VAL H 219 -19.83 40.28 -10.52
CA VAL H 219 -20.39 39.25 -11.40
C VAL H 219 -21.81 39.65 -11.78
N PRO H 220 -22.32 39.22 -12.94
CA PRO H 220 -23.66 39.62 -13.36
C PRO H 220 -24.71 38.99 -12.46
N PRO H 221 -25.73 39.76 -12.07
CA PRO H 221 -26.83 39.17 -11.28
C PRO H 221 -27.51 38.00 -11.99
N SER H 222 -27.40 37.91 -13.31
CA SER H 222 -27.88 36.76 -14.06
C SER H 222 -26.93 35.58 -14.01
N LEU H 223 -25.91 35.64 -13.14
CA LEU H 223 -25.01 34.51 -12.94
C LEU H 223 -25.25 33.78 -11.62
N PHE H 224 -26.09 34.32 -10.75
CA PHE H 224 -26.48 33.61 -9.54
C PHE H 224 -27.49 32.50 -9.82
N THR H 225 -27.76 32.21 -11.10
CA THR H 225 -28.79 31.26 -11.50
C THR H 225 -28.25 30.04 -12.24
N GLU H 226 -27.05 30.11 -12.82
CA GLU H 226 -26.45 28.95 -13.45
C GLU H 226 -25.36 28.42 -12.53
N PRO H 227 -25.64 27.37 -11.73
CA PRO H 227 -24.63 26.92 -10.76
C PRO H 227 -23.34 26.46 -11.40
N ASN H 228 -23.38 26.00 -12.65
CA ASN H 228 -22.17 25.54 -13.32
C ASN H 228 -21.20 26.67 -13.62
N GLU H 229 -21.68 27.90 -13.72
CA GLU H 229 -20.84 29.05 -14.07
C GLU H 229 -20.49 29.93 -12.89
N ILE H 230 -21.34 29.98 -11.85
CA ILE H 230 -21.06 30.82 -10.69
C ILE H 230 -19.98 30.23 -9.79
N SER H 231 -19.68 28.94 -9.94
CA SER H 231 -18.74 28.27 -9.04
C SER H 231 -17.36 28.91 -9.10
N GLN H 232 -16.89 29.23 -10.31
CA GLN H 232 -15.56 29.79 -10.47
C GLN H 232 -15.36 31.01 -9.58
N TYR H 233 -16.34 31.91 -9.56
CA TYR H 233 -16.26 33.17 -8.85
C TYR H 233 -16.60 33.05 -7.37
N LEU H 234 -16.56 31.85 -6.82
CA LEU H 234 -16.84 31.62 -5.41
C LEU H 234 -15.59 31.09 -4.72
N PRO H 235 -15.04 31.79 -3.73
CA PRO H 235 -13.80 31.32 -3.10
C PRO H 235 -14.04 30.09 -2.24
N ILE H 236 -13.03 29.23 -2.18
CA ILE H 236 -13.14 27.97 -1.45
C ILE H 236 -12.91 28.23 0.03
N LYS H 237 -13.83 27.73 0.87
CA LYS H 237 -13.69 27.80 2.31
C LYS H 237 -13.13 26.52 2.90
N GLU H 238 -13.73 25.37 2.56
CA GLU H 238 -13.27 24.07 3.02
C GLU H 238 -12.97 23.20 1.80
N ALA H 239 -11.72 22.74 1.71
CA ALA H 239 -11.29 21.86 0.62
C ALA H 239 -10.76 20.56 1.23
N VAL H 240 -11.39 19.45 0.87
CA VAL H 240 -11.05 18.13 1.41
C VAL H 240 -11.17 17.10 0.30
N CYS H 241 -10.23 16.14 0.29
CA CYS H 241 -10.26 15.05 -0.67
C CYS H 241 -9.84 13.76 0.03
N GLU H 242 -10.63 12.71 -0.15
CA GLU H 242 -10.37 11.41 0.46
C GLU H 242 -10.45 10.32 -0.61
N LYS H 243 -9.58 9.32 -0.47
CA LYS H 243 -9.58 8.17 -1.37
C LYS H 243 -10.27 7.00 -0.69
N LEU H 244 -11.25 6.41 -1.38
CA LEU H 244 -12.08 5.36 -0.83
C LEU H 244 -11.56 4.01 -1.31
N VAL H 245 -10.99 3.23 -0.39
CA VAL H 245 -10.31 1.99 -0.73
C VAL H 245 -11.29 0.82 -0.66
N PHE H 246 -11.10 -0.14 -1.57
CA PHE H 246 -12.01 -1.28 -1.65
C PHE H 246 -11.77 -2.23 -0.48
N PRO H 247 -12.82 -2.79 0.12
CA PRO H 247 -12.64 -3.85 1.11
C PRO H 247 -12.13 -5.14 0.47
N GLU H 248 -12.12 -6.23 1.24
CA GLU H 248 -11.54 -7.48 0.78
C GLU H 248 -10.11 -7.26 0.30
N VAL I 7 -13.92 39.35 -56.87
CA VAL I 7 -13.67 37.92 -57.10
C VAL I 7 -14.52 37.10 -56.13
N PHE I 8 -14.12 37.09 -54.85
CA PHE I 8 -14.90 36.43 -53.81
C PHE I 8 -15.24 37.35 -52.66
N THR I 9 -14.74 38.59 -52.64
CA THR I 9 -14.92 39.55 -51.55
C THR I 9 -16.36 39.59 -51.04
N LYS I 10 -17.31 39.25 -51.91
CA LYS I 10 -18.72 39.16 -51.50
C LYS I 10 -18.89 38.14 -50.38
N GLU I 11 -18.18 37.01 -50.46
CA GLU I 11 -18.26 36.01 -49.40
C GLU I 11 -17.81 36.58 -48.06
N LEU I 12 -16.65 37.23 -48.04
CA LEU I 12 -16.08 37.68 -46.77
C LEU I 12 -16.91 38.79 -46.14
N ASP I 13 -17.41 39.73 -46.95
CA ASP I 13 -18.26 40.80 -46.42
C ASP I 13 -19.48 40.23 -45.70
N GLN I 14 -20.05 39.16 -46.25
CA GLN I 14 -21.17 38.49 -45.57
C GLN I 14 -20.74 37.91 -44.25
N TRP I 15 -19.60 37.22 -44.22
CA TRP I 15 -19.07 36.72 -42.95
C TRP I 15 -19.10 37.83 -41.90
N ILE I 16 -18.17 38.79 -42.02
CA ILE I 16 -18.07 39.90 -41.05
C ILE I 16 -19.44 40.38 -40.59
N GLU I 17 -20.39 40.49 -41.51
CA GLU I 17 -21.76 40.83 -41.13
C GLU I 17 -22.41 39.72 -40.32
N GLN I 18 -22.10 38.46 -40.62
CA GLN I 18 -22.58 37.36 -39.79
C GLN I 18 -21.91 37.32 -38.41
N LEU I 19 -20.61 37.53 -38.32
CA LEU I 19 -19.96 37.53 -37.01
C LEU I 19 -20.35 38.77 -36.17
N ASN I 20 -20.60 39.92 -36.79
CA ASN I 20 -21.00 41.08 -36.01
C ASN I 20 -22.30 40.87 -35.23
N GLU I 21 -23.04 39.80 -35.53
CA GLU I 21 -24.19 39.38 -34.74
C GLU I 21 -23.84 38.27 -33.76
N CYS I 22 -22.55 37.99 -33.56
CA CYS I 22 -22.08 36.97 -32.63
C CYS I 22 -22.57 35.58 -33.05
N LYS I 23 -22.29 35.22 -34.31
CA LYS I 23 -22.62 33.91 -34.83
C LYS I 23 -21.36 33.27 -35.41
N GLN I 24 -20.98 32.12 -34.86
CA GLN I 24 -19.77 31.44 -35.29
C GLN I 24 -19.89 31.01 -36.75
N LEU I 25 -18.74 30.83 -37.39
CA LEU I 25 -18.69 30.39 -38.78
C LEU I 25 -18.64 28.87 -38.86
N SER I 26 -18.75 28.36 -40.09
CA SER I 26 -18.68 26.93 -40.31
C SER I 26 -17.23 26.49 -40.40
N GLU I 27 -16.98 25.23 -40.04
CA GLU I 27 -15.64 24.66 -40.14
C GLU I 27 -15.10 24.78 -41.56
N SER I 28 -15.96 24.61 -42.57
CA SER I 28 -15.54 24.80 -43.95
C SER I 28 -15.11 26.24 -44.20
N GLN I 29 -15.73 27.20 -43.50
CA GLN I 29 -15.36 28.61 -43.66
C GLN I 29 -14.08 28.93 -42.91
N VAL I 30 -13.99 28.49 -41.65
CA VAL I 30 -12.83 28.81 -40.80
C VAL I 30 -11.54 28.37 -41.47
N LYS I 31 -11.57 27.22 -42.15
CA LYS I 31 -10.40 26.73 -42.86
C LYS I 31 -9.92 27.75 -43.89
N SER I 32 -10.76 28.03 -44.90
CA SER I 32 -10.39 28.98 -45.93
C SER I 32 -10.05 30.35 -45.34
N LEU I 33 -10.73 30.74 -44.27
CA LEU I 33 -10.42 32.00 -43.60
C LEU I 33 -8.96 32.04 -43.17
N CYS I 34 -8.47 30.95 -42.57
CA CYS I 34 -7.07 30.88 -42.18
C CYS I 34 -6.16 30.60 -43.37
N GLU I 35 -6.64 29.84 -44.36
CA GLU I 35 -5.81 29.57 -45.54
C GLU I 35 -5.46 30.86 -46.25
N LYS I 36 -6.37 31.83 -46.27
CA LYS I 36 -6.09 33.11 -46.89
C LYS I 36 -5.33 34.05 -45.95
N ALA I 37 -5.60 33.97 -44.65
CA ALA I 37 -4.89 34.81 -43.68
C ALA I 37 -3.40 34.46 -43.64
N LYS I 38 -3.05 33.19 -43.85
CA LYS I 38 -1.66 32.77 -43.77
C LYS I 38 -0.82 33.47 -44.85
N GLU I 39 -1.22 33.35 -46.10
CA GLU I 39 -0.49 34.00 -47.18
C GLU I 39 -0.33 35.49 -46.94
N ILE I 40 -1.30 36.10 -46.24
CA ILE I 40 -1.20 37.52 -45.90
C ILE I 40 -0.16 37.73 -44.81
N LEU I 41 -0.34 37.07 -43.67
CA LEU I 41 0.57 37.26 -42.54
C LEU I 41 1.97 36.71 -42.81
N THR I 42 2.11 35.77 -43.74
CA THR I 42 3.42 35.24 -44.09
C THR I 42 4.38 36.36 -44.50
N LYS I 43 3.85 37.42 -45.11
CA LYS I 43 4.69 38.49 -45.63
C LYS I 43 5.07 39.50 -44.56
N GLU I 44 4.22 39.69 -43.55
CA GLU I 44 4.47 40.71 -42.53
C GLU I 44 5.66 40.30 -41.67
N SER I 45 6.69 41.14 -41.66
CA SER I 45 7.89 40.86 -40.89
C SER I 45 7.55 40.83 -39.39
N ASN I 46 8.54 40.38 -38.59
CA ASN I 46 8.36 40.29 -37.15
C ASN I 46 8.01 41.64 -36.53
N VAL I 47 8.31 42.74 -37.22
CA VAL I 47 7.85 44.06 -36.84
C VAL I 47 7.00 44.60 -37.97
N GLN I 48 5.74 44.92 -37.68
CA GLN I 48 4.82 45.42 -38.68
C GLN I 48 4.90 46.94 -38.74
N GLU I 49 5.26 47.46 -39.92
CA GLU I 49 5.31 48.90 -40.15
C GLU I 49 3.89 49.40 -40.40
N VAL I 50 3.28 49.98 -39.37
CA VAL I 50 1.96 50.57 -39.46
C VAL I 50 2.11 52.09 -39.53
N ARG I 51 1.16 52.75 -40.17
CA ARG I 51 1.27 54.17 -40.41
C ARG I 51 0.71 54.97 -39.24
N CYS I 52 0.89 56.29 -39.32
CA CYS I 52 0.56 57.18 -38.22
C CYS I 52 -0.91 57.17 -37.80
N PRO I 53 -1.89 57.30 -38.71
CA PRO I 53 -3.28 57.45 -38.24
C PRO I 53 -3.88 56.14 -37.78
N VAL I 54 -3.73 55.80 -36.50
CA VAL I 54 -4.10 54.48 -35.99
C VAL I 54 -4.66 54.59 -34.58
N THR I 55 -5.63 53.73 -34.27
CA THR I 55 -6.09 53.50 -32.91
C THR I 55 -5.57 52.14 -32.45
N VAL I 56 -4.82 52.13 -31.34
CA VAL I 56 -4.25 50.88 -30.85
C VAL I 56 -5.14 50.31 -29.78
N CYS I 57 -5.13 48.99 -29.64
CA CYS I 57 -5.89 48.29 -28.62
C CYS I 57 -5.06 47.15 -28.06
N GLY I 58 -5.43 46.71 -26.86
CA GLY I 58 -4.66 45.69 -26.18
C GLY I 58 -5.38 44.37 -26.03
N ASP I 59 -5.34 43.80 -24.82
CA ASP I 59 -5.94 42.50 -24.59
C ASP I 59 -7.47 42.61 -24.62
N VAL I 60 -8.10 41.69 -25.36
CA VAL I 60 -9.55 41.64 -25.49
C VAL I 60 -10.13 40.45 -24.73
N HIS I 61 -9.57 39.26 -24.94
CA HIS I 61 -9.95 38.04 -24.20
C HIS I 61 -11.42 37.66 -24.44
N GLY I 62 -11.74 37.45 -25.71
CA GLY I 62 -12.98 36.82 -26.12
C GLY I 62 -14.27 37.40 -25.55
N GLN I 63 -14.23 38.61 -25.01
CA GLN I 63 -15.45 39.30 -24.61
C GLN I 63 -16.02 40.06 -25.81
N PHE I 64 -16.56 39.26 -26.73
CA PHE I 64 -17.09 39.78 -27.99
C PHE I 64 -18.11 40.89 -27.75
N HIS I 65 -19.01 40.69 -26.78
CA HIS I 65 -20.02 41.71 -26.49
C HIS I 65 -19.39 42.97 -25.92
N ASP I 66 -18.16 42.90 -25.41
CA ASP I 66 -17.44 44.09 -24.97
C ASP I 66 -16.59 44.68 -26.08
N LEU I 67 -16.24 43.90 -27.10
CA LEU I 67 -15.54 44.44 -28.26
C LEU I 67 -16.46 45.37 -29.05
N MET I 68 -17.75 45.04 -29.13
CA MET I 68 -18.70 45.94 -29.77
C MET I 68 -18.78 47.28 -29.06
N GLU I 69 -18.47 47.32 -27.77
CA GLU I 69 -18.31 48.61 -27.10
C GLU I 69 -17.09 49.34 -27.65
N LEU I 70 -16.00 48.61 -27.90
CA LEU I 70 -14.79 49.23 -28.45
C LEU I 70 -15.08 49.88 -29.80
N PHE I 71 -15.80 49.18 -30.68
CA PHE I 71 -16.15 49.74 -31.97
C PHE I 71 -17.07 50.95 -31.83
N ARG I 72 -17.91 50.98 -30.80
CA ARG I 72 -18.77 52.13 -30.53
C ARG I 72 -18.01 53.30 -29.95
N ILE I 73 -16.68 53.24 -29.94
CA ILE I 73 -15.85 54.26 -29.30
C ILE I 73 -14.74 54.67 -30.24
N GLY I 74 -13.88 53.73 -30.62
CA GLY I 74 -12.86 54.02 -31.60
C GLY I 74 -13.34 54.06 -33.02
N GLY I 75 -14.59 53.70 -33.27
CA GLY I 75 -15.12 53.60 -34.61
C GLY I 75 -15.15 52.17 -35.10
N LYS I 76 -15.87 51.98 -36.22
CA LYS I 76 -16.04 50.66 -36.81
C LYS I 76 -15.12 50.53 -38.02
N SER I 77 -14.27 49.51 -38.01
CA SER I 77 -13.43 49.22 -39.15
C SER I 77 -14.29 48.93 -40.37
N PRO I 78 -13.85 49.29 -41.58
CA PRO I 78 -12.56 49.89 -41.95
C PRO I 78 -12.48 51.40 -41.76
N ASP I 79 -13.57 52.04 -41.31
CA ASP I 79 -13.56 53.48 -41.11
C ASP I 79 -12.62 53.93 -40.02
N THR I 80 -11.91 53.00 -39.36
CA THR I 80 -10.92 53.34 -38.35
C THR I 80 -9.73 52.42 -38.51
N ASN I 81 -8.53 52.96 -38.31
CA ASN I 81 -7.32 52.15 -38.29
C ASN I 81 -7.15 51.53 -36.90
N TYR I 82 -7.00 50.21 -36.86
CA TYR I 82 -6.89 49.48 -35.62
C TYR I 82 -5.59 48.69 -35.56
N LEU I 83 -5.09 48.51 -34.35
CA LEU I 83 -3.87 47.73 -34.09
C LEU I 83 -4.06 47.04 -32.75
N PHE I 84 -4.21 45.72 -32.77
CA PHE I 84 -4.44 44.93 -31.56
C PHE I 84 -3.14 44.26 -31.13
N MET I 85 -2.86 44.31 -29.82
CA MET I 85 -1.64 43.74 -29.27
C MET I 85 -1.94 42.39 -28.63
N GLY I 86 -2.19 41.40 -29.49
CA GLY I 86 -2.40 40.02 -29.08
C GLY I 86 -3.48 39.77 -28.05
N ASP I 87 -3.51 38.52 -27.55
CA ASP I 87 -4.37 38.10 -26.44
C ASP I 87 -5.85 38.27 -26.78
N TYR I 88 -6.28 37.65 -27.86
CA TYR I 88 -7.67 37.81 -28.29
C TYR I 88 -8.65 36.82 -27.66
N VAL I 89 -8.22 35.63 -27.25
CA VAL I 89 -9.16 34.51 -27.17
C VAL I 89 -9.34 33.88 -25.77
N ASP I 90 -8.37 33.83 -24.87
CA ASP I 90 -8.70 33.09 -23.65
C ASP I 90 -9.35 33.98 -22.62
N ARG I 91 -9.67 33.39 -21.46
CA ARG I 91 -10.36 34.03 -20.35
C ARG I 91 -11.56 34.86 -20.85
N GLY I 92 -12.45 34.17 -21.56
CA GLY I 92 -13.62 34.82 -22.10
C GLY I 92 -14.64 33.80 -22.53
N TYR I 93 -15.86 34.29 -22.78
CA TYR I 93 -16.97 33.43 -23.16
C TYR I 93 -17.13 33.31 -24.68
N TYR I 94 -17.02 34.42 -25.40
CA TYR I 94 -17.11 34.40 -26.86
C TYR I 94 -15.72 34.51 -27.47
N SER I 95 -14.89 33.51 -27.14
CA SER I 95 -13.55 33.45 -27.70
C SER I 95 -13.59 33.22 -29.21
N VAL I 96 -14.42 32.29 -29.65
CA VAL I 96 -14.49 31.95 -31.07
C VAL I 96 -14.88 33.18 -31.89
N GLU I 97 -15.97 33.85 -31.50
CA GLU I 97 -16.49 34.95 -32.30
C GLU I 97 -15.52 36.12 -32.36
N THR I 98 -14.80 36.37 -31.27
CA THR I 98 -13.92 37.53 -31.22
C THR I 98 -12.79 37.43 -32.25
N VAL I 99 -11.99 36.38 -32.16
CA VAL I 99 -10.85 36.22 -33.07
C VAL I 99 -11.32 36.06 -34.50
N THR I 100 -12.30 35.18 -34.71
CA THR I 100 -12.77 34.89 -36.07
C THR I 100 -13.23 36.17 -36.77
N LEU I 101 -13.65 37.17 -35.99
CA LEU I 101 -14.07 38.44 -36.56
C LEU I 101 -12.87 39.30 -36.93
N LEU I 102 -11.82 39.27 -36.11
CA LEU I 102 -10.65 40.10 -36.38
C LEU I 102 -9.85 39.56 -37.55
N VAL I 103 -9.57 38.26 -37.56
CA VAL I 103 -8.85 37.67 -38.68
C VAL I 103 -9.64 37.82 -39.97
N ALA I 104 -10.97 37.91 -39.87
CA ALA I 104 -11.78 38.20 -41.05
C ALA I 104 -11.58 39.65 -41.50
N LEU I 105 -11.54 40.58 -40.54
CA LEU I 105 -11.26 41.98 -40.89
C LEU I 105 -9.85 42.15 -41.44
N LYS I 106 -8.91 41.30 -41.01
CA LYS I 106 -7.55 41.40 -41.50
C LYS I 106 -7.45 40.92 -42.94
N VAL I 107 -8.21 39.89 -43.29
CA VAL I 107 -8.20 39.39 -44.67
C VAL I 107 -8.83 40.42 -45.61
N ARG I 108 -9.86 41.13 -45.15
CA ARG I 108 -10.49 42.16 -45.96
C ARG I 108 -9.62 43.42 -46.03
N TYR I 109 -9.42 44.07 -44.88
CA TYR I 109 -8.70 45.34 -44.83
C TYR I 109 -7.31 45.08 -44.28
N ARG I 110 -6.44 44.55 -45.14
CA ARG I 110 -5.06 44.26 -44.74
C ARG I 110 -4.35 45.48 -44.20
N GLU I 111 -4.81 46.68 -44.55
CA GLU I 111 -4.15 47.92 -44.17
C GLU I 111 -4.89 48.72 -43.10
N ARG I 112 -6.20 48.50 -42.96
CA ARG I 112 -6.98 49.23 -41.95
C ARG I 112 -6.96 48.57 -40.58
N ILE I 113 -6.35 47.39 -40.46
CA ILE I 113 -6.33 46.67 -39.19
C ILE I 113 -5.11 45.75 -39.14
N THR I 114 -4.36 45.82 -38.04
CA THR I 114 -3.19 44.99 -37.84
C THR I 114 -3.34 44.23 -36.53
N ILE I 115 -2.97 42.96 -36.53
CA ILE I 115 -3.12 42.08 -35.39
C ILE I 115 -1.76 41.51 -35.01
N LEU I 116 -1.48 41.44 -33.72
CA LEU I 116 -0.25 40.90 -33.18
C LEU I 116 -0.54 39.62 -32.41
N ARG I 117 0.52 39.00 -31.91
CA ARG I 117 0.43 37.77 -31.14
C ARG I 117 0.46 38.07 -29.65
N GLY I 118 -0.06 37.12 -28.86
CA GLY I 118 -0.01 37.23 -27.42
C GLY I 118 0.30 35.88 -26.81
N ASN I 119 0.71 35.92 -25.54
CA ASN I 119 1.01 34.69 -24.82
C ASN I 119 -0.15 33.71 -24.89
N HIS I 120 -1.36 34.23 -24.93
CA HIS I 120 -2.58 33.46 -25.00
C HIS I 120 -2.94 32.99 -26.41
N GLU I 121 -2.15 33.35 -27.42
CA GLU I 121 -2.31 32.78 -28.75
C GLU I 121 -1.33 31.62 -28.94
N SER I 122 -1.51 30.60 -28.10
CA SER I 122 -0.57 29.49 -28.02
C SER I 122 -1.31 28.21 -27.68
N ARG I 123 -0.90 27.11 -28.32
CA ARG I 123 -1.51 25.82 -28.04
C ARG I 123 -1.40 25.47 -26.55
N GLN I 124 -0.24 25.77 -25.95
CA GLN I 124 -0.04 25.46 -24.54
C GLN I 124 -1.06 26.17 -23.66
N ILE I 125 -1.45 27.39 -24.03
CA ILE I 125 -2.33 28.20 -23.20
C ILE I 125 -3.79 27.98 -23.54
N THR I 126 -4.11 27.95 -24.84
CA THR I 126 -5.50 27.81 -25.25
C THR I 126 -6.12 26.52 -24.74
N GLN I 127 -5.30 25.49 -24.50
CA GLN I 127 -5.82 24.21 -24.06
C GLN I 127 -6.35 24.23 -22.63
N VAL I 128 -5.99 25.23 -21.84
CA VAL I 128 -6.29 25.25 -20.41
C VAL I 128 -7.15 26.45 -20.00
N TYR I 129 -6.96 27.61 -20.63
CA TYR I 129 -7.68 28.81 -20.22
C TYR I 129 -9.02 28.97 -20.94
N GLY I 130 -9.52 27.93 -21.59
CA GLY I 130 -10.89 27.95 -22.08
C GLY I 130 -11.08 27.82 -23.57
N PHE I 131 -10.16 28.39 -24.37
CA PHE I 131 -10.35 28.44 -25.81
C PHE I 131 -10.56 27.05 -26.41
N TYR I 132 -9.67 26.11 -26.08
CA TYR I 132 -9.80 24.75 -26.59
C TYR I 132 -11.10 24.11 -26.12
N ASP I 133 -11.40 24.24 -24.83
CA ASP I 133 -12.63 23.68 -24.29
C ASP I 133 -13.86 24.31 -24.96
N GLU I 134 -13.79 25.62 -25.24
CA GLU I 134 -14.88 26.27 -25.94
C GLU I 134 -14.90 25.91 -27.42
N CYS I 135 -13.73 25.70 -28.02
CA CYS I 135 -13.67 25.44 -29.46
C CYS I 135 -14.50 24.21 -29.84
N LEU I 136 -14.36 23.13 -29.07
CA LEU I 136 -15.15 21.93 -29.34
C LEU I 136 -16.58 22.08 -28.83
N ARG I 137 -16.79 22.85 -27.76
CA ARG I 137 -18.15 23.08 -27.26
C ARG I 137 -19.04 23.71 -28.33
N LYS I 138 -18.43 24.34 -29.34
CA LYS I 138 -19.18 24.99 -30.41
C LYS I 138 -19.18 24.20 -31.71
N TYR I 139 -18.20 23.33 -31.91
CA TYR I 139 -18.06 22.61 -33.18
C TYR I 139 -18.02 21.10 -33.06
N GLY I 140 -17.80 20.54 -31.87
CA GLY I 140 -17.77 19.10 -31.70
C GLY I 140 -16.52 18.42 -32.21
N ASN I 141 -15.58 19.16 -32.80
CA ASN I 141 -14.34 18.59 -33.28
C ASN I 141 -13.22 19.60 -33.09
N ALA I 142 -12.01 19.09 -32.85
CA ALA I 142 -10.86 19.93 -32.54
C ALA I 142 -10.19 20.52 -33.79
N ASN I 143 -10.86 20.52 -34.94
CA ASN I 143 -10.24 21.01 -36.17
C ASN I 143 -10.21 22.53 -36.22
N VAL I 144 -11.31 23.18 -35.85
CA VAL I 144 -11.34 24.64 -35.81
C VAL I 144 -10.24 25.17 -34.92
N TRP I 145 -10.02 24.50 -33.78
CA TRP I 145 -8.94 24.90 -32.87
C TRP I 145 -7.57 24.71 -33.52
N LYS I 146 -7.44 23.75 -34.43
CA LYS I 146 -6.18 23.57 -35.14
C LYS I 146 -5.97 24.67 -36.16
N TYR I 147 -7.00 24.99 -36.94
CA TYR I 147 -6.87 26.01 -37.97
C TYR I 147 -6.40 27.34 -37.41
N PHE I 148 -6.73 27.63 -36.15
CA PHE I 148 -6.35 28.90 -35.53
C PHE I 148 -4.96 28.84 -34.92
N THR I 149 -4.74 27.88 -34.00
CA THR I 149 -3.45 27.80 -33.33
C THR I 149 -2.31 27.63 -34.34
N ASP I 150 -2.55 26.93 -35.44
CA ASP I 150 -1.57 26.89 -36.52
C ASP I 150 -1.46 28.23 -37.23
N LEU I 151 -2.56 28.99 -37.28
CA LEU I 151 -2.50 30.33 -37.87
C LEU I 151 -1.78 31.32 -36.96
N PHE I 152 -1.95 31.17 -35.64
CA PHE I 152 -1.33 32.09 -34.69
C PHE I 152 0.19 32.11 -34.85
N ASP I 153 0.78 31.04 -35.38
CA ASP I 153 2.21 31.02 -35.60
C ASP I 153 2.64 32.09 -36.61
N TYR I 154 1.75 32.48 -37.51
CA TYR I 154 2.04 33.48 -38.52
C TYR I 154 1.76 34.90 -38.05
N LEU I 155 1.21 35.08 -36.86
CA LEU I 155 0.95 36.42 -36.36
C LEU I 155 2.25 37.15 -36.07
N PRO I 156 2.33 38.44 -36.40
CA PRO I 156 3.54 39.20 -36.05
C PRO I 156 3.69 39.33 -34.54
N LEU I 157 4.94 39.43 -34.10
CA LEU I 157 5.22 39.61 -32.68
C LEU I 157 4.91 41.03 -32.24
N THR I 158 5.45 42.01 -32.96
CA THR I 158 5.38 43.41 -32.56
C THR I 158 4.98 44.28 -33.74
N ALA I 159 4.58 45.50 -33.43
CA ALA I 159 4.31 46.52 -34.43
C ALA I 159 5.11 47.78 -34.10
N LEU I 160 5.20 48.67 -35.07
CA LEU I 160 6.02 49.86 -34.95
C LEU I 160 5.44 50.92 -35.87
N VAL I 161 4.89 51.99 -35.28
CA VAL I 161 4.20 53.04 -36.02
C VAL I 161 5.07 54.27 -36.08
N ASP I 162 5.08 54.91 -37.25
CA ASP I 162 5.84 56.13 -37.50
C ASP I 162 7.30 56.00 -37.08
N GLY I 163 7.84 54.79 -37.05
CA GLY I 163 9.16 54.57 -36.52
C GLY I 163 9.34 55.02 -35.08
N GLN I 164 8.24 55.24 -34.36
CA GLN I 164 8.29 55.86 -33.04
C GLN I 164 7.75 54.94 -31.95
N ILE I 165 6.48 54.54 -32.04
CA ILE I 165 5.83 53.81 -30.95
C ILE I 165 6.02 52.31 -31.18
N PHE I 166 6.75 51.67 -30.27
CA PHE I 166 7.01 50.24 -30.33
C PHE I 166 5.82 49.51 -29.71
N CYS I 167 5.05 48.80 -30.54
CA CYS I 167 3.85 48.12 -30.10
C CYS I 167 4.10 46.63 -30.06
N LEU I 168 3.90 46.01 -28.89
CA LEU I 168 3.99 44.58 -28.73
C LEU I 168 3.02 44.16 -27.62
N HIS I 169 2.96 42.85 -27.37
CA HIS I 169 2.07 42.37 -26.30
C HIS I 169 2.75 42.31 -24.95
N GLY I 170 3.91 41.65 -24.87
CA GLY I 170 4.55 41.45 -23.58
C GLY I 170 5.47 42.59 -23.18
N GLY I 171 6.76 42.40 -23.38
CA GLY I 171 7.72 43.42 -23.02
C GLY I 171 9.05 43.15 -23.67
N LEU I 172 10.09 43.74 -23.11
CA LEU I 172 11.41 43.64 -23.69
C LEU I 172 12.12 42.37 -23.25
N SER I 173 13.24 42.10 -23.90
CA SER I 173 14.01 40.89 -23.67
C SER I 173 15.48 41.23 -23.50
N PRO I 174 16.18 40.53 -22.59
CA PRO I 174 17.61 40.81 -22.42
C PRO I 174 18.45 40.46 -23.64
N SER I 175 18.08 39.43 -24.38
CA SER I 175 18.77 39.09 -25.62
C SER I 175 18.39 40.00 -26.77
N ILE I 176 17.33 40.79 -26.64
CA ILE I 176 16.88 41.71 -27.67
C ILE I 176 17.44 43.09 -27.33
N ASP I 177 18.39 43.56 -28.13
CA ASP I 177 18.94 44.90 -27.98
C ASP I 177 18.56 45.85 -29.11
N THR I 178 18.42 45.34 -30.32
CA THR I 178 18.09 46.15 -31.49
C THR I 178 16.78 45.69 -32.08
N LEU I 179 16.15 46.59 -32.85
CA LEU I 179 14.94 46.22 -33.56
C LEU I 179 15.20 45.23 -34.68
N ASP I 180 16.44 45.17 -35.19
CA ASP I 180 16.77 44.22 -36.26
C ASP I 180 16.77 42.79 -35.73
N HIS I 181 17.27 42.58 -34.51
CA HIS I 181 17.29 41.24 -33.92
C HIS I 181 15.90 40.62 -33.91
N ILE I 182 14.85 41.44 -33.76
CA ILE I 182 13.50 40.92 -33.84
C ILE I 182 13.19 40.46 -35.25
N ARG I 183 13.50 41.30 -36.25
CA ARG I 183 13.15 41.00 -37.63
C ARG I 183 13.82 39.74 -38.17
N ALA I 184 14.82 39.21 -37.47
CA ALA I 184 15.50 38.00 -37.89
C ALA I 184 15.00 36.75 -37.15
N LEU I 185 14.01 36.90 -36.28
CA LEU I 185 13.51 35.77 -35.52
C LEU I 185 12.67 34.85 -36.40
N ASP I 186 12.60 33.58 -35.99
CA ASP I 186 11.74 32.59 -36.65
C ASP I 186 10.46 32.48 -35.83
N ARG I 187 9.54 33.39 -36.10
CA ARG I 187 8.29 33.46 -35.35
C ARG I 187 7.30 32.37 -35.72
N LEU I 188 7.63 31.51 -36.67
CA LEU I 188 6.71 30.46 -37.13
C LEU I 188 6.85 29.20 -36.28
N GLN I 189 6.59 29.36 -34.99
CA GLN I 189 6.61 28.24 -34.06
C GLN I 189 5.84 28.63 -32.81
N GLU I 190 5.38 27.61 -32.09
CA GLU I 190 4.70 27.83 -30.82
C GLU I 190 5.55 28.70 -29.92
N VAL I 191 4.89 29.59 -29.19
CA VAL I 191 5.57 30.48 -28.23
C VAL I 191 6.41 29.62 -27.29
N PRO I 192 7.75 29.68 -27.39
CA PRO I 192 8.58 28.78 -26.57
C PRO I 192 8.49 29.10 -25.09
N HIS I 193 9.15 28.31 -24.26
CA HIS I 193 9.21 28.58 -22.83
C HIS I 193 10.41 29.43 -22.45
N GLU I 194 11.46 29.44 -23.28
CA GLU I 194 12.61 30.30 -23.08
C GLU I 194 12.98 30.93 -24.42
N GLY I 195 13.84 31.95 -24.35
CA GLY I 195 14.24 32.67 -25.54
C GLY I 195 13.57 34.02 -25.62
N PRO I 196 13.99 34.83 -26.59
CA PRO I 196 13.45 36.19 -26.71
C PRO I 196 11.99 36.24 -27.09
N MET I 197 11.62 35.50 -28.15
CA MET I 197 10.24 35.51 -28.63
C MET I 197 9.25 35.29 -27.50
N CYS I 198 9.57 34.38 -26.58
CA CYS I 198 8.72 34.18 -25.41
C CYS I 198 8.70 35.42 -24.52
N ASP I 199 9.85 36.10 -24.40
CA ASP I 199 9.93 37.28 -23.55
C ASP I 199 9.08 38.42 -24.13
N LEU I 200 9.06 38.56 -25.46
CA LEU I 200 8.29 39.64 -26.07
C LEU I 200 6.79 39.50 -25.86
N LEU I 201 6.31 38.32 -25.50
CA LEU I 201 4.88 38.09 -25.27
C LEU I 201 4.56 37.82 -23.80
N TRP I 202 5.55 37.91 -22.91
CA TRP I 202 5.33 37.60 -21.50
C TRP I 202 5.89 38.67 -20.58
N SER I 203 6.98 39.33 -21.00
CA SER I 203 7.71 40.23 -20.11
C SER I 203 6.83 41.40 -19.68
N ASP I 204 7.13 41.93 -18.50
CA ASP I 204 6.37 43.01 -17.89
C ASP I 204 7.31 44.02 -17.26
N PRO I 205 6.92 45.29 -17.22
CA PRO I 205 7.65 46.28 -16.44
C PRO I 205 7.24 46.25 -14.98
N ASP I 206 8.04 46.91 -14.16
CA ASP I 206 7.81 46.96 -12.71
C ASP I 206 8.66 48.08 -12.13
N ASP I 207 8.61 48.23 -10.80
CA ASP I 207 9.35 49.30 -10.15
C ASP I 207 10.82 48.94 -9.94
N ARG I 208 11.11 47.69 -9.64
CA ARG I 208 12.48 47.26 -9.40
C ARG I 208 13.33 47.50 -10.65
N GLY I 209 14.61 47.78 -10.42
CA GLY I 209 15.52 48.10 -11.51
C GLY I 209 16.20 46.86 -12.08
N GLY I 210 16.40 46.88 -13.40
CA GLY I 210 17.07 45.79 -14.08
C GLY I 210 16.14 44.62 -14.36
N TRP I 211 16.70 43.62 -15.01
CA TRP I 211 15.94 42.41 -15.31
C TRP I 211 15.74 41.60 -14.03
N GLY I 212 14.49 41.26 -13.74
CA GLY I 212 14.15 40.45 -12.61
C GLY I 212 13.61 39.09 -13.00
N ILE I 213 13.06 38.40 -12.02
CA ILE I 213 12.47 37.08 -12.21
C ILE I 213 10.96 37.28 -12.31
N SER I 214 10.42 36.99 -13.48
CA SER I 214 8.99 37.18 -13.71
C SER I 214 8.19 36.40 -12.66
N PRO I 215 7.17 37.01 -12.05
CA PRO I 215 6.32 36.24 -11.13
C PRO I 215 5.63 35.08 -11.80
N ARG I 216 5.41 35.14 -13.11
CA ARG I 216 4.98 33.99 -13.88
C ARG I 216 6.19 33.23 -14.38
N GLY I 217 5.94 32.05 -14.93
CA GLY I 217 7.00 31.32 -15.59
C GLY I 217 7.25 31.82 -16.99
N ALA I 218 8.43 31.47 -17.51
CA ALA I 218 8.80 31.72 -18.91
C ALA I 218 8.68 33.21 -19.25
N GLY I 219 9.56 33.99 -18.65
CA GLY I 219 9.56 35.42 -18.91
C GLY I 219 10.51 36.16 -18.00
N TYR I 220 10.76 37.41 -18.36
CA TYR I 220 11.58 38.32 -17.59
C TYR I 220 10.76 39.56 -17.23
N THR I 221 11.19 40.26 -16.20
CA THR I 221 10.57 41.52 -15.80
C THR I 221 11.64 42.60 -15.75
N PHE I 222 11.43 43.67 -16.53
CA PHE I 222 12.39 44.75 -16.69
C PHE I 222 11.91 45.99 -15.96
N GLY I 223 12.86 46.88 -15.66
CA GLY I 223 12.53 48.12 -14.98
C GLY I 223 12.73 49.35 -15.83
N GLN I 224 12.78 50.52 -15.18
CA GLN I 224 12.93 51.77 -15.90
C GLN I 224 14.30 51.89 -16.55
N ASP I 225 15.35 51.42 -15.87
CA ASP I 225 16.70 51.55 -16.38
C ASP I 225 16.87 50.84 -17.72
N ILE I 226 16.08 49.80 -17.97
CA ILE I 226 16.18 49.08 -19.24
C ILE I 226 15.31 49.71 -20.32
N SER I 227 14.20 50.34 -19.95
CA SER I 227 13.32 50.94 -20.95
C SER I 227 13.95 52.19 -21.58
N GLU I 228 14.58 53.04 -20.76
CA GLU I 228 15.24 54.22 -21.31
C GLU I 228 16.41 53.85 -22.20
N THR I 229 17.20 52.85 -21.79
CA THR I 229 18.35 52.43 -22.57
C THR I 229 17.91 51.86 -23.92
N PHE I 230 16.79 51.12 -23.93
CA PHE I 230 16.33 50.52 -25.18
C PHE I 230 15.80 51.58 -26.14
N ASN I 231 15.00 52.53 -25.64
CA ASN I 231 14.34 53.48 -26.51
C ASN I 231 15.36 54.40 -27.19
N HIS I 232 16.31 54.93 -26.43
CA HIS I 232 17.30 55.84 -27.00
C HIS I 232 18.09 55.17 -28.11
N ALA I 233 18.54 53.94 -27.88
CA ALA I 233 19.37 53.23 -28.85
C ALA I 233 18.56 52.63 -29.99
N ASN I 234 17.23 52.63 -29.92
CA ASN I 234 16.40 52.09 -30.98
C ASN I 234 15.54 53.15 -31.66
N GLY I 235 15.72 54.41 -31.30
CA GLY I 235 14.92 55.48 -31.89
C GLY I 235 13.45 55.31 -31.61
N LEU I 236 13.09 55.21 -30.34
CA LEU I 236 11.71 54.99 -29.92
C LEU I 236 11.27 56.10 -28.98
N THR I 237 9.99 56.48 -29.09
CA THR I 237 9.41 57.48 -28.20
C THR I 237 8.55 56.87 -27.11
N LEU I 238 7.92 55.73 -27.36
CA LEU I 238 7.05 55.10 -26.38
C LEU I 238 6.81 53.67 -26.82
N VAL I 239 7.02 52.72 -25.92
CA VAL I 239 6.77 51.31 -26.18
C VAL I 239 5.40 50.98 -25.60
N SER I 240 4.48 50.53 -26.46
CA SER I 240 3.12 50.21 -26.05
C SER I 240 3.00 48.70 -25.88
N ARG I 241 2.87 48.25 -24.63
CA ARG I 241 2.59 46.86 -24.30
C ARG I 241 1.14 46.75 -23.83
N ALA I 242 0.69 45.50 -23.65
CA ALA I 242 -0.71 45.31 -23.28
C ALA I 242 -0.96 44.02 -22.51
N HIS I 243 0.05 43.46 -21.85
CA HIS I 243 -0.12 42.14 -21.22
C HIS I 243 -1.03 42.20 -20.00
N GLN I 244 -0.72 43.08 -19.05
CA GLN I 244 -1.42 43.12 -17.78
C GLN I 244 -2.74 43.88 -17.90
N LEU I 245 -3.51 43.85 -16.82
CA LEU I 245 -4.72 44.65 -16.69
C LEU I 245 -4.45 45.83 -15.75
N VAL I 246 -5.44 46.73 -15.69
CA VAL I 246 -5.32 47.92 -14.85
C VAL I 246 -6.74 48.47 -14.64
N MET I 247 -7.00 48.87 -13.39
CA MET I 247 -8.33 49.36 -13.04
C MET I 247 -8.75 50.55 -13.89
N GLU I 248 -7.79 51.38 -14.29
CA GLU I 248 -8.08 52.59 -15.05
C GLU I 248 -8.13 52.37 -16.55
N GLY I 249 -7.78 51.18 -17.02
CA GLY I 249 -7.73 50.89 -18.44
C GLY I 249 -6.37 51.14 -19.08
N TYR I 250 -5.59 52.05 -18.51
CA TYR I 250 -4.24 52.29 -18.98
C TYR I 250 -3.42 52.86 -17.82
N ASN I 251 -2.13 52.58 -17.84
CA ASN I 251 -1.23 53.08 -16.80
C ASN I 251 0.15 53.29 -17.41
N TRP I 252 0.63 54.53 -17.37
CA TRP I 252 1.99 54.80 -17.80
C TRP I 252 2.98 54.26 -16.79
N CYS I 253 4.23 54.12 -17.24
CA CYS I 253 5.31 53.69 -16.35
C CYS I 253 6.65 53.91 -17.04
N HIS I 254 7.70 53.98 -16.21
CA HIS I 254 9.07 54.29 -16.63
C HIS I 254 9.16 55.66 -17.33
N ASP I 255 8.75 56.70 -16.59
CA ASP I 255 8.76 58.07 -17.10
C ASP I 255 8.10 58.16 -18.47
N ARG I 256 7.02 57.41 -18.64
CA ARG I 256 6.23 57.38 -19.87
C ARG I 256 7.03 56.83 -21.06
N ASN I 257 8.03 55.99 -20.78
CA ASN I 257 8.70 55.25 -21.85
C ASN I 257 7.92 54.02 -22.29
N VAL I 258 6.96 53.57 -21.49
CA VAL I 258 6.13 52.40 -21.78
C VAL I 258 4.73 52.65 -21.21
N VAL I 259 3.72 52.15 -21.94
CA VAL I 259 2.32 52.26 -21.54
C VAL I 259 1.67 50.89 -21.58
N THR I 260 0.76 50.65 -20.64
CA THR I 260 0.01 49.39 -20.54
C THR I 260 -1.44 49.67 -20.88
N ILE I 261 -1.91 49.10 -21.98
CA ILE I 261 -3.28 49.31 -22.47
C ILE I 261 -4.04 48.01 -22.34
N PHE I 262 -5.20 48.06 -21.69
CA PHE I 262 -6.05 46.90 -21.49
C PHE I 262 -7.41 47.19 -22.11
N SER I 263 -7.81 46.36 -23.07
CA SER I 263 -9.04 46.56 -23.83
C SER I 263 -10.07 45.48 -23.50
N ALA I 264 -10.10 45.04 -22.25
CA ALA I 264 -11.01 43.98 -21.79
C ALA I 264 -11.68 44.43 -20.51
N PRO I 265 -12.87 45.01 -20.57
CA PRO I 265 -13.50 45.53 -19.36
C PRO I 265 -14.09 44.41 -18.50
N ASN I 266 -14.02 44.62 -17.19
CA ASN I 266 -14.51 43.65 -16.20
C ASN I 266 -13.88 42.28 -16.44
N TYR I 267 -12.54 42.28 -16.54
CA TYR I 267 -11.78 41.08 -16.85
C TYR I 267 -12.10 39.93 -15.90
N CYS I 268 -12.77 38.90 -16.43
CA CYS I 268 -13.18 37.71 -15.69
C CYS I 268 -13.79 38.04 -14.33
N TYR I 269 -14.42 39.22 -14.23
CA TYR I 269 -15.09 39.67 -13.01
C TYR I 269 -14.15 39.67 -11.81
N ARG I 270 -12.85 39.84 -12.06
CA ARG I 270 -11.86 39.79 -10.98
C ARG I 270 -11.98 41.03 -10.09
N CYS I 271 -11.85 42.22 -10.68
CA CYS I 271 -11.86 43.45 -9.91
C CYS I 271 -12.83 44.50 -10.46
N GLY I 272 -13.49 44.24 -11.59
CA GLY I 272 -14.35 45.22 -12.20
C GLY I 272 -13.54 46.37 -12.78
N ASN I 273 -12.57 46.05 -13.61
CA ASN I 273 -11.68 47.05 -14.16
C ASN I 273 -12.42 47.89 -15.22
N GLN I 274 -11.67 48.81 -15.82
CA GLN I 274 -12.13 49.56 -16.98
C GLN I 274 -11.22 49.24 -18.15
N ALA I 275 -11.77 49.25 -19.35
CA ALA I 275 -11.00 48.99 -20.55
C ALA I 275 -10.75 50.30 -21.28
N ALA I 276 -9.55 50.43 -21.85
CA ALA I 276 -9.15 51.66 -22.52
C ALA I 276 -8.42 51.32 -23.81
N ILE I 277 -8.50 52.26 -24.76
CA ILE I 277 -7.75 52.19 -26.01
C ILE I 277 -7.20 53.58 -26.29
N MET I 278 -6.02 53.63 -26.89
CA MET I 278 -5.36 54.90 -27.18
C MET I 278 -5.49 55.20 -28.67
N GLU I 279 -5.76 56.47 -28.98
CA GLU I 279 -5.92 56.95 -30.35
C GLU I 279 -4.70 57.76 -30.76
N LEU I 280 -4.07 57.37 -31.86
CA LEU I 280 -2.96 58.11 -32.45
C LEU I 280 -3.49 58.92 -33.62
N ASP I 281 -3.61 60.24 -33.43
CA ASP I 281 -4.10 61.11 -34.47
C ASP I 281 -3.02 61.30 -35.53
N ASP I 282 -3.25 62.21 -36.47
CA ASP I 282 -2.29 62.41 -37.55
C ASP I 282 -1.03 63.14 -37.09
N THR I 283 -1.05 63.76 -35.91
CA THR I 283 0.10 64.45 -35.37
C THR I 283 0.74 63.69 -34.20
N LEU I 284 0.38 62.42 -34.01
CA LEU I 284 0.86 61.55 -32.94
C LEU I 284 0.44 62.00 -31.55
N LYS I 285 -0.46 62.96 -31.43
CA LYS I 285 -1.03 63.31 -30.12
C LYS I 285 -1.96 62.18 -29.68
N TYR I 286 -1.60 61.50 -28.58
CA TYR I 286 -2.35 60.34 -28.15
C TYR I 286 -3.53 60.74 -27.28
N SER I 287 -4.70 60.18 -27.59
CA SER I 287 -5.90 60.36 -26.80
C SER I 287 -6.35 59.02 -26.24
N PHE I 288 -6.69 59.01 -24.95
CA PHE I 288 -7.08 57.79 -24.26
C PHE I 288 -8.60 57.71 -24.14
N LEU I 289 -9.12 56.50 -24.32
CA LEU I 289 -10.56 56.28 -24.43
C LEU I 289 -10.94 55.08 -23.57
N GLN I 290 -11.40 55.36 -22.35
CA GLN I 290 -11.84 54.34 -21.42
C GLN I 290 -13.30 53.97 -21.68
N PHE I 291 -13.66 52.75 -21.27
CA PHE I 291 -15.06 52.34 -21.41
C PHE I 291 -15.36 51.17 -20.50
N ASP I 292 -16.63 51.11 -20.08
CA ASP I 292 -17.20 50.07 -19.25
C ASP I 292 -17.82 48.98 -20.13
N PRO I 293 -17.99 47.76 -19.58
CA PRO I 293 -18.27 46.59 -20.44
C PRO I 293 -19.39 46.77 -21.45
N ALA I 294 -20.65 46.62 -21.03
CA ALA I 294 -21.77 46.67 -21.96
C ALA I 294 -23.09 46.59 -21.22
N PRO I 295 -24.22 46.89 -21.87
CA PRO I 295 -25.52 46.47 -21.33
C PRO I 295 -25.86 45.05 -21.78
N ARG I 296 -25.96 44.13 -20.83
CA ARG I 296 -26.18 42.72 -21.17
C ARG I 296 -27.44 42.18 -20.52
N THR I 306 -28.13 18.21 -25.40
CA THR I 306 -26.75 18.64 -25.23
C THR I 306 -25.90 17.52 -24.61
N PRO I 307 -24.78 17.18 -25.27
CA PRO I 307 -23.87 16.20 -24.66
C PRO I 307 -23.20 16.77 -23.42
N ASP I 308 -23.66 16.35 -22.25
CA ASP I 308 -23.26 16.96 -20.99
C ASP I 308 -22.09 16.19 -20.39
N TYR I 309 -20.89 16.53 -20.87
CA TYR I 309 -19.65 16.05 -20.26
C TYR I 309 -19.29 16.92 -19.06
N PHE I 310 -20.19 16.95 -18.09
CA PHE I 310 -20.08 17.86 -16.96
C PHE I 310 -18.87 17.50 -16.10
N LEU I 311 -18.10 18.52 -15.73
CA LEU I 311 -16.99 18.34 -14.80
C LEU I 311 -17.47 18.61 -13.38
N SER J 2 -31.43 2.40 -18.34
CA SER J 2 -31.68 3.82 -18.28
C SER J 2 -32.94 4.17 -19.06
N HIS J 3 -33.91 3.25 -19.07
CA HIS J 3 -35.15 3.46 -19.82
C HIS J 3 -35.77 4.80 -19.45
N SER J 5 -39.05 5.96 -20.10
CA SER J 5 -40.32 5.69 -19.47
C SER J 5 -40.37 4.23 -19.09
N LEU J 6 -41.09 3.93 -18.00
CA LEU J 6 -41.20 2.57 -17.48
C LEU J 6 -42.44 1.85 -17.99
N TYR J 7 -43.07 2.35 -19.04
CA TYR J 7 -44.09 1.61 -19.77
C TYR J 7 -43.51 0.25 -20.09
N PRO J 8 -44.09 -0.85 -19.56
CA PRO J 8 -43.50 -2.19 -19.77
C PRO J 8 -43.05 -2.47 -21.18
N ILE J 9 -43.69 -1.82 -22.16
CA ILE J 9 -43.23 -1.91 -23.55
C ILE J 9 -41.98 -1.07 -23.75
N ALA J 10 -42.06 0.22 -23.37
CA ALA J 10 -40.93 1.13 -23.54
C ALA J 10 -39.66 0.58 -22.92
N VAL J 11 -39.79 -0.19 -21.84
CA VAL J 11 -38.63 -0.85 -21.25
C VAL J 11 -38.11 -1.94 -22.18
N LEU J 12 -39.02 -2.69 -22.82
CA LEU J 12 -38.61 -3.75 -23.72
C LEU J 12 -37.88 -3.19 -24.94
N ILE J 13 -38.24 -2.00 -25.40
CA ILE J 13 -37.61 -1.43 -26.58
C ILE J 13 -36.22 -0.89 -26.25
N ASP J 14 -36.12 -0.14 -25.14
CA ASP J 14 -34.81 0.35 -24.70
C ASP J 14 -33.87 -0.79 -24.34
N GLU J 15 -34.40 -1.99 -24.11
CA GLU J 15 -33.57 -3.17 -23.87
C GLU J 15 -33.03 -3.77 -25.16
N LEU J 16 -33.66 -3.49 -26.30
CA LEU J 16 -33.21 -3.99 -27.58
C LEU J 16 -32.17 -3.09 -28.25
N ARG J 17 -31.93 -1.89 -27.71
CA ARG J 17 -30.94 -0.99 -28.27
C ARG J 17 -29.51 -1.34 -27.86
N ASN J 18 -29.32 -2.38 -27.06
CA ASN J 18 -27.98 -2.81 -26.68
C ASN J 18 -27.31 -3.54 -27.84
N GLU J 19 -26.03 -3.26 -28.05
CA GLU J 19 -25.33 -3.82 -29.19
C GLU J 19 -25.07 -5.31 -29.03
N ASP J 20 -24.57 -5.73 -27.87
CA ASP J 20 -24.26 -7.13 -27.63
C ASP J 20 -25.47 -7.99 -27.89
N VAL J 21 -25.30 -9.02 -28.73
CA VAL J 21 -26.45 -9.77 -29.23
C VAL J 21 -27.11 -10.60 -28.12
N GLN J 22 -26.34 -11.06 -27.13
CA GLN J 22 -26.98 -11.90 -26.13
C GLN J 22 -27.92 -11.11 -25.23
N LEU J 23 -27.53 -9.88 -24.85
CA LEU J 23 -28.30 -9.15 -23.85
C LEU J 23 -29.70 -8.84 -24.35
N ARG J 24 -29.83 -8.54 -25.63
CA ARG J 24 -31.15 -8.20 -26.12
C ARG J 24 -31.89 -9.45 -26.42
N LEU J 25 -31.14 -10.49 -26.75
CA LEU J 25 -31.71 -11.80 -26.96
C LEU J 25 -32.24 -12.34 -25.66
N ASN J 26 -31.43 -12.31 -24.59
CA ASN J 26 -31.93 -12.70 -23.29
C ASN J 26 -33.13 -11.86 -22.88
N SER J 27 -33.17 -10.59 -23.31
CA SER J 27 -34.34 -9.77 -23.06
C SER J 27 -35.53 -10.22 -23.90
N ILE J 28 -35.28 -10.55 -25.18
CA ILE J 28 -36.37 -11.05 -26.01
C ILE J 28 -36.80 -12.43 -25.56
N LYS J 29 -35.89 -13.20 -24.94
CA LYS J 29 -36.25 -14.54 -24.49
C LYS J 29 -37.27 -14.49 -23.36
N LYS J 30 -37.22 -13.45 -22.54
CA LYS J 30 -38.16 -13.28 -21.43
C LYS J 30 -39.44 -12.58 -21.87
N LEU J 31 -39.79 -12.67 -23.15
CA LEU J 31 -41.00 -12.02 -23.65
C LEU J 31 -42.24 -12.57 -22.94
N SER J 32 -42.27 -13.87 -22.67
CA SER J 32 -43.43 -14.47 -22.02
C SER J 32 -43.67 -13.86 -20.65
N THR J 33 -42.60 -13.54 -19.93
CA THR J 33 -42.75 -12.95 -18.60
C THR J 33 -43.34 -11.55 -18.67
N ILE J 34 -42.94 -10.78 -19.68
CA ILE J 34 -43.51 -9.45 -19.85
C ILE J 34 -45.01 -9.54 -20.13
N ALA J 35 -45.44 -10.63 -20.77
CA ALA J 35 -46.86 -10.80 -21.06
C ALA J 35 -47.64 -11.20 -19.81
N LEU J 36 -47.18 -12.24 -19.10
CA LEU J 36 -47.86 -12.66 -17.89
C LEU J 36 -47.67 -11.71 -16.73
N ALA J 37 -46.98 -10.58 -16.94
CA ALA J 37 -46.81 -9.57 -15.90
C ALA J 37 -47.96 -8.58 -15.87
N LEU J 38 -48.37 -8.08 -17.04
CA LEU J 38 -49.43 -7.09 -17.15
C LEU J 38 -50.75 -7.68 -17.64
N GLY J 39 -50.98 -8.96 -17.37
CA GLY J 39 -52.23 -9.59 -17.73
C GLY J 39 -52.31 -9.93 -19.21
N VAL J 40 -53.53 -10.19 -19.66
CA VAL J 40 -53.80 -10.59 -21.03
C VAL J 40 -54.39 -9.44 -21.85
N GLU J 41 -55.43 -8.79 -21.33
CA GLU J 41 -56.07 -7.69 -22.03
C GLU J 41 -55.08 -6.59 -22.41
N ARG J 42 -53.96 -6.50 -21.70
CA ARG J 42 -52.89 -5.59 -22.10
C ARG J 42 -51.98 -6.23 -23.14
N THR J 43 -51.71 -7.53 -23.00
CA THR J 43 -50.88 -8.23 -23.97
C THR J 43 -51.48 -8.15 -25.37
N ARG J 44 -52.81 -8.10 -25.47
CA ARG J 44 -53.46 -7.99 -26.77
C ARG J 44 -53.48 -6.54 -27.25
N SER J 45 -53.73 -5.60 -26.35
CA SER J 45 -53.91 -4.20 -26.72
C SER J 45 -52.60 -3.42 -26.78
N GLU J 46 -51.60 -3.83 -26.00
CA GLU J 46 -50.34 -3.10 -25.92
C GLU J 46 -49.16 -3.91 -26.47
N LEU J 47 -48.90 -5.07 -25.88
CA LEU J 47 -47.66 -5.81 -26.17
C LEU J 47 -47.65 -6.34 -27.60
N LEU J 48 -48.67 -7.11 -27.97
CA LEU J 48 -48.69 -7.70 -29.31
C LEU J 48 -48.63 -6.67 -30.44
N PRO J 49 -49.29 -5.51 -30.37
CA PRO J 49 -49.14 -4.52 -31.46
C PRO J 49 -47.70 -4.14 -31.76
N PHE J 50 -46.87 -3.97 -30.73
CA PHE J 50 -45.45 -3.66 -30.96
C PHE J 50 -44.78 -4.73 -31.81
N LEU J 51 -45.01 -6.00 -31.46
CA LEU J 51 -44.46 -7.13 -32.18
C LEU J 51 -45.09 -7.33 -33.56
N THR J 52 -46.22 -6.68 -33.82
CA THR J 52 -46.87 -6.80 -35.11
C THR J 52 -46.03 -6.14 -36.21
N ASP J 53 -45.72 -4.86 -36.04
CA ASP J 53 -44.87 -4.16 -37.01
C ASP J 53 -43.54 -4.90 -37.15
N THR J 54 -42.94 -4.78 -38.33
CA THR J 54 -41.73 -5.53 -38.62
C THR J 54 -40.59 -5.13 -37.69
N ILE J 55 -39.81 -6.12 -37.27
CA ILE J 55 -38.63 -5.90 -36.44
C ILE J 55 -37.41 -6.28 -37.26
N TYR J 56 -36.47 -5.32 -37.39
CA TYR J 56 -35.20 -5.57 -38.04
C TYR J 56 -34.17 -5.93 -36.96
N ASP J 57 -33.55 -7.09 -37.12
CA ASP J 57 -32.71 -7.74 -36.12
C ASP J 57 -32.00 -8.93 -36.74
N GLU J 58 -31.14 -9.58 -35.96
CA GLU J 58 -30.36 -10.69 -36.45
C GLU J 58 -31.22 -11.94 -36.53
N ASP J 59 -30.61 -13.04 -36.95
CA ASP J 59 -31.33 -14.30 -37.10
C ASP J 59 -31.57 -14.97 -35.76
N GLU J 60 -30.58 -14.93 -34.86
CA GLU J 60 -30.70 -15.62 -33.58
C GLU J 60 -31.86 -15.07 -32.77
N VAL J 61 -32.08 -13.75 -32.81
CA VAL J 61 -33.07 -13.14 -31.94
C VAL J 61 -34.46 -13.24 -32.55
N LEU J 62 -34.56 -13.11 -33.88
CA LEU J 62 -35.84 -13.26 -34.56
C LEU J 62 -36.32 -14.70 -34.56
N LEU J 63 -35.41 -15.67 -34.43
CA LEU J 63 -35.83 -17.06 -34.22
C LEU J 63 -36.52 -17.21 -32.87
N ALA J 64 -35.89 -16.74 -31.80
CA ALA J 64 -36.52 -16.74 -30.50
C ALA J 64 -37.81 -15.94 -30.48
N LEU J 65 -38.02 -15.06 -31.47
CA LEU J 65 -39.28 -14.36 -31.59
C LEU J 65 -40.40 -15.32 -32.00
N ALA J 66 -40.25 -15.93 -33.19
CA ALA J 66 -41.26 -16.88 -33.64
C ALA J 66 -41.34 -18.09 -32.70
N GLU J 67 -40.20 -18.56 -32.22
CA GLU J 67 -40.19 -19.66 -31.27
C GLU J 67 -40.92 -19.31 -29.98
N GLN J 68 -41.10 -18.02 -29.70
CA GLN J 68 -41.89 -17.59 -28.55
C GLN J 68 -43.37 -17.43 -28.88
N LEU J 69 -43.68 -16.87 -30.06
CA LEU J 69 -45.08 -16.68 -30.43
C LEU J 69 -45.83 -17.99 -30.56
N GLY J 70 -45.12 -19.08 -30.86
CA GLY J 70 -45.76 -20.37 -31.01
C GLY J 70 -46.07 -21.01 -29.67
N THR J 71 -45.86 -20.27 -28.59
CA THR J 71 -46.18 -20.76 -27.25
C THR J 71 -46.96 -19.73 -26.44
N PHE J 72 -47.60 -18.74 -27.08
CA PHE J 72 -48.22 -17.63 -26.39
C PHE J 72 -49.71 -17.79 -26.18
N THR J 73 -50.34 -18.84 -26.72
CA THR J 73 -51.78 -19.01 -26.71
C THR J 73 -52.39 -18.75 -25.33
N THR J 74 -51.74 -19.25 -24.28
CA THR J 74 -52.24 -19.00 -22.92
C THR J 74 -52.02 -17.55 -22.50
N LEU J 75 -50.95 -16.92 -22.98
CA LEU J 75 -50.62 -15.56 -22.57
C LEU J 75 -51.50 -14.52 -23.26
N VAL J 76 -52.46 -14.95 -24.08
CA VAL J 76 -53.37 -14.04 -24.75
C VAL J 76 -54.81 -14.18 -24.25
N GLY J 77 -55.08 -15.17 -23.40
CA GLY J 77 -56.43 -15.41 -22.91
C GLY J 77 -56.94 -16.78 -23.28
N GLY J 78 -56.03 -17.65 -23.71
CA GLY J 78 -56.39 -18.98 -24.14
C GLY J 78 -56.65 -19.03 -25.63
N PRO J 79 -57.12 -20.19 -26.12
CA PRO J 79 -57.41 -20.31 -27.55
C PRO J 79 -58.49 -19.37 -28.05
N GLU J 80 -59.26 -18.75 -27.15
CA GLU J 80 -60.29 -17.82 -27.58
C GLU J 80 -59.70 -16.60 -28.27
N TYR J 81 -58.46 -16.23 -27.92
CA TYR J 81 -57.77 -15.11 -28.51
C TYR J 81 -56.50 -15.55 -29.22
N VAL J 82 -56.56 -16.71 -29.88
CA VAL J 82 -55.36 -17.25 -30.53
C VAL J 82 -55.06 -16.49 -31.83
N HIS J 83 -56.08 -15.90 -32.45
CA HIS J 83 -55.86 -15.19 -33.71
C HIS J 83 -55.00 -13.94 -33.55
N CYS J 84 -54.83 -13.45 -32.32
CA CYS J 84 -54.01 -12.27 -32.08
C CYS J 84 -52.54 -12.52 -32.36
N LEU J 85 -52.12 -13.77 -32.55
CA LEU J 85 -50.73 -14.10 -32.85
C LEU J 85 -50.46 -14.23 -34.34
N LEU J 86 -51.46 -14.02 -35.19
CA LEU J 86 -51.27 -14.16 -36.62
C LEU J 86 -50.49 -12.98 -37.21
N PRO J 87 -50.85 -11.72 -36.93
CA PRO J 87 -50.10 -10.58 -37.52
C PRO J 87 -48.62 -10.60 -37.17
N PRO J 88 -48.24 -10.72 -35.89
CA PRO J 88 -46.79 -10.71 -35.59
C PRO J 88 -46.04 -11.89 -36.19
N LEU J 89 -46.70 -13.01 -36.42
CA LEU J 89 -46.08 -14.14 -37.12
C LEU J 89 -46.18 -14.00 -38.64
N GLU J 90 -47.29 -13.45 -39.13
CA GLU J 90 -47.43 -13.18 -40.56
C GLU J 90 -46.29 -12.31 -41.07
N SER J 91 -45.90 -11.31 -40.27
CA SER J 91 -44.74 -10.49 -40.64
C SER J 91 -43.46 -11.30 -40.61
N LEU J 92 -43.32 -12.18 -39.61
CA LEU J 92 -42.12 -13.01 -39.51
C LEU J 92 -42.03 -14.00 -40.67
N ALA J 93 -43.16 -14.42 -41.22
CA ALA J 93 -43.19 -15.34 -42.35
C ALA J 93 -42.91 -14.63 -43.67
N THR J 94 -42.41 -13.40 -43.64
CA THR J 94 -42.16 -12.61 -44.84
C THR J 94 -40.72 -12.13 -44.95
N VAL J 95 -39.98 -12.07 -43.84
CA VAL J 95 -38.63 -11.52 -43.84
C VAL J 95 -37.70 -12.40 -44.66
N GLU J 96 -36.75 -11.76 -45.35
CA GLU J 96 -35.89 -12.46 -46.31
C GLU J 96 -35.12 -13.61 -45.66
N GLU J 97 -34.86 -13.53 -44.36
CA GLU J 97 -34.08 -14.56 -43.66
C GLU J 97 -34.89 -15.85 -43.65
N THR J 98 -34.48 -16.80 -44.50
CA THR J 98 -35.26 -18.02 -44.70
C THR J 98 -35.47 -18.78 -43.40
N VAL J 99 -34.39 -19.01 -42.65
CA VAL J 99 -34.46 -19.76 -41.41
C VAL J 99 -35.48 -19.16 -40.45
N VAL J 100 -35.71 -17.85 -40.54
CA VAL J 100 -36.70 -17.19 -39.68
C VAL J 100 -38.11 -17.55 -40.11
N ARG J 101 -38.37 -17.55 -41.42
CA ARG J 101 -39.71 -17.83 -41.92
C ARG J 101 -40.14 -19.26 -41.59
N ASP J 102 -39.19 -20.20 -41.62
CA ASP J 102 -39.52 -21.59 -41.31
C ASP J 102 -40.04 -21.71 -39.89
N LYS J 103 -39.35 -21.06 -38.93
CA LYS J 103 -39.83 -21.05 -37.56
C LYS J 103 -41.18 -20.33 -37.45
N ALA J 104 -41.44 -19.36 -38.32
CA ALA J 104 -42.74 -18.71 -38.34
C ALA J 104 -43.82 -19.66 -38.86
N VAL J 105 -43.52 -20.37 -39.96
CA VAL J 105 -44.45 -21.39 -40.45
C VAL J 105 -44.65 -22.46 -39.39
N GLU J 106 -43.55 -22.92 -38.79
CA GLU J 106 -43.63 -23.90 -37.72
C GLU J 106 -44.53 -23.42 -36.59
N SER J 107 -44.45 -22.13 -36.25
CA SER J 107 -45.29 -21.58 -35.20
C SER J 107 -46.73 -21.41 -35.69
N LEU J 108 -46.91 -20.98 -36.94
CA LEU J 108 -48.25 -20.85 -37.49
C LEU J 108 -48.99 -22.17 -37.55
N ARG J 109 -48.27 -23.29 -37.56
CA ARG J 109 -48.92 -24.60 -37.56
C ARG J 109 -49.36 -25.00 -36.16
N ALA J 110 -48.46 -24.88 -35.18
CA ALA J 110 -48.77 -25.31 -33.81
C ALA J 110 -49.94 -24.52 -33.23
N ILE J 111 -50.10 -23.26 -33.62
CA ILE J 111 -51.23 -22.47 -33.14
C ILE J 111 -52.49 -22.70 -33.95
N SER J 112 -52.37 -23.24 -35.16
CA SER J 112 -53.55 -23.48 -35.98
C SER J 112 -54.49 -24.49 -35.34
N HIS J 113 -53.93 -25.47 -34.61
CA HIS J 113 -54.76 -26.45 -33.93
C HIS J 113 -55.56 -25.80 -32.80
N GLU J 114 -55.04 -24.73 -32.20
CA GLU J 114 -55.75 -24.00 -31.15
C GLU J 114 -56.76 -23.03 -31.70
N HIS J 115 -56.97 -23.00 -33.01
CA HIS J 115 -57.96 -22.12 -33.62
C HIS J 115 -59.30 -22.82 -33.69
N SER J 116 -60.33 -22.21 -33.11
CA SER J 116 -61.68 -22.72 -33.29
C SER J 116 -62.01 -22.76 -34.78
N PRO J 117 -62.68 -23.81 -35.26
CA PRO J 117 -63.01 -23.90 -36.69
C PRO J 117 -63.73 -22.66 -37.20
N SER J 118 -64.39 -21.93 -36.30
CA SER J 118 -64.95 -20.63 -36.66
C SER J 118 -63.84 -19.62 -36.92
N ASP J 119 -62.96 -19.41 -35.93
CA ASP J 119 -61.85 -18.49 -36.11
C ASP J 119 -60.87 -19.00 -37.17
N LEU J 120 -60.66 -20.31 -37.22
CA LEU J 120 -59.76 -20.89 -38.20
C LEU J 120 -60.14 -20.51 -39.63
N GLU J 121 -61.45 -20.53 -39.92
CA GLU J 121 -61.94 -20.18 -41.25
C GLU J 121 -61.97 -18.68 -41.50
N ALA J 122 -62.00 -17.88 -40.44
CA ALA J 122 -62.17 -16.43 -40.58
C ALA J 122 -60.88 -15.63 -40.44
N HIS J 123 -59.83 -16.21 -39.86
CA HIS J 123 -58.61 -15.45 -39.65
C HIS J 123 -57.37 -16.16 -40.17
N PHE J 124 -57.26 -17.47 -39.99
CA PHE J 124 -56.05 -18.17 -40.40
C PHE J 124 -56.09 -18.54 -41.87
N VAL J 125 -57.25 -18.94 -42.38
CA VAL J 125 -57.40 -19.25 -43.81
C VAL J 125 -57.19 -17.98 -44.63
N PRO J 126 -57.76 -16.83 -44.25
CA PRO J 126 -57.44 -15.60 -45.00
C PRO J 126 -55.96 -15.26 -45.00
N LEU J 127 -55.25 -15.55 -43.91
CA LEU J 127 -53.81 -15.34 -43.86
C LEU J 127 -53.12 -16.05 -45.01
N VAL J 128 -53.47 -17.32 -45.24
CA VAL J 128 -52.80 -18.11 -46.26
C VAL J 128 -52.98 -17.49 -47.64
N LYS J 129 -54.10 -16.77 -47.86
CA LYS J 129 -54.26 -16.03 -49.09
C LYS J 129 -53.26 -14.89 -49.19
N ARG J 130 -53.10 -14.14 -48.09
CA ARG J 130 -52.18 -13.00 -48.10
C ARG J 130 -50.74 -13.45 -48.29
N LEU J 131 -50.35 -14.55 -47.65
CA LEU J 131 -49.01 -15.10 -47.87
C LEU J 131 -48.87 -15.62 -49.30
N ALA J 132 -49.84 -16.42 -49.76
CA ALA J 132 -49.78 -16.97 -51.11
C ALA J 132 -50.09 -15.93 -52.17
N GLY J 133 -50.76 -14.83 -51.82
CA GLY J 133 -51.03 -13.78 -52.76
C GLY J 133 -50.12 -12.58 -52.55
N GLY J 134 -48.91 -12.84 -52.07
CA GLY J 134 -47.96 -11.78 -51.77
C GLY J 134 -47.14 -11.38 -52.99
N ASP J 135 -46.76 -10.09 -53.01
CA ASP J 135 -45.89 -9.60 -54.07
C ASP J 135 -44.56 -10.35 -54.09
N TRP J 136 -43.94 -10.47 -52.93
CA TRP J 136 -42.65 -11.14 -52.82
C TRP J 136 -42.84 -12.64 -52.90
N PHE J 137 -41.85 -13.33 -53.45
CA PHE J 137 -41.89 -14.80 -53.44
C PHE J 137 -41.70 -15.33 -52.03
N THR J 138 -40.85 -14.67 -51.24
CA THR J 138 -40.62 -15.09 -49.86
C THR J 138 -41.90 -15.10 -49.05
N SER J 139 -42.91 -14.33 -49.47
CA SER J 139 -44.21 -14.40 -48.81
C SER J 139 -44.95 -15.68 -49.20
N ARG J 140 -44.86 -16.08 -50.47
CA ARG J 140 -45.58 -17.27 -50.93
C ARG J 140 -44.89 -18.57 -50.53
N THR J 141 -43.56 -18.56 -50.44
CA THR J 141 -42.83 -19.75 -50.03
C THR J 141 -43.36 -20.29 -48.71
N SER J 142 -43.69 -19.39 -47.77
CA SER J 142 -44.19 -19.82 -46.47
C SER J 142 -45.63 -20.33 -46.58
N ALA J 143 -46.41 -19.81 -47.52
CA ALA J 143 -47.82 -20.19 -47.61
C ALA J 143 -47.99 -21.67 -47.95
N CYS J 144 -47.01 -22.26 -48.63
CA CYS J 144 -47.12 -23.66 -49.03
C CYS J 144 -47.30 -24.59 -47.84
N GLY J 145 -46.69 -24.25 -46.71
CA GLY J 145 -46.75 -25.07 -45.51
C GLY J 145 -47.88 -24.73 -44.56
N LEU J 146 -48.87 -23.95 -44.99
CA LEU J 146 -49.99 -23.59 -44.13
C LEU J 146 -51.29 -24.22 -44.56
N PHE J 147 -51.30 -24.95 -45.67
CA PHE J 147 -52.56 -25.53 -46.16
C PHE J 147 -52.93 -26.80 -45.41
N SER J 148 -51.96 -27.69 -45.19
CA SER J 148 -52.21 -29.02 -44.66
C SER J 148 -52.67 -29.02 -43.20
N VAL J 149 -52.71 -27.86 -42.54
CA VAL J 149 -53.15 -27.79 -41.15
C VAL J 149 -54.53 -27.17 -41.01
N CYS J 150 -55.00 -26.39 -41.98
CA CYS J 150 -56.29 -25.72 -41.91
C CYS J 150 -57.29 -26.21 -42.94
N TYR J 151 -56.85 -26.96 -43.95
CA TYR J 151 -57.73 -27.43 -45.01
C TYR J 151 -58.94 -28.22 -44.50
N PRO J 152 -58.80 -29.25 -43.65
CA PRO J 152 -59.96 -30.11 -43.35
C PRO J 152 -61.00 -29.44 -42.48
N ARG J 153 -60.59 -28.47 -41.65
CA ARG J 153 -61.41 -27.95 -40.58
C ARG J 153 -62.28 -26.79 -41.02
N VAL J 154 -62.50 -26.63 -42.32
CA VAL J 154 -63.34 -25.57 -42.85
C VAL J 154 -64.46 -26.18 -43.67
N SER J 155 -65.41 -25.33 -44.08
CA SER J 155 -66.54 -25.77 -44.86
C SER J 155 -66.08 -26.33 -46.21
N SER J 156 -66.97 -27.09 -46.85
CA SER J 156 -66.67 -27.68 -48.15
C SER J 156 -66.49 -26.62 -49.22
N ALA J 157 -67.03 -25.41 -49.02
CA ALA J 157 -66.85 -24.33 -49.98
C ALA J 157 -65.44 -23.74 -49.89
N VAL J 158 -65.00 -23.40 -48.67
CA VAL J 158 -63.63 -22.95 -48.45
C VAL J 158 -62.65 -24.07 -48.82
N LYS J 159 -63.11 -25.31 -48.85
CA LYS J 159 -62.28 -26.43 -49.27
C LYS J 159 -61.83 -26.27 -50.72
N ALA J 160 -62.78 -26.17 -51.64
CA ALA J 160 -62.46 -25.95 -53.05
C ALA J 160 -61.71 -24.65 -53.27
N GLU J 161 -61.64 -23.78 -52.27
CA GLU J 161 -60.95 -22.50 -52.38
C GLU J 161 -59.45 -22.66 -52.19
N LEU J 162 -59.03 -23.43 -51.18
CA LEU J 162 -57.61 -23.59 -50.91
C LEU J 162 -56.90 -24.36 -52.02
N ARG J 163 -57.61 -25.27 -52.70
CA ARG J 163 -57.03 -25.94 -53.86
C ARG J 163 -56.75 -24.95 -55.00
N GLN J 164 -57.41 -23.79 -55.00
CA GLN J 164 -57.18 -22.80 -56.04
C GLN J 164 -55.90 -22.02 -55.77
N TYR J 165 -55.74 -21.51 -54.54
CA TYR J 165 -54.51 -20.81 -54.18
C TYR J 165 -53.30 -21.72 -54.22
N PHE J 166 -53.50 -23.04 -54.21
CA PHE J 166 -52.41 -24.00 -54.26
C PHE J 166 -52.02 -24.35 -55.69
N ARG J 167 -53.01 -24.46 -56.59
CA ARG J 167 -52.71 -24.69 -58.00
C ARG J 167 -51.88 -23.53 -58.57
N ASN J 168 -52.04 -22.33 -58.02
CA ASN J 168 -51.30 -21.17 -58.51
C ASN J 168 -49.81 -21.30 -58.18
N LEU J 169 -49.49 -21.67 -56.93
CA LEU J 169 -48.10 -21.72 -56.52
C LEU J 169 -47.31 -22.77 -57.29
N CYS J 170 -47.95 -23.89 -57.63
CA CYS J 170 -47.28 -24.91 -58.42
C CYS J 170 -46.97 -24.43 -59.83
N SER J 171 -47.66 -23.38 -60.30
CA SER J 171 -47.40 -22.79 -61.61
C SER J 171 -46.90 -21.36 -61.47
N ASP J 172 -46.27 -21.04 -60.34
CA ASP J 172 -45.74 -19.71 -60.13
C ASP J 172 -44.53 -19.48 -61.03
N ASP J 173 -44.39 -18.25 -61.51
CA ASP J 173 -43.24 -17.88 -62.33
C ASP J 173 -41.94 -17.88 -61.54
N THR J 174 -42.00 -18.19 -60.24
CA THR J 174 -40.84 -18.21 -59.38
C THR J 174 -40.42 -19.64 -59.14
N PRO J 175 -39.21 -20.05 -59.56
CA PRO J 175 -38.82 -21.47 -59.37
C PRO J 175 -38.77 -21.88 -57.91
N VAL J 177 -40.57 -21.02 -55.59
CA VAL J 177 -41.93 -21.21 -55.06
C VAL J 177 -42.49 -22.56 -55.48
N ARG J 178 -42.18 -22.99 -56.71
CA ARG J 178 -42.70 -24.27 -57.19
C ARG J 178 -42.03 -25.44 -56.47
N ARG J 179 -40.71 -25.37 -56.25
CA ARG J 179 -40.06 -26.41 -55.47
C ARG J 179 -40.58 -26.41 -54.04
N ALA J 180 -40.99 -25.25 -53.53
CA ALA J 180 -41.61 -25.19 -52.21
C ALA J 180 -43.00 -25.82 -52.22
N ALA J 181 -43.72 -25.72 -53.33
CA ALA J 181 -45.05 -26.31 -53.40
C ALA J 181 -45.00 -27.81 -53.65
N ALA J 182 -43.98 -28.29 -54.37
CA ALA J 182 -43.85 -29.73 -54.63
C ALA J 182 -43.53 -30.49 -53.36
N SER J 183 -42.73 -29.90 -52.47
CA SER J 183 -42.42 -30.54 -51.21
C SER J 183 -43.66 -30.68 -50.33
N LYS J 184 -44.58 -29.72 -50.43
CA LYS J 184 -45.81 -29.74 -49.66
C LYS J 184 -46.95 -30.43 -50.41
N LEU J 185 -46.65 -31.11 -51.51
CA LEU J 185 -47.68 -31.81 -52.27
C LEU J 185 -48.17 -33.04 -51.52
N GLY J 186 -47.25 -33.97 -51.21
CA GLY J 186 -47.60 -35.14 -50.45
C GLY J 186 -48.16 -34.84 -49.08
N GLU J 187 -47.84 -33.66 -48.53
CA GLU J 187 -48.41 -33.25 -47.26
C GLU J 187 -49.83 -32.72 -47.44
N PHE J 188 -50.08 -31.93 -48.49
CA PHE J 188 -51.43 -31.46 -48.77
C PHE J 188 -52.30 -32.56 -49.36
N ALA J 189 -51.72 -33.41 -50.22
CA ALA J 189 -52.48 -34.52 -50.78
C ALA J 189 -52.94 -35.47 -49.69
N LYS J 190 -52.05 -35.78 -48.73
CA LYS J 190 -52.39 -36.67 -47.62
C LYS J 190 -53.74 -36.33 -47.01
N VAL J 191 -54.02 -35.03 -46.88
CA VAL J 191 -55.23 -34.60 -46.22
C VAL J 191 -56.32 -34.22 -47.21
N LEU J 192 -56.02 -34.31 -48.50
CA LEU J 192 -57.01 -34.06 -49.55
C LEU J 192 -58.01 -35.21 -49.59
N GLU J 193 -59.29 -34.87 -49.73
CA GLU J 193 -60.29 -35.89 -49.99
C GLU J 193 -60.05 -36.48 -51.38
N LEU J 194 -60.14 -37.82 -51.47
CA LEU J 194 -59.69 -38.52 -52.67
C LEU J 194 -60.40 -38.00 -53.93
N ASP J 195 -61.66 -37.59 -53.79
CA ASP J 195 -62.40 -37.11 -54.96
C ASP J 195 -61.69 -35.95 -55.64
N ASN J 196 -61.00 -35.11 -54.87
CA ASN J 196 -60.23 -34.01 -55.45
C ASN J 196 -58.80 -34.41 -55.78
N VAL J 197 -58.26 -35.42 -55.09
CA VAL J 197 -56.95 -35.97 -55.43
C VAL J 197 -56.91 -36.37 -56.90
N LYS J 198 -58.05 -36.78 -57.44
CA LYS J 198 -58.14 -37.13 -58.86
C LYS J 198 -58.28 -35.91 -59.76
N SER J 199 -58.74 -34.78 -59.23
CA SER J 199 -59.10 -33.62 -60.04
C SER J 199 -58.11 -32.47 -59.94
N GLU J 200 -57.52 -32.24 -58.77
CA GLU J 200 -56.62 -31.11 -58.57
C GLU J 200 -55.17 -31.52 -58.33
N ILE J 201 -54.92 -32.46 -57.41
CA ILE J 201 -53.54 -32.73 -57.01
C ILE J 201 -52.77 -33.46 -58.10
N ILE J 202 -53.43 -34.34 -58.84
CA ILE J 202 -52.75 -35.17 -59.84
C ILE J 202 -52.39 -34.34 -61.06
N PRO J 203 -53.27 -33.48 -61.58
CA PRO J 203 -52.84 -32.59 -62.69
C PRO J 203 -51.59 -31.78 -62.37
N PHE J 205 -49.43 -32.57 -60.32
CA PHE J 205 -48.33 -33.51 -60.11
C PHE J 205 -47.56 -33.76 -61.40
N SER J 206 -48.29 -34.01 -62.51
CA SER J 206 -47.62 -34.22 -63.79
C SER J 206 -46.94 -32.96 -64.29
N ASN J 207 -47.45 -31.78 -63.91
CA ASN J 207 -46.86 -30.53 -64.37
C ASN J 207 -45.49 -30.30 -63.75
N LEU J 208 -45.35 -30.59 -62.45
CA LEU J 208 -44.06 -30.39 -61.79
C LEU J 208 -43.07 -31.49 -62.11
N ALA J 209 -43.56 -32.69 -62.45
CA ALA J 209 -42.67 -33.76 -62.88
C ALA J 209 -41.98 -33.43 -64.19
N SER J 210 -42.48 -32.43 -64.92
CA SER J 210 -41.88 -31.99 -66.17
C SER J 210 -41.55 -30.50 -66.17
N ASP J 211 -41.59 -29.86 -64.99
CA ASP J 211 -41.25 -28.45 -64.89
C ASP J 211 -39.88 -28.19 -65.50
N GLU J 212 -39.76 -27.07 -66.22
CA GLU J 212 -38.54 -26.74 -66.94
C GLU J 212 -37.44 -26.38 -65.96
N GLN J 213 -37.02 -27.35 -65.15
CA GLN J 213 -36.01 -27.15 -64.14
C GLN J 213 -35.71 -28.50 -63.49
N ASP J 214 -34.45 -28.68 -63.08
CA ASP J 214 -34.07 -29.89 -62.38
C ASP J 214 -34.64 -29.91 -60.96
N SER J 215 -34.59 -28.77 -60.26
CA SER J 215 -35.01 -28.74 -58.86
C SER J 215 -36.50 -29.05 -58.71
N VAL J 216 -37.33 -28.52 -59.59
CA VAL J 216 -38.76 -28.78 -59.47
C VAL J 216 -39.10 -30.18 -59.95
N ARG J 217 -38.31 -30.71 -60.89
CA ARG J 217 -38.63 -32.03 -61.46
C ARG J 217 -38.38 -33.14 -60.46
N LEU J 218 -37.29 -33.07 -59.69
CA LEU J 218 -37.01 -34.15 -58.74
C LEU J 218 -37.79 -33.99 -57.44
N LEU J 219 -38.34 -32.82 -57.17
CA LEU J 219 -39.16 -32.65 -55.97
C LEU J 219 -40.59 -33.14 -56.17
N ALA J 220 -41.05 -33.25 -57.41
CA ALA J 220 -42.32 -33.93 -57.68
C ALA J 220 -42.20 -35.45 -57.57
N VAL J 221 -40.97 -35.98 -57.61
CA VAL J 221 -40.79 -37.43 -57.55
C VAL J 221 -40.97 -37.94 -56.12
N GLU J 222 -40.32 -37.30 -55.16
CA GLU J 222 -40.40 -37.76 -53.77
C GLU J 222 -41.83 -37.76 -53.26
N ALA J 223 -42.70 -36.93 -53.85
CA ALA J 223 -44.11 -36.93 -53.49
C ALA J 223 -44.91 -38.04 -54.17
N CYS J 224 -44.29 -38.80 -55.07
CA CYS J 224 -44.99 -39.88 -55.74
C CYS J 224 -45.32 -41.02 -54.79
N VAL J 225 -44.45 -41.27 -53.80
CA VAL J 225 -44.70 -42.34 -52.84
C VAL J 225 -45.93 -42.03 -52.01
N ASN J 226 -46.00 -40.81 -51.46
CA ASN J 226 -47.12 -40.40 -50.63
C ASN J 226 -48.42 -40.27 -51.43
N ILE J 227 -48.34 -40.22 -52.76
CA ILE J 227 -49.55 -40.16 -53.57
C ILE J 227 -50.12 -41.55 -53.81
N ALA J 228 -49.27 -42.49 -54.24
CA ALA J 228 -49.71 -43.85 -54.52
C ALA J 228 -50.31 -44.53 -53.29
N GLN J 229 -49.94 -44.08 -52.08
CA GLN J 229 -50.54 -44.63 -50.88
C GLN J 229 -52.00 -44.23 -50.74
N LEU J 230 -52.38 -43.08 -51.31
CA LEU J 230 -53.75 -42.61 -51.26
C LEU J 230 -54.61 -43.13 -52.40
N LEU J 231 -53.99 -43.62 -53.47
CA LEU J 231 -54.78 -43.96 -54.64
C LEU J 231 -55.17 -45.43 -54.63
N PRO J 232 -56.42 -45.72 -54.99
CA PRO J 232 -56.83 -47.13 -55.11
C PRO J 232 -56.06 -47.83 -56.22
N GLN J 233 -55.76 -49.11 -55.99
CA GLN J 233 -54.88 -49.87 -56.88
C GLN J 233 -55.24 -49.72 -58.35
N GLU J 234 -56.54 -49.57 -58.66
CA GLU J 234 -56.98 -49.66 -60.05
C GLU J 234 -56.53 -48.47 -60.88
N ASP J 235 -56.30 -47.31 -60.27
CA ASP J 235 -56.05 -46.08 -61.02
C ASP J 235 -54.58 -45.76 -61.23
N LEU J 236 -53.66 -46.45 -60.54
CA LEU J 236 -52.25 -46.08 -60.61
C LEU J 236 -51.72 -46.14 -62.04
N GLU J 237 -52.14 -47.14 -62.81
CA GLU J 237 -51.68 -47.27 -64.19
C GLU J 237 -52.18 -46.15 -65.09
N ALA J 238 -53.12 -45.33 -64.63
CA ALA J 238 -53.68 -44.25 -65.43
C ALA J 238 -53.37 -42.86 -64.89
N LEU J 239 -53.16 -42.72 -63.57
CA LEU J 239 -52.91 -41.42 -62.97
C LEU J 239 -51.43 -41.15 -62.70
N VAL J 240 -50.70 -42.15 -62.19
CA VAL J 240 -49.33 -41.92 -61.75
C VAL J 240 -48.32 -42.48 -62.75
N PRO J 242 -48.07 -43.14 -65.85
CA PRO J 242 -47.73 -42.35 -67.06
C PRO J 242 -46.62 -41.33 -66.85
N THR J 243 -46.75 -40.45 -65.86
CA THR J 243 -45.71 -39.44 -65.62
C THR J 243 -44.51 -40.01 -64.87
N LEU J 244 -44.72 -41.01 -64.01
CA LEU J 244 -43.60 -41.68 -63.37
C LEU J 244 -42.70 -42.36 -64.39
N ARG J 245 -43.27 -42.74 -65.54
CA ARG J 245 -42.47 -43.30 -66.62
C ARG J 245 -41.38 -42.33 -67.07
N GLN J 246 -41.63 -41.03 -66.93
CA GLN J 246 -40.60 -40.03 -67.28
C GLN J 246 -39.53 -39.91 -66.21
N ALA J 247 -39.88 -40.21 -64.95
CA ALA J 247 -38.93 -40.03 -63.85
C ALA J 247 -37.66 -40.86 -64.07
N ALA J 248 -37.76 -41.94 -64.83
CA ALA J 248 -36.61 -42.77 -65.16
C ALA J 248 -36.11 -42.54 -66.59
N GLU J 249 -36.63 -41.52 -67.27
CA GLU J 249 -36.29 -41.25 -68.67
C GLU J 249 -36.15 -39.75 -68.89
N ASP J 250 -35.40 -39.09 -68.02
CA ASP J 250 -35.20 -37.65 -68.12
C ASP J 250 -33.72 -37.33 -68.12
N LYS J 251 -33.38 -36.18 -68.70
CA LYS J 251 -31.99 -35.75 -68.82
C LYS J 251 -31.49 -35.16 -67.50
N SER J 252 -31.63 -35.91 -66.42
CA SER J 252 -31.10 -35.50 -65.12
C SER J 252 -30.80 -36.78 -64.34
N TRP J 253 -29.53 -37.12 -64.21
CA TRP J 253 -29.17 -38.27 -63.38
C TRP J 253 -29.54 -38.04 -61.93
N ARG J 254 -29.71 -36.79 -61.51
CA ARG J 254 -30.14 -36.50 -60.16
C ARG J 254 -31.58 -36.94 -59.92
N VAL J 255 -32.40 -36.93 -60.98
CA VAL J 255 -33.81 -37.32 -60.84
C VAL J 255 -33.95 -38.84 -60.80
N ARG J 256 -33.31 -39.54 -61.73
CA ARG J 256 -33.38 -40.99 -61.75
C ARG J 256 -32.82 -41.59 -60.47
N TYR J 257 -31.89 -40.90 -59.82
CA TYR J 257 -31.40 -41.34 -58.53
C TYR J 257 -32.47 -41.22 -57.46
N VAL J 259 -35.67 -41.84 -57.89
CA VAL J 259 -36.56 -42.99 -57.97
C VAL J 259 -35.85 -44.25 -57.49
N ALA J 260 -34.54 -44.38 -57.76
CA ALA J 260 -33.81 -45.57 -57.36
C ALA J 260 -33.72 -45.68 -55.84
N ASP J 261 -33.42 -44.57 -55.17
CA ASP J 261 -33.36 -44.56 -53.71
C ASP J 261 -34.70 -44.99 -53.12
N LYS J 262 -35.80 -44.59 -53.75
CA LYS J 262 -37.14 -44.89 -53.28
C LYS J 262 -37.86 -45.91 -54.16
N PHE J 263 -37.14 -46.58 -55.08
CA PHE J 263 -37.75 -47.60 -55.93
C PHE J 263 -38.40 -48.69 -55.10
N THR J 264 -37.63 -49.29 -54.19
CA THR J 264 -38.16 -50.35 -53.34
C THR J 264 -39.34 -49.86 -52.52
N GLU J 265 -39.27 -48.61 -52.02
CA GLU J 265 -40.36 -48.06 -51.25
C GLU J 265 -41.57 -47.71 -52.12
N LEU J 266 -41.35 -47.47 -53.41
CA LEU J 266 -42.47 -47.21 -54.31
C LEU J 266 -43.39 -48.42 -54.42
N GLN J 267 -42.83 -49.56 -54.84
CA GLN J 267 -43.63 -50.75 -55.17
C GLN J 267 -44.59 -51.14 -54.06
N LYS J 268 -44.29 -50.73 -52.82
CA LYS J 268 -45.15 -51.06 -51.69
C LYS J 268 -46.57 -50.56 -51.91
N ALA J 269 -46.71 -49.39 -52.53
CA ALA J 269 -48.00 -48.76 -52.74
C ALA J 269 -48.46 -48.78 -54.19
N VAL J 270 -47.74 -49.49 -55.07
CA VAL J 270 -48.13 -49.58 -56.47
C VAL J 270 -48.89 -50.89 -56.70
N GLY J 271 -48.62 -51.89 -55.87
CA GLY J 271 -49.26 -53.17 -56.00
C GLY J 271 -48.40 -54.16 -56.75
N PRO J 272 -48.39 -55.41 -56.29
CA PRO J 272 -47.57 -56.43 -56.96
C PRO J 272 -47.91 -56.63 -58.43
N GLU J 273 -49.16 -56.39 -58.82
CA GLU J 273 -49.54 -56.49 -60.22
C GLU J 273 -48.70 -55.56 -61.10
N ILE J 274 -48.49 -54.33 -60.63
CA ILE J 274 -47.66 -53.38 -61.37
C ILE J 274 -46.18 -53.50 -60.99
N THR J 275 -45.88 -54.05 -59.82
CA THR J 275 -44.48 -54.32 -59.45
C THR J 275 -43.81 -55.20 -60.49
N LYS J 276 -44.58 -56.05 -61.18
CA LYS J 276 -44.10 -56.85 -62.29
C LYS J 276 -44.35 -56.21 -63.64
N THR J 277 -45.51 -55.57 -63.82
CA THR J 277 -45.89 -55.07 -65.14
C THR J 277 -45.02 -53.90 -65.57
N ASP J 278 -44.74 -52.96 -64.66
CA ASP J 278 -44.03 -51.73 -65.02
C ASP J 278 -42.83 -51.40 -64.16
N LEU J 279 -42.68 -52.01 -62.98
CA LEU J 279 -41.51 -51.71 -62.15
C LEU J 279 -40.28 -52.47 -62.63
N VAL J 280 -40.45 -53.74 -62.98
CA VAL J 280 -39.31 -54.51 -63.53
C VAL J 280 -38.82 -53.92 -64.83
N PRO J 281 -39.67 -53.48 -65.77
CA PRO J 281 -39.15 -52.78 -66.97
C PRO J 281 -38.33 -51.54 -66.63
N ALA J 282 -38.56 -50.92 -65.47
CA ALA J 282 -37.83 -49.73 -65.07
C ALA J 282 -36.53 -50.05 -64.34
N PHE J 283 -36.59 -50.98 -63.37
CA PHE J 283 -35.39 -51.36 -62.65
C PHE J 283 -34.30 -51.85 -63.59
N GLN J 284 -34.68 -52.62 -64.61
CA GLN J 284 -33.70 -53.11 -65.57
C GLN J 284 -32.96 -51.95 -66.24
N ASN J 285 -33.66 -50.84 -66.51
CA ASN J 285 -33.03 -49.72 -67.18
C ASN J 285 -32.11 -48.92 -66.26
N LEU J 286 -32.55 -48.72 -65.01
CA LEU J 286 -31.72 -47.97 -64.06
C LEU J 286 -30.49 -48.75 -63.62
N LYS J 288 -28.67 -50.23 -65.54
CA LYS J 288 -27.71 -49.99 -66.63
C LYS J 288 -27.97 -48.63 -67.25
N ASP J 289 -28.14 -47.62 -66.40
CA ASP J 289 -28.32 -46.26 -66.88
C ASP J 289 -26.99 -45.73 -67.44
N CYS J 290 -27.09 -44.61 -68.17
CA CYS J 290 -25.91 -44.00 -68.77
C CYS J 290 -25.07 -43.22 -67.76
N GLU J 291 -25.43 -43.24 -66.49
CA GLU J 291 -24.65 -42.65 -65.41
C GLU J 291 -24.24 -43.76 -64.45
N ALA J 292 -23.62 -43.38 -63.34
CA ALA J 292 -23.12 -44.34 -62.36
C ALA J 292 -23.75 -44.18 -60.98
N GLU J 293 -23.93 -42.94 -60.52
CA GLU J 293 -24.50 -42.71 -59.19
C GLU J 293 -25.89 -43.34 -59.06
N VAL J 294 -26.69 -43.27 -60.13
CA VAL J 294 -27.97 -43.96 -60.12
C VAL J 294 -27.76 -45.47 -60.08
N ARG J 295 -26.78 -45.97 -60.84
CA ARG J 295 -26.54 -47.40 -60.90
C ARG J 295 -26.10 -47.96 -59.56
N ALA J 296 -25.26 -47.23 -58.83
CA ALA J 296 -24.83 -47.69 -57.51
C ALA J 296 -26.03 -47.86 -56.58
N ALA J 297 -26.97 -46.92 -56.63
CA ALA J 297 -28.20 -47.07 -55.87
C ALA J 297 -29.05 -48.21 -56.43
N ALA J 298 -29.12 -48.32 -57.77
CA ALA J 298 -29.87 -49.41 -58.38
C ALA J 298 -29.35 -50.77 -57.93
N SER J 299 -28.05 -50.88 -57.68
CA SER J 299 -27.50 -52.13 -57.19
C SER J 299 -27.80 -52.34 -55.71
N HIS J 300 -27.60 -51.29 -54.90
CA HIS J 300 -27.77 -51.39 -53.45
C HIS J 300 -29.20 -51.72 -53.04
N LYS J 301 -30.17 -51.64 -53.96
CA LYS J 301 -31.58 -51.83 -53.63
C LYS J 301 -32.12 -53.18 -54.09
N VAL J 302 -31.27 -54.07 -54.61
CA VAL J 302 -31.76 -55.33 -55.15
C VAL J 302 -32.35 -56.21 -54.06
N LYS J 303 -31.83 -56.11 -52.84
CA LYS J 303 -32.26 -56.99 -51.76
C LYS J 303 -33.73 -56.79 -51.41
N GLU J 304 -34.14 -55.52 -51.23
CA GLU J 304 -35.52 -55.26 -50.80
C GLU J 304 -36.51 -55.46 -51.93
N PHE J 305 -36.14 -55.11 -53.16
CA PHE J 305 -37.04 -55.33 -54.29
C PHE J 305 -37.32 -56.82 -54.47
N CYS J 306 -36.26 -57.62 -54.65
CA CYS J 306 -36.43 -59.04 -54.91
C CYS J 306 -37.08 -59.80 -53.75
N GLU J 307 -37.28 -59.17 -52.60
CA GLU J 307 -37.93 -59.85 -51.48
C GLU J 307 -39.36 -60.24 -51.83
N ASN J 308 -40.20 -59.24 -52.12
CA ASN J 308 -41.62 -59.46 -52.39
C ASN J 308 -41.87 -59.27 -53.88
N LEU J 309 -42.09 -60.38 -54.59
CA LEU J 309 -42.31 -60.36 -56.04
C LEU J 309 -43.52 -61.20 -56.42
N SER J 310 -44.54 -61.23 -55.57
CA SER J 310 -45.72 -62.05 -55.81
C SER J 310 -45.31 -63.52 -55.95
N ALA J 311 -46.25 -64.37 -56.33
CA ALA J 311 -46.03 -65.81 -56.29
C ALA J 311 -45.41 -66.38 -57.56
N ASP J 312 -45.48 -65.67 -58.69
CA ASP J 312 -45.00 -66.24 -59.95
C ASP J 312 -43.60 -65.75 -60.30
N CYS J 313 -43.38 -64.44 -60.32
CA CYS J 313 -42.04 -63.94 -60.56
C CYS J 313 -41.20 -64.12 -59.30
N ARG J 314 -41.24 -65.35 -58.75
CA ARG J 314 -40.47 -65.72 -57.56
C ARG J 314 -39.06 -66.16 -57.91
N GLU J 315 -38.93 -67.09 -58.86
CA GLU J 315 -37.66 -67.47 -59.45
C GLU J 315 -37.68 -67.27 -60.95
N ASN J 316 -38.78 -66.80 -61.52
CA ASN J 316 -38.93 -66.68 -62.96
C ASN J 316 -38.16 -65.48 -63.50
N VAL J 317 -38.51 -64.28 -63.04
CA VAL J 317 -37.87 -63.06 -63.54
C VAL J 317 -36.52 -62.79 -62.90
N ILE J 318 -36.13 -63.57 -61.89
CA ILE J 318 -34.81 -63.39 -61.29
C ILE J 318 -33.74 -63.88 -62.26
N SER J 320 -34.35 -64.08 -65.55
CA SER J 320 -34.66 -63.46 -66.84
C SER J 320 -34.54 -61.95 -66.85
N GLN J 321 -34.68 -61.28 -65.70
CA GLN J 321 -34.58 -59.83 -65.63
C GLN J 321 -33.50 -59.35 -64.68
N ILE J 322 -33.39 -59.96 -63.49
CA ILE J 322 -32.41 -59.52 -62.51
C ILE J 322 -31.02 -59.89 -63.03
N LEU J 323 -30.72 -61.20 -63.05
CA LEU J 323 -29.32 -61.62 -63.26
C LEU J 323 -28.76 -61.23 -64.62
N PRO J 324 -29.46 -61.38 -65.76
CA PRO J 324 -28.82 -61.05 -67.05
C PRO J 324 -28.12 -59.70 -67.05
N CYS J 325 -28.65 -58.70 -66.34
CA CYS J 325 -28.04 -57.39 -66.32
C CYS J 325 -27.05 -57.18 -65.18
N ILE J 326 -27.11 -57.98 -64.11
CA ILE J 326 -26.13 -57.81 -63.02
C ILE J 326 -24.78 -58.42 -63.35
N LYS J 327 -24.72 -59.32 -64.34
CA LYS J 327 -23.43 -59.84 -64.81
C LYS J 327 -22.49 -58.70 -65.19
N GLU J 328 -23.03 -57.59 -65.69
CA GLU J 328 -22.21 -56.42 -65.97
C GLU J 328 -21.95 -55.59 -64.72
N LEU J 329 -22.90 -55.58 -63.77
CA LEU J 329 -22.73 -54.83 -62.54
C LEU J 329 -21.72 -55.47 -61.59
N VAL J 330 -21.15 -56.60 -61.96
CA VAL J 330 -20.13 -57.25 -61.17
C VAL J 330 -18.76 -57.22 -61.87
N SER J 331 -18.74 -57.11 -63.20
CA SER J 331 -17.50 -57.14 -63.98
C SER J 331 -17.32 -55.86 -64.79
N ASP J 332 -17.56 -54.71 -64.17
CA ASP J 332 -17.33 -53.41 -64.82
C ASP J 332 -16.35 -52.57 -64.01
N ALA J 333 -15.27 -53.21 -63.54
CA ALA J 333 -14.26 -52.56 -62.71
C ALA J 333 -13.67 -51.32 -63.40
N ASN J 334 -16.93 -49.08 -62.64
CA ASN J 334 -17.19 -47.74 -62.14
C ASN J 334 -16.67 -47.59 -60.72
N GLN J 335 -16.49 -48.74 -60.07
CA GLN J 335 -15.93 -48.95 -58.74
C GLN J 335 -17.00 -48.76 -57.68
N HIS J 336 -18.06 -47.94 -57.94
CA HIS J 336 -19.11 -47.77 -56.95
C HIS J 336 -20.27 -48.75 -57.13
N VAL J 337 -20.46 -49.33 -58.32
CA VAL J 337 -21.57 -50.26 -58.51
C VAL J 337 -21.33 -51.60 -57.81
N LYS J 338 -20.10 -52.10 -57.84
CA LYS J 338 -19.80 -53.37 -57.20
C LYS J 338 -19.52 -53.21 -55.71
N SER J 339 -19.09 -52.01 -55.29
CA SER J 339 -18.84 -51.78 -53.88
C SER J 339 -20.15 -51.74 -53.10
N ALA J 340 -21.10 -50.91 -53.54
CA ALA J 340 -22.36 -50.76 -52.82
C ALA J 340 -23.27 -51.97 -52.94
N LEU J 341 -22.94 -52.93 -53.80
CA LEU J 341 -23.81 -54.08 -54.06
C LEU J 341 -23.38 -55.35 -53.34
N ALA J 342 -22.07 -55.57 -53.18
CA ALA J 342 -21.59 -56.79 -52.52
C ALA J 342 -22.16 -56.95 -51.12
N SER J 343 -22.72 -55.89 -50.54
CA SER J 343 -23.33 -55.98 -49.21
C SER J 343 -24.71 -56.61 -49.25
N VAL J 344 -25.33 -56.71 -50.43
CA VAL J 344 -26.69 -57.24 -50.51
C VAL J 344 -26.85 -58.37 -51.52
N ILE J 345 -25.92 -58.55 -52.46
CA ILE J 345 -26.03 -59.64 -53.43
C ILE J 345 -26.06 -60.99 -52.72
N GLY J 347 -27.76 -61.68 -50.30
CA GLY J 347 -29.08 -61.84 -49.73
C GLY J 347 -30.00 -62.47 -50.75
N LEU J 348 -29.45 -62.72 -51.93
CA LEU J 348 -30.18 -63.32 -53.05
C LEU J 348 -30.16 -64.85 -53.00
N SER J 349 -29.49 -65.44 -52.01
CA SER J 349 -29.35 -66.89 -51.92
C SER J 349 -30.59 -67.58 -51.34
N PRO J 350 -31.17 -67.09 -50.22
CA PRO J 350 -32.32 -67.81 -49.64
C PRO J 350 -33.61 -67.66 -50.44
N ILE J 351 -33.51 -67.17 -51.66
CA ILE J 351 -34.69 -67.02 -52.52
C ILE J 351 -34.76 -68.14 -53.56
N LEU J 352 -33.65 -68.81 -53.85
CA LEU J 352 -33.56 -69.71 -54.99
C LEU J 352 -33.35 -71.17 -54.63
N GLY J 353 -32.49 -71.47 -53.65
CA GLY J 353 -32.29 -72.86 -53.26
C GLY J 353 -31.13 -73.52 -53.97
N LYS J 354 -31.00 -74.83 -53.70
CA LYS J 354 -29.83 -75.61 -54.12
C LYS J 354 -29.53 -75.43 -55.60
N ASP J 355 -30.46 -75.86 -56.46
CA ASP J 355 -30.19 -75.88 -57.90
C ASP J 355 -29.83 -74.52 -58.47
N ASN J 356 -30.21 -73.44 -57.79
CA ASN J 356 -29.90 -72.09 -58.25
C ASN J 356 -28.92 -71.34 -57.34
N THR J 357 -28.70 -71.82 -56.11
CA THR J 357 -27.70 -71.19 -55.25
C THR J 357 -26.31 -71.26 -55.88
N ILE J 358 -26.02 -72.33 -56.61
CA ILE J 358 -24.70 -72.54 -57.17
C ILE J 358 -24.65 -72.30 -58.68
N GLU J 359 -25.72 -72.61 -59.41
CA GLU J 359 -25.71 -72.47 -60.87
C GLU J 359 -25.44 -71.02 -61.28
N HIS J 360 -26.36 -70.13 -60.92
CA HIS J 360 -26.31 -68.75 -61.38
C HIS J 360 -25.76 -67.76 -60.36
N LEU J 361 -25.80 -68.10 -59.08
CA LEU J 361 -25.40 -67.17 -58.03
C LEU J 361 -23.92 -67.25 -57.70
N LEU J 362 -23.31 -68.43 -57.78
CA LEU J 362 -21.92 -68.61 -57.40
C LEU J 362 -20.95 -67.83 -58.30
N PRO J 363 -21.15 -67.79 -59.65
CA PRO J 363 -20.23 -67.00 -60.48
C PRO J 363 -20.13 -65.54 -60.05
N LEU J 364 -21.15 -65.05 -59.35
CA LEU J 364 -21.07 -63.71 -58.78
C LEU J 364 -20.15 -63.68 -57.58
N PHE J 365 -20.27 -64.66 -56.68
CA PHE J 365 -19.38 -64.76 -55.54
C PHE J 365 -17.93 -64.96 -55.97
N LEU J 366 -17.72 -65.60 -57.12
CA LEU J 366 -16.37 -65.77 -57.63
C LEU J 366 -15.77 -64.44 -58.07
N ALA J 367 -16.56 -63.61 -58.77
CA ALA J 367 -16.04 -62.37 -59.32
C ALA J 367 -16.06 -61.23 -58.29
N GLN J 368 -17.05 -61.22 -57.41
CA GLN J 368 -17.15 -60.18 -56.39
C GLN J 368 -16.21 -60.41 -55.22
N LEU J 369 -15.29 -61.35 -55.33
CA LEU J 369 -14.33 -61.63 -54.27
C LEU J 369 -12.89 -61.47 -54.71
N LYS J 370 -12.54 -61.93 -55.91
CA LYS J 370 -11.19 -61.87 -56.44
C LYS J 370 -10.89 -60.55 -57.14
N ASP J 371 -11.72 -59.53 -56.92
CA ASP J 371 -11.53 -58.26 -57.61
C ASP J 371 -10.44 -57.45 -56.92
N GLU J 372 -10.32 -56.17 -57.29
CA GLU J 372 -9.19 -55.35 -56.86
C GLU J 372 -9.48 -54.57 -55.57
N CYS J 373 -10.44 -53.66 -55.62
CA CYS J 373 -10.62 -52.73 -54.51
C CYS J 373 -11.14 -53.45 -53.28
N PRO J 374 -10.49 -53.29 -52.12
CA PRO J 374 -10.97 -53.97 -50.91
C PRO J 374 -12.36 -53.57 -50.49
N GLU J 375 -12.86 -52.42 -50.94
CA GLU J 375 -14.20 -51.98 -50.58
C GLU J 375 -15.28 -52.97 -50.98
N VAL J 376 -15.03 -53.82 -51.98
CA VAL J 376 -16.03 -54.73 -52.50
C VAL J 376 -16.03 -56.03 -51.69
N ARG J 377 -14.89 -56.74 -51.70
CA ARG J 377 -14.80 -57.99 -50.96
C ARG J 377 -15.09 -57.81 -49.48
N LEU J 378 -14.96 -56.59 -48.96
CA LEU J 378 -15.31 -56.33 -47.57
C LEU J 378 -16.81 -56.48 -47.33
N ASN J 379 -17.63 -56.10 -48.32
CA ASN J 379 -19.08 -56.21 -48.15
C ASN J 379 -19.55 -57.65 -48.36
N ILE J 380 -19.04 -58.32 -49.39
CA ILE J 380 -19.41 -59.71 -49.64
C ILE J 380 -19.09 -60.58 -48.44
N ILE J 381 -18.08 -60.20 -47.66
CA ILE J 381 -17.76 -60.87 -46.40
C ILE J 381 -18.66 -60.40 -45.26
N SER J 382 -19.27 -59.22 -45.38
CA SER J 382 -20.01 -58.63 -44.27
C SER J 382 -21.38 -59.29 -44.05
N ASN J 383 -22.03 -59.74 -45.11
CA ASN J 383 -23.39 -60.29 -45.02
C ASN J 383 -23.34 -61.77 -45.43
N LEU J 384 -23.07 -62.63 -44.45
CA LEU J 384 -23.00 -64.07 -44.65
C LEU J 384 -24.15 -64.85 -44.03
N ASP J 385 -24.91 -64.24 -43.12
CA ASP J 385 -26.03 -64.95 -42.49
C ASP J 385 -27.08 -65.38 -43.51
N CYS J 386 -27.11 -64.76 -44.69
CA CYS J 386 -27.99 -65.20 -45.76
C CYS J 386 -27.32 -66.21 -46.69
N VAL J 387 -26.00 -66.36 -46.59
CA VAL J 387 -25.25 -67.34 -47.37
C VAL J 387 -24.61 -68.39 -46.45
N ASN J 388 -25.00 -68.40 -45.18
CA ASN J 388 -24.57 -69.45 -44.27
C ASN J 388 -25.72 -70.28 -43.72
N GLU J 389 -26.95 -69.77 -43.75
CA GLU J 389 -28.13 -70.52 -43.36
C GLU J 389 -28.76 -71.30 -44.51
N VAL J 390 -28.17 -71.25 -45.70
CA VAL J 390 -28.68 -72.01 -46.84
C VAL J 390 -27.57 -72.86 -47.44
N ILE J 391 -26.38 -72.26 -47.61
CA ILE J 391 -25.19 -72.97 -48.07
C ILE J 391 -24.19 -73.00 -46.92
N GLY J 392 -23.49 -74.12 -46.80
CA GLY J 392 -22.65 -74.36 -45.64
C GLY J 392 -21.30 -73.65 -45.73
N ILE J 393 -20.76 -73.33 -44.55
CA ILE J 393 -19.51 -72.59 -44.44
C ILE J 393 -18.34 -73.34 -45.06
N ARG J 394 -18.43 -74.68 -45.12
CA ARG J 394 -17.32 -75.47 -45.62
C ARG J 394 -17.07 -75.22 -47.11
N GLN J 395 -18.14 -75.04 -47.89
CA GLN J 395 -17.97 -74.73 -49.30
C GLN J 395 -17.40 -73.32 -49.50
N LEU J 396 -17.72 -72.40 -48.59
CA LEU J 396 -17.18 -71.05 -48.67
C LEU J 396 -15.71 -70.99 -48.23
N SER J 397 -15.40 -71.58 -47.07
CA SER J 397 -14.06 -71.42 -46.51
C SER J 397 -12.98 -71.99 -47.43
N GLN J 398 -13.33 -72.96 -48.27
CA GLN J 398 -12.41 -73.44 -49.29
C GLN J 398 -12.34 -72.51 -50.49
N SER J 399 -13.04 -71.38 -50.45
CA SER J 399 -12.92 -70.34 -51.45
C SER J 399 -12.69 -68.96 -50.83
N LEU J 400 -12.74 -68.83 -49.51
CA LEU J 400 -12.55 -67.56 -48.83
C LEU J 400 -11.10 -67.34 -48.42
N LEU J 401 -10.15 -68.12 -48.96
CA LEU J 401 -8.75 -67.94 -48.58
C LEU J 401 -8.18 -66.65 -49.14
N PRO J 402 -8.15 -66.44 -50.47
CA PRO J 402 -7.56 -65.18 -50.98
C PRO J 402 -8.32 -63.94 -50.55
N ALA J 403 -9.46 -64.09 -49.90
CA ALA J 403 -10.21 -62.95 -49.39
C ALA J 403 -9.58 -62.40 -48.11
N ILE J 404 -9.25 -63.31 -47.18
CA ILE J 404 -8.78 -62.88 -45.86
C ILE J 404 -7.27 -62.66 -45.83
N VAL J 405 -6.51 -63.26 -46.74
CA VAL J 405 -5.05 -63.13 -46.71
C VAL J 405 -4.62 -61.70 -46.99
N GLU J 406 -5.01 -61.18 -48.16
CA GLU J 406 -4.52 -59.87 -48.59
C GLU J 406 -4.91 -58.78 -47.60
N LEU J 407 -6.20 -58.71 -47.26
CA LEU J 407 -6.67 -57.62 -46.41
C LEU J 407 -6.02 -57.67 -45.03
N ALA J 408 -5.69 -58.86 -44.54
CA ALA J 408 -5.00 -58.99 -43.27
C ALA J 408 -3.54 -58.52 -43.35
N GLU J 409 -2.99 -58.44 -44.56
CA GLU J 409 -1.59 -58.04 -44.76
C GLU J 409 -1.44 -56.87 -45.71
N ASP J 410 -2.54 -56.26 -46.15
CA ASP J 410 -2.51 -55.23 -47.18
C ASP J 410 -1.54 -54.12 -46.82
N ALA J 411 -0.97 -53.50 -47.85
CA ALA J 411 0.08 -52.50 -47.64
C ALA J 411 -0.44 -51.28 -46.90
N LYS J 412 -1.59 -50.75 -47.32
CA LYS J 412 -2.18 -49.62 -46.63
C LYS J 412 -2.82 -50.05 -45.31
N TRP J 413 -2.64 -49.22 -44.29
CA TRP J 413 -3.10 -49.57 -42.95
C TRP J 413 -4.59 -49.31 -42.75
N ARG J 414 -5.24 -48.55 -43.64
CA ARG J 414 -6.65 -48.26 -43.48
C ARG J 414 -7.51 -49.48 -43.78
N VAL J 415 -7.12 -50.27 -44.80
CA VAL J 415 -7.87 -51.49 -45.11
C VAL J 415 -7.61 -52.55 -44.04
N ARG J 416 -6.40 -52.59 -43.49
CA ARG J 416 -6.10 -53.56 -42.44
C ARG J 416 -7.02 -53.37 -41.24
N LEU J 417 -7.32 -52.12 -40.89
CA LEU J 417 -8.23 -51.86 -39.79
C LEU J 417 -9.63 -52.39 -40.09
N ALA J 418 -10.06 -52.31 -41.36
CA ALA J 418 -11.42 -52.69 -41.71
C ALA J 418 -11.70 -54.15 -41.45
N ILE J 419 -10.76 -55.03 -41.81
CA ILE J 419 -10.97 -56.46 -41.60
C ILE J 419 -10.93 -56.84 -40.12
N ILE J 420 -10.34 -55.99 -39.28
CA ILE J 420 -10.39 -56.26 -37.84
C ILE J 420 -11.80 -56.06 -37.30
N GLU J 421 -12.54 -55.08 -37.84
CA GLU J 421 -13.89 -54.83 -37.35
C GLU J 421 -14.79 -56.05 -37.48
N TYR J 422 -14.61 -56.84 -38.53
CA TYR J 422 -15.43 -58.02 -38.75
C TYR J 422 -14.84 -59.29 -38.16
N PRO J 424 -14.11 -60.49 -34.96
CA PRO J 424 -14.80 -61.23 -33.89
C PRO J 424 -16.12 -61.84 -34.36
N LEU J 425 -16.85 -61.12 -35.22
CA LEU J 425 -18.04 -61.71 -35.82
C LEU J 425 -17.67 -62.83 -36.79
N LEU J 426 -16.64 -62.61 -37.61
CA LEU J 426 -16.15 -63.65 -38.50
C LEU J 426 -15.45 -64.79 -37.76
N ALA J 427 -15.36 -64.71 -36.44
CA ALA J 427 -14.81 -65.79 -35.63
C ALA J 427 -15.88 -66.73 -35.10
N GLY J 428 -17.13 -66.28 -35.00
CA GLY J 428 -18.19 -67.11 -34.47
C GLY J 428 -19.01 -67.82 -35.53
N GLN J 429 -18.77 -67.48 -36.81
CA GLN J 429 -19.43 -68.12 -37.93
C GLN J 429 -18.43 -68.83 -38.83
N LEU J 430 -17.27 -69.20 -38.27
CA LEU J 430 -16.24 -69.88 -39.04
C LEU J 430 -15.57 -71.00 -38.25
N GLY J 431 -16.06 -71.32 -37.06
CA GLY J 431 -15.48 -72.38 -36.25
C GLY J 431 -14.49 -71.83 -35.22
N VAL J 432 -14.44 -72.50 -34.07
CA VAL J 432 -13.54 -72.09 -32.99
C VAL J 432 -12.18 -72.74 -33.18
N GLU J 433 -12.13 -74.07 -33.21
CA GLU J 433 -10.87 -74.75 -33.50
C GLU J 433 -10.45 -74.59 -34.95
N PHE J 434 -11.35 -74.11 -35.82
CA PHE J 434 -10.95 -73.75 -37.17
C PHE J 434 -10.18 -72.46 -37.20
N PHE J 435 -10.40 -71.58 -36.21
CA PHE J 435 -9.70 -70.31 -36.08
C PHE J 435 -8.22 -70.49 -35.80
N ASP J 436 -7.76 -71.74 -35.64
CA ASP J 436 -6.40 -72.05 -35.24
C ASP J 436 -5.56 -72.65 -36.36
N GLU J 437 -6.08 -73.67 -37.05
CA GLU J 437 -5.28 -74.40 -38.02
C GLU J 437 -5.06 -73.62 -39.30
N LYS J 438 -5.95 -72.68 -39.63
CA LYS J 438 -5.80 -71.88 -40.84
C LYS J 438 -5.79 -70.38 -40.60
N LEU J 439 -6.34 -69.89 -39.50
CA LEU J 439 -6.56 -68.45 -39.38
C LEU J 439 -5.58 -67.78 -38.44
N ASN J 440 -5.39 -68.34 -37.24
CA ASN J 440 -4.71 -67.71 -36.11
C ASN J 440 -3.43 -66.97 -36.49
N SER J 441 -2.73 -67.45 -37.52
CA SER J 441 -1.48 -66.84 -37.93
C SER J 441 -1.64 -65.37 -38.33
N LEU J 442 -2.86 -64.94 -38.65
CA LEU J 442 -3.09 -63.57 -39.10
C LEU J 442 -3.37 -62.61 -37.95
N CYS J 443 -4.35 -62.95 -37.10
CA CYS J 443 -4.74 -62.04 -36.02
C CYS J 443 -3.60 -61.80 -35.05
N ALA J 445 -0.46 -61.75 -36.00
CA ALA J 445 0.58 -61.04 -36.75
C ALA J 445 0.42 -59.53 -36.73
N TRP J 446 -0.68 -59.02 -36.15
CA TRP J 446 -0.90 -57.59 -36.06
C TRP J 446 -0.38 -56.97 -34.77
N LEU J 447 -0.15 -57.78 -33.74
CA LEU J 447 0.40 -57.28 -32.49
C LEU J 447 1.82 -56.74 -32.65
N VAL J 448 2.46 -56.99 -33.79
CA VAL J 448 3.79 -56.46 -34.06
C VAL J 448 3.81 -55.50 -35.24
N ASP J 449 2.70 -55.40 -35.98
CA ASP J 449 2.61 -54.59 -37.20
C ASP J 449 3.23 -53.22 -36.99
N HIS J 450 3.92 -52.72 -38.03
CA HIS J 450 4.69 -51.47 -37.94
C HIS J 450 3.84 -50.29 -37.48
N VAL J 451 2.52 -50.43 -37.48
CA VAL J 451 1.61 -49.36 -37.15
C VAL J 451 1.07 -49.58 -35.74
N TYR J 452 0.62 -48.50 -35.13
CA TYR J 452 0.08 -48.58 -33.79
C TYR J 452 -1.45 -48.76 -33.75
N ALA J 453 -2.18 -48.10 -34.65
CA ALA J 453 -3.63 -48.30 -34.71
C ALA J 453 -3.98 -49.73 -35.08
N ILE J 454 -3.12 -50.40 -35.86
CA ILE J 454 -3.36 -51.80 -36.20
C ILE J 454 -3.16 -52.69 -34.98
N ARG J 455 -2.35 -52.25 -34.02
CA ARG J 455 -2.18 -53.02 -32.79
C ARG J 455 -3.34 -52.81 -31.82
N GLU J 456 -3.68 -51.55 -31.52
CA GLU J 456 -4.83 -51.29 -30.65
C GLU J 456 -6.05 -52.08 -31.05
N ALA J 457 -6.49 -51.93 -32.30
CA ALA J 457 -7.67 -52.66 -32.75
C ALA J 457 -7.43 -54.15 -32.70
N ALA J 458 -6.19 -54.60 -32.86
CA ALA J 458 -5.87 -56.03 -32.77
C ALA J 458 -6.03 -56.51 -31.33
N THR J 459 -5.38 -55.84 -30.38
CA THR J 459 -5.51 -56.24 -28.99
C THR J 459 -6.92 -55.94 -28.47
N SER J 460 -7.54 -54.86 -28.96
CA SER J 460 -8.93 -54.59 -28.60
C SER J 460 -9.87 -55.65 -29.20
N ASN J 461 -9.47 -56.26 -30.32
CA ASN J 461 -10.24 -57.36 -30.88
C ASN J 461 -10.23 -58.59 -29.99
N LEU J 462 -9.23 -58.72 -29.11
CA LEU J 462 -9.12 -59.93 -28.29
C LEU J 462 -10.13 -59.96 -27.16
N LYS J 463 -10.43 -58.80 -26.55
CA LYS J 463 -11.43 -58.77 -25.49
C LYS J 463 -12.77 -59.29 -25.98
N LYS J 464 -13.21 -58.86 -27.16
CA LYS J 464 -14.46 -59.30 -27.74
C LYS J 464 -14.34 -60.65 -28.46
N LEU J 465 -13.12 -61.18 -28.58
CA LEU J 465 -12.92 -62.50 -29.18
C LEU J 465 -12.94 -63.61 -28.13
N VAL J 466 -12.58 -63.29 -26.89
CA VAL J 466 -12.57 -64.30 -25.83
C VAL J 466 -13.99 -64.62 -25.35
N GLU J 467 -14.89 -63.64 -25.36
CA GLU J 467 -16.25 -63.88 -24.88
C GLU J 467 -17.01 -64.82 -25.81
N LYS J 468 -16.78 -64.70 -27.13
CA LYS J 468 -17.46 -65.58 -28.06
C LYS J 468 -16.87 -66.99 -28.04
N PHE J 469 -15.57 -67.12 -27.78
CA PHE J 469 -14.96 -68.42 -27.57
C PHE J 469 -14.94 -68.73 -26.06
N GLY J 470 -14.09 -69.67 -25.66
CA GLY J 470 -14.00 -70.06 -24.27
C GLY J 470 -12.79 -69.47 -23.57
N LYS J 471 -12.87 -69.44 -22.24
CA LYS J 471 -11.75 -68.93 -21.44
C LYS J 471 -10.59 -69.90 -21.41
N GLU J 472 -10.88 -71.21 -21.41
CA GLU J 472 -9.81 -72.20 -21.35
C GLU J 472 -9.07 -72.29 -22.68
N TRP J 473 -9.78 -72.12 -23.79
CA TRP J 473 -9.15 -72.03 -25.10
C TRP J 473 -8.16 -70.88 -25.20
N ALA J 474 -8.22 -69.91 -24.29
CA ALA J 474 -7.29 -68.79 -24.30
C ALA J 474 -5.97 -69.10 -23.63
N HIS J 475 -5.87 -70.20 -22.88
CA HIS J 475 -4.59 -70.63 -22.32
C HIS J 475 -3.90 -71.68 -23.17
N ALA J 476 -4.58 -72.24 -24.17
CA ALA J 476 -4.01 -73.28 -25.01
C ALA J 476 -3.25 -72.71 -26.22
N THR J 477 -3.88 -71.79 -26.95
CA THR J 477 -3.29 -71.29 -28.19
C THR J 477 -3.22 -69.77 -28.28
N ILE J 478 -3.61 -69.04 -27.25
CA ILE J 478 -3.59 -67.58 -27.30
C ILE J 478 -2.31 -67.05 -26.65
N ILE J 479 -2.18 -67.27 -25.35
CA ILE J 479 -1.12 -66.66 -24.54
C ILE J 479 0.24 -67.29 -24.81
N PRO J 480 0.36 -68.63 -24.96
CA PRO J 480 1.69 -69.20 -25.28
C PRO J 480 2.36 -68.54 -26.48
N LYS J 481 1.61 -68.30 -27.55
CA LYS J 481 2.17 -67.63 -28.72
C LYS J 481 2.29 -66.12 -28.51
N VAL J 482 1.55 -65.55 -27.57
CA VAL J 482 1.61 -64.11 -27.30
C VAL J 482 2.71 -63.78 -26.32
N LEU J 483 2.92 -64.62 -25.30
CA LEU J 483 3.90 -64.31 -24.27
C LEU J 483 5.33 -64.30 -24.80
N ALA J 484 5.56 -64.81 -25.99
CA ALA J 484 6.88 -64.80 -26.62
C ALA J 484 7.22 -63.46 -27.26
N SER J 486 7.75 -60.85 -25.52
CA SER J 486 8.48 -60.14 -24.49
C SER J 486 9.96 -59.98 -24.82
N GLY J 487 10.42 -60.49 -25.95
CA GLY J 487 11.83 -60.40 -26.31
C GLY J 487 12.12 -59.45 -27.45
N ASP J 488 11.07 -58.89 -28.05
CA ASP J 488 11.21 -57.93 -29.13
C ASP J 488 12.13 -56.79 -28.70
N PRO J 489 13.29 -56.62 -29.34
CA PRO J 489 14.24 -55.58 -28.92
C PRO J 489 13.74 -54.17 -29.16
N ASN J 490 12.56 -53.98 -29.74
CA ASN J 490 11.95 -52.68 -29.89
C ASN J 490 10.74 -52.66 -28.97
N TYR J 491 10.77 -51.79 -27.97
CA TYR J 491 9.64 -51.71 -27.04
C TYR J 491 8.31 -51.61 -27.77
N LEU J 492 8.23 -50.73 -28.79
CA LEU J 492 7.04 -50.63 -29.65
C LEU J 492 6.34 -51.98 -29.85
N HIS J 493 7.11 -53.01 -30.19
CA HIS J 493 6.54 -54.34 -30.30
C HIS J 493 6.33 -54.97 -28.92
N ARG J 494 7.28 -54.78 -28.00
CA ARG J 494 7.19 -55.41 -26.69
C ARG J 494 6.13 -54.74 -25.82
N THR J 496 3.30 -54.02 -26.67
CA THR J 496 2.05 -54.72 -26.97
C THR J 496 1.81 -55.84 -25.98
N THR J 497 2.87 -56.58 -25.61
CA THR J 497 2.73 -57.71 -24.70
C THR J 497 1.96 -57.33 -23.45
N LEU J 498 2.23 -56.14 -22.91
CA LEU J 498 1.57 -55.71 -21.68
C LEU J 498 0.17 -55.16 -21.94
N PHE J 499 -0.01 -54.43 -23.04
CA PHE J 499 -1.31 -53.86 -23.35
C PHE J 499 -2.36 -54.95 -23.55
N CYS J 500 -1.95 -56.17 -23.87
CA CYS J 500 -2.87 -57.29 -23.91
C CYS J 500 -3.19 -57.81 -22.51
N ILE J 501 -2.25 -57.65 -21.57
CA ILE J 501 -2.49 -58.06 -20.19
C ILE J 501 -3.62 -57.27 -19.57
N ASN J 502 -4.02 -56.16 -20.20
CA ASN J 502 -5.12 -55.34 -19.69
C ASN J 502 -6.47 -55.74 -20.26
N VAL J 503 -6.50 -56.34 -21.45
CA VAL J 503 -7.73 -56.79 -22.06
C VAL J 503 -7.88 -58.31 -22.01
N LEU J 504 -6.77 -59.04 -22.14
CA LEU J 504 -6.79 -60.49 -21.99
C LEU J 504 -6.73 -60.93 -20.53
N SER J 505 -6.99 -60.03 -19.59
CA SER J 505 -7.09 -60.34 -18.17
C SER J 505 -8.40 -59.90 -17.56
N GLU J 506 -8.94 -58.76 -18.01
CA GLU J 506 -10.19 -58.25 -17.45
C GLU J 506 -11.30 -59.30 -17.56
N VAL J 507 -11.47 -59.88 -18.75
CA VAL J 507 -12.57 -60.80 -18.99
C VAL J 507 -12.11 -62.07 -19.70
N CYS J 508 -10.97 -62.59 -19.29
CA CYS J 508 -10.48 -63.87 -19.80
C CYS J 508 -10.50 -64.99 -18.78
N GLY J 509 -10.39 -64.69 -17.50
CA GLY J 509 -10.36 -65.71 -16.46
C GLY J 509 -9.42 -65.27 -15.37
N GLN J 510 -9.69 -65.72 -14.14
CA GLN J 510 -8.94 -65.29 -12.97
C GLN J 510 -7.80 -66.23 -12.62
N ASP J 511 -8.10 -67.52 -12.42
CA ASP J 511 -7.06 -68.49 -12.10
C ASP J 511 -6.03 -68.62 -13.22
N ILE J 512 -6.39 -68.23 -14.45
CA ILE J 512 -5.44 -68.26 -15.55
C ILE J 512 -4.69 -66.94 -15.70
N THR J 513 -5.16 -65.86 -15.08
CA THR J 513 -4.38 -64.63 -15.02
C THR J 513 -3.12 -64.83 -14.19
N THR J 514 -3.26 -65.43 -13.01
CA THR J 514 -2.13 -65.71 -12.13
C THR J 514 -1.29 -66.87 -12.60
N LYS J 515 -1.72 -67.60 -13.63
CA LYS J 515 -1.11 -68.89 -13.95
C LYS J 515 0.18 -68.71 -14.76
N HIS J 516 0.06 -68.24 -15.99
CA HIS J 516 1.21 -68.05 -16.86
C HIS J 516 1.33 -66.64 -17.41
N LEU J 518 0.63 -63.56 -15.55
CA LEU J 518 1.19 -62.63 -14.56
C LEU J 518 2.70 -62.79 -14.39
N PRO J 519 3.25 -64.02 -14.22
CA PRO J 519 4.69 -64.15 -13.90
C PRO J 519 5.63 -63.42 -14.86
N THR J 520 5.17 -63.13 -16.07
CA THR J 520 6.00 -62.34 -16.99
C THR J 520 5.86 -60.85 -16.75
N VAL J 521 4.70 -60.40 -16.25
CA VAL J 521 4.49 -58.99 -15.97
C VAL J 521 5.41 -58.53 -14.83
N LEU J 522 5.82 -59.47 -13.98
CA LEU J 522 6.60 -59.14 -12.80
C LEU J 522 8.08 -58.97 -13.13
N ARG J 523 8.62 -59.83 -14.00
CA ARG J 523 10.02 -59.75 -14.35
C ARG J 523 10.35 -58.56 -15.24
N ALA J 525 9.53 -55.40 -14.94
CA ALA J 525 9.66 -54.11 -14.26
C ALA J 525 11.11 -53.68 -14.08
N GLY J 526 12.05 -54.50 -14.55
CA GLY J 526 13.45 -54.12 -14.58
C GLY J 526 13.93 -53.98 -16.01
N ASP J 527 13.05 -53.46 -16.86
CA ASP J 527 13.33 -53.38 -18.29
C ASP J 527 14.47 -52.40 -18.54
N PRO J 528 15.42 -52.75 -19.42
CA PRO J 528 16.46 -51.77 -19.79
C PRO J 528 15.89 -50.50 -20.41
N VAL J 529 14.84 -50.62 -21.21
CA VAL J 529 14.18 -49.45 -21.81
C VAL J 529 13.06 -49.01 -20.88
N ALA J 530 13.11 -47.74 -20.46
CA ALA J 530 12.27 -47.28 -19.35
C ALA J 530 10.79 -47.25 -19.70
N ASN J 531 10.44 -47.06 -20.97
CA ASN J 531 9.03 -46.95 -21.37
C ASN J 531 8.22 -48.13 -20.83
N VAL J 532 8.76 -49.34 -20.98
CA VAL J 532 8.08 -50.54 -20.51
C VAL J 532 8.08 -50.61 -18.98
N ARG J 533 8.97 -49.87 -18.33
CA ARG J 533 9.13 -50.00 -16.89
C ARG J 533 8.00 -49.32 -16.13
N PHE J 534 7.59 -48.12 -16.56
CA PHE J 534 6.51 -47.40 -15.89
C PHE J 534 5.14 -47.70 -16.46
N ASN J 535 5.06 -48.12 -17.73
CA ASN J 535 3.79 -48.61 -18.25
C ASN J 535 3.37 -49.92 -17.58
N VAL J 536 4.35 -50.71 -17.13
CA VAL J 536 4.07 -51.86 -16.26
C VAL J 536 3.31 -51.39 -15.02
N ALA J 537 3.81 -50.33 -14.39
CA ALA J 537 3.20 -49.78 -13.18
C ALA J 537 1.74 -49.49 -13.43
N LYS J 538 1.40 -49.08 -14.65
CA LYS J 538 -0.02 -48.95 -14.99
C LYS J 538 -0.65 -50.32 -15.20
N SER J 539 0.07 -51.25 -15.83
CA SER J 539 -0.47 -52.57 -16.10
C SER J 539 -0.91 -53.28 -14.84
N LEU J 540 -0.30 -52.98 -13.70
CA LEU J 540 -0.75 -53.53 -12.42
C LEU J 540 -1.94 -52.78 -11.85
N GLN J 541 -2.19 -51.54 -12.26
CA GLN J 541 -3.29 -50.79 -11.66
C GLN J 541 -4.64 -51.30 -12.15
N LYS J 542 -4.70 -51.76 -13.41
CA LYS J 542 -5.96 -52.21 -13.99
C LYS J 542 -6.31 -53.63 -13.60
N ILE J 543 -5.37 -54.40 -13.03
CA ILE J 543 -5.62 -55.79 -12.68
C ILE J 543 -5.56 -55.97 -11.17
N GLY J 544 -6.01 -54.97 -10.42
CA GLY J 544 -6.01 -55.03 -8.98
C GLY J 544 -6.98 -56.06 -8.44
N PRO J 545 -8.29 -55.79 -8.60
CA PRO J 545 -9.29 -56.73 -8.07
C PRO J 545 -9.26 -58.10 -8.74
N ILE J 546 -8.79 -58.20 -9.98
CA ILE J 546 -8.79 -59.47 -10.71
C ILE J 546 -7.91 -60.49 -10.00
N LEU J 547 -6.62 -60.18 -9.88
CA LEU J 547 -5.64 -61.00 -9.18
C LEU J 547 -6.24 -61.63 -7.93
N ASP J 548 -6.07 -62.95 -7.76
CA ASP J 548 -6.73 -63.88 -6.82
C ASP J 548 -8.25 -63.73 -6.85
N ASN J 549 -6.25 -59.99 -3.11
CA ASN J 549 -5.39 -59.62 -1.99
C ASN J 549 -4.29 -60.66 -1.75
N SER J 550 -4.70 -61.93 -1.71
CA SER J 550 -3.79 -63.01 -1.33
C SER J 550 -2.51 -62.97 -2.15
N THR J 551 -2.64 -62.97 -3.48
CA THR J 551 -1.48 -62.92 -4.36
C THR J 551 -0.99 -61.51 -4.61
N LEU J 552 -1.71 -60.50 -4.12
CA LEU J 552 -1.30 -59.11 -4.31
C LEU J 552 -0.16 -58.74 -3.36
N GLN J 553 -0.42 -58.79 -2.06
CA GLN J 553 0.56 -58.42 -1.04
C GLN J 553 1.73 -59.39 -0.94
N SER J 554 1.89 -60.34 -1.87
CA SER J 554 2.95 -61.32 -1.77
C SER J 554 3.76 -61.41 -3.06
N GLU J 555 3.09 -61.20 -4.20
CA GLU J 555 3.75 -61.41 -5.49
C GLU J 555 3.62 -60.21 -6.43
N VAL J 556 2.49 -59.52 -6.39
CA VAL J 556 2.20 -58.43 -7.33
C VAL J 556 2.55 -57.08 -6.73
N LYS J 557 2.05 -56.80 -5.53
CA LYS J 557 2.23 -55.50 -4.87
C LYS J 557 3.67 -55.24 -4.42
N PRO J 558 4.43 -56.25 -3.97
CA PRO J 558 5.84 -55.97 -3.60
C PRO J 558 6.65 -55.26 -4.67
N ILE J 559 6.28 -55.42 -5.95
CA ILE J 559 7.05 -54.79 -7.02
C ILE J 559 6.81 -53.28 -7.03
N LEU J 560 5.55 -52.86 -6.95
CA LEU J 560 5.22 -51.44 -7.03
C LEU J 560 5.91 -50.61 -5.95
N GLU J 561 6.51 -51.25 -4.96
CA GLU J 561 7.32 -50.52 -3.98
C GLU J 561 8.70 -50.19 -4.52
N LYS J 562 9.35 -51.15 -5.19
CA LYS J 562 10.68 -50.90 -5.73
C LYS J 562 10.64 -50.01 -6.96
N LEU J 563 9.51 -49.97 -7.66
CA LEU J 563 9.43 -49.16 -8.88
C LEU J 563 9.36 -47.68 -8.57
N THR J 564 8.68 -47.32 -7.48
CA THR J 564 8.66 -45.91 -7.06
C THR J 564 10.07 -45.38 -6.86
N GLN J 565 10.96 -46.21 -6.33
CA GLN J 565 12.36 -45.84 -6.09
C GLN J 565 13.19 -46.17 -7.33
N ASP J 566 12.88 -45.46 -8.42
CA ASP J 566 13.57 -45.61 -9.69
C ASP J 566 14.21 -44.27 -10.07
N GLN J 567 14.73 -44.20 -11.30
CA GLN J 567 15.48 -43.04 -11.77
C GLN J 567 14.64 -42.12 -12.67
N ASP J 568 14.13 -42.63 -13.77
CA ASP J 568 13.33 -41.80 -14.66
C ASP J 568 12.04 -41.38 -13.96
N VAL J 569 11.72 -40.10 -14.06
CA VAL J 569 10.69 -39.48 -13.23
C VAL J 569 9.31 -40.10 -13.44
N ASP J 570 9.12 -40.86 -14.52
CA ASP J 570 7.81 -41.46 -14.77
C ASP J 570 7.47 -42.52 -13.73
N VAL J 571 8.35 -43.51 -13.58
CA VAL J 571 8.08 -44.64 -12.67
C VAL J 571 7.82 -44.13 -11.26
N LYS J 572 8.47 -43.04 -10.87
CA LYS J 572 8.22 -42.46 -9.55
C LYS J 572 6.76 -42.08 -9.39
N TYR J 573 6.23 -41.26 -10.30
CA TYR J 573 4.87 -40.76 -10.15
C TYR J 573 3.84 -41.87 -10.37
N PHE J 574 3.89 -42.51 -11.54
CA PHE J 574 2.82 -43.43 -11.92
C PHE J 574 2.79 -44.70 -11.07
N ALA J 575 3.90 -45.08 -10.44
CA ALA J 575 3.86 -46.23 -9.55
C ALA J 575 3.23 -45.87 -8.21
N GLN J 576 3.50 -44.66 -7.71
CA GLN J 576 2.77 -44.14 -6.55
C GLN J 576 1.26 -44.22 -6.79
N GLU J 577 0.83 -43.90 -8.00
CA GLU J 577 -0.58 -44.03 -8.36
C GLU J 577 -1.03 -45.49 -8.24
N ALA J 578 -0.29 -46.41 -8.86
CA ALA J 578 -0.66 -47.82 -8.83
C ALA J 578 -0.65 -48.39 -7.41
N LEU J 579 0.10 -47.78 -6.50
CA LEU J 579 0.16 -48.25 -5.13
C LEU J 579 -1.04 -47.77 -4.31
N THR J 580 -1.68 -46.68 -4.71
CA THR J 580 -2.72 -46.08 -3.87
C THR J 580 -4.09 -46.72 -4.09
N VAL J 581 -4.38 -47.22 -5.30
CA VAL J 581 -5.71 -47.78 -5.57
C VAL J 581 -5.87 -49.10 -4.83
N ASP K 4 -29.55 3.70 -41.23
CA ASP K 4 -28.95 5.02 -41.11
C ASP K 4 -27.91 5.04 -39.99
N PHE K 5 -26.82 5.77 -40.20
CA PHE K 5 -25.74 5.84 -39.21
C PHE K 5 -24.81 7.01 -39.51
N SER K 6 -24.54 7.83 -38.50
CA SER K 6 -23.70 9.01 -38.65
C SER K 6 -22.48 8.89 -37.74
N PHE K 7 -21.30 8.88 -38.33
CA PHE K 7 -20.04 8.84 -37.59
C PHE K 7 -19.09 9.87 -38.19
N GLY K 8 -18.64 10.81 -37.36
CA GLY K 8 -17.80 11.89 -37.80
C GLY K 8 -18.44 12.67 -38.93
N PRO K 9 -17.65 13.04 -39.94
CA PRO K 9 -18.21 13.70 -41.12
C PRO K 9 -18.87 12.75 -42.11
N TRP K 10 -18.75 11.44 -41.90
CA TRP K 10 -19.31 10.46 -42.81
C TRP K 10 -20.77 10.16 -42.45
N LYS K 11 -21.56 9.83 -43.47
CA LYS K 11 -22.97 9.50 -43.31
C LYS K 11 -23.23 8.17 -44.01
N LEU K 12 -23.09 7.08 -43.28
CA LEU K 12 -23.31 5.74 -43.80
C LEU K 12 -24.77 5.38 -43.53
N THR K 13 -25.58 5.33 -44.59
CA THR K 13 -26.96 4.86 -44.50
C THR K 13 -27.08 3.56 -45.26
N ALA K 14 -27.86 2.62 -44.71
CA ALA K 14 -27.97 1.30 -45.29
C ALA K 14 -29.44 0.91 -45.42
N SER K 15 -29.74 0.18 -46.48
CA SER K 15 -31.05 -0.42 -46.70
C SER K 15 -30.84 -1.88 -47.07
N LYS K 16 -31.65 -2.75 -46.48
CA LYS K 16 -31.53 -4.19 -46.73
C LYS K 16 -32.94 -4.77 -46.65
N THR K 17 -33.55 -5.02 -47.81
CA THR K 17 -34.94 -5.41 -47.82
C THR K 17 -35.19 -6.34 -49.01
N HIS K 18 -36.45 -6.42 -49.43
CA HIS K 18 -36.92 -7.45 -50.33
C HIS K 18 -36.27 -7.40 -51.70
N ILE K 19 -36.21 -8.57 -52.35
CA ILE K 19 -36.11 -8.63 -53.80
C ILE K 19 -37.30 -7.88 -54.40
N MET K 20 -37.05 -7.21 -55.53
CA MET K 20 -38.12 -6.53 -56.24
C MET K 20 -39.13 -7.54 -56.80
N LYS K 21 -40.37 -7.07 -56.95
CA LYS K 21 -41.49 -7.97 -57.22
C LYS K 21 -41.39 -8.59 -58.62
N SER K 22 -42.37 -9.43 -58.93
CA SER K 22 -42.39 -10.15 -60.19
C SER K 22 -42.90 -9.27 -61.32
N ALA K 23 -42.37 -9.49 -62.53
CA ALA K 23 -42.73 -8.75 -63.74
C ALA K 23 -42.28 -7.30 -63.68
N ASP K 24 -41.85 -6.84 -62.50
CA ASP K 24 -41.11 -5.58 -62.42
C ASP K 24 -39.66 -5.78 -62.78
N VAL K 25 -39.16 -7.01 -62.66
CA VAL K 25 -37.81 -7.35 -63.10
C VAL K 25 -37.74 -7.39 -64.63
N GLU K 26 -38.83 -7.79 -65.29
CA GLU K 26 -38.85 -7.85 -66.74
C GLU K 26 -38.53 -6.49 -67.37
N LYS K 27 -39.03 -5.41 -66.76
CA LYS K 27 -38.77 -4.07 -67.28
C LYS K 27 -37.29 -3.71 -67.17
N LEU K 28 -36.73 -3.84 -65.97
CA LEU K 28 -35.32 -3.49 -65.77
C LEU K 28 -34.42 -4.32 -66.67
N ALA K 29 -34.88 -5.49 -67.09
CA ALA K 29 -34.12 -6.31 -68.04
C ALA K 29 -33.97 -5.58 -69.37
N ASP K 30 -35.10 -5.17 -69.96
CA ASP K 30 -35.05 -4.49 -71.25
C ASP K 30 -34.33 -3.14 -71.12
N GLU K 31 -34.53 -2.45 -70.00
CA GLU K 31 -33.83 -1.19 -69.76
C GLU K 31 -32.32 -1.36 -69.80
N LEU K 32 -31.81 -2.57 -69.59
CA LEU K 32 -30.37 -2.83 -69.57
C LEU K 32 -29.91 -3.67 -70.74
N HIS K 33 -30.75 -3.86 -71.75
CA HIS K 33 -30.41 -4.63 -72.95
C HIS K 33 -29.86 -6.01 -72.59
N MET K 34 -30.50 -6.67 -71.63
CA MET K 34 -30.02 -7.93 -71.10
C MET K 34 -31.16 -8.93 -71.08
N PRO K 35 -30.94 -10.18 -71.52
CA PRO K 35 -32.05 -11.14 -71.63
C PRO K 35 -32.66 -11.54 -70.30
N SER K 36 -31.84 -12.10 -69.40
CA SER K 36 -32.32 -12.56 -68.11
C SER K 36 -31.31 -12.19 -67.03
N LEU K 37 -31.83 -11.88 -65.85
CA LEU K 37 -31.06 -11.41 -64.71
C LEU K 37 -31.44 -12.29 -63.51
N PRO K 38 -30.65 -12.26 -62.43
CA PRO K 38 -30.71 -13.37 -61.46
C PRO K 38 -32.08 -13.51 -60.82
N GLU K 39 -32.32 -14.72 -60.30
CA GLU K 39 -33.56 -15.03 -59.60
C GLU K 39 -33.84 -14.02 -58.49
N MET K 40 -32.93 -13.93 -57.53
CA MET K 40 -33.05 -12.99 -56.42
C MET K 40 -32.14 -11.80 -56.73
N MET K 41 -32.70 -10.79 -57.39
CA MET K 41 -31.96 -9.60 -57.76
C MET K 41 -32.49 -8.48 -56.85
N PHE K 42 -31.84 -8.31 -55.70
CA PHE K 42 -32.30 -7.34 -54.71
C PHE K 42 -32.23 -5.92 -55.27
N GLY K 43 -33.27 -5.14 -55.02
CA GLY K 43 -33.36 -3.83 -55.61
C GLY K 43 -33.03 -2.68 -54.67
N ASP K 44 -34.06 -2.10 -54.07
CA ASP K 44 -33.92 -0.90 -53.26
C ASP K 44 -33.18 -1.23 -51.97
N ASN K 45 -31.87 -1.44 -52.10
CA ASN K 45 -31.02 -1.71 -50.94
C ASN K 45 -29.54 -1.47 -51.23
N VAL K 46 -28.98 -0.42 -50.61
CA VAL K 46 -27.57 -0.06 -50.77
C VAL K 46 -27.04 0.49 -49.46
N LEU K 47 -25.72 0.38 -49.28
CA LEU K 47 -25.05 1.11 -48.21
C LEU K 47 -24.44 2.36 -48.82
N ARG K 48 -25.18 3.46 -48.78
CA ARG K 48 -24.66 4.71 -49.30
C ARG K 48 -23.65 5.30 -48.33
N ILE K 49 -22.63 5.96 -48.90
CA ILE K 49 -21.63 6.64 -48.08
C ILE K 49 -21.59 8.08 -48.54
N GLN K 50 -22.53 8.90 -48.05
CA GLN K 50 -22.48 10.31 -48.34
C GLN K 50 -21.45 10.97 -47.43
N HIS K 51 -20.98 12.13 -47.86
CA HIS K 51 -20.07 12.94 -47.07
C HIS K 51 -20.73 14.30 -46.86
N GLY K 52 -20.44 14.92 -45.71
CA GLY K 52 -21.08 16.19 -45.38
C GLY K 52 -20.98 17.22 -46.48
N SER K 53 -19.81 17.31 -47.13
CA SER K 53 -19.66 18.20 -48.27
C SER K 53 -20.60 17.80 -49.40
N GLY K 54 -20.52 16.56 -49.85
CA GLY K 54 -21.44 16.10 -50.88
C GLY K 54 -21.07 14.78 -51.52
N PHE K 55 -19.84 14.69 -52.03
CA PHE K 55 -19.37 13.52 -52.76
C PHE K 55 -19.57 12.24 -51.94
N GLY K 56 -19.74 11.13 -52.65
CA GLY K 56 -19.89 9.85 -51.98
C GLY K 56 -19.65 8.71 -52.94
N ILE K 57 -19.62 7.51 -52.37
CA ILE K 57 -19.56 6.28 -53.14
C ILE K 57 -20.79 5.45 -52.83
N GLU K 58 -21.18 4.61 -53.78
CA GLU K 58 -22.33 3.73 -53.63
C GLU K 58 -21.96 2.30 -53.96
N PHE K 59 -22.87 1.39 -53.61
CA PHE K 59 -22.73 -0.01 -53.96
C PHE K 59 -24.13 -0.57 -54.18
N ASN K 60 -24.50 -0.72 -55.45
CA ASN K 60 -25.83 -1.08 -55.86
C ASN K 60 -25.76 -2.31 -56.76
N ALA K 61 -26.90 -2.95 -56.96
CA ALA K 61 -26.97 -4.10 -57.87
C ALA K 61 -27.39 -3.70 -59.26
N THR K 62 -28.23 -2.65 -59.38
CA THR K 62 -28.74 -2.23 -60.68
C THR K 62 -27.59 -1.97 -61.66
N ASP K 63 -26.68 -1.07 -61.29
CA ASP K 63 -25.53 -0.78 -62.15
C ASP K 63 -24.50 -1.91 -62.09
N ALA K 64 -24.49 -2.71 -61.02
CA ALA K 64 -23.54 -3.81 -60.93
C ALA K 64 -23.74 -4.82 -62.06
N LEU K 65 -24.99 -5.08 -62.41
CA LEU K 65 -25.30 -5.98 -63.52
C LEU K 65 -25.06 -5.34 -64.87
N ARG K 66 -24.63 -4.08 -64.90
CA ARG K 66 -24.34 -3.38 -66.15
C ARG K 66 -22.91 -3.60 -66.62
N CYS K 67 -22.04 -4.14 -65.77
CA CYS K 67 -20.64 -4.40 -66.10
C CYS K 67 -20.41 -5.82 -66.58
N VAL K 68 -21.47 -6.55 -66.92
CA VAL K 68 -21.35 -7.88 -67.48
C VAL K 68 -21.28 -7.72 -69.00
N ASN K 69 -20.08 -7.83 -69.55
CA ASN K 69 -19.87 -7.62 -70.98
C ASN K 69 -20.80 -8.52 -71.78
N ASN K 70 -21.10 -8.08 -73.01
CA ASN K 70 -22.07 -8.73 -73.88
C ASN K 70 -23.46 -8.69 -73.25
N ASP K 101 -24.41 -13.42 -71.83
CA ASP K 101 -23.75 -14.17 -70.78
C ASP K 101 -24.74 -14.57 -69.70
N TRP K 102 -24.39 -15.61 -68.94
CA TRP K 102 -25.24 -16.12 -67.87
C TRP K 102 -24.49 -16.33 -66.57
N THR K 103 -23.21 -15.97 -66.50
CA THR K 103 -22.40 -16.17 -65.32
C THR K 103 -22.47 -14.98 -64.36
N TYR K 104 -22.87 -13.81 -64.86
CA TYR K 104 -23.03 -12.58 -64.08
C TYR K 104 -21.69 -12.07 -63.54
N THR K 105 -20.61 -12.32 -64.27
CA THR K 105 -19.29 -11.82 -63.89
C THR K 105 -19.27 -10.31 -64.01
N THR K 106 -19.21 -9.61 -62.89
CA THR K 106 -19.22 -8.15 -62.88
C THR K 106 -17.88 -7.61 -62.41
N ASP K 107 -17.36 -6.62 -63.12
CA ASP K 107 -16.21 -5.86 -62.68
C ASP K 107 -16.58 -4.67 -61.82
N TYR K 108 -17.87 -4.48 -61.54
CA TYR K 108 -18.34 -3.33 -60.77
C TYR K 108 -17.59 -3.20 -59.45
N LYS K 109 -17.03 -2.01 -59.22
CA LYS K 109 -16.27 -1.72 -58.01
C LYS K 109 -16.86 -0.55 -57.22
N GLY K 110 -18.12 -0.20 -57.49
CA GLY K 110 -18.75 0.88 -56.76
C GLY K 110 -19.21 2.02 -57.65
N THR K 111 -20.33 2.66 -57.28
CA THR K 111 -20.86 3.81 -58.01
C THR K 111 -20.46 5.08 -57.25
N LEU K 112 -19.61 5.90 -57.87
CA LEU K 112 -19.14 7.13 -57.26
C LEU K 112 -20.22 8.20 -57.34
N LEU K 113 -20.68 8.66 -56.19
CA LEU K 113 -21.70 9.69 -56.15
C LEU K 113 -21.07 11.08 -56.17
N GLY K 114 -21.93 12.10 -56.27
CA GLY K 114 -21.49 13.47 -56.30
C GLY K 114 -21.64 14.10 -57.68
N GLU K 115 -22.72 14.85 -57.89
CA GLU K 115 -22.97 15.45 -59.19
C GLU K 115 -22.01 16.60 -59.48
N SER K 116 -21.54 17.30 -58.45
CA SER K 116 -20.63 18.42 -58.61
C SER K 116 -19.24 18.08 -58.07
N LEU K 117 -19.15 17.73 -56.78
CA LEU K 117 -17.91 17.28 -56.18
C LEU K 117 -17.91 15.75 -56.19
N LYS K 118 -16.87 15.16 -56.79
CA LYS K 118 -16.74 13.71 -56.84
C LYS K 118 -15.28 13.33 -56.61
N LEU K 119 -15.07 12.05 -56.32
CA LEU K 119 -13.73 11.54 -56.12
C LEU K 119 -13.04 11.30 -57.46
N LYS K 120 -11.71 11.34 -57.43
CA LYS K 120 -10.89 11.15 -58.62
C LYS K 120 -10.12 9.85 -58.46
N VAL K 121 -10.46 8.86 -59.28
CA VAL K 121 -9.79 7.56 -59.23
C VAL K 121 -8.41 7.69 -59.87
N VAL K 122 -7.39 7.26 -59.16
CA VAL K 122 -6.01 7.42 -59.60
C VAL K 122 -5.23 6.14 -59.34
N PRO K 123 -4.44 5.65 -60.29
CA PRO K 123 -3.60 4.47 -60.02
C PRO K 123 -2.47 4.81 -59.06
N THR K 124 -2.28 3.94 -58.06
CA THR K 124 -1.23 4.15 -57.07
C THR K 124 -0.57 2.82 -56.75
N THR K 125 0.68 2.89 -56.30
CA THR K 125 1.44 1.69 -55.95
C THR K 125 1.30 1.28 -54.50
N ASP K 126 0.91 2.20 -53.62
CA ASP K 126 0.77 1.86 -52.20
C ASP K 126 -0.42 0.92 -52.01
N HIS K 127 -0.21 -0.12 -51.22
CA HIS K 127 -1.23 -1.12 -50.95
C HIS K 127 -1.96 -0.79 -49.67
N ILE K 128 -2.98 -1.59 -49.37
CA ILE K 128 -3.71 -1.43 -48.11
C ILE K 128 -2.81 -1.89 -46.97
N ASP K 129 -2.73 -1.07 -45.92
CA ASP K 129 -1.97 -1.46 -44.74
C ASP K 129 -2.69 -2.57 -44.00
N THR K 130 -2.67 -3.78 -44.58
CA THR K 130 -3.41 -4.91 -44.02
C THR K 130 -3.03 -5.20 -42.57
N GLU K 131 -1.83 -4.78 -42.15
CA GLU K 131 -1.42 -4.94 -40.76
C GLU K 131 -2.28 -4.13 -39.80
N LYS K 132 -2.93 -3.06 -40.28
CA LYS K 132 -3.65 -2.16 -39.38
C LYS K 132 -5.03 -2.70 -39.04
N LEU K 133 -5.90 -2.85 -40.05
CA LEU K 133 -7.29 -3.20 -39.81
C LEU K 133 -7.47 -4.61 -39.25
N LYS K 134 -6.41 -5.43 -39.22
CA LYS K 134 -6.52 -6.76 -38.63
C LYS K 134 -6.53 -6.74 -37.10
N ALA K 135 -6.39 -5.56 -36.49
CA ALA K 135 -6.36 -5.45 -35.04
C ALA K 135 -7.77 -5.24 -34.48
N ARG K 136 -7.99 -5.77 -33.28
CA ARG K 136 -9.26 -5.59 -32.60
C ARG K 136 -9.48 -4.13 -32.25
N GLU K 137 -10.62 -3.59 -32.65
CA GLU K 137 -10.98 -2.21 -32.40
C GLU K 137 -12.47 -2.12 -32.12
N GLN K 138 -12.88 -1.01 -31.51
CA GLN K 138 -14.29 -0.77 -31.22
C GLN K 138 -15.07 -0.66 -32.53
N ILE K 139 -15.85 -1.69 -32.84
CA ILE K 139 -16.70 -1.68 -34.03
C ILE K 139 -17.95 -0.82 -33.84
N LYS K 140 -17.78 0.50 -34.01
CA LYS K 140 -18.88 1.44 -33.76
C LYS K 140 -20.09 1.16 -34.64
N PHE K 141 -19.91 0.43 -35.75
CA PHE K 141 -21.01 0.01 -36.60
C PHE K 141 -20.49 -0.96 -37.64
N PHE K 142 -21.36 -1.87 -38.08
CA PHE K 142 -21.06 -2.77 -39.19
C PHE K 142 -22.35 -3.41 -39.65
N GLU K 143 -22.52 -3.51 -40.97
CA GLU K 143 -23.70 -4.14 -41.55
C GLU K 143 -23.29 -4.82 -42.86
N GLU K 144 -24.19 -5.68 -43.32
CA GLU K 144 -24.03 -6.39 -44.59
C GLU K 144 -25.28 -6.18 -45.42
N VAL K 145 -25.11 -6.07 -46.74
CA VAL K 145 -26.25 -5.91 -47.64
C VAL K 145 -26.07 -6.85 -48.83
N LEU K 146 -27.16 -7.49 -49.23
CA LEU K 146 -27.19 -8.46 -50.31
C LEU K 146 -27.71 -7.80 -51.58
N LEU K 147 -27.03 -8.03 -52.70
CA LEU K 147 -27.34 -7.33 -53.94
C LEU K 147 -28.03 -8.21 -54.98
N PHE K 148 -27.48 -9.39 -55.27
CA PHE K 148 -28.17 -10.33 -56.14
C PHE K 148 -27.61 -11.73 -55.90
N GLU K 149 -28.37 -12.73 -56.35
CA GLU K 149 -27.95 -14.12 -56.22
C GLU K 149 -28.73 -14.97 -57.23
N ASP K 150 -28.03 -15.88 -57.91
CA ASP K 150 -28.66 -16.80 -58.84
C ASP K 150 -28.06 -18.18 -58.65
N GLU K 151 -28.85 -19.22 -58.97
CA GLU K 151 -28.43 -20.59 -58.81
C GLU K 151 -27.84 -21.20 -60.09
N LEU K 152 -28.01 -20.55 -61.24
CA LEU K 152 -27.48 -21.00 -62.52
C LEU K 152 -27.97 -22.41 -62.86
N HIS K 153 -29.30 -22.53 -62.96
CA HIS K 153 -29.95 -23.77 -63.37
C HIS K 153 -29.52 -24.95 -62.50
N ASP K 154 -29.26 -24.67 -61.22
CA ASP K 154 -28.83 -25.69 -60.25
C ASP K 154 -27.48 -26.30 -60.61
N HIS K 155 -26.64 -25.54 -61.30
CA HIS K 155 -25.29 -25.97 -61.64
C HIS K 155 -24.23 -25.22 -60.84
N GLY K 156 -24.63 -24.33 -59.95
CA GLY K 156 -23.66 -23.58 -59.15
C GLY K 156 -24.34 -22.52 -58.32
N VAL K 157 -23.63 -21.41 -58.12
CA VAL K 157 -24.19 -20.25 -57.43
C VAL K 157 -23.42 -19.02 -57.86
N SER K 158 -24.11 -17.88 -57.88
CA SER K 158 -23.49 -16.59 -58.18
C SER K 158 -24.23 -15.53 -57.38
N SER K 159 -23.48 -14.77 -56.58
CA SER K 159 -24.10 -13.75 -55.74
C SER K 159 -23.12 -12.61 -55.52
N LEU K 160 -23.66 -11.41 -55.38
CA LEU K 160 -22.89 -10.21 -55.05
C LEU K 160 -23.34 -9.71 -53.68
N SER K 161 -22.41 -9.68 -52.74
CA SER K 161 -22.65 -9.17 -51.40
C SER K 161 -21.49 -8.30 -50.99
N VAL K 162 -21.77 -7.36 -50.08
CA VAL K 162 -20.79 -6.38 -49.63
C VAL K 162 -20.97 -6.16 -48.13
N LYS K 163 -19.84 -6.02 -47.43
CA LYS K 163 -19.83 -5.82 -45.98
C LYS K 163 -18.98 -4.59 -45.67
N ILE K 164 -19.36 -3.87 -44.62
CA ILE K 164 -18.60 -2.71 -44.18
C ILE K 164 -18.47 -2.76 -42.66
N ARG K 165 -17.27 -2.44 -42.17
CA ARG K 165 -16.98 -2.40 -40.74
C ARG K 165 -16.36 -1.05 -40.42
N VAL K 166 -16.87 -0.39 -39.38
CA VAL K 166 -16.46 0.95 -39.01
C VAL K 166 -15.63 0.87 -37.74
N MET K 167 -14.61 1.71 -37.67
CA MET K 167 -13.71 1.83 -36.53
C MET K 167 -13.73 3.25 -36.01
N PRO K 168 -13.19 3.49 -34.81
CA PRO K 168 -13.07 4.88 -34.34
C PRO K 168 -12.24 5.75 -35.25
N SER K 169 -11.21 5.20 -35.89
CA SER K 169 -10.31 5.97 -36.74
C SER K 169 -10.14 5.34 -38.11
N SER K 170 -11.19 4.71 -38.63
CA SER K 170 -11.19 4.13 -39.97
C SER K 170 -12.55 3.51 -40.24
N PHE K 171 -12.80 3.26 -41.52
CA PHE K 171 -13.93 2.44 -41.95
C PHE K 171 -13.47 1.61 -43.14
N PHE K 172 -13.80 0.32 -43.13
CA PHE K 172 -13.36 -0.61 -44.16
C PHE K 172 -14.56 -1.33 -44.75
N LEU K 173 -14.44 -1.65 -46.04
CA LEU K 173 -15.54 -2.23 -46.80
C LEU K 173 -15.00 -3.25 -47.79
N LEU K 174 -15.82 -4.24 -48.11
CA LEU K 174 -15.46 -5.31 -49.04
C LEU K 174 -16.67 -5.70 -49.88
N LEU K 175 -16.59 -5.49 -51.19
CA LEU K 175 -17.59 -5.99 -52.13
C LEU K 175 -17.01 -7.20 -52.86
N ARG K 176 -17.75 -8.30 -52.85
CA ARG K 176 -17.26 -9.56 -53.38
C ARG K 176 -18.35 -10.23 -54.20
N PHE K 177 -18.00 -10.68 -55.41
CA PHE K 177 -18.88 -11.45 -56.27
C PHE K 177 -18.36 -12.89 -56.31
N PHE K 178 -19.14 -13.81 -55.76
CA PHE K 178 -18.78 -15.22 -55.73
C PHE K 178 -19.42 -15.91 -56.94
N LEU K 179 -18.62 -16.69 -57.66
CA LEU K 179 -19.10 -17.50 -58.77
C LEU K 179 -18.51 -18.89 -58.62
N ARG K 180 -19.34 -19.86 -58.23
CA ARG K 180 -18.92 -21.25 -58.08
C ARG K 180 -19.74 -22.09 -59.03
N ILE K 181 -19.12 -22.59 -60.10
CA ILE K 181 -19.75 -23.53 -61.01
C ILE K 181 -19.23 -24.93 -60.68
N ASP K 182 -20.14 -25.81 -60.28
CA ASP K 182 -19.75 -27.11 -59.75
C ASP K 182 -19.01 -27.93 -60.81
N GLY K 183 -17.80 -28.38 -60.45
CA GLY K 183 -17.05 -29.26 -61.32
C GLY K 183 -16.57 -28.65 -62.60
N VAL K 184 -16.54 -27.33 -62.71
CA VAL K 184 -16.02 -26.66 -63.89
C VAL K 184 -14.97 -25.63 -63.47
N LEU K 185 -15.38 -24.64 -62.69
CA LEU K 185 -14.49 -23.60 -62.22
C LEU K 185 -15.22 -22.80 -61.15
N ILE K 186 -14.44 -22.06 -60.36
CA ILE K 186 -14.99 -21.11 -59.38
C ILE K 186 -14.15 -19.85 -59.43
N ARG K 187 -14.80 -18.69 -59.28
CA ARG K 187 -14.14 -17.41 -59.47
C ARG K 187 -14.65 -16.39 -58.46
N MET K 188 -13.74 -15.54 -57.98
CA MET K 188 -14.05 -14.52 -56.99
C MET K 188 -13.57 -13.16 -57.48
N ASN K 189 -14.35 -12.12 -57.19
CA ASN K 189 -14.03 -10.74 -57.54
C ASN K 189 -14.18 -9.87 -56.29
N ASP K 190 -13.12 -9.77 -55.51
CA ASP K 190 -13.13 -8.93 -54.31
C ASP K 190 -12.99 -7.47 -54.70
N THR K 191 -13.49 -6.59 -53.84
CA THR K 191 -13.37 -5.15 -54.03
C THR K 191 -13.31 -4.50 -52.65
N ARG K 192 -12.12 -4.11 -52.22
CA ARG K 192 -11.90 -3.61 -50.87
C ARG K 192 -11.74 -2.10 -50.88
N LEU K 193 -12.39 -1.44 -49.92
CA LEU K 193 -12.38 0.01 -49.80
C LEU K 193 -11.97 0.39 -48.38
N TYR K 194 -10.78 0.96 -48.24
CA TYR K 194 -10.24 1.37 -46.95
C TYR K 194 -10.01 2.87 -46.96
N HIS K 195 -10.46 3.55 -45.91
CA HIS K 195 -10.19 4.97 -45.72
C HIS K 195 -9.65 5.17 -44.30
N GLU K 196 -8.41 5.63 -44.21
CA GLU K 196 -7.85 5.99 -42.92
C GLU K 196 -8.42 7.32 -42.46
N ALA K 197 -8.57 7.46 -41.14
CA ALA K 197 -9.28 8.59 -40.54
C ALA K 197 -8.71 9.92 -41.00
N ASP K 198 -9.59 10.77 -41.52
CA ASP K 198 -9.27 12.16 -41.86
C ASP K 198 -7.98 12.24 -42.68
N LYS K 199 -8.00 11.54 -43.81
CA LYS K 199 -6.79 11.35 -44.61
C LYS K 199 -7.03 11.60 -46.09
N THR K 200 -7.98 12.50 -46.42
CA THR K 200 -8.17 13.04 -47.76
C THR K 200 -8.12 12.07 -48.94
N TYR K 201 -8.19 10.76 -48.68
CA TYR K 201 -8.22 9.78 -49.76
C TYR K 201 -8.61 8.41 -49.20
N MET K 202 -9.05 7.53 -50.11
CA MET K 202 -9.37 6.15 -49.79
C MET K 202 -8.73 5.23 -50.84
N LEU K 203 -8.46 3.99 -50.44
CA LEU K 203 -7.85 3.00 -51.32
C LEU K 203 -8.90 2.01 -51.83
N ARG K 204 -8.76 1.64 -53.11
CA ARG K 204 -9.62 0.64 -53.75
C ARG K 204 -8.71 -0.46 -54.28
N GLU K 205 -8.85 -1.66 -53.73
CA GLU K 205 -8.10 -2.83 -54.18
C GLU K 205 -9.09 -3.89 -54.63
N TYR K 206 -9.27 -4.00 -55.95
CA TYR K 206 -10.15 -4.99 -56.55
C TYR K 206 -9.29 -6.15 -57.03
N THR K 207 -9.51 -7.33 -56.47
CA THR K 207 -8.72 -8.52 -56.77
C THR K 207 -9.63 -9.59 -57.36
N SER K 208 -9.42 -9.91 -58.63
CA SER K 208 -10.14 -10.98 -59.31
C SER K 208 -9.27 -12.23 -59.31
N ARG K 209 -9.82 -13.34 -58.81
CA ARG K 209 -9.08 -14.57 -58.68
C ARG K 209 -9.97 -15.76 -58.99
N GLU K 210 -9.46 -16.69 -59.80
CA GLU K 210 -10.22 -17.84 -60.24
C GLU K 210 -9.27 -19.01 -60.50
N SER K 211 -9.85 -20.19 -60.67
CA SER K 211 -9.08 -21.35 -61.12
C SER K 211 -10.05 -22.45 -61.54
N LYS K 212 -9.56 -23.35 -62.39
CA LYS K 212 -10.36 -24.47 -62.88
C LYS K 212 -10.18 -25.64 -61.91
N ILE K 213 -11.30 -26.26 -61.51
CA ILE K 213 -11.26 -27.30 -60.48
C ILE K 213 -10.36 -28.47 -60.86
N ALA K 214 -10.11 -28.67 -62.16
CA ALA K 214 -9.31 -29.82 -62.58
C ALA K 214 -7.89 -29.75 -62.02
N ASN K 215 -7.38 -28.53 -61.77
CA ASN K 215 -6.09 -28.34 -61.13
C ASN K 215 -6.22 -28.00 -59.65
N LEU K 216 -7.43 -28.11 -59.08
CA LEU K 216 -7.64 -27.97 -57.65
C LEU K 216 -7.60 -29.29 -56.90
N MET K 217 -7.52 -30.41 -57.61
CA MET K 217 -7.74 -31.76 -57.09
C MET K 217 -7.37 -31.94 -55.63
N HIS K 218 -6.24 -31.38 -55.19
CA HIS K 218 -5.78 -31.53 -53.81
C HIS K 218 -6.36 -30.48 -52.88
N VAL K 219 -7.65 -30.21 -52.97
CA VAL K 219 -8.32 -29.33 -52.01
C VAL K 219 -9.64 -29.96 -51.58
N PRO K 220 -10.02 -29.72 -50.34
CA PRO K 220 -11.28 -30.26 -49.82
C PRO K 220 -12.46 -29.53 -50.44
N PRO K 221 -13.40 -30.26 -51.04
CA PRO K 221 -14.62 -29.62 -51.54
C PRO K 221 -15.42 -28.89 -50.48
N SER K 222 -15.12 -29.11 -49.19
CA SER K 222 -15.81 -28.39 -48.13
C SER K 222 -15.52 -26.90 -48.17
N LEU K 223 -14.45 -26.48 -48.86
CA LEU K 223 -14.15 -25.06 -48.98
C LEU K 223 -14.97 -24.40 -50.08
N PHE K 224 -15.38 -25.16 -51.10
CA PHE K 224 -16.14 -24.59 -52.22
C PHE K 224 -17.45 -23.94 -51.77
N THR K 225 -17.89 -24.18 -50.54
CA THR K 225 -19.08 -23.52 -49.99
C THR K 225 -18.75 -22.17 -49.38
N GLU K 226 -17.66 -22.09 -48.60
CA GLU K 226 -17.29 -20.90 -47.84
C GLU K 226 -16.27 -20.06 -48.60
N PRO K 227 -16.54 -18.78 -48.83
CA PRO K 227 -15.64 -17.98 -49.67
C PRO K 227 -14.34 -17.56 -48.97
N ASN K 228 -14.46 -17.09 -47.72
CA ASN K 228 -13.30 -16.56 -47.02
C ASN K 228 -12.21 -17.61 -46.84
N GLU K 229 -12.58 -18.89 -46.82
CA GLU K 229 -11.64 -19.97 -46.56
C GLU K 229 -11.04 -20.55 -47.82
N ILE K 230 -11.47 -20.10 -49.00
CA ILE K 230 -10.94 -20.59 -50.27
C ILE K 230 -10.28 -19.48 -51.08
N SER K 231 -10.53 -18.21 -50.75
CA SER K 231 -9.93 -17.10 -51.49
C SER K 231 -8.41 -17.25 -51.59
N GLN K 232 -7.76 -17.65 -50.50
CA GLN K 232 -6.31 -17.82 -50.52
C GLN K 232 -5.86 -18.96 -51.42
N TYR K 233 -6.78 -19.80 -51.88
CA TYR K 233 -6.44 -20.92 -52.75
C TYR K 233 -6.84 -20.68 -54.19
N LEU K 234 -7.24 -19.46 -54.54
CA LEU K 234 -7.59 -19.13 -55.92
C LEU K 234 -6.57 -18.15 -56.47
N PRO K 235 -5.83 -18.49 -57.52
CA PRO K 235 -4.82 -17.59 -58.06
C PRO K 235 -5.45 -16.38 -58.74
N ILE K 236 -4.64 -15.34 -58.91
CA ILE K 236 -5.10 -14.00 -59.27
C ILE K 236 -4.90 -13.80 -60.76
N LYS K 237 -5.78 -12.99 -61.37
CA LYS K 237 -5.70 -12.67 -62.78
C LYS K 237 -5.50 -11.20 -63.07
N GLU K 238 -5.91 -10.31 -62.16
CA GLU K 238 -5.78 -8.86 -62.36
C GLU K 238 -5.47 -8.20 -61.02
N ALA K 239 -4.85 -7.02 -61.08
CA ALA K 239 -4.43 -6.30 -59.87
C ALA K 239 -4.28 -4.81 -60.19
N VAL K 240 -5.02 -3.95 -59.48
CA VAL K 240 -5.03 -2.52 -59.79
C VAL K 240 -4.52 -1.65 -58.65
N CYS K 241 -5.13 -1.77 -57.46
CA CYS K 241 -4.86 -0.91 -56.31
C CYS K 241 -5.00 0.57 -56.70
N GLU K 242 -6.25 0.98 -56.90
CA GLU K 242 -6.56 2.36 -57.26
C GLU K 242 -6.59 3.23 -56.00
N LYS K 243 -6.89 4.51 -56.19
CA LYS K 243 -6.97 5.46 -55.08
C LYS K 243 -7.88 6.61 -55.48
N LEU K 244 -8.85 6.92 -54.61
CA LEU K 244 -9.80 7.99 -54.85
C LEU K 244 -9.43 9.20 -53.99
N VAL K 245 -9.08 10.30 -54.65
CA VAL K 245 -8.74 11.53 -53.96
C VAL K 245 -9.99 12.38 -53.82
N PHE K 246 -10.12 13.05 -52.67
CA PHE K 246 -11.29 13.87 -52.40
C PHE K 246 -11.27 15.11 -53.29
N PRO K 247 -12.43 15.74 -53.52
CA PRO K 247 -12.47 16.95 -54.35
C PRO K 247 -12.12 18.17 -53.52
N GLU K 248 -12.23 19.34 -54.16
CA GLU K 248 -11.92 20.63 -53.54
C GLU K 248 -10.51 20.64 -52.96
N VAL L 7 0.05 -32.87 -5.91
CA VAL L 7 0.40 -31.60 -6.52
C VAL L 7 -0.61 -31.31 -7.64
N PHE L 8 -0.56 -30.10 -8.19
CA PHE L 8 -1.45 -29.68 -9.26
C PHE L 8 -1.22 -30.46 -10.56
N THR L 9 -0.30 -31.42 -10.60
CA THR L 9 -0.05 -32.17 -11.83
C THR L 9 -1.32 -32.73 -12.43
N LYS L 10 -2.37 -32.91 -11.60
CA LYS L 10 -3.68 -33.25 -12.13
C LYS L 10 -4.20 -32.19 -13.09
N GLU L 11 -3.90 -30.92 -12.80
CA GLU L 11 -4.39 -29.82 -13.63
C GLU L 11 -3.96 -30.00 -15.08
N LEU L 12 -2.68 -30.32 -15.29
CA LEU L 12 -2.19 -30.52 -16.65
C LEU L 12 -2.79 -31.76 -17.28
N ASP L 13 -3.03 -32.81 -16.48
CA ASP L 13 -3.57 -34.05 -17.01
C ASP L 13 -4.90 -33.84 -17.72
N GLN L 14 -5.70 -32.88 -17.25
CA GLN L 14 -6.93 -32.56 -17.95
C GLN L 14 -6.67 -31.63 -19.12
N TRP L 15 -5.68 -30.74 -19.02
CA TRP L 15 -5.31 -29.90 -20.15
C TRP L 15 -4.99 -30.74 -21.38
N ILE L 16 -4.24 -31.83 -21.17
CA ILE L 16 -3.96 -32.77 -22.27
C ILE L 16 -5.26 -33.38 -22.79
N GLU L 17 -6.16 -33.76 -21.89
CA GLU L 17 -7.44 -34.33 -22.32
C GLU L 17 -8.25 -33.33 -23.11
N GLN L 18 -8.40 -32.11 -22.58
CA GLN L 18 -9.14 -31.08 -23.29
C GLN L 18 -8.47 -30.72 -24.62
N LEU L 19 -7.14 -30.77 -24.66
CA LEU L 19 -6.43 -30.45 -25.89
C LEU L 19 -6.37 -31.62 -26.86
N ASN L 20 -6.58 -32.86 -26.39
CA ASN L 20 -6.64 -33.99 -27.30
C ASN L 20 -7.94 -34.03 -28.10
N GLU L 21 -8.86 -33.09 -27.86
CA GLU L 21 -10.13 -33.03 -28.59
C GLU L 21 -10.29 -31.73 -29.37
N CYS L 22 -9.22 -30.97 -29.56
CA CYS L 22 -9.12 -29.74 -30.36
C CYS L 22 -9.72 -28.53 -29.66
N LYS L 23 -10.18 -28.65 -28.41
CA LYS L 23 -10.68 -27.51 -27.67
C LYS L 23 -9.52 -26.79 -26.98
N GLN L 24 -9.44 -25.48 -27.17
CA GLN L 24 -8.30 -24.70 -26.73
C GLN L 24 -8.38 -24.38 -25.23
N LEU L 25 -7.29 -23.84 -24.71
CA LEU L 25 -7.22 -23.39 -23.33
C LEU L 25 -7.44 -21.88 -23.25
N SER L 26 -7.77 -21.42 -22.05
CA SER L 26 -7.93 -19.99 -21.85
C SER L 26 -6.58 -19.31 -21.66
N GLU L 27 -6.60 -17.98 -21.63
CA GLU L 27 -5.36 -17.20 -21.63
C GLU L 27 -4.55 -17.45 -20.37
N SER L 28 -5.20 -17.44 -19.21
CA SER L 28 -4.48 -17.62 -17.94
C SER L 28 -3.73 -18.94 -17.89
N GLN L 29 -4.10 -19.91 -18.72
CA GLN L 29 -3.42 -21.20 -18.77
C GLN L 29 -2.22 -21.16 -19.72
N VAL L 30 -2.44 -20.77 -20.97
CA VAL L 30 -1.33 -20.72 -21.94
C VAL L 30 -0.23 -19.80 -21.43
N LYS L 31 -0.60 -18.75 -20.70
CA LYS L 31 0.40 -17.91 -20.04
C LYS L 31 1.12 -18.69 -18.95
N SER L 32 0.36 -19.28 -18.02
CA SER L 32 0.97 -20.03 -16.93
C SER L 32 1.67 -21.29 -17.44
N LEU L 33 1.06 -21.97 -18.43
CA LEU L 33 1.71 -23.14 -19.02
C LEU L 33 3.05 -22.76 -19.63
N CYS L 34 3.06 -21.72 -20.47
CA CYS L 34 4.32 -21.24 -21.03
C CYS L 34 5.27 -20.80 -19.93
N GLU L 35 4.75 -20.16 -18.88
CA GLU L 35 5.60 -19.69 -17.78
C GLU L 35 6.29 -20.85 -17.10
N LYS L 36 5.53 -21.86 -16.69
CA LYS L 36 6.14 -23.02 -16.04
C LYS L 36 7.01 -23.81 -17.01
N ALA L 37 6.68 -23.76 -18.30
CA ALA L 37 7.48 -24.44 -19.32
C ALA L 37 8.86 -23.82 -19.47
N LYS L 38 9.03 -22.54 -19.11
CA LYS L 38 10.30 -21.84 -19.27
C LYS L 38 11.43 -22.56 -18.55
N GLU L 39 11.37 -22.60 -17.22
CA GLU L 39 12.46 -23.13 -16.41
C GLU L 39 12.68 -24.63 -16.59
N ILE L 40 11.89 -25.30 -17.42
CA ILE L 40 12.14 -26.69 -17.74
C ILE L 40 13.04 -26.85 -18.96
N LEU L 41 13.09 -25.84 -19.83
CA LEU L 41 13.84 -25.90 -21.08
C LEU L 41 15.20 -25.20 -21.01
N THR L 42 15.29 -24.08 -20.30
CA THR L 42 16.59 -23.44 -20.12
C THR L 42 17.61 -24.36 -19.47
N LYS L 43 17.15 -25.39 -18.77
CA LYS L 43 18.01 -26.40 -18.17
C LYS L 43 18.47 -27.45 -19.18
N GLU L 44 17.98 -27.39 -20.41
CA GLU L 44 18.37 -28.31 -21.46
C GLU L 44 19.38 -27.62 -22.38
N SER L 45 20.48 -28.32 -22.69
CA SER L 45 21.52 -27.75 -23.53
C SER L 45 21.00 -27.52 -24.94
N ASN L 46 21.77 -26.76 -25.72
CA ASN L 46 21.43 -26.55 -27.12
C ASN L 46 21.23 -27.85 -27.86
N VAL L 47 22.01 -28.87 -27.51
CA VAL L 47 21.79 -30.23 -27.98
C VAL L 47 21.87 -31.12 -26.75
N GLN L 48 20.88 -31.99 -26.56
CA GLN L 48 20.86 -32.83 -25.38
C GLN L 48 20.44 -34.25 -25.78
N GLU L 49 21.23 -35.22 -25.34
CA GLU L 49 20.93 -36.63 -25.55
C GLU L 49 20.04 -37.10 -24.41
N VAL L 50 18.76 -37.29 -24.68
CA VAL L 50 17.78 -37.58 -23.65
C VAL L 50 17.39 -39.06 -23.62
N ARG L 51 16.97 -39.62 -24.75
CA ARG L 51 16.53 -41.01 -24.80
C ARG L 51 17.08 -41.68 -26.04
N CYS L 52 17.29 -43.00 -25.94
CA CYS L 52 17.81 -43.77 -27.07
C CYS L 52 16.70 -44.11 -28.06
N PRO L 53 15.61 -44.79 -27.65
CA PRO L 53 14.58 -45.14 -28.63
C PRO L 53 13.48 -44.10 -28.74
N VAL L 54 13.31 -43.53 -29.93
CA VAL L 54 12.39 -42.42 -30.16
C VAL L 54 11.76 -42.56 -31.54
N THR L 55 10.74 -41.73 -31.79
CA THR L 55 10.13 -41.59 -33.11
C THR L 55 10.34 -40.14 -33.52
N VAL L 56 11.13 -39.94 -34.56
CA VAL L 56 11.44 -38.58 -35.00
C VAL L 56 10.34 -38.11 -35.94
N CYS L 57 9.92 -36.86 -35.78
CA CYS L 57 8.84 -36.27 -36.55
C CYS L 57 9.29 -34.93 -37.10
N GLY L 58 8.88 -34.63 -38.33
CA GLY L 58 9.22 -33.38 -38.97
C GLY L 58 8.19 -32.31 -38.73
N ASP L 59 8.15 -31.35 -39.66
CA ASP L 59 7.21 -30.24 -39.62
C ASP L 59 5.79 -30.72 -39.40
N VAL L 60 5.13 -30.19 -38.37
CA VAL L 60 3.69 -30.34 -38.21
C VAL L 60 3.13 -28.92 -38.20
N HIS L 61 2.89 -28.38 -39.41
CA HIS L 61 2.56 -26.97 -39.59
C HIS L 61 1.12 -26.71 -39.16
N GLY L 62 0.92 -26.72 -37.84
CA GLY L 62 -0.38 -26.45 -37.26
C GLY L 62 -1.47 -27.32 -37.85
N GLN L 63 -1.29 -28.64 -37.79
CA GLN L 63 -2.23 -29.56 -38.41
C GLN L 63 -2.85 -30.46 -37.37
N PHE L 64 -3.39 -29.87 -36.31
CA PHE L 64 -3.82 -30.65 -35.15
C PHE L 64 -4.67 -31.85 -35.54
N HIS L 65 -5.73 -31.63 -36.33
CA HIS L 65 -6.61 -32.72 -36.71
C HIS L 65 -5.83 -33.85 -37.37
N ASP L 66 -4.74 -33.51 -38.07
CA ASP L 66 -3.85 -34.52 -38.64
C ASP L 66 -2.79 -35.00 -37.66
N LEU L 67 -2.47 -34.21 -36.64
CA LEU L 67 -1.48 -34.66 -35.65
C LEU L 67 -2.02 -35.82 -34.83
N MET L 68 -3.34 -35.86 -34.58
CA MET L 68 -3.92 -37.01 -33.91
C MET L 68 -3.64 -38.29 -34.68
N GLU L 69 -3.54 -38.21 -36.01
CA GLU L 69 -3.13 -39.36 -36.80
C GLU L 69 -1.74 -39.83 -36.39
N LEU L 70 -0.82 -38.88 -36.15
CA LEU L 70 0.55 -39.21 -35.78
C LEU L 70 0.59 -40.15 -34.57
N PHE L 71 0.00 -39.71 -33.45
CA PHE L 71 -0.06 -40.57 -32.27
C PHE L 71 -0.82 -41.85 -32.57
N ARG L 72 -1.96 -41.73 -33.26
CA ARG L 72 -2.77 -42.88 -33.64
C ARG L 72 -2.04 -43.79 -34.63
N ILE L 73 -0.92 -43.35 -35.20
CA ILE L 73 -0.21 -44.17 -36.18
C ILE L 73 1.24 -44.40 -35.76
N GLY L 74 1.62 -43.89 -34.59
CA GLY L 74 3.00 -44.03 -34.14
C GLY L 74 3.19 -44.38 -32.68
N GLY L 75 2.10 -44.60 -31.96
CA GLY L 75 2.18 -44.88 -30.53
C GLY L 75 1.85 -43.66 -29.69
N LYS L 76 0.71 -43.68 -29.01
CA LYS L 76 0.27 -42.49 -28.31
C LYS L 76 1.20 -42.14 -27.16
N SER L 77 0.96 -40.97 -26.59
CA SER L 77 1.75 -40.41 -25.49
C SER L 77 1.19 -40.88 -24.15
N PRO L 78 2.05 -41.17 -23.16
CA PRO L 78 3.52 -41.10 -23.23
C PRO L 78 4.15 -42.46 -23.56
N ASP L 79 3.32 -43.41 -24.01
CA ASP L 79 3.80 -44.77 -24.27
C ASP L 79 5.01 -44.78 -25.19
N THR L 80 5.08 -43.85 -26.13
CA THR L 80 6.18 -43.77 -27.09
C THR L 80 6.79 -42.38 -26.99
N ASN L 81 8.07 -42.30 -26.67
CA ASN L 81 8.75 -41.02 -26.66
C ASN L 81 8.96 -40.53 -28.07
N TYR L 82 8.78 -39.22 -28.28
CA TYR L 82 8.84 -38.63 -29.59
C TYR L 82 9.98 -37.63 -29.68
N LEU L 83 10.38 -37.33 -30.92
CA LEU L 83 11.46 -36.39 -31.22
C LEU L 83 10.91 -35.46 -32.30
N PHE L 84 10.25 -34.39 -31.87
CA PHE L 84 9.68 -33.43 -32.81
C PHE L 84 10.73 -32.45 -33.30
N MET L 85 10.69 -32.14 -34.59
CA MET L 85 11.68 -31.25 -35.19
C MET L 85 11.11 -29.86 -35.44
N GLY L 86 10.55 -29.24 -34.40
CA GLY L 86 10.01 -27.90 -34.54
C GLY L 86 8.82 -27.80 -35.49
N ASP L 87 8.64 -26.59 -36.01
CA ASP L 87 7.53 -26.23 -36.91
C ASP L 87 6.22 -26.85 -36.45
N TYR L 88 5.73 -26.32 -35.33
CA TYR L 88 4.47 -26.80 -34.77
C TYR L 88 3.28 -25.94 -35.18
N VAL L 89 3.52 -24.70 -35.61
CA VAL L 89 2.42 -23.73 -35.67
C VAL L 89 2.65 -22.67 -36.75
N ASP L 90 2.08 -22.90 -37.93
CA ASP L 90 2.01 -21.94 -39.04
C ASP L 90 1.40 -22.63 -40.25
N ARG L 91 0.79 -21.83 -41.12
CA ARG L 91 0.20 -22.30 -42.38
C ARG L 91 -0.71 -23.51 -42.14
N GLY L 92 -1.65 -23.34 -41.20
CA GLY L 92 -2.55 -24.41 -40.85
C GLY L 92 -3.74 -23.87 -40.09
N TYR L 93 -4.87 -24.55 -40.24
CA TYR L 93 -6.11 -24.08 -39.60
C TYR L 93 -6.01 -24.20 -38.08
N TYR L 94 -5.55 -25.34 -37.59
CA TYR L 94 -5.45 -25.63 -36.16
C TYR L 94 -3.99 -25.48 -35.73
N SER L 95 -3.59 -24.24 -35.54
CA SER L 95 -2.22 -23.95 -35.14
C SER L 95 -2.09 -23.92 -33.62
N VAL L 96 -2.86 -23.06 -32.96
CA VAL L 96 -2.80 -22.92 -31.50
C VAL L 96 -3.10 -24.25 -30.82
N GLU L 97 -4.06 -25.02 -31.36
CA GLU L 97 -4.41 -26.30 -30.74
C GLU L 97 -3.22 -27.23 -30.70
N THR L 98 -2.48 -27.33 -31.80
CA THR L 98 -1.34 -28.23 -31.86
C THR L 98 -0.29 -27.89 -30.81
N VAL L 99 0.15 -26.63 -30.80
CA VAL L 99 1.31 -26.25 -30.00
C VAL L 99 1.02 -26.38 -28.51
N THR L 100 -0.19 -25.99 -28.08
CA THR L 100 -0.46 -25.99 -26.65
C THR L 100 -0.52 -27.41 -26.10
N LEU L 101 -0.87 -28.39 -26.94
CA LEU L 101 -0.79 -29.78 -26.53
C LEU L 101 0.66 -30.25 -26.50
N LEU L 102 1.45 -29.87 -27.51
CA LEU L 102 2.84 -30.33 -27.59
C LEU L 102 3.68 -29.76 -26.46
N VAL L 103 3.36 -28.55 -25.98
CA VAL L 103 4.05 -28.01 -24.82
C VAL L 103 3.56 -28.68 -23.55
N ALA L 104 2.23 -28.72 -23.34
CA ALA L 104 1.68 -29.40 -22.17
C ALA L 104 2.15 -30.84 -22.09
N LEU L 105 2.48 -31.44 -23.22
CA LEU L 105 3.04 -32.80 -23.21
C LEU L 105 4.47 -32.79 -22.69
N LYS L 106 5.30 -31.87 -23.17
CA LYS L 106 6.69 -31.82 -22.74
C LYS L 106 6.82 -31.28 -21.33
N VAL L 107 5.88 -30.42 -20.90
CA VAL L 107 5.93 -29.89 -19.54
C VAL L 107 5.65 -30.99 -18.52
N ARG L 108 4.62 -31.81 -18.78
CA ARG L 108 4.25 -32.86 -17.84
C ARG L 108 5.13 -34.08 -18.00
N TYR L 109 5.68 -34.30 -19.19
CA TYR L 109 6.55 -35.43 -19.49
C TYR L 109 7.91 -34.86 -19.87
N ARG L 110 8.80 -34.75 -18.89
CA ARG L 110 10.09 -34.09 -19.09
C ARG L 110 10.94 -34.86 -20.10
N GLU L 111 11.27 -36.11 -19.78
CA GLU L 111 12.17 -36.91 -20.59
C GLU L 111 11.44 -37.78 -21.60
N ARG L 112 10.12 -37.66 -21.72
CA ARG L 112 9.36 -38.50 -22.64
C ARG L 112 9.15 -37.84 -23.98
N ILE L 113 9.46 -36.55 -24.11
CA ILE L 113 9.23 -35.81 -25.35
C ILE L 113 10.32 -34.76 -25.48
N THR L 114 10.73 -34.49 -26.71
CA THR L 114 11.72 -33.47 -27.01
C THR L 114 11.16 -32.57 -28.10
N ILE L 115 11.30 -31.25 -27.91
CA ILE L 115 10.79 -30.26 -28.85
C ILE L 115 11.93 -29.32 -29.20
N LEU L 116 12.41 -29.39 -30.44
CA LEU L 116 13.47 -28.51 -30.89
C LEU L 116 12.86 -27.22 -31.43
N ARG L 117 13.72 -26.31 -31.89
CA ARG L 117 13.26 -25.08 -32.52
C ARG L 117 13.08 -25.28 -34.01
N GLY L 118 12.16 -24.53 -34.59
CA GLY L 118 11.93 -24.57 -36.02
C GLY L 118 12.04 -23.19 -36.63
N ASN L 119 12.26 -23.18 -37.94
CA ASN L 119 12.40 -21.92 -38.66
C ASN L 119 11.14 -21.08 -38.57
N HIS L 120 9.98 -21.70 -38.38
CA HIS L 120 8.72 -21.00 -38.22
C HIS L 120 8.44 -20.60 -36.77
N GLU L 121 9.36 -20.89 -35.85
CA GLU L 121 9.22 -20.49 -34.45
C GLU L 121 9.84 -19.13 -34.18
N SER L 122 9.91 -18.27 -35.19
CA SER L 122 10.50 -16.95 -35.06
C SER L 122 9.42 -15.90 -34.86
N ARG L 123 9.78 -14.84 -34.12
CA ARG L 123 8.84 -13.76 -33.87
C ARG L 123 8.47 -13.02 -35.16
N GLN L 124 9.32 -13.08 -36.18
CA GLN L 124 9.03 -12.42 -37.44
C GLN L 124 8.19 -13.29 -38.38
N ILE L 125 8.35 -14.60 -38.34
CA ILE L 125 7.65 -15.48 -39.28
C ILE L 125 6.22 -15.73 -38.82
N THR L 126 6.02 -15.89 -37.50
CA THR L 126 4.68 -16.16 -36.98
C THR L 126 3.68 -15.10 -37.39
N GLN L 127 4.15 -13.87 -37.59
CA GLN L 127 3.28 -12.77 -37.97
C GLN L 127 2.91 -12.78 -39.46
N VAL L 128 3.46 -13.71 -40.23
CA VAL L 128 3.28 -13.74 -41.68
C VAL L 128 2.43 -14.93 -42.12
N TYR L 129 2.76 -16.12 -41.63
CA TYR L 129 2.21 -17.34 -42.19
C TYR L 129 1.02 -17.89 -41.41
N GLY L 130 0.52 -17.17 -40.40
CA GLY L 130 -0.73 -17.58 -39.80
C GLY L 130 -0.87 -17.56 -38.30
N PHE L 131 0.20 -17.89 -37.57
CA PHE L 131 0.10 -18.05 -36.12
C PHE L 131 -0.42 -16.79 -35.45
N TYR L 132 0.36 -15.72 -35.48
CA TYR L 132 -0.07 -14.47 -34.86
C TYR L 132 -1.36 -13.96 -35.47
N ASP L 133 -1.67 -14.36 -36.71
CA ASP L 133 -2.95 -14.03 -37.31
C ASP L 133 -4.10 -14.78 -36.64
N GLU L 134 -3.92 -16.07 -36.35
CA GLU L 134 -4.98 -16.87 -35.74
C GLU L 134 -4.91 -16.87 -34.22
N CYS L 135 -3.72 -16.77 -33.63
CA CYS L 135 -3.62 -16.65 -32.18
C CYS L 135 -4.40 -15.47 -31.66
N LEU L 136 -4.69 -14.49 -32.54
CA LEU L 136 -5.58 -13.39 -32.20
C LEU L 136 -7.04 -13.79 -32.36
N ARG L 137 -7.36 -14.43 -33.49
CA ARG L 137 -8.74 -14.74 -33.84
C ARG L 137 -9.40 -15.65 -32.81
N LYS L 138 -8.62 -16.36 -32.01
CA LYS L 138 -9.17 -17.36 -31.10
C LYS L 138 -9.51 -16.79 -29.72
N TYR L 139 -8.75 -15.83 -29.23
CA TYR L 139 -8.92 -15.33 -27.86
C TYR L 139 -9.50 -13.91 -27.86
N GLY L 140 -8.82 -12.97 -28.49
CA GLY L 140 -9.28 -11.59 -28.51
C GLY L 140 -8.23 -10.60 -28.07
N ASN L 141 -6.96 -10.99 -28.18
CA ASN L 141 -5.84 -10.13 -27.80
C ASN L 141 -4.56 -10.72 -28.34
N ALA L 142 -3.55 -9.87 -28.49
CA ALA L 142 -2.26 -10.27 -29.03
C ALA L 142 -1.31 -10.80 -27.97
N ASN L 143 -1.71 -10.79 -26.69
CA ASN L 143 -0.80 -11.17 -25.61
C ASN L 143 -0.58 -12.67 -25.51
N VAL L 144 -1.49 -13.47 -26.07
CA VAL L 144 -1.31 -14.92 -26.03
C VAL L 144 -0.18 -15.36 -26.96
N TRP L 145 0.03 -14.63 -28.05
CA TRP L 145 1.16 -14.93 -28.93
C TRP L 145 2.48 -14.51 -28.30
N LYS L 146 2.46 -13.46 -27.48
CA LYS L 146 3.67 -13.00 -26.80
C LYS L 146 4.23 -14.08 -25.88
N TYR L 147 3.34 -14.87 -25.25
CA TYR L 147 3.81 -15.91 -24.34
C TYR L 147 4.52 -17.03 -25.09
N PHE L 148 3.90 -17.53 -26.16
CA PHE L 148 4.51 -18.62 -26.92
C PHE L 148 5.81 -18.18 -27.59
N THR L 149 5.91 -16.90 -27.98
CA THR L 149 7.14 -16.44 -28.64
C THR L 149 8.29 -16.30 -27.64
N ASP L 150 8.02 -15.78 -26.44
CA ASP L 150 9.05 -15.77 -25.41
C ASP L 150 9.51 -17.18 -25.06
N LEU L 151 8.66 -18.18 -25.32
CA LEU L 151 9.02 -19.57 -25.06
C LEU L 151 9.92 -20.12 -26.15
N PHE L 152 9.66 -19.75 -27.41
CA PHE L 152 10.47 -20.24 -28.53
C PHE L 152 11.95 -19.98 -28.34
N ASP L 153 12.32 -18.97 -27.55
CA ASP L 153 13.73 -18.72 -27.27
C ASP L 153 14.34 -19.82 -26.42
N TYR L 154 13.55 -20.45 -25.54
CA TYR L 154 14.06 -21.44 -24.63
C TYR L 154 14.12 -22.84 -25.23
N LEU L 155 13.70 -23.02 -26.48
CA LEU L 155 13.73 -24.34 -27.08
C LEU L 155 15.16 -24.71 -27.49
N PRO L 156 15.55 -25.98 -27.32
CA PRO L 156 16.84 -26.41 -27.86
C PRO L 156 16.84 -26.37 -29.38
N LEU L 157 18.02 -26.18 -29.97
CA LEU L 157 18.10 -26.13 -31.41
C LEU L 157 18.08 -27.53 -32.02
N THR L 158 18.88 -28.46 -31.48
CA THR L 158 18.96 -29.80 -32.04
C THR L 158 18.94 -30.79 -30.87
N ALA L 159 19.30 -32.03 -31.16
CA ALA L 159 19.42 -33.08 -30.16
C ALA L 159 20.21 -34.23 -30.77
N LEU L 160 20.84 -35.02 -29.91
CA LEU L 160 21.65 -36.15 -30.35
C LEU L 160 21.06 -37.41 -29.74
N VAL L 161 20.62 -38.33 -30.58
CA VAL L 161 19.95 -39.55 -30.14
C VAL L 161 20.98 -40.67 -30.06
N ASP L 162 21.28 -41.11 -28.83
CA ASP L 162 22.07 -42.28 -28.47
C ASP L 162 23.56 -42.05 -28.68
N GLY L 163 23.96 -40.98 -29.37
CA GLY L 163 25.36 -40.74 -29.65
C GLY L 163 25.77 -40.98 -31.09
N GLN L 164 24.83 -41.29 -31.98
CA GLN L 164 25.15 -41.66 -33.35
C GLN L 164 24.27 -41.00 -34.41
N ILE L 165 23.20 -40.30 -34.03
CA ILE L 165 22.27 -39.74 -35.00
C ILE L 165 21.95 -38.31 -34.61
N PHE L 166 21.99 -37.41 -35.59
CA PHE L 166 21.76 -35.99 -35.39
C PHE L 166 20.29 -35.67 -35.66
N CYS L 167 19.66 -34.97 -34.73
CA CYS L 167 18.27 -34.52 -34.89
C CYS L 167 18.23 -33.01 -34.72
N LEU L 168 18.32 -32.30 -35.85
CA LEU L 168 18.17 -30.85 -35.92
C LEU L 168 17.11 -30.52 -36.97
N HIS L 169 16.27 -29.52 -36.68
CA HIS L 169 15.15 -29.22 -37.56
C HIS L 169 15.63 -28.80 -38.94
N GLY L 170 16.61 -27.91 -39.01
CA GLY L 170 17.00 -27.35 -40.29
C GLY L 170 18.12 -28.10 -40.97
N GLY L 171 19.33 -27.60 -40.88
CA GLY L 171 20.45 -28.22 -41.55
C GLY L 171 21.78 -27.78 -41.00
N LEU L 172 22.81 -27.95 -41.82
CA LEU L 172 24.19 -27.70 -41.41
C LEU L 172 24.51 -26.21 -41.50
N SER L 173 25.80 -25.87 -41.39
CA SER L 173 26.26 -24.50 -41.48
C SER L 173 27.77 -24.51 -41.69
N PRO L 174 28.31 -23.56 -42.44
CA PRO L 174 29.76 -23.54 -42.67
C PRO L 174 30.53 -22.97 -41.48
N SER L 175 29.89 -22.05 -40.75
CA SER L 175 30.51 -21.46 -39.57
C SER L 175 30.66 -22.44 -38.43
N ILE L 176 30.02 -23.61 -38.49
CA ILE L 176 30.10 -24.62 -37.45
C ILE L 176 30.90 -25.80 -37.98
N ASP L 177 32.05 -26.05 -37.35
CA ASP L 177 32.87 -27.21 -37.66
C ASP L 177 32.70 -28.30 -36.61
N THR L 178 32.91 -27.97 -35.34
CA THR L 178 32.78 -28.92 -34.24
C THR L 178 31.35 -28.89 -33.69
N LEU L 179 30.89 -30.05 -33.25
CA LEU L 179 29.57 -30.16 -32.63
C LEU L 179 29.51 -29.49 -31.25
N ASP L 180 30.65 -29.08 -30.69
CA ASP L 180 30.66 -28.28 -29.49
C ASP L 180 30.27 -26.83 -29.76
N HIS L 181 30.20 -26.42 -31.03
CA HIS L 181 29.74 -25.07 -31.36
C HIS L 181 28.30 -24.87 -30.91
N ILE L 182 27.39 -25.72 -31.40
CA ILE L 182 25.99 -25.63 -31.01
C ILE L 182 25.87 -25.71 -29.49
N ARG L 183 26.60 -26.66 -28.88
CA ARG L 183 26.66 -26.73 -27.43
C ARG L 183 27.26 -25.49 -26.78
N ALA L 184 27.79 -24.55 -27.55
CA ALA L 184 28.38 -23.34 -27.00
C ALA L 184 27.57 -22.08 -27.30
N LEU L 185 26.86 -22.03 -28.42
CA LEU L 185 26.06 -20.87 -28.75
C LEU L 185 24.93 -20.70 -27.74
N ASP L 186 24.20 -19.59 -27.86
CA ASP L 186 23.02 -19.33 -27.07
C ASP L 186 21.84 -19.06 -28.00
N ARG L 187 20.73 -19.75 -27.76
CA ARG L 187 19.50 -19.54 -28.51
C ARG L 187 18.50 -18.69 -27.73
N LEU L 188 18.95 -18.05 -26.65
CA LEU L 188 18.06 -17.29 -25.78
C LEU L 188 17.73 -15.93 -26.40
N GLN L 189 17.25 -15.93 -27.63
CA GLN L 189 16.88 -14.73 -28.35
C GLN L 189 16.23 -15.14 -29.66
N GLU L 190 15.87 -14.14 -30.45
CA GLU L 190 15.28 -14.40 -31.77
C GLU L 190 16.31 -15.04 -32.69
N VAL L 191 15.82 -15.62 -33.78
CA VAL L 191 16.70 -16.17 -34.82
C VAL L 191 17.27 -15.01 -35.63
N PRO L 192 18.59 -14.79 -35.63
CA PRO L 192 19.17 -13.72 -36.43
C PRO L 192 18.96 -13.97 -37.92
N HIS L 193 19.23 -12.94 -38.72
CA HIS L 193 19.10 -13.09 -40.16
C HIS L 193 20.25 -13.90 -40.76
N GLU L 194 21.34 -14.09 -40.03
CA GLU L 194 22.45 -14.93 -40.48
C GLU L 194 23.20 -15.41 -39.24
N GLY L 195 24.42 -15.90 -39.46
CA GLY L 195 25.22 -16.46 -38.39
C GLY L 195 25.03 -17.96 -38.28
N PRO L 196 25.79 -18.60 -37.39
CA PRO L 196 25.64 -20.06 -37.25
C PRO L 196 24.23 -20.47 -36.86
N MET L 197 23.66 -19.84 -35.82
CA MET L 197 22.34 -20.20 -35.32
C MET L 197 21.28 -20.21 -36.43
N CYS L 198 21.17 -19.10 -37.16
CA CYS L 198 20.18 -19.01 -38.23
C CYS L 198 20.38 -20.12 -39.25
N ASP L 199 21.63 -20.51 -39.51
CA ASP L 199 21.90 -21.55 -40.48
C ASP L 199 21.48 -22.93 -39.98
N LEU L 200 21.30 -23.10 -38.66
CA LEU L 200 20.86 -24.40 -38.15
C LEU L 200 19.46 -24.74 -38.63
N LEU L 201 18.55 -23.78 -38.63
CA LEU L 201 17.14 -24.03 -38.91
C LEU L 201 16.74 -23.76 -40.36
N TRP L 202 17.66 -23.39 -41.23
CA TRP L 202 17.28 -22.98 -42.57
C TRP L 202 18.03 -23.71 -43.68
N SER L 203 19.29 -24.08 -43.44
CA SER L 203 20.10 -24.69 -44.48
C SER L 203 19.47 -25.97 -44.99
N ASP L 204 19.53 -26.18 -46.32
CA ASP L 204 18.88 -27.29 -46.98
C ASP L 204 19.89 -28.11 -47.78
N PRO L 205 19.53 -29.31 -48.22
CA PRO L 205 20.43 -30.10 -49.07
C PRO L 205 20.20 -29.82 -50.55
N ASP L 206 21.11 -30.32 -51.37
CA ASP L 206 21.03 -30.22 -52.83
C ASP L 206 22.05 -31.18 -53.43
N ASP L 207 22.25 -31.06 -54.75
CA ASP L 207 23.24 -31.86 -55.46
C ASP L 207 24.49 -31.08 -55.82
N ARG L 208 24.37 -29.77 -56.03
CA ARG L 208 25.52 -28.97 -56.43
C ARG L 208 26.63 -29.04 -55.38
N GLY L 209 27.85 -29.29 -55.83
CA GLY L 209 28.98 -29.33 -54.94
C GLY L 209 29.22 -27.98 -54.28
N GLY L 210 29.89 -28.03 -53.13
CA GLY L 210 30.13 -26.83 -52.38
C GLY L 210 28.85 -26.36 -51.69
N TRP L 211 28.91 -25.11 -51.23
CA TRP L 211 27.82 -24.55 -50.45
C TRP L 211 26.79 -23.84 -51.32
N GLY L 212 27.23 -22.86 -52.12
CA GLY L 212 26.31 -22.10 -52.94
C GLY L 212 25.40 -21.20 -52.11
N ILE L 213 24.34 -20.73 -52.78
CA ILE L 213 23.37 -19.82 -52.18
C ILE L 213 22.01 -20.50 -52.15
N SER L 214 21.30 -20.35 -51.04
CA SER L 214 19.99 -20.94 -50.90
C SER L 214 18.93 -20.03 -51.50
N PRO L 215 18.12 -20.50 -52.45
CA PRO L 215 17.03 -19.66 -52.97
C PRO L 215 16.01 -19.27 -51.92
N ARG L 216 16.05 -19.89 -50.74
CA ARG L 216 15.16 -19.49 -49.65
C ARG L 216 15.42 -18.05 -49.24
N GLY L 217 16.67 -17.72 -48.93
CA GLY L 217 17.02 -16.38 -48.50
C GLY L 217 17.86 -16.38 -47.24
N ALA L 218 17.90 -17.51 -46.54
CA ALA L 218 18.67 -17.66 -45.32
C ALA L 218 19.38 -19.00 -45.32
N GLY L 219 20.42 -19.09 -44.49
CA GLY L 219 21.20 -20.31 -44.43
C GLY L 219 22.00 -20.51 -45.71
N TYR L 220 22.18 -21.78 -46.07
CA TYR L 220 22.91 -22.16 -47.28
C TYR L 220 22.25 -23.41 -47.85
N THR L 221 22.94 -24.07 -48.77
CA THR L 221 22.40 -25.26 -49.44
C THR L 221 23.55 -26.26 -49.61
N PHE L 222 23.78 -27.05 -48.57
CA PHE L 222 24.92 -27.96 -48.55
C PHE L 222 24.74 -29.14 -49.49
N GLY L 223 25.82 -29.54 -50.14
CA GLY L 223 25.84 -30.68 -51.02
C GLY L 223 26.37 -31.93 -50.35
N GLN L 224 26.76 -32.90 -51.17
CA GLN L 224 27.23 -34.17 -50.64
C GLN L 224 28.63 -34.06 -50.04
N ASP L 225 29.52 -33.33 -50.71
CA ASP L 225 30.89 -33.21 -50.24
C ASP L 225 30.99 -32.63 -48.83
N ILE L 226 29.96 -31.94 -48.38
CA ILE L 226 29.95 -31.37 -47.03
C ILE L 226 29.40 -32.36 -46.01
N SER L 227 28.30 -33.04 -46.34
CA SER L 227 27.67 -33.95 -45.39
C SER L 227 28.59 -35.11 -45.02
N GLU L 228 29.47 -35.51 -45.95
CA GLU L 228 30.46 -36.54 -45.63
C GLU L 228 31.48 -36.01 -44.62
N THR L 229 32.07 -34.85 -44.91
CA THR L 229 33.02 -34.23 -44.00
C THR L 229 32.46 -34.14 -42.59
N PHE L 230 31.18 -33.80 -42.46
CA PHE L 230 30.60 -33.63 -41.14
C PHE L 230 30.40 -34.97 -40.43
N ASN L 231 29.94 -36.00 -41.15
CA ASN L 231 29.69 -37.29 -40.54
C ASN L 231 30.98 -38.06 -40.27
N HIS L 232 32.06 -37.76 -40.99
CA HIS L 232 33.35 -38.39 -40.72
C HIS L 232 34.02 -37.83 -39.48
N ALA L 233 33.66 -36.62 -39.06
CA ALA L 233 34.33 -35.94 -37.96
C ALA L 233 33.57 -36.03 -36.64
N ASN L 234 32.32 -36.49 -36.65
CA ASN L 234 31.50 -36.50 -35.44
C ASN L 234 30.86 -37.86 -35.18
N GLY L 235 31.34 -38.91 -35.83
CA GLY L 235 30.78 -40.24 -35.59
C GLY L 235 29.30 -40.33 -35.86
N LEU L 236 28.82 -39.61 -36.87
CA LEU L 236 27.40 -39.58 -37.22
C LEU L 236 27.10 -40.63 -38.28
N THR L 237 26.17 -41.53 -37.98
CA THR L 237 25.73 -42.50 -38.98
C THR L 237 24.77 -41.87 -39.97
N LEU L 238 23.94 -40.93 -39.51
CA LEU L 238 22.94 -40.31 -40.37
C LEU L 238 22.45 -39.03 -39.71
N VAL L 239 22.50 -37.93 -40.46
CA VAL L 239 21.94 -36.66 -40.02
C VAL L 239 20.48 -36.60 -40.42
N SER L 240 19.61 -36.29 -39.47
CA SER L 240 18.19 -36.13 -39.71
C SER L 240 17.83 -34.65 -39.77
N ARG L 241 16.76 -34.34 -40.48
CA ARG L 241 16.32 -32.96 -40.63
C ARG L 241 14.88 -32.95 -41.15
N ALA L 242 14.38 -31.75 -41.41
CA ALA L 242 13.01 -31.54 -41.87
C ALA L 242 12.96 -30.21 -42.60
N HIS L 243 11.77 -29.61 -42.69
CA HIS L 243 11.47 -28.27 -43.19
C HIS L 243 11.36 -28.24 -44.72
N GLN L 244 11.87 -29.24 -45.44
CA GLN L 244 11.70 -29.28 -46.88
C GLN L 244 10.61 -30.27 -47.26
N LEU L 245 9.96 -30.02 -48.39
CA LEU L 245 8.85 -30.84 -48.85
C LEU L 245 9.35 -31.85 -49.87
N VAL L 246 8.97 -33.11 -49.66
CA VAL L 246 9.27 -34.22 -50.54
C VAL L 246 8.00 -35.03 -50.77
N MET L 247 7.71 -35.33 -52.04
CA MET L 247 6.45 -35.97 -52.41
C MET L 247 6.23 -37.26 -51.64
N GLU L 248 7.30 -37.89 -51.18
CA GLU L 248 7.25 -39.01 -50.25
C GLU L 248 7.86 -38.53 -48.93
N GLY L 249 7.05 -38.50 -47.87
CA GLY L 249 7.44 -37.95 -46.58
C GLY L 249 8.89 -38.07 -46.14
N TYR L 250 9.60 -39.06 -46.66
CA TYR L 250 11.03 -39.20 -46.47
C TYR L 250 11.76 -39.16 -47.80
N ASN L 251 13.04 -38.79 -47.76
CA ASN L 251 13.90 -38.91 -48.93
C ASN L 251 15.34 -38.91 -48.45
N TRP L 252 16.06 -40.00 -48.69
CA TRP L 252 17.49 -40.00 -48.42
C TRP L 252 18.22 -39.14 -49.43
N CYS L 253 19.30 -38.52 -48.99
CA CYS L 253 20.13 -37.71 -49.86
C CYS L 253 21.59 -37.84 -49.42
N HIS L 254 22.50 -37.63 -50.38
CA HIS L 254 23.94 -37.66 -50.13
C HIS L 254 24.41 -39.06 -49.73
N ASP L 255 24.02 -40.05 -50.54
CA ASP L 255 24.36 -41.45 -50.30
C ASP L 255 23.94 -41.87 -48.89
N ARG L 256 22.67 -41.63 -48.58
CA ARG L 256 22.07 -42.03 -47.31
C ARG L 256 22.84 -41.49 -46.10
N ASN L 257 23.41 -40.29 -46.23
CA ASN L 257 24.11 -39.65 -45.12
C ASN L 257 23.31 -38.50 -44.51
N VAL L 258 22.26 -38.04 -45.17
CA VAL L 258 21.31 -37.10 -44.60
C VAL L 258 19.91 -37.56 -44.98
N VAL L 259 19.00 -37.59 -44.01
CA VAL L 259 17.61 -37.97 -44.26
C VAL L 259 16.73 -36.76 -43.99
N THR L 260 15.81 -36.49 -44.92
CA THR L 260 14.81 -35.45 -44.74
C THR L 260 13.46 -36.12 -44.49
N ILE L 261 12.83 -35.77 -43.37
CA ILE L 261 11.50 -36.27 -43.03
C ILE L 261 10.58 -35.07 -42.92
N PHE L 262 9.31 -35.26 -43.27
CA PHE L 262 8.34 -34.19 -43.20
C PHE L 262 7.03 -34.80 -42.70
N SER L 263 6.33 -34.05 -41.86
CA SER L 263 5.25 -34.61 -41.04
C SER L 263 3.90 -33.92 -41.27
N ALA L 264 3.65 -33.44 -42.49
CA ALA L 264 2.36 -32.80 -42.75
C ALA L 264 1.80 -33.25 -44.11
N PRO L 265 0.72 -34.05 -44.13
CA PRO L 265 0.19 -34.51 -45.42
C PRO L 265 -0.53 -33.42 -46.20
N ASN L 266 -1.43 -32.68 -45.54
CA ASN L 266 -2.15 -31.58 -46.19
C ASN L 266 -1.35 -30.29 -46.04
N TYR L 267 -0.30 -30.17 -46.84
CA TYR L 267 0.49 -28.95 -46.86
C TYR L 267 -0.31 -27.85 -47.57
N CYS L 268 -1.11 -27.10 -46.81
CA CYS L 268 -1.97 -26.04 -47.35
C CYS L 268 -2.75 -26.50 -48.58
N TYR L 269 -3.06 -27.79 -48.62
CA TYR L 269 -3.82 -28.39 -49.73
C TYR L 269 -3.16 -28.09 -51.08
N ARG L 270 -1.83 -28.04 -51.10
CA ARG L 270 -1.11 -27.77 -52.34
C ARG L 270 -0.87 -29.06 -53.13
N CYS L 271 -0.10 -29.98 -52.56
CA CYS L 271 0.19 -31.26 -53.18
C CYS L 271 -0.44 -32.38 -52.35
N GLY L 272 -0.16 -33.62 -52.73
CA GLY L 272 -0.68 -34.77 -52.02
C GLY L 272 0.42 -35.66 -51.47
N ASN L 273 1.51 -35.04 -51.01
CA ASN L 273 2.63 -35.80 -50.49
C ASN L 273 2.22 -36.64 -49.28
N GLN L 274 2.84 -37.80 -49.14
CA GLN L 274 2.55 -38.71 -48.04
C GLN L 274 3.57 -38.44 -46.94
N ALA L 275 3.18 -37.59 -45.98
CA ALA L 275 4.02 -37.26 -44.83
C ALA L 275 4.48 -38.52 -44.12
N ALA L 276 5.59 -38.45 -43.39
CA ALA L 276 6.16 -39.67 -42.84
C ALA L 276 7.01 -39.37 -41.61
N ILE L 277 7.22 -40.41 -40.80
CA ILE L 277 8.15 -40.39 -39.69
C ILE L 277 8.91 -41.71 -39.70
N MET L 278 10.11 -41.70 -39.10
CA MET L 278 10.89 -42.92 -38.95
C MET L 278 11.04 -43.25 -37.47
N GLU L 279 10.72 -44.50 -37.11
CA GLU L 279 10.92 -45.00 -35.77
C GLU L 279 12.33 -45.55 -35.61
N LEU L 280 12.82 -45.54 -34.37
CA LEU L 280 14.15 -46.02 -34.05
C LEU L 280 14.04 -47.10 -32.98
N ASP L 281 14.48 -48.31 -33.32
CA ASP L 281 14.45 -49.41 -32.36
C ASP L 281 15.37 -49.10 -31.18
N ASP L 282 15.27 -49.94 -30.14
CA ASP L 282 16.11 -49.75 -28.96
C ASP L 282 17.59 -49.97 -29.27
N THR L 283 17.89 -50.64 -30.38
CA THR L 283 19.25 -50.79 -30.86
C THR L 283 19.59 -49.81 -31.98
N LEU L 284 18.79 -48.74 -32.11
CA LEU L 284 18.95 -47.73 -33.16
C LEU L 284 18.89 -48.34 -34.56
N LYS L 285 17.84 -49.12 -34.81
CA LYS L 285 17.48 -49.46 -36.17
C LYS L 285 16.72 -48.28 -36.76
N TYR L 286 16.06 -48.47 -37.90
CA TYR L 286 15.14 -47.46 -38.39
C TYR L 286 14.02 -48.14 -39.15
N SER L 287 12.93 -47.40 -39.31
CA SER L 287 11.73 -47.88 -39.99
C SER L 287 10.94 -46.66 -40.44
N PHE L 288 10.34 -46.75 -41.63
CA PHE L 288 9.57 -45.65 -42.21
C PHE L 288 8.08 -45.82 -41.95
N LEU L 289 7.36 -44.70 -41.95
CA LEU L 289 5.94 -44.68 -41.64
C LEU L 289 5.27 -43.66 -42.57
N GLN L 290 4.79 -44.14 -43.72
CA GLN L 290 4.05 -43.29 -44.63
C GLN L 290 2.61 -43.23 -44.18
N PHE L 291 2.05 -42.02 -44.11
CA PHE L 291 0.66 -41.88 -43.72
C PHE L 291 0.04 -40.66 -44.39
N ASP L 292 -1.23 -40.81 -44.78
CA ASP L 292 -2.07 -39.85 -45.46
C ASP L 292 -3.02 -39.18 -44.47
N PRO L 293 -3.59 -38.03 -44.82
CA PRO L 293 -4.35 -37.26 -43.82
C PRO L 293 -5.64 -37.95 -43.41
N ALA L 294 -6.21 -37.45 -42.31
CA ALA L 294 -7.43 -37.94 -41.69
C ALA L 294 -8.61 -37.06 -42.08
N PRO L 295 -9.82 -37.64 -42.18
CA PRO L 295 -11.03 -36.88 -42.51
C PRO L 295 -11.68 -36.25 -41.28
N ARG L 305 -17.01 -16.28 -38.19
CA ARG L 305 -18.45 -16.01 -38.23
C ARG L 305 -18.84 -15.11 -37.06
N THR L 306 -18.16 -15.29 -35.93
CA THR L 306 -18.23 -14.34 -34.83
C THR L 306 -17.61 -13.03 -35.33
N PRO L 307 -17.85 -11.85 -34.62
CA PRO L 307 -17.51 -10.53 -35.17
C PRO L 307 -16.50 -10.49 -36.30
N ASP L 308 -16.98 -10.13 -37.49
CA ASP L 308 -16.21 -10.30 -38.72
C ASP L 308 -15.15 -9.22 -38.87
N TYR L 309 -13.94 -9.66 -39.23
CA TYR L 309 -12.84 -8.76 -39.56
C TYR L 309 -12.35 -9.05 -40.97
N PHE L 310 -13.22 -8.89 -41.96
CA PHE L 310 -12.85 -9.18 -43.35
C PHE L 310 -11.57 -8.43 -43.72
N LEU L 311 -10.61 -9.18 -44.24
CA LEU L 311 -9.24 -8.71 -44.32
C LEU L 311 -8.65 -8.78 -45.73
#